data_3OOH
#
_entry.id   3OOH
#
_cell.length_a   94.447
_cell.length_b   165.923
_cell.length_c   135.376
_cell.angle_alpha   90.000
_cell.angle_beta   99.690
_cell.angle_gamma   90.000
#
_symmetry.space_group_name_H-M   'P 1 21 1'
#
loop_
_entity.id
_entity.type
_entity.pdbx_description
1 polymer 'Purine nucleoside phosphorylase deoD-type'
2 non-polymer 'PHOSPHATE ION'
3 water water
#
_entity_poly.entity_id   1
_entity_poly.type   'polypeptide(L)'
_entity_poly.pdbx_seq_one_letter_code
;ATPHINAEMGDFADVVLMPGDPLRAKYIAETFLEDAREVNNVRGMLGFTGTYKGRKISVMGHGMGIPSCSIYTKELITDF
GVKKIIRVGSCGAVLPHVKLRDVVIGMGACTDSKVNRIRFKDHDFAAIADFDMVRNAVDAAKALGIDARVGNLFSADLFY
SPDGEMFDVMEKYGILGVEMEAAGIYGVAAEFGAKALTICTVSDHIRTHEQTTAAERQTTFNDMIKIALESVLLGDK
;
_entity_poly.pdbx_strand_id   A,B,C,D,E,F,G,H,I,J,K,L,M,N,O,P,Q,R
#
loop_
_chem_comp.id
_chem_comp.type
_chem_comp.name
_chem_comp.formula
PO4 non-polymer 'PHOSPHATE ION' 'O4 P -3'
#
# COMPACT_ATOMS: atom_id res chain seq x y z
N ALA A 1 23.11 31.67 24.59
CA ALA A 1 22.34 32.18 25.71
C ALA A 1 20.99 31.49 25.83
N THR A 2 20.59 31.17 27.06
CA THR A 2 19.30 30.54 27.31
C THR A 2 18.28 31.59 27.76
N PRO A 3 16.99 31.25 27.71
CA PRO A 3 15.91 32.18 28.05
C PRO A 3 16.03 32.78 29.46
N HIS A 4 16.98 32.30 30.26
CA HIS A 4 17.13 32.78 31.62
C HIS A 4 18.57 33.09 31.99
N ILE A 5 19.49 32.74 31.09
CA ILE A 5 20.91 32.97 31.33
C ILE A 5 21.57 33.62 30.12
N ASN A 6 21.92 34.89 30.27
CA ASN A 6 22.62 35.60 29.21
C ASN A 6 24.10 35.27 29.23
N ALA A 7 24.44 34.05 28.81
CA ALA A 7 25.83 33.63 28.73
C ALA A 7 26.06 32.68 27.55
N GLU A 8 27.33 32.42 27.27
CA GLU A 8 27.68 31.52 26.17
C GLU A 8 28.49 30.33 26.69
N MET A 9 28.41 29.21 25.96
CA MET A 9 29.12 27.99 26.34
C MET A 9 30.58 28.25 26.68
N GLY A 10 30.97 27.87 27.89
CA GLY A 10 32.35 28.07 28.34
C GLY A 10 32.43 29.04 29.50
N ASP A 11 31.38 29.82 29.68
CA ASP A 11 31.34 30.77 30.79
C ASP A 11 31.16 30.07 32.11
N PHE A 12 30.57 28.88 32.08
CA PHE A 12 30.35 28.10 33.29
C PHE A 12 31.29 26.90 33.38
N ALA A 13 31.89 26.71 34.55
CA ALA A 13 32.69 25.53 34.80
C ALA A 13 31.78 24.31 34.79
N ASP A 14 32.38 23.13 34.59
CA ASP A 14 31.59 21.90 34.53
C ASP A 14 30.90 21.61 35.86
N VAL A 15 31.27 22.35 36.90
CA VAL A 15 30.65 22.22 38.20
C VAL A 15 30.14 23.58 38.67
N VAL A 16 28.94 23.58 39.28
CA VAL A 16 28.33 24.83 39.72
C VAL A 16 27.72 24.72 41.11
N LEU A 17 28.18 25.56 42.03
CA LEU A 17 27.54 25.70 43.33
C LEU A 17 26.35 26.64 43.19
N MET A 18 25.22 26.28 43.76
CA MET A 18 24.02 27.10 43.64
C MET A 18 23.28 27.28 44.95
N PRO A 19 23.27 28.51 45.49
CA PRO A 19 22.40 28.92 46.59
C PRO A 19 21.10 29.46 46.02
N GLY A 20 20.07 29.60 46.85
CA GLY A 20 18.83 30.21 46.41
C GLY A 20 19.03 31.70 46.21
N ASP A 21 19.78 32.32 47.11
CA ASP A 21 20.03 33.76 47.09
C ASP A 21 21.20 34.12 46.18
N PRO A 22 20.96 34.99 45.17
CA PRO A 22 22.02 35.44 44.27
C PRO A 22 23.10 36.19 45.01
N LEU A 23 22.72 36.90 46.08
CA LEU A 23 23.67 37.67 46.86
C LEU A 23 24.65 36.76 47.56
N ARG A 24 24.21 35.57 47.92
CA ARG A 24 25.08 34.59 48.55
C ARG A 24 26.00 33.97 47.50
N ALA A 25 25.55 33.95 46.25
CA ALA A 25 26.40 33.55 45.15
C ALA A 25 27.47 34.62 44.95
N LYS A 26 27.10 35.88 45.19
CA LYS A 26 28.03 36.98 45.11
C LYS A 26 29.04 36.91 46.24
N TYR A 27 28.55 36.65 47.45
CA TYR A 27 29.42 36.46 48.60
C TYR A 27 30.43 35.36 48.33
N ILE A 28 29.93 34.19 47.96
CA ILE A 28 30.78 33.06 47.63
C ILE A 28 31.83 33.44 46.60
N ALA A 29 31.38 34.01 45.49
CA ALA A 29 32.28 34.40 44.41
C ALA A 29 33.38 35.36 44.88
N GLU A 30 33.06 36.18 45.87
CA GLU A 30 33.96 37.25 46.30
C GLU A 30 34.92 36.84 47.40
N THR A 31 34.57 35.81 48.17
CA THR A 31 35.39 35.42 49.32
C THR A 31 36.08 34.07 49.16
N PHE A 32 35.62 33.26 48.21
CA PHE A 32 36.19 31.91 48.04
C PHE A 32 36.79 31.70 46.66
N LEU A 33 36.47 32.56 45.71
CA LEU A 33 36.96 32.40 44.34
C LEU A 33 38.03 33.42 44.00
N GLU A 34 38.88 33.07 43.04
CA GLU A 34 39.86 34.02 42.51
C GLU A 34 39.42 34.44 41.11
N ASP A 35 39.84 35.64 40.71
CA ASP A 35 39.57 36.12 39.36
C ASP A 35 38.11 35.90 38.99
N ALA A 36 37.23 36.01 39.97
CA ALA A 36 35.81 35.78 39.75
C ALA A 36 35.23 36.86 38.84
N ARG A 37 34.58 36.42 37.77
CA ARG A 37 33.90 37.36 36.87
C ARG A 37 32.42 37.02 36.78
N GLU A 38 31.56 38.04 36.84
CA GLU A 38 30.13 37.84 36.72
C GLU A 38 29.79 37.36 35.31
N VAL A 39 29.12 36.22 35.23
CA VAL A 39 28.76 35.64 33.94
C VAL A 39 27.26 35.70 33.66
N ASN A 40 26.47 36.06 34.68
CA ASN A 40 25.03 36.18 34.50
C ASN A 40 24.36 37.18 35.44
N ASN A 41 23.56 38.09 34.88
CA ASN A 41 22.87 39.10 35.67
C ASN A 41 21.38 39.15 35.38
N VAL A 42 20.91 38.25 34.51
CA VAL A 42 19.51 38.21 34.12
C VAL A 42 18.59 37.95 35.31
N ARG A 43 17.51 38.72 35.40
CA ARG A 43 16.54 38.59 36.48
C ARG A 43 17.22 38.71 37.85
N GLY A 44 18.38 39.36 37.86
CA GLY A 44 19.12 39.55 39.10
C GLY A 44 19.64 38.25 39.67
N MET A 45 19.61 37.19 38.87
CA MET A 45 20.09 35.89 39.31
C MET A 45 21.58 35.75 39.00
N LEU A 46 22.40 36.32 39.88
CA LEU A 46 23.84 36.43 39.66
C LEU A 46 24.57 35.10 39.55
N GLY A 47 25.38 34.98 38.50
CA GLY A 47 26.26 33.84 38.32
C GLY A 47 27.69 34.32 38.15
N PHE A 48 28.63 33.55 38.68
CA PHE A 48 30.04 33.92 38.63
C PHE A 48 30.89 32.73 38.23
N THR A 49 32.10 33.00 37.76
CA THR A 49 33.05 31.95 37.44
C THR A 49 34.47 32.40 37.77
N GLY A 50 35.16 31.59 38.57
CA GLY A 50 36.53 31.87 38.96
C GLY A 50 37.29 30.58 39.21
N THR A 51 38.21 30.63 40.16
CA THR A 51 38.98 29.44 40.52
C THR A 51 39.05 29.21 42.02
N TYR A 52 39.14 27.94 42.41
CA TYR A 52 39.38 27.58 43.80
C TYR A 52 40.51 26.56 43.88
N LYS A 53 41.69 27.03 44.25
CA LYS A 53 42.88 26.18 44.31
C LYS A 53 43.17 25.54 42.96
N GLY A 54 43.06 26.32 41.90
CA GLY A 54 43.34 25.85 40.56
C GLY A 54 42.09 25.39 39.84
N ARG A 55 41.22 24.70 40.56
CA ARG A 55 39.99 24.17 40.02
C ARG A 55 39.11 25.32 39.53
N LYS A 56 38.63 25.23 38.29
CA LYS A 56 37.70 26.24 37.77
C LYS A 56 36.29 25.95 38.27
N ILE A 57 35.66 26.97 38.84
CA ILE A 57 34.35 26.79 39.45
C ILE A 57 33.42 28.00 39.26
N SER A 58 32.13 27.72 39.07
CA SER A 58 31.13 28.77 38.95
C SER A 58 30.14 28.69 40.11
N VAL A 59 29.54 29.82 40.44
CA VAL A 59 28.52 29.87 41.48
C VAL A 59 27.36 30.73 40.99
N MET A 60 26.14 30.28 41.22
CA MET A 60 24.98 31.02 40.74
C MET A 60 23.72 30.69 41.54
N GLY A 61 22.93 31.73 41.82
CA GLY A 61 21.67 31.56 42.52
C GLY A 61 20.67 30.86 41.63
N HIS A 62 19.75 30.12 42.23
CA HIS A 62 18.75 29.39 41.47
C HIS A 62 17.32 29.86 41.76
N GLY A 63 17.20 30.77 42.73
CA GLY A 63 15.90 31.27 43.13
C GLY A 63 15.26 30.36 44.16
N MET A 64 14.06 30.70 44.60
CA MET A 64 13.38 29.92 45.63
C MET A 64 12.28 29.02 45.07
N GLY A 65 12.23 27.78 45.54
CA GLY A 65 11.22 26.84 45.11
C GLY A 65 11.67 25.96 43.96
N ILE A 66 11.09 24.76 43.89
CA ILE A 66 11.45 23.79 42.86
C ILE A 66 11.37 24.36 41.43
N PRO A 67 10.24 24.98 41.08
CA PRO A 67 10.07 25.54 39.74
C PRO A 67 11.23 26.44 39.31
N SER A 68 11.77 27.21 40.26
CA SER A 68 12.83 28.16 39.95
C SER A 68 14.15 27.47 39.63
N CYS A 69 14.65 26.67 40.57
CA CYS A 69 15.93 25.97 40.39
C CYS A 69 15.82 24.96 39.26
N SER A 70 14.62 24.44 39.03
CA SER A 70 14.38 23.50 37.93
C SER A 70 14.75 24.15 36.60
N ILE A 71 14.36 25.42 36.45
CA ILE A 71 14.70 26.16 35.24
C ILE A 71 16.21 26.29 35.07
N TYR A 72 16.85 26.90 36.06
CA TYR A 72 18.27 27.20 35.99
C TYR A 72 19.15 25.96 35.87
N THR A 73 18.87 24.92 36.67
CA THR A 73 19.64 23.68 36.60
C THR A 73 19.50 23.05 35.22
N LYS A 74 18.26 22.93 34.74
CA LYS A 74 18.00 22.35 33.43
C LYS A 74 18.77 23.11 32.35
N GLU A 75 18.66 24.44 32.34
CA GLU A 75 19.34 25.24 31.34
C GLU A 75 20.86 25.05 31.41
N LEU A 76 21.40 25.05 32.62
CA LEU A 76 22.85 24.89 32.80
C LEU A 76 23.32 23.52 32.32
N ILE A 77 22.51 22.50 32.59
CA ILE A 77 22.85 21.13 32.22
C ILE A 77 22.78 20.88 30.71
N THR A 78 21.74 21.40 30.07
CA THR A 78 21.49 21.10 28.67
C THR A 78 22.05 22.12 27.68
N ASP A 79 22.56 23.24 28.19
CA ASP A 79 23.07 24.29 27.31
C ASP A 79 24.45 24.83 27.69
N PHE A 80 24.96 24.42 28.85
CA PHE A 80 26.25 24.92 29.31
C PHE A 80 27.22 23.80 29.68
N GLY A 81 26.77 22.56 29.54
CA GLY A 81 27.62 21.40 29.76
C GLY A 81 27.97 21.10 31.21
N VAL A 82 27.18 21.63 32.14
CA VAL A 82 27.44 21.39 33.55
C VAL A 82 27.21 19.92 33.91
N LYS A 83 28.18 19.32 34.61
CA LYS A 83 28.11 17.91 34.98
C LYS A 83 27.69 17.71 36.42
N LYS A 84 28.15 18.59 37.30
CA LYS A 84 27.83 18.49 38.72
C LYS A 84 27.18 19.77 39.22
N ILE A 85 26.12 19.62 40.01
CA ILE A 85 25.47 20.76 40.64
C ILE A 85 25.38 20.56 42.14
N ILE A 86 25.94 21.51 42.89
CA ILE A 86 25.91 21.45 44.35
C ILE A 86 25.10 22.59 44.94
N ARG A 87 23.88 22.29 45.36
CA ARG A 87 23.07 23.30 46.05
C ARG A 87 23.66 23.57 47.41
N VAL A 88 23.79 24.83 47.76
CA VAL A 88 24.28 25.23 49.07
C VAL A 88 23.34 26.26 49.66
N GLY A 89 22.20 25.79 50.13
CA GLY A 89 21.16 26.68 50.62
C GLY A 89 20.95 26.63 52.11
N SER A 90 19.80 27.13 52.54
CA SER A 90 19.42 27.10 53.95
C SER A 90 18.35 26.03 54.18
N CYS A 91 17.97 25.83 55.45
CA CYS A 91 16.92 24.88 55.78
C CYS A 91 16.50 25.02 57.24
N GLY A 92 15.30 24.56 57.54
CA GLY A 92 14.79 24.55 58.89
C GLY A 92 14.89 23.16 59.49
N ALA A 93 15.04 23.09 60.81
CA ALA A 93 15.17 21.80 61.48
C ALA A 93 13.94 21.45 62.31
N VAL A 94 13.52 20.20 62.24
CA VAL A 94 12.40 19.72 63.04
C VAL A 94 12.87 18.80 64.17
N LEU A 95 14.05 18.21 64.00
CA LEU A 95 14.63 17.36 65.03
C LEU A 95 15.30 18.18 66.11
N PRO A 96 15.03 17.84 67.39
CA PRO A 96 15.59 18.53 68.55
C PRO A 96 17.12 18.54 68.51
N HIS A 97 17.70 17.43 68.07
CA HIS A 97 19.16 17.30 68.03
C HIS A 97 19.79 18.22 66.99
N VAL A 98 19.15 18.35 65.83
CA VAL A 98 19.65 19.24 64.79
C VAL A 98 19.50 20.70 65.20
N LYS A 99 20.62 21.36 65.41
CA LYS A 99 20.60 22.71 65.97
C LYS A 99 21.01 23.77 64.96
N LEU A 100 20.87 25.03 65.36
CA LEU A 100 21.13 26.16 64.47
C LEU A 100 22.57 26.11 63.94
N ARG A 101 22.69 26.30 62.63
CA ARG A 101 23.99 26.31 61.94
C ARG A 101 24.62 24.94 61.71
N ASP A 102 23.90 23.87 62.05
CA ASP A 102 24.36 22.53 61.71
C ASP A 102 24.37 22.36 60.20
N VAL A 103 25.33 21.59 59.70
CA VAL A 103 25.39 21.29 58.27
C VAL A 103 24.81 19.91 57.99
N VAL A 104 23.89 19.85 57.03
CA VAL A 104 23.27 18.59 56.66
C VAL A 104 23.43 18.31 55.16
N ILE A 105 23.78 17.08 54.84
CA ILE A 105 23.93 16.65 53.46
C ILE A 105 22.75 15.77 53.08
N GLY A 106 22.02 16.17 52.05
CA GLY A 106 20.81 15.46 51.65
C GLY A 106 21.05 14.39 50.61
N MET A 107 21.29 13.16 51.06
CA MET A 107 21.48 12.06 50.13
C MET A 107 20.15 11.71 49.48
N GLY A 108 19.06 12.08 50.15
CA GLY A 108 17.73 11.92 49.62
C GLY A 108 16.92 13.19 49.80
N ALA A 109 15.81 13.31 49.08
CA ALA A 109 14.99 14.50 49.18
C ALA A 109 13.49 14.21 49.10
N CYS A 110 12.83 14.28 50.24
CA CYS A 110 11.38 14.18 50.29
C CYS A 110 10.76 15.46 49.72
N THR A 111 9.52 15.37 49.27
CA THR A 111 8.85 16.55 48.72
C THR A 111 7.33 16.39 48.73
N ASP A 112 6.64 17.53 48.82
CA ASP A 112 5.19 17.54 48.70
C ASP A 112 4.81 18.17 47.36
N SER A 113 5.82 18.35 46.51
CA SER A 113 5.60 18.83 45.15
C SER A 113 5.03 17.71 44.28
N LYS A 114 4.61 18.07 43.08
CA LYS A 114 3.99 17.12 42.17
C LYS A 114 4.84 16.91 40.92
N VAL A 115 5.96 17.62 40.84
CA VAL A 115 6.81 17.57 39.64
C VAL A 115 7.38 16.20 39.34
N ASN A 116 7.75 15.47 40.39
CA ASN A 116 8.33 14.14 40.21
C ASN A 116 7.29 13.07 39.88
N ARG A 117 6.10 13.20 40.46
CA ARG A 117 5.00 12.31 40.12
C ARG A 117 4.61 12.52 38.65
N ILE A 118 4.78 13.74 38.17
CA ILE A 118 4.52 14.06 36.77
C ILE A 118 5.54 13.40 35.85
N ARG A 119 6.80 13.38 36.29
CA ARG A 119 7.87 12.74 35.53
C ARG A 119 7.76 11.22 35.57
N PHE A 120 7.25 10.69 36.69
CA PHE A 120 7.36 9.27 36.99
C PHE A 120 6.01 8.56 36.96
N LYS A 121 5.16 8.95 36.01
CA LYS A 121 3.84 8.34 35.83
C LYS A 121 3.04 8.21 37.13
N ASP A 122 3.24 9.18 38.02
CA ASP A 122 2.51 9.28 39.28
C ASP A 122 2.93 8.23 40.30
N HIS A 123 4.19 7.83 40.25
CA HIS A 123 4.71 6.87 41.21
C HIS A 123 5.76 7.51 42.13
N ASP A 124 6.27 6.75 43.08
CA ASP A 124 7.24 7.29 44.04
C ASP A 124 8.66 7.25 43.49
N PHE A 125 9.12 8.39 42.98
CA PHE A 125 10.50 8.52 42.56
C PHE A 125 11.36 8.97 43.73
N ALA A 126 12.30 8.11 44.13
CA ALA A 126 13.20 8.44 45.22
C ALA A 126 14.24 9.46 44.74
N ALA A 127 13.95 10.74 44.96
CA ALA A 127 14.82 11.81 44.51
C ALA A 127 16.11 11.82 45.31
N ILE A 128 17.10 11.05 44.85
CA ILE A 128 18.38 10.94 45.53
C ILE A 128 19.48 11.71 44.81
N ALA A 129 20.64 11.81 45.45
CA ALA A 129 21.78 12.49 44.88
C ALA A 129 22.82 11.50 44.37
N ASP A 130 23.91 12.03 43.82
CA ASP A 130 25.02 11.22 43.34
C ASP A 130 25.86 10.76 44.53
N PHE A 131 25.97 9.44 44.71
CA PHE A 131 26.68 8.89 45.86
C PHE A 131 28.10 9.45 46.00
N ASP A 132 28.86 9.41 44.91
CA ASP A 132 30.23 9.89 44.94
C ASP A 132 30.24 11.32 45.46
N MET A 133 29.34 12.15 44.94
CA MET A 133 29.23 13.53 45.38
C MET A 133 28.93 13.62 46.88
N VAL A 134 28.06 12.73 47.34
CA VAL A 134 27.74 12.65 48.76
C VAL A 134 28.99 12.30 49.56
N ARG A 135 29.68 11.26 49.13
CA ARG A 135 30.88 10.82 49.83
C ARG A 135 31.96 11.90 49.79
N ASN A 136 32.04 12.62 48.68
CA ASN A 136 32.98 13.73 48.55
C ASN A 136 32.77 14.79 49.63
N ALA A 137 31.50 15.08 49.91
CA ALA A 137 31.18 16.06 50.94
C ALA A 137 31.52 15.53 52.33
N VAL A 138 31.05 14.32 52.63
CA VAL A 138 31.33 13.68 53.92
C VAL A 138 32.82 13.62 54.23
N ASP A 139 33.62 13.33 53.21
CA ASP A 139 35.07 13.21 53.38
C ASP A 139 35.74 14.58 53.48
N ALA A 140 35.29 15.50 52.65
CA ALA A 140 35.78 16.87 52.70
C ALA A 140 35.52 17.45 54.09
N ALA A 141 34.33 17.18 54.61
CA ALA A 141 33.93 17.69 55.92
C ALA A 141 34.85 17.20 57.03
N LYS A 142 35.10 15.88 57.06
CA LYS A 142 35.94 15.28 58.09
C LYS A 142 37.30 15.95 58.14
N ALA A 143 37.81 16.31 56.97
CA ALA A 143 39.12 16.94 56.85
C ALA A 143 39.08 18.42 57.25
N LEU A 144 37.88 18.99 57.27
CA LEU A 144 37.71 20.37 57.66
C LEU A 144 37.30 20.49 59.13
N GLY A 145 37.19 19.35 59.80
CA GLY A 145 36.78 19.33 61.20
C GLY A 145 35.38 19.88 61.41
N ILE A 146 34.49 19.59 60.47
CA ILE A 146 33.11 20.07 60.54
C ILE A 146 32.12 18.91 60.56
N ASP A 147 31.34 18.81 61.63
CA ASP A 147 30.30 17.78 61.76
C ASP A 147 29.23 17.96 60.69
N ALA A 148 28.76 16.86 60.13
CA ALA A 148 27.75 16.92 59.06
C ALA A 148 26.93 15.63 58.98
N ARG A 149 25.64 15.72 59.30
CA ARG A 149 24.75 14.57 59.21
C ARG A 149 24.32 14.32 57.77
N VAL A 150 24.20 13.06 57.40
CA VAL A 150 23.72 12.68 56.08
C VAL A 150 22.38 11.97 56.19
N GLY A 151 21.36 12.51 55.51
CA GLY A 151 20.04 11.93 55.55
C GLY A 151 19.11 12.55 54.53
N ASN A 152 17.82 12.57 54.88
CA ASN A 152 16.79 13.14 54.02
C ASN A 152 16.57 14.63 54.25
N LEU A 153 16.28 15.34 53.17
CA LEU A 153 15.80 16.71 53.26
C LEU A 153 14.32 16.69 52.94
N PHE A 154 13.66 17.83 53.11
CA PHE A 154 12.28 17.96 52.65
C PHE A 154 12.10 19.21 51.80
N SER A 155 11.84 18.99 50.51
CA SER A 155 11.62 20.08 49.58
C SER A 155 10.15 20.49 49.59
N ALA A 156 9.85 21.60 50.25
CA ALA A 156 8.48 22.06 50.36
C ALA A 156 8.12 23.06 49.27
N ASP A 157 6.90 22.97 48.76
CA ASP A 157 6.38 23.95 47.81
C ASP A 157 5.85 25.17 48.55
N LEU A 158 5.36 24.95 49.77
CA LEU A 158 4.86 26.05 50.59
C LEU A 158 5.71 26.28 51.83
N PHE A 159 6.46 27.38 51.83
CA PHE A 159 7.26 27.77 52.99
C PHE A 159 6.33 28.02 54.17
N TYR A 160 5.15 28.55 53.88
CA TYR A 160 4.12 28.74 54.88
C TYR A 160 3.00 27.72 54.70
N SER A 161 3.21 26.52 55.25
CA SER A 161 2.26 25.42 55.07
C SER A 161 1.09 25.50 56.05
N PRO A 162 -0.13 25.30 55.55
CA PRO A 162 -1.36 25.27 56.35
C PRO A 162 -1.47 23.97 57.15
N ASP A 163 -0.59 23.03 56.85
CA ASP A 163 -0.58 21.74 57.56
C ASP A 163 0.63 21.65 58.48
N GLY A 164 0.52 22.26 59.64
CA GLY A 164 1.60 22.23 60.63
C GLY A 164 1.85 20.83 61.12
N GLU A 165 0.80 20.03 61.15
CA GLU A 165 0.88 18.63 61.57
C GLU A 165 1.92 17.85 60.76
N MET A 166 2.20 18.30 59.54
CA MET A 166 3.14 17.62 58.67
C MET A 166 4.57 17.64 59.21
N PHE A 167 4.92 18.70 59.94
CA PHE A 167 6.24 18.78 60.56
C PHE A 167 6.49 17.58 61.47
N ASP A 168 5.48 17.22 62.26
CA ASP A 168 5.58 16.05 63.11
C ASP A 168 5.92 14.81 62.29
N VAL A 169 5.29 14.68 61.13
CA VAL A 169 5.52 13.53 60.27
C VAL A 169 6.95 13.53 59.72
N MET A 170 7.45 14.70 59.35
CA MET A 170 8.82 14.84 58.88
C MET A 170 9.81 14.40 59.96
N GLU A 171 9.58 14.89 61.17
CA GLU A 171 10.42 14.57 62.30
C GLU A 171 10.40 13.07 62.58
N LYS A 172 9.23 12.46 62.43
CA LYS A 172 9.11 11.03 62.71
C LYS A 172 10.03 10.20 61.82
N TYR A 173 10.21 10.65 60.58
CA TYR A 173 11.00 9.90 59.61
C TYR A 173 12.40 10.48 59.39
N GLY A 174 12.86 11.26 60.36
CA GLY A 174 14.25 11.68 60.43
C GLY A 174 14.68 12.78 59.48
N ILE A 175 13.73 13.45 58.86
CA ILE A 175 14.07 14.58 57.98
C ILE A 175 15.05 15.48 58.71
N LEU A 176 16.22 15.69 58.11
CA LEU A 176 17.26 16.49 58.73
C LEU A 176 16.96 17.98 58.60
N GLY A 177 16.80 18.44 57.36
CA GLY A 177 16.49 19.84 57.11
C GLY A 177 15.23 20.00 56.29
N VAL A 178 14.64 21.18 56.35
CA VAL A 178 13.47 21.48 55.55
C VAL A 178 13.77 22.66 54.62
N GLU A 179 13.73 22.42 53.32
CA GLU A 179 14.02 23.46 52.33
C GLU A 179 12.99 23.47 51.20
N MET A 180 13.42 23.80 49.99
CA MET A 180 12.46 23.95 48.89
C MET A 180 12.98 23.58 47.49
N GLU A 181 14.18 23.01 47.41
CA GLU A 181 14.78 22.79 46.10
C GLU A 181 15.30 21.37 45.82
N ALA A 182 15.93 20.75 46.81
CA ALA A 182 16.64 19.48 46.61
C ALA A 182 15.90 18.47 45.72
N ALA A 183 14.72 18.04 46.16
CA ALA A 183 13.93 17.06 45.42
C ALA A 183 13.77 17.46 43.96
N GLY A 184 13.64 18.75 43.71
CA GLY A 184 13.49 19.26 42.36
C GLY A 184 14.77 19.14 41.56
N ILE A 185 15.87 19.62 42.13
CA ILE A 185 17.17 19.55 41.46
C ILE A 185 17.54 18.12 41.11
N TYR A 186 17.26 17.19 42.03
CA TYR A 186 17.56 15.79 41.80
C TYR A 186 16.75 15.23 40.63
N GLY A 187 15.50 15.69 40.52
CA GLY A 187 14.65 15.28 39.42
C GLY A 187 15.20 15.76 38.09
N VAL A 188 15.69 17.00 38.07
CA VAL A 188 16.32 17.54 36.87
C VAL A 188 17.62 16.80 36.58
N ALA A 189 18.37 16.50 37.64
CA ALA A 189 19.61 15.77 37.51
C ALA A 189 19.39 14.42 36.85
N ALA A 190 18.47 13.63 37.39
CA ALA A 190 18.20 12.30 36.85
C ALA A 190 17.65 12.35 35.43
N GLU A 191 16.75 13.30 35.18
CA GLU A 191 16.09 13.39 33.89
C GLU A 191 17.06 13.70 32.75
N PHE A 192 18.01 14.59 33.02
CA PHE A 192 18.94 15.03 31.97
C PHE A 192 20.32 14.40 32.09
N GLY A 193 20.43 13.34 32.89
CA GLY A 193 21.66 12.59 33.01
C GLY A 193 22.84 13.33 33.60
N ALA A 194 22.57 14.15 34.63
CA ALA A 194 23.64 14.88 35.31
C ALA A 194 23.72 14.46 36.78
N LYS A 195 24.77 14.89 37.46
CA LYS A 195 24.96 14.53 38.87
C LYS A 195 24.84 15.75 39.77
N ALA A 196 24.09 15.61 40.87
CA ALA A 196 23.83 16.75 41.75
C ALA A 196 23.86 16.39 43.23
N LEU A 197 23.91 17.42 44.07
CA LEU A 197 23.94 17.26 45.52
C LEU A 197 23.50 18.53 46.23
N THR A 198 22.85 18.39 47.38
CA THR A 198 22.44 19.54 48.16
C THR A 198 23.01 19.49 49.57
N ILE A 199 23.65 20.60 49.96
CA ILE A 199 24.14 20.77 51.31
C ILE A 199 23.51 22.03 51.89
N CYS A 200 22.99 21.92 53.10
CA CYS A 200 22.31 23.04 53.73
C CYS A 200 22.88 23.36 55.10
N THR A 201 22.72 24.62 55.50
CA THR A 201 23.00 25.06 56.86
C THR A 201 21.68 25.40 57.53
N VAL A 202 21.40 24.74 58.65
CA VAL A 202 20.18 25.01 59.39
C VAL A 202 20.14 26.47 59.82
N SER A 203 19.34 27.26 59.11
CA SER A 203 19.25 28.69 59.38
C SER A 203 18.23 29.00 60.46
N ASP A 204 17.24 28.15 60.60
CA ASP A 204 16.21 28.34 61.61
C ASP A 204 15.69 27.02 62.17
N HIS A 205 15.30 27.04 63.44
CA HIS A 205 14.71 25.87 64.08
C HIS A 205 13.20 26.06 64.18
N ILE A 206 12.47 25.06 63.70
CA ILE A 206 11.02 25.17 63.58
C ILE A 206 10.28 25.12 64.92
N ARG A 207 10.75 24.30 65.86
CA ARG A 207 10.08 24.18 67.16
C ARG A 207 10.51 25.22 68.19
N THR A 208 11.82 25.44 68.32
CA THR A 208 12.33 26.35 69.35
C THR A 208 12.27 27.81 68.91
N HIS A 209 12.01 28.01 67.62
CA HIS A 209 11.93 29.36 67.05
C HIS A 209 13.26 30.11 67.04
N GLU A 210 14.36 29.38 67.21
CA GLU A 210 15.68 29.98 67.01
C GLU A 210 15.81 30.26 65.52
N GLN A 211 16.58 31.29 65.18
CA GLN A 211 16.69 31.68 63.77
C GLN A 211 17.87 32.60 63.50
N THR A 212 18.21 32.70 62.22
CA THR A 212 19.28 33.58 61.77
C THR A 212 18.69 34.79 61.05
N THR A 213 19.49 35.83 60.88
CA THR A 213 19.04 37.01 60.15
C THR A 213 19.34 36.85 58.66
N ALA A 214 18.73 37.71 57.85
CA ALA A 214 18.97 37.68 56.42
C ALA A 214 20.45 37.84 56.10
N ALA A 215 21.09 38.82 56.75
CA ALA A 215 22.50 39.07 56.54
C ALA A 215 23.36 37.86 56.87
N GLU A 216 23.02 37.16 57.95
CA GLU A 216 23.77 35.98 58.37
C GLU A 216 23.65 34.86 57.35
N ARG A 217 22.43 34.62 56.87
CA ARG A 217 22.21 33.59 55.86
C ARG A 217 22.97 33.92 54.59
N GLN A 218 23.19 35.21 54.37
CA GLN A 218 23.81 35.70 53.15
C GLN A 218 25.34 35.66 53.16
N THR A 219 25.95 35.82 54.34
CA THR A 219 27.41 35.99 54.40
C THR A 219 28.13 35.18 55.50
N THR A 220 27.41 34.36 56.25
CA THR A 220 28.05 33.64 57.35
C THR A 220 27.93 32.12 57.31
N PHE A 221 27.24 31.57 56.31
CA PHE A 221 27.18 30.13 56.15
C PHE A 221 28.40 29.62 55.40
N ASN A 222 29.52 29.51 56.11
CA ASN A 222 30.81 29.23 55.51
C ASN A 222 31.20 27.75 55.46
N ASP A 223 31.00 27.05 56.57
CA ASP A 223 31.23 25.61 56.62
C ASP A 223 30.66 24.95 55.36
N MET A 224 29.41 25.30 55.06
CA MET A 224 28.72 24.83 53.87
C MET A 224 29.59 25.01 52.62
N ILE A 225 30.03 26.23 52.38
CA ILE A 225 30.81 26.57 51.19
C ILE A 225 32.14 25.84 51.14
N LYS A 226 32.84 25.82 52.26
CA LYS A 226 34.14 25.15 52.33
C LYS A 226 33.99 23.68 51.97
N ILE A 227 33.09 23.00 52.67
CA ILE A 227 32.83 21.58 52.41
C ILE A 227 32.52 21.32 50.94
N ALA A 228 31.80 22.26 50.32
CA ALA A 228 31.41 22.11 48.92
C ALA A 228 32.62 22.18 47.99
N LEU A 229 33.33 23.29 48.04
CA LEU A 229 34.47 23.50 47.15
C LEU A 229 35.51 22.39 47.29
N GLU A 230 35.70 21.89 48.50
CA GLU A 230 36.65 20.81 48.73
C GLU A 230 36.18 19.50 48.12
N SER A 231 34.88 19.22 48.26
CA SER A 231 34.31 18.00 47.71
C SER A 231 34.53 17.94 46.21
N VAL A 232 34.47 19.09 45.56
CA VAL A 232 34.68 19.15 44.11
C VAL A 232 36.08 18.67 43.75
N LEU A 233 37.06 19.10 44.55
CA LEU A 233 38.44 18.68 44.36
C LEU A 233 38.58 17.17 44.54
N LEU A 234 37.98 16.65 45.61
CA LEU A 234 38.01 15.22 45.90
C LEU A 234 37.45 14.38 44.75
N GLY A 235 36.40 14.89 44.11
CA GLY A 235 35.72 14.16 43.06
C GLY A 235 36.47 14.18 41.74
N ASP A 236 37.46 15.06 41.64
CA ASP A 236 38.26 15.16 40.42
C ASP A 236 39.41 14.17 40.42
N LYS A 237 39.62 13.49 41.55
CA LYS A 237 40.71 12.54 41.69
C LYS A 237 40.22 11.11 41.88
N ALA B 1 -33.16 14.30 17.63
CA ALA B 1 -33.25 14.51 19.07
C ALA B 1 -32.17 13.73 19.81
N THR B 2 -32.33 13.63 21.13
CA THR B 2 -31.39 12.88 21.96
C THR B 2 -32.17 11.95 22.88
N PRO B 3 -31.47 11.00 23.52
CA PRO B 3 -32.13 10.08 24.46
C PRO B 3 -32.61 10.79 25.72
N HIS B 4 -32.22 12.05 25.90
CA HIS B 4 -32.56 12.78 27.11
C HIS B 4 -33.37 14.05 26.84
N ILE B 5 -33.47 14.41 25.56
CA ILE B 5 -34.25 15.58 25.16
C ILE B 5 -35.01 15.32 23.86
N ASN B 6 -36.33 15.29 23.94
CA ASN B 6 -37.17 15.05 22.77
C ASN B 6 -37.47 16.34 22.02
N ALA B 7 -36.51 16.79 21.22
CA ALA B 7 -36.65 18.03 20.47
C ALA B 7 -35.68 18.10 19.29
N GLU B 8 -35.88 19.09 18.44
CA GLU B 8 -35.00 19.30 17.30
C GLU B 8 -34.46 20.73 17.31
N MET B 9 -33.40 20.96 16.54
CA MET B 9 -32.81 22.29 16.43
C MET B 9 -33.89 23.34 16.19
N GLY B 10 -33.81 24.44 16.94
CA GLY B 10 -34.78 25.52 16.81
C GLY B 10 -35.74 25.56 17.98
N ASP B 11 -35.95 24.41 18.61
CA ASP B 11 -36.88 24.31 19.74
C ASP B 11 -36.40 25.15 20.93
N PHE B 12 -35.11 25.12 21.19
CA PHE B 12 -34.52 25.90 22.28
C PHE B 12 -33.92 27.19 21.75
N ALA B 13 -34.01 28.26 22.54
CA ALA B 13 -33.31 29.50 22.23
C ALA B 13 -31.82 29.28 22.42
N ASP B 14 -31.02 30.30 22.10
CA ASP B 14 -29.57 30.18 22.25
C ASP B 14 -29.14 30.43 23.69
N VAL B 15 -30.05 30.96 24.49
CA VAL B 15 -29.81 31.12 25.92
C VAL B 15 -30.80 30.26 26.70
N VAL B 16 -30.29 29.47 27.63
CA VAL B 16 -31.12 28.52 28.36
C VAL B 16 -30.94 28.63 29.87
N LEU B 17 -31.92 29.19 30.56
CA LEU B 17 -31.91 29.20 32.02
C LEU B 17 -32.18 27.78 32.51
N MET B 18 -31.52 27.38 33.59
CA MET B 18 -31.68 26.02 34.08
C MET B 18 -31.66 25.90 35.59
N PRO B 19 -32.82 25.60 36.18
CA PRO B 19 -32.90 25.17 37.57
C PRO B 19 -32.69 23.65 37.60
N GLY B 20 -32.44 23.08 38.78
CA GLY B 20 -32.32 21.65 38.88
C GLY B 20 -33.69 20.98 38.90
N ASP B 21 -34.66 21.70 39.44
CA ASP B 21 -36.01 21.20 39.62
C ASP B 21 -36.89 21.56 38.42
N PRO B 22 -37.38 20.54 37.70
CA PRO B 22 -38.21 20.73 36.51
C PRO B 22 -39.41 21.61 36.82
N LEU B 23 -40.03 21.37 37.98
CA LEU B 23 -41.19 22.15 38.40
C LEU B 23 -40.85 23.64 38.50
N ARG B 24 -39.62 23.94 38.90
CA ARG B 24 -39.14 25.32 38.95
C ARG B 24 -39.06 25.90 37.54
N ALA B 25 -38.71 25.06 36.57
CA ALA B 25 -38.66 25.49 35.19
C ALA B 25 -40.06 25.80 34.68
N LYS B 26 -41.02 24.95 35.09
CA LYS B 26 -42.41 25.14 34.72
C LYS B 26 -42.94 26.44 35.31
N TYR B 27 -42.54 26.72 36.55
CA TYR B 27 -42.94 27.95 37.21
C TYR B 27 -42.39 29.17 36.49
N ILE B 28 -41.09 29.12 36.19
CA ILE B 28 -40.43 30.20 35.46
C ILE B 28 -41.12 30.50 34.14
N ALA B 29 -41.39 29.46 33.36
CA ALA B 29 -42.02 29.61 32.05
C ALA B 29 -43.39 30.27 32.18
N GLU B 30 -44.13 29.91 33.22
CA GLU B 30 -45.49 30.40 33.41
C GLU B 30 -45.55 31.84 33.89
N THR B 31 -44.66 32.20 34.82
CA THR B 31 -44.76 33.50 35.49
C THR B 31 -43.79 34.55 34.94
N PHE B 32 -42.90 34.15 34.04
CA PHE B 32 -41.90 35.08 33.53
C PHE B 32 -41.83 35.14 32.01
N LEU B 33 -42.23 34.06 31.34
CA LEU B 33 -42.14 34.00 29.89
C LEU B 33 -43.49 34.13 29.21
N GLU B 34 -43.50 34.83 28.09
CA GLU B 34 -44.71 35.02 27.30
C GLU B 34 -44.87 33.92 26.25
N ASP B 35 -46.10 33.47 26.04
CA ASP B 35 -46.41 32.51 24.99
C ASP B 35 -45.50 31.29 25.07
N ALA B 36 -45.33 30.75 26.27
CA ALA B 36 -44.40 29.65 26.50
C ALA B 36 -44.96 28.31 26.02
N ARG B 37 -44.14 27.56 25.31
CA ARG B 37 -44.50 26.21 24.87
C ARG B 37 -43.50 25.19 25.39
N GLU B 38 -43.99 24.08 25.92
CA GLU B 38 -43.13 23.01 26.39
C GLU B 38 -42.38 22.37 25.22
N VAL B 39 -41.05 22.33 25.30
CA VAL B 39 -40.25 21.75 24.24
C VAL B 39 -39.67 20.39 24.61
N ASN B 40 -39.72 20.05 25.89
CA ASN B 40 -39.25 18.74 26.35
C ASN B 40 -39.93 18.26 27.63
N ASN B 41 -40.19 16.96 27.70
CA ASN B 41 -40.76 16.35 28.89
C ASN B 41 -40.16 14.98 29.22
N VAL B 42 -39.09 14.63 28.51
CA VAL B 42 -38.41 13.36 28.73
C VAL B 42 -37.96 13.22 30.17
N ARG B 43 -38.21 12.05 30.76
CA ARG B 43 -37.85 11.77 32.15
C ARG B 43 -38.33 12.87 33.08
N GLY B 44 -39.43 13.51 32.70
CA GLY B 44 -40.03 14.56 33.52
C GLY B 44 -39.22 15.84 33.56
N MET B 45 -38.14 15.90 32.79
CA MET B 45 -37.28 17.08 32.80
C MET B 45 -37.87 18.19 31.97
N LEU B 46 -38.92 18.82 32.50
CA LEU B 46 -39.68 19.83 31.78
C LEU B 46 -38.81 20.95 31.23
N GLY B 47 -38.90 21.15 29.92
CA GLY B 47 -38.23 22.26 29.27
C GLY B 47 -39.21 23.07 28.45
N PHE B 48 -39.07 24.38 28.49
CA PHE B 48 -39.99 25.27 27.78
C PHE B 48 -39.24 26.30 26.97
N THR B 49 -39.92 26.90 26.01
CA THR B 49 -39.40 28.03 25.25
C THR B 49 -40.48 29.07 25.05
N GLY B 50 -40.15 30.31 25.38
CA GLY B 50 -41.05 31.44 25.17
C GLY B 50 -40.22 32.67 24.91
N THR B 51 -40.76 33.84 25.31
CA THR B 51 -40.00 35.08 25.18
C THR B 51 -40.06 35.90 26.47
N TYR B 52 -39.16 36.87 26.56
CA TYR B 52 -39.13 37.77 27.71
C TYR B 52 -38.74 39.17 27.24
N LYS B 53 -39.71 40.08 27.21
CA LYS B 53 -39.49 41.42 26.69
C LYS B 53 -38.92 41.35 25.28
N GLY B 54 -39.52 40.50 24.45
CA GLY B 54 -39.14 40.38 23.05
C GLY B 54 -38.08 39.33 22.80
N ARG B 55 -37.28 39.03 23.82
CA ARG B 55 -36.16 38.10 23.67
C ARG B 55 -36.58 36.64 23.76
N LYS B 56 -36.18 35.86 22.75
CA LYS B 56 -36.44 34.44 22.71
C LYS B 56 -35.62 33.76 23.79
N ILE B 57 -36.27 32.99 24.66
CA ILE B 57 -35.58 32.36 25.79
C ILE B 57 -36.16 31.02 26.21
N SER B 58 -35.28 30.06 26.48
CA SER B 58 -35.70 28.74 26.94
C SER B 58 -35.40 28.53 28.42
N VAL B 59 -36.11 27.60 29.03
CA VAL B 59 -35.91 27.26 30.43
C VAL B 59 -36.17 25.78 30.64
N MET B 60 -35.36 25.13 31.46
CA MET B 60 -35.41 23.68 31.58
C MET B 60 -34.57 23.19 32.75
N GLY B 61 -35.11 22.25 33.52
CA GLY B 61 -34.41 21.69 34.66
C GLY B 61 -33.20 20.89 34.23
N HIS B 62 -32.21 20.77 35.11
CA HIS B 62 -31.00 20.02 34.80
C HIS B 62 -30.77 18.83 35.72
N GLY B 63 -31.68 18.64 36.68
CA GLY B 63 -31.58 17.52 37.60
C GLY B 63 -30.49 17.73 38.64
N MET B 64 -30.44 16.86 39.64
CA MET B 64 -29.48 17.00 40.72
C MET B 64 -28.15 16.32 40.42
N GLY B 65 -27.05 17.06 40.62
CA GLY B 65 -25.73 16.49 40.51
C GLY B 65 -25.01 16.86 39.24
N ILE B 66 -23.68 16.79 39.28
CA ILE B 66 -22.86 17.09 38.11
C ILE B 66 -23.13 16.15 36.95
N PRO B 67 -23.10 14.83 37.19
CA PRO B 67 -23.35 13.86 36.12
C PRO B 67 -24.66 14.16 35.39
N SER B 68 -25.69 14.50 36.15
CA SER B 68 -27.00 14.80 35.57
C SER B 68 -26.97 16.05 34.68
N CYS B 69 -26.61 17.18 35.26
CA CYS B 69 -26.64 18.43 34.51
C CYS B 69 -25.60 18.44 33.38
N SER B 70 -24.66 17.49 33.43
CA SER B 70 -23.62 17.40 32.40
C SER B 70 -24.20 16.86 31.09
N ILE B 71 -25.21 16.01 31.21
CA ILE B 71 -25.88 15.46 30.05
C ILE B 71 -26.70 16.53 29.33
N TYR B 72 -27.51 17.26 30.08
CA TYR B 72 -28.39 18.26 29.50
C TYR B 72 -27.63 19.43 28.90
N THR B 73 -26.60 19.90 29.59
CA THR B 73 -25.79 20.99 29.08
C THR B 73 -25.07 20.58 27.80
N LYS B 74 -24.41 19.43 27.84
CA LYS B 74 -23.70 18.91 26.67
C LYS B 74 -24.63 18.89 25.46
N GLU B 75 -25.78 18.25 25.62
CA GLU B 75 -26.72 18.08 24.53
C GLU B 75 -27.25 19.41 24.01
N LEU B 76 -27.40 20.37 24.91
CA LEU B 76 -27.90 21.68 24.53
C LEU B 76 -26.90 22.43 23.64
N ILE B 77 -25.61 22.25 23.92
CA ILE B 77 -24.58 22.95 23.14
C ILE B 77 -24.35 22.32 21.77
N THR B 78 -24.31 20.99 21.71
CA THR B 78 -23.95 20.30 20.48
C THR B 78 -25.13 19.96 19.59
N ASP B 79 -26.30 19.73 20.19
CA ASP B 79 -27.46 19.30 19.43
C ASP B 79 -28.52 20.39 19.20
N PHE B 80 -28.45 21.47 19.96
CA PHE B 80 -29.49 22.50 19.89
C PHE B 80 -28.96 23.93 19.74
N GLY B 81 -27.67 24.05 19.45
CA GLY B 81 -27.08 25.34 19.14
C GLY B 81 -27.13 26.37 20.25
N VAL B 82 -27.26 25.90 21.49
CA VAL B 82 -27.26 26.81 22.64
C VAL B 82 -25.86 27.41 22.85
N LYS B 83 -25.82 28.70 23.19
CA LYS B 83 -24.54 29.42 23.31
C LYS B 83 -24.29 29.91 24.73
N LYS B 84 -25.37 30.22 25.45
CA LYS B 84 -25.26 30.66 26.84
C LYS B 84 -26.16 29.82 27.73
N ILE B 85 -25.62 29.37 28.86
CA ILE B 85 -26.42 28.64 29.84
C ILE B 85 -26.31 29.31 31.20
N ILE B 86 -27.45 29.69 31.76
CA ILE B 86 -27.49 30.27 33.10
C ILE B 86 -28.22 29.35 34.08
N ARG B 87 -27.44 28.67 34.91
CA ARG B 87 -28.01 27.88 35.99
C ARG B 87 -28.49 28.82 37.09
N VAL B 88 -29.67 28.54 37.64
CA VAL B 88 -30.20 29.33 38.73
C VAL B 88 -30.77 28.40 39.80
N GLY B 89 -30.07 28.30 40.92
CA GLY B 89 -30.46 27.38 41.96
C GLY B 89 -30.27 27.91 43.37
N SER B 90 -30.20 27.00 44.33
CA SER B 90 -30.01 27.36 45.73
C SER B 90 -28.73 26.74 46.28
N CYS B 91 -28.12 27.42 47.25
CA CYS B 91 -26.87 26.94 47.84
C CYS B 91 -26.88 27.07 49.36
N GLY B 92 -26.01 26.33 50.02
CA GLY B 92 -25.82 26.45 51.46
C GLY B 92 -24.68 27.42 51.74
N ALA B 93 -24.65 27.98 52.94
CA ALA B 93 -23.62 28.95 53.31
C ALA B 93 -22.69 28.42 54.38
N VAL B 94 -21.42 28.77 54.28
CA VAL B 94 -20.43 28.35 55.28
C VAL B 94 -19.74 29.53 55.95
N LEU B 95 -19.78 30.69 55.29
CA LEU B 95 -19.22 31.90 55.87
C LEU B 95 -20.26 32.60 56.74
N PRO B 96 -19.84 33.07 57.92
CA PRO B 96 -20.74 33.72 58.89
C PRO B 96 -21.39 34.98 58.32
N HIS B 97 -20.63 35.74 57.53
CA HIS B 97 -21.11 37.02 57.03
C HIS B 97 -22.04 36.87 55.83
N VAL B 98 -22.14 35.65 55.31
CA VAL B 98 -23.05 35.36 54.20
C VAL B 98 -24.43 35.02 54.74
N LYS B 99 -25.44 35.77 54.30
CA LYS B 99 -26.78 35.69 54.85
C LYS B 99 -27.74 34.91 53.96
N LEU B 100 -28.85 34.48 54.54
CA LEU B 100 -29.90 33.83 53.76
C LEU B 100 -30.49 34.84 52.78
N ARG B 101 -31.20 34.34 51.78
CA ARG B 101 -31.81 35.19 50.75
C ARG B 101 -30.76 35.87 49.86
N ASP B 102 -29.52 35.97 50.34
CA ASP B 102 -28.46 36.61 49.58
C ASP B 102 -28.22 35.92 48.25
N VAL B 103 -27.93 36.71 47.22
CA VAL B 103 -27.61 36.17 45.91
C VAL B 103 -26.10 36.00 45.77
N VAL B 104 -25.69 34.83 45.26
CA VAL B 104 -24.28 34.57 45.00
C VAL B 104 -24.07 34.22 43.54
N ILE B 105 -23.10 34.89 42.91
CA ILE B 105 -22.70 34.57 41.55
C ILE B 105 -21.34 33.91 41.57
N GLY B 106 -21.24 32.71 41.00
CA GLY B 106 -19.99 31.98 41.01
C GLY B 106 -19.17 32.24 39.76
N MET B 107 -18.17 33.12 39.87
CA MET B 107 -17.21 33.30 38.79
C MET B 107 -16.38 32.03 38.70
N GLY B 108 -16.20 31.39 39.86
CA GLY B 108 -15.50 30.12 39.92
C GLY B 108 -16.32 29.08 40.66
N ALA B 109 -16.00 27.82 40.44
CA ALA B 109 -16.71 26.73 41.11
C ALA B 109 -15.76 25.59 41.50
N CYS B 110 -15.54 25.44 42.80
CA CYS B 110 -14.78 24.32 43.33
C CYS B 110 -15.65 23.08 43.28
N THR B 111 -15.07 21.93 43.63
CA THR B 111 -15.81 20.67 43.62
C THR B 111 -14.98 19.51 44.17
N ASP B 112 -15.67 18.46 44.63
CA ASP B 112 -15.02 17.22 45.02
C ASP B 112 -15.34 16.13 44.01
N SER B 113 -15.69 16.54 42.80
CA SER B 113 -15.92 15.61 41.71
C SER B 113 -14.61 15.37 40.96
N LYS B 114 -14.56 14.31 40.17
CA LYS B 114 -13.35 13.98 39.41
C LYS B 114 -13.51 14.24 37.93
N VAL B 115 -14.70 14.68 37.51
CA VAL B 115 -14.95 14.90 36.09
C VAL B 115 -13.93 15.83 35.46
N ASN B 116 -13.62 16.93 36.14
CA ASN B 116 -12.65 17.89 35.63
C ASN B 116 -11.24 17.34 35.62
N ARG B 117 -10.88 16.58 36.65
CA ARG B 117 -9.57 15.94 36.69
C ARG B 117 -9.40 15.04 35.48
N ILE B 118 -10.43 14.24 35.21
CA ILE B 118 -10.43 13.35 34.06
C ILE B 118 -10.21 14.14 32.76
N ARG B 119 -10.83 15.31 32.67
CA ARG B 119 -10.69 16.16 31.50
C ARG B 119 -9.29 16.75 31.39
N PHE B 120 -8.80 17.31 32.49
CA PHE B 120 -7.56 18.09 32.47
C PHE B 120 -6.34 17.29 32.91
N LYS B 121 -6.26 16.04 32.46
CA LYS B 121 -5.14 15.15 32.78
C LYS B 121 -4.74 15.17 34.25
N ASP B 122 -5.74 15.09 35.13
CA ASP B 122 -5.49 14.96 36.57
C ASP B 122 -4.85 16.21 37.17
N HIS B 123 -4.95 17.33 36.47
CA HIS B 123 -4.44 18.59 36.98
C HIS B 123 -5.59 19.47 37.48
N ASP B 124 -5.26 20.66 37.95
CA ASP B 124 -6.28 21.56 38.49
C ASP B 124 -6.90 22.43 37.41
N PHE B 125 -8.12 22.08 36.99
CA PHE B 125 -8.86 22.92 36.07
C PHE B 125 -9.72 23.92 36.85
N ALA B 126 -9.44 25.20 36.68
CA ALA B 126 -10.19 26.26 37.34
C ALA B 126 -11.55 26.44 36.68
N ALA B 127 -12.54 25.69 37.14
CA ALA B 127 -13.89 25.77 36.61
C ALA B 127 -14.46 27.17 36.76
N ILE B 128 -14.35 27.97 35.70
CA ILE B 128 -14.83 29.35 35.75
C ILE B 128 -16.02 29.57 34.82
N ALA B 129 -16.73 30.67 35.05
CA ALA B 129 -17.84 31.06 34.20
C ALA B 129 -17.36 32.08 33.17
N ASP B 130 -18.29 32.54 32.34
CA ASP B 130 -17.98 33.59 31.37
C ASP B 130 -17.97 34.92 32.09
N PHE B 131 -16.90 35.68 31.94
CA PHE B 131 -16.77 36.96 32.63
C PHE B 131 -17.94 37.89 32.31
N ASP B 132 -18.22 38.08 31.02
CA ASP B 132 -19.31 38.94 30.61
C ASP B 132 -20.61 38.56 31.30
N MET B 133 -20.94 37.27 31.26
CA MET B 133 -22.16 36.78 31.90
C MET B 133 -22.14 37.07 33.41
N VAL B 134 -20.98 36.94 34.02
CA VAL B 134 -20.82 37.30 35.42
C VAL B 134 -21.11 38.79 35.60
N ARG B 135 -20.55 39.61 34.71
CA ARG B 135 -20.73 41.05 34.76
C ARG B 135 -22.18 41.44 34.50
N ASN B 136 -22.79 40.79 33.51
CA ASN B 136 -24.18 41.03 33.17
C ASN B 136 -25.09 40.86 34.38
N ALA B 137 -24.95 39.72 35.05
CA ALA B 137 -25.76 39.40 36.23
C ALA B 137 -25.51 40.38 37.37
N VAL B 138 -24.25 40.78 37.52
CA VAL B 138 -23.91 41.79 38.53
C VAL B 138 -24.66 43.08 38.24
N ASP B 139 -24.51 43.60 37.03
CA ASP B 139 -25.16 44.83 36.62
C ASP B 139 -26.68 44.72 36.73
N ALA B 140 -27.22 43.60 36.27
CA ALA B 140 -28.67 43.37 36.31
C ALA B 140 -29.20 43.43 37.73
N ALA B 141 -28.44 42.87 38.66
CA ALA B 141 -28.84 42.84 40.07
C ALA B 141 -28.79 44.24 40.68
N LYS B 142 -27.82 45.03 40.23
CA LYS B 142 -27.67 46.40 40.72
C LYS B 142 -28.91 47.21 40.38
N ALA B 143 -29.34 47.11 39.13
CA ALA B 143 -30.51 47.84 38.65
C ALA B 143 -31.79 47.38 39.35
N LEU B 144 -31.69 46.28 40.10
CA LEU B 144 -32.85 45.72 40.79
C LEU B 144 -32.79 45.95 42.30
N GLY B 145 -31.74 46.60 42.76
CA GLY B 145 -31.57 46.88 44.18
C GLY B 145 -31.16 45.64 44.97
N ILE B 146 -30.40 44.76 44.32
CA ILE B 146 -29.85 43.59 45.00
C ILE B 146 -28.32 43.61 44.94
N ASP B 147 -27.69 43.58 46.11
CA ASP B 147 -26.25 43.40 46.19
C ASP B 147 -25.95 41.93 45.95
N ALA B 148 -25.00 41.66 45.05
CA ALA B 148 -24.67 40.29 44.71
C ALA B 148 -23.21 39.97 45.02
N ARG B 149 -23.00 38.85 45.72
CA ARG B 149 -21.65 38.42 46.04
C ARG B 149 -21.09 37.57 44.91
N VAL B 150 -19.89 37.92 44.45
CA VAL B 150 -19.24 37.21 43.36
C VAL B 150 -18.01 36.48 43.90
N GLY B 151 -17.94 35.18 43.65
CA GLY B 151 -16.83 34.37 44.10
C GLY B 151 -16.96 32.90 43.75
N ASN B 152 -16.30 32.07 44.55
CA ASN B 152 -16.34 30.62 44.35
C ASN B 152 -17.56 29.95 44.94
N LEU B 153 -18.17 29.05 44.17
CA LEU B 153 -19.14 28.11 44.70
C LEU B 153 -18.39 26.81 44.99
N PHE B 154 -19.02 25.91 45.73
CA PHE B 154 -18.51 24.56 45.83
C PHE B 154 -19.57 23.57 45.35
N SER B 155 -19.17 22.68 44.45
CA SER B 155 -20.08 21.69 43.90
C SER B 155 -19.82 20.32 44.52
N ALA B 156 -20.69 19.92 45.45
CA ALA B 156 -20.53 18.64 46.14
C ALA B 156 -21.19 17.50 45.38
N ASP B 157 -20.55 16.34 45.33
CA ASP B 157 -21.14 15.15 44.76
C ASP B 157 -22.14 14.56 45.76
N LEU B 158 -21.85 14.74 47.05
CA LEU B 158 -22.72 14.22 48.09
C LEU B 158 -23.41 15.34 48.84
N PHE B 159 -24.73 15.40 48.69
CA PHE B 159 -25.55 16.32 49.47
C PHE B 159 -25.48 15.91 50.93
N TYR B 160 -25.25 14.62 51.18
CA TYR B 160 -25.08 14.10 52.54
C TYR B 160 -23.65 13.64 52.78
N SER B 161 -22.72 14.59 52.84
CA SER B 161 -21.31 14.26 52.99
C SER B 161 -20.99 13.71 54.39
N PRO B 162 -20.12 12.68 54.44
CA PRO B 162 -19.63 12.12 55.69
C PRO B 162 -18.36 12.84 56.13
N ASP B 163 -17.94 13.82 55.34
CA ASP B 163 -16.76 14.61 55.66
C ASP B 163 -17.14 15.99 56.19
N GLY B 164 -17.57 16.03 57.44
CA GLY B 164 -18.01 17.27 58.05
C GLY B 164 -16.94 18.34 58.10
N GLU B 165 -15.68 17.92 58.19
CA GLU B 165 -14.57 18.86 58.32
C GLU B 165 -14.38 19.70 57.05
N MET B 166 -14.85 19.18 55.93
CA MET B 166 -14.65 19.87 54.65
C MET B 166 -15.30 21.25 54.64
N PHE B 167 -16.31 21.44 55.48
CA PHE B 167 -16.99 22.73 55.56
C PHE B 167 -16.08 23.80 56.18
N ASP B 168 -15.35 23.43 57.22
CA ASP B 168 -14.36 24.33 57.82
C ASP B 168 -13.38 24.79 56.75
N VAL B 169 -13.03 23.85 55.87
CA VAL B 169 -12.14 24.13 54.74
C VAL B 169 -12.77 25.14 53.79
N MET B 170 -13.98 24.84 53.33
CA MET B 170 -14.69 25.73 52.42
C MET B 170 -14.75 27.14 53.00
N GLU B 171 -15.13 27.23 54.27
CA GLU B 171 -15.23 28.52 54.94
C GLU B 171 -13.88 29.22 54.95
N LYS B 172 -12.82 28.46 55.24
CA LYS B 172 -11.48 29.04 55.34
C LYS B 172 -11.09 29.79 54.08
N TYR B 173 -11.35 29.17 52.93
CA TYR B 173 -10.92 29.76 51.66
C TYR B 173 -12.05 30.48 50.92
N GLY B 174 -13.05 30.92 51.67
CA GLY B 174 -14.04 31.87 51.19
C GLY B 174 -15.09 31.35 50.24
N ILE B 175 -15.46 30.09 50.35
CA ILE B 175 -16.57 29.58 49.55
C ILE B 175 -17.86 30.31 49.94
N LEU B 176 -18.47 30.96 48.97
CA LEU B 176 -19.70 31.72 49.21
C LEU B 176 -20.89 30.80 49.40
N GLY B 177 -21.16 29.96 48.40
CA GLY B 177 -22.28 29.04 48.45
C GLY B 177 -21.89 27.61 48.18
N VAL B 178 -22.77 26.68 48.56
CA VAL B 178 -22.53 25.26 48.36
C VAL B 178 -23.69 24.61 47.61
N GLU B 179 -23.42 24.15 46.39
CA GLU B 179 -24.44 23.47 45.60
C GLU B 179 -23.89 22.19 44.98
N MET B 180 -24.45 21.75 43.86
CA MET B 180 -24.08 20.46 43.31
C MET B 180 -23.87 20.40 41.78
N GLU B 181 -23.76 21.56 41.13
CA GLU B 181 -23.74 21.55 39.68
C GLU B 181 -22.76 22.50 38.98
N ALA B 182 -22.54 23.68 39.57
CA ALA B 182 -21.74 24.73 38.92
C ALA B 182 -20.47 24.21 38.24
N ALA B 183 -19.61 23.57 39.02
CA ALA B 183 -18.34 23.07 38.48
C ALA B 183 -18.58 22.19 37.26
N GLY B 184 -19.47 21.22 37.39
CA GLY B 184 -19.82 20.35 36.30
C GLY B 184 -20.20 21.11 35.04
N ILE B 185 -21.04 22.13 35.21
CA ILE B 185 -21.54 22.89 34.06
C ILE B 185 -20.43 23.68 33.37
N TYR B 186 -19.59 24.33 34.15
CA TYR B 186 -18.48 25.08 33.59
C TYR B 186 -17.54 24.19 32.79
N GLY B 187 -17.29 22.99 33.30
CA GLY B 187 -16.46 22.02 32.62
C GLY B 187 -16.98 21.68 31.23
N VAL B 188 -18.28 21.44 31.13
CA VAL B 188 -18.92 21.18 29.85
C VAL B 188 -18.80 22.37 28.92
N ALA B 189 -19.06 23.57 29.46
CA ALA B 189 -18.94 24.80 28.70
C ALA B 189 -17.56 24.88 28.07
N ALA B 190 -16.53 24.65 28.89
CA ALA B 190 -15.15 24.69 28.43
C ALA B 190 -14.82 23.55 27.46
N GLU B 191 -15.50 22.43 27.63
CA GLU B 191 -15.25 21.26 26.79
C GLU B 191 -15.88 21.40 25.41
N PHE B 192 -17.06 21.99 25.35
CA PHE B 192 -17.79 22.09 24.08
C PHE B 192 -17.89 23.51 23.55
N GLY B 193 -17.03 24.39 24.06
CA GLY B 193 -16.91 25.74 23.55
C GLY B 193 -18.17 26.57 23.67
N ALA B 194 -18.69 26.69 24.88
CA ALA B 194 -19.84 27.54 25.14
C ALA B 194 -19.60 28.39 26.39
N LYS B 195 -20.61 29.18 26.76
CA LYS B 195 -20.50 30.02 27.93
C LYS B 195 -21.58 29.66 28.94
N ALA B 196 -21.22 29.71 30.22
CA ALA B 196 -22.13 29.32 31.29
C ALA B 196 -21.92 30.17 32.54
N LEU B 197 -22.97 30.30 33.34
CA LEU B 197 -22.92 31.03 34.60
C LEU B 197 -23.87 30.41 35.61
N THR B 198 -23.49 30.43 36.89
CA THR B 198 -24.38 29.98 37.96
C THR B 198 -24.72 31.11 38.92
N ILE B 199 -26.01 31.30 39.14
CA ILE B 199 -26.48 32.27 40.14
C ILE B 199 -27.28 31.52 41.20
N CYS B 200 -26.89 31.67 42.45
CA CYS B 200 -27.59 30.98 43.53
C CYS B 200 -28.15 31.94 44.57
N THR B 201 -29.09 31.44 45.37
CA THR B 201 -29.65 32.20 46.47
C THR B 201 -29.47 31.39 47.76
N VAL B 202 -28.67 31.91 48.67
CA VAL B 202 -28.41 31.23 49.93
C VAL B 202 -29.73 30.86 50.59
N SER B 203 -30.09 29.59 50.52
CA SER B 203 -31.37 29.12 51.04
C SER B 203 -31.27 28.74 52.51
N ASP B 204 -30.11 28.23 52.92
CA ASP B 204 -29.91 27.83 54.30
C ASP B 204 -28.44 27.91 54.71
N HIS B 205 -28.21 28.01 56.01
CA HIS B 205 -26.84 28.07 56.52
C HIS B 205 -26.41 26.69 57.00
N ILE B 206 -25.42 26.12 56.33
CA ILE B 206 -24.95 24.76 56.60
C ILE B 206 -24.51 24.57 58.05
N ARG B 207 -24.12 25.67 58.70
CA ARG B 207 -23.70 25.63 60.10
C ARG B 207 -24.89 25.47 61.04
N THR B 208 -25.83 26.40 60.94
CA THR B 208 -26.91 26.53 61.92
C THR B 208 -28.20 25.86 61.47
N HIS B 209 -28.22 25.33 60.26
CA HIS B 209 -29.41 24.67 59.71
C HIS B 209 -30.63 25.60 59.68
N GLU B 210 -30.37 26.90 59.58
CA GLU B 210 -31.44 27.88 59.41
C GLU B 210 -31.93 27.83 57.97
N GLN B 211 -33.22 27.68 57.78
CA GLN B 211 -33.80 27.69 56.44
C GLN B 211 -34.66 28.93 56.23
N THR B 212 -34.61 29.48 55.02
CA THR B 212 -35.49 30.60 54.68
C THR B 212 -36.93 30.12 54.65
N THR B 213 -37.81 30.86 55.33
CA THR B 213 -39.22 30.49 55.39
C THR B 213 -39.78 30.31 53.99
N ALA B 214 -40.79 29.46 53.86
CA ALA B 214 -41.42 29.19 52.58
C ALA B 214 -41.87 30.48 51.89
N ALA B 215 -42.06 31.53 52.69
CA ALA B 215 -42.49 32.82 52.17
C ALA B 215 -41.46 33.43 51.22
N GLU B 216 -40.35 33.89 51.77
CA GLU B 216 -39.31 34.55 50.97
C GLU B 216 -38.64 33.57 50.01
N ARG B 217 -39.04 32.30 50.08
CA ARG B 217 -38.55 31.30 49.16
C ARG B 217 -38.64 31.81 47.73
N GLN B 218 -39.85 31.79 47.18
CA GLN B 218 -40.07 32.27 45.81
C GLN B 218 -39.86 33.77 45.68
N THR B 219 -39.92 34.47 46.81
CA THR B 219 -39.69 35.92 46.80
C THR B 219 -38.29 36.22 46.29
N THR B 220 -37.31 35.46 46.79
CA THR B 220 -35.92 35.60 46.35
C THR B 220 -35.66 34.78 45.09
N PHE B 221 -36.42 33.70 44.94
CA PHE B 221 -36.34 32.90 43.72
C PHE B 221 -36.75 33.74 42.51
N ASN B 222 -37.80 34.54 42.69
CA ASN B 222 -38.22 35.46 41.64
C ASN B 222 -37.13 36.48 41.34
N ASP B 223 -36.53 37.03 42.40
CA ASP B 223 -35.40 37.94 42.25
C ASP B 223 -34.31 37.31 41.39
N MET B 224 -33.87 36.12 41.79
CA MET B 224 -32.84 35.38 41.06
C MET B 224 -33.19 35.23 39.57
N ILE B 225 -34.47 35.00 39.29
CA ILE B 225 -34.92 34.82 37.91
C ILE B 225 -34.91 36.13 37.14
N LYS B 226 -35.33 37.21 37.79
CA LYS B 226 -35.32 38.54 37.17
C LYS B 226 -33.89 38.91 36.80
N ILE B 227 -32.99 38.77 37.76
CA ILE B 227 -31.57 39.04 37.55
C ILE B 227 -31.00 38.31 36.33
N ALA B 228 -31.35 37.04 36.20
CA ALA B 228 -30.84 36.22 35.12
C ALA B 228 -31.40 36.67 33.76
N LEU B 229 -32.71 36.79 33.68
CA LEU B 229 -33.36 37.20 32.45
C LEU B 229 -32.88 38.57 31.99
N GLU B 230 -32.84 39.52 32.92
CA GLU B 230 -32.38 40.86 32.62
C GLU B 230 -30.91 40.88 32.20
N SER B 231 -30.11 40.01 32.80
CA SER B 231 -28.70 39.91 32.44
C SER B 231 -28.56 39.50 30.97
N VAL B 232 -29.37 38.51 30.56
CA VAL B 232 -29.37 38.07 29.17
C VAL B 232 -29.61 39.27 28.26
N LEU B 233 -30.49 40.16 28.68
CA LEU B 233 -30.79 41.37 27.91
C LEU B 233 -29.57 42.29 27.81
N LEU B 234 -28.90 42.50 28.93
CA LEU B 234 -27.68 43.31 28.94
C LEU B 234 -26.64 42.70 28.02
N GLY B 235 -26.66 41.38 27.87
CA GLY B 235 -25.72 40.68 27.03
C GLY B 235 -25.95 40.91 25.55
N ASP B 236 -27.22 40.92 25.16
CA ASP B 236 -27.59 41.13 23.77
C ASP B 236 -27.15 42.51 23.26
N LYS B 237 -26.72 43.38 24.17
CA LYS B 237 -26.29 44.72 23.80
C LYS B 237 -24.77 44.87 23.82
N ALA C 1 8.11 -24.22 33.40
CA ALA C 1 8.54 -23.76 34.71
C ALA C 1 8.91 -22.29 34.69
N THR C 2 8.65 -21.61 35.80
CA THR C 2 8.96 -20.19 35.93
C THR C 2 10.11 -20.02 36.90
N PRO C 3 10.45 -18.77 37.23
CA PRO C 3 11.46 -18.57 38.28
C PRO C 3 10.90 -18.84 39.67
N HIS C 4 9.57 -18.89 39.80
CA HIS C 4 8.93 -19.02 41.10
C HIS C 4 8.23 -20.36 41.28
N ILE C 5 7.98 -21.03 40.17
CA ILE C 5 7.40 -22.37 40.21
C ILE C 5 8.19 -23.31 39.32
N ASN C 6 8.77 -24.34 39.92
CA ASN C 6 9.52 -25.34 39.17
C ASN C 6 8.65 -26.55 38.83
N ALA C 7 7.75 -26.37 37.87
CA ALA C 7 6.88 -27.44 37.41
C ALA C 7 6.54 -27.22 35.95
N GLU C 8 5.82 -28.16 35.35
CA GLU C 8 5.45 -28.06 33.95
C GLU C 8 3.93 -28.15 33.77
N MET C 9 3.45 -27.74 32.61
CA MET C 9 2.04 -27.82 32.29
C MET C 9 1.51 -29.23 32.53
N GLY C 10 0.44 -29.34 33.32
CA GLY C 10 -0.15 -30.62 33.65
C GLY C 10 0.14 -31.01 35.09
N ASP C 11 1.13 -30.35 35.67
CA ASP C 11 1.55 -30.62 37.05
C ASP C 11 0.50 -30.15 38.06
N PHE C 12 -0.20 -29.07 37.70
CA PHE C 12 -1.27 -28.56 38.53
C PHE C 12 -2.63 -28.96 37.98
N ALA C 13 -3.61 -29.14 38.86
CA ALA C 13 -4.99 -29.35 38.45
C ALA C 13 -5.54 -28.02 37.93
N ASP C 14 -6.75 -28.04 37.39
CA ASP C 14 -7.33 -26.80 36.89
C ASP C 14 -7.92 -25.96 38.03
N VAL C 15 -7.84 -26.51 39.24
CA VAL C 15 -8.32 -25.81 40.43
C VAL C 15 -7.25 -25.86 41.52
N VAL C 16 -6.88 -24.69 42.03
CA VAL C 16 -5.84 -24.60 43.04
C VAL C 16 -6.30 -23.90 44.32
N LEU C 17 -6.23 -24.62 45.44
CA LEU C 17 -6.45 -24.02 46.75
C LEU C 17 -5.14 -23.42 47.23
N MET C 18 -5.19 -22.20 47.76
CA MET C 18 -3.97 -21.53 48.17
C MET C 18 -4.08 -20.86 49.54
N PRO C 19 -3.33 -21.37 50.53
CA PRO C 19 -3.14 -20.65 51.77
C PRO C 19 -2.00 -19.67 51.57
N GLY C 20 -1.77 -18.78 52.51
CA GLY C 20 -0.59 -17.95 52.48
C GLY C 20 0.59 -18.75 52.99
N ASP C 21 0.33 -19.61 53.98
CA ASP C 21 1.34 -20.44 54.59
C ASP C 21 1.57 -21.72 53.79
N PRO C 22 2.79 -21.92 53.29
CA PRO C 22 3.12 -23.12 52.52
C PRO C 22 2.91 -24.37 53.34
N LEU C 23 3.28 -24.32 54.62
CA LEU C 23 3.12 -25.46 55.51
C LEU C 23 1.64 -25.84 55.67
N ARG C 24 0.76 -24.87 55.47
CA ARG C 24 -0.67 -25.15 55.52
C ARG C 24 -1.05 -25.95 54.29
N ALA C 25 -0.45 -25.60 53.16
CA ALA C 25 -0.65 -26.32 51.91
C ALA C 25 -0.23 -27.78 52.08
N LYS C 26 0.98 -27.98 52.61
CA LYS C 26 1.48 -29.32 52.89
C LYS C 26 0.52 -30.08 53.77
N TYR C 27 0.05 -29.42 54.83
CA TYR C 27 -0.93 -30.03 55.72
C TYR C 27 -2.15 -30.51 54.96
N ILE C 28 -2.71 -29.62 54.14
CA ILE C 28 -3.88 -29.94 53.32
C ILE C 28 -3.64 -31.16 52.43
N ALA C 29 -2.52 -31.17 51.73
CA ALA C 29 -2.18 -32.29 50.84
C ALA C 29 -2.26 -33.62 51.58
N GLU C 30 -1.73 -33.66 52.80
CA GLU C 30 -1.68 -34.89 53.57
C GLU C 30 -3.01 -35.23 54.20
N THR C 31 -3.71 -34.22 54.70
CA THR C 31 -4.95 -34.41 55.43
C THR C 31 -6.14 -34.68 54.50
N PHE C 32 -6.28 -33.86 53.46
CA PHE C 32 -7.49 -33.87 52.63
C PHE C 32 -7.30 -34.54 51.27
N LEU C 33 -6.18 -34.29 50.62
CA LEU C 33 -5.94 -34.85 49.29
C LEU C 33 -5.42 -36.27 49.37
N GLU C 34 -5.61 -37.02 48.28
CA GLU C 34 -5.16 -38.40 48.23
C GLU C 34 -4.17 -38.58 47.09
N ASP C 35 -3.09 -39.32 47.35
CA ASP C 35 -2.05 -39.55 46.35
C ASP C 35 -1.38 -38.26 45.89
N ALA C 36 -0.99 -37.44 46.86
CA ALA C 36 -0.41 -36.13 46.55
C ALA C 36 1.08 -36.21 46.21
N ARG C 37 1.46 -35.57 45.13
CA ARG C 37 2.86 -35.44 44.75
C ARG C 37 3.25 -33.96 44.80
N GLU C 38 4.42 -33.67 45.37
CA GLU C 38 4.90 -32.30 45.44
C GLU C 38 5.26 -31.81 44.05
N VAL C 39 4.56 -30.78 43.58
CA VAL C 39 4.77 -30.28 42.22
C VAL C 39 5.64 -29.02 42.20
N ASN C 40 5.85 -28.43 43.37
CA ASN C 40 6.76 -27.29 43.49
C ASN C 40 7.27 -27.06 44.90
N ASN C 41 8.51 -26.58 45.00
CA ASN C 41 9.11 -26.25 46.28
C ASN C 41 10.09 -25.08 46.20
N VAL C 42 10.11 -24.39 45.06
CA VAL C 42 10.95 -23.21 44.89
C VAL C 42 10.61 -22.16 45.94
N ARG C 43 11.63 -21.49 46.46
CA ARG C 43 11.43 -20.47 47.49
C ARG C 43 10.63 -21.01 48.68
N GLY C 44 10.58 -22.34 48.79
CA GLY C 44 9.93 -22.99 49.90
C GLY C 44 8.42 -22.96 49.81
N MET C 45 7.90 -22.39 48.72
CA MET C 45 6.47 -22.28 48.52
C MET C 45 5.89 -23.61 48.05
N LEU C 46 5.70 -24.53 49.00
CA LEU C 46 5.27 -25.89 48.70
C LEU C 46 3.95 -25.92 47.93
N GLY C 47 3.91 -26.75 46.90
CA GLY C 47 2.70 -27.00 46.14
C GLY C 47 2.55 -28.48 45.86
N PHE C 48 1.34 -28.99 46.00
CA PHE C 48 1.08 -30.41 45.83
C PHE C 48 -0.12 -30.64 44.93
N THR C 49 -0.14 -31.79 44.26
CA THR C 49 -1.27 -32.17 43.46
C THR C 49 -1.74 -33.58 43.81
N GLY C 50 -3.01 -33.70 44.18
CA GLY C 50 -3.60 -34.98 44.52
C GLY C 50 -5.03 -35.04 44.04
N THR C 51 -5.81 -35.93 44.62
CA THR C 51 -7.22 -36.03 44.28
C THR C 51 -8.11 -36.02 45.52
N TYR C 52 -9.21 -35.26 45.44
CA TYR C 52 -10.22 -35.24 46.49
C TYR C 52 -11.50 -35.85 45.94
N LYS C 53 -11.90 -36.98 46.50
CA LYS C 53 -13.06 -37.72 46.02
C LYS C 53 -12.98 -37.93 44.50
N GLY C 54 -11.81 -38.35 44.04
CA GLY C 54 -11.61 -38.65 42.63
C GLY C 54 -11.34 -37.43 41.78
N ARG C 55 -11.54 -36.25 42.36
CA ARG C 55 -11.39 -35.00 41.65
C ARG C 55 -9.96 -34.47 41.82
N LYS C 56 -9.31 -34.18 40.70
CA LYS C 56 -7.94 -33.69 40.72
C LYS C 56 -7.87 -32.23 41.18
N ILE C 57 -7.22 -32.01 42.32
CA ILE C 57 -7.02 -30.65 42.82
C ILE C 57 -5.62 -30.40 43.37
N SER C 58 -5.18 -29.15 43.30
CA SER C 58 -3.85 -28.77 43.75
C SER C 58 -3.94 -27.76 44.88
N VAL C 59 -3.01 -27.85 45.82
CA VAL C 59 -2.91 -26.87 46.89
C VAL C 59 -1.50 -26.30 46.91
N MET C 60 -1.36 -24.99 47.13
CA MET C 60 -0.06 -24.35 47.11
C MET C 60 -0.10 -22.97 47.77
N GLY C 61 0.91 -22.67 48.55
CA GLY C 61 1.00 -21.38 49.22
C GLY C 61 1.20 -20.25 48.25
N HIS C 62 0.80 -19.05 48.65
CA HIS C 62 0.98 -17.87 47.80
C HIS C 62 1.74 -16.77 48.53
N GLY C 63 2.09 -17.03 49.79
CA GLY C 63 2.86 -16.08 50.56
C GLY C 63 2.01 -14.95 51.13
N MET C 64 2.65 -14.04 51.84
CA MET C 64 1.94 -12.93 52.47
C MET C 64 1.99 -11.67 51.61
N GLY C 65 0.81 -11.13 51.30
CA GLY C 65 0.73 -9.87 50.61
C GLY C 65 0.29 -9.96 49.17
N ILE C 66 -0.34 -8.89 48.69
CA ILE C 66 -0.83 -8.82 47.33
C ILE C 66 0.26 -9.08 46.29
N PRO C 67 1.39 -8.38 46.40
CA PRO C 67 2.49 -8.59 45.45
C PRO C 67 2.90 -10.06 45.38
N SER C 68 2.89 -10.73 46.52
CA SER C 68 3.32 -12.13 46.59
C SER C 68 2.39 -13.06 45.82
N CYS C 69 1.12 -13.06 46.19
CA CYS C 69 0.15 -13.98 45.59
C CYS C 69 -0.20 -13.60 44.15
N SER C 70 0.09 -12.36 43.77
CA SER C 70 -0.15 -11.91 42.41
C SER C 70 0.76 -12.66 41.43
N ILE C 71 2.00 -12.88 41.85
CA ILE C 71 2.96 -13.64 41.04
C ILE C 71 2.46 -15.08 40.82
N TYR C 72 2.19 -15.78 41.91
CA TYR C 72 1.82 -17.18 41.83
C TYR C 72 0.52 -17.42 41.09
N THR C 73 -0.51 -16.65 41.43
CA THR C 73 -1.80 -16.80 40.80
C THR C 73 -1.74 -16.46 39.30
N LYS C 74 -0.95 -15.46 38.96
CA LYS C 74 -0.78 -15.08 37.56
C LYS C 74 -0.15 -16.23 36.78
N GLU C 75 0.95 -16.75 37.29
CA GLU C 75 1.68 -17.81 36.60
C GLU C 75 0.86 -19.09 36.50
N LEU C 76 0.23 -19.48 37.60
CA LEU C 76 -0.63 -20.65 37.60
C LEU C 76 -1.63 -20.56 36.45
N ILE C 77 -2.11 -19.35 36.17
CA ILE C 77 -3.06 -19.14 35.09
C ILE C 77 -2.39 -19.24 33.73
N THR C 78 -1.59 -18.24 33.38
CA THR C 78 -0.98 -18.17 32.07
C THR C 78 -0.07 -19.36 31.77
N ASP C 79 0.72 -19.77 32.76
CA ASP C 79 1.74 -20.79 32.56
C ASP C 79 1.28 -22.22 32.88
N PHE C 80 0.24 -22.35 33.69
CA PHE C 80 -0.23 -23.66 34.09
C PHE C 80 -1.74 -23.87 33.87
N GLY C 81 -2.35 -22.96 33.13
CA GLY C 81 -3.73 -23.09 32.71
C GLY C 81 -4.80 -23.29 33.77
N VAL C 82 -4.56 -22.77 34.97
CA VAL C 82 -5.49 -22.94 36.08
C VAL C 82 -6.76 -22.11 35.91
N LYS C 83 -7.92 -22.76 35.99
CA LYS C 83 -9.21 -22.07 35.82
C LYS C 83 -9.67 -21.34 37.07
N LYS C 84 -9.76 -22.08 38.17
CA LYS C 84 -10.27 -21.53 39.42
C LYS C 84 -9.16 -21.44 40.45
N ILE C 85 -9.20 -20.38 41.26
CA ILE C 85 -8.30 -20.24 42.38
C ILE C 85 -9.09 -19.96 43.64
N ILE C 86 -8.99 -20.85 44.63
CA ILE C 86 -9.71 -20.66 45.89
C ILE C 86 -8.73 -20.43 47.03
N ARG C 87 -8.57 -19.17 47.43
CA ARG C 87 -7.72 -18.85 48.57
C ARG C 87 -8.41 -19.23 49.88
N VAL C 88 -7.65 -19.88 50.77
CA VAL C 88 -8.16 -20.26 52.07
C VAL C 88 -7.24 -19.69 53.15
N GLY C 89 -7.62 -18.55 53.73
CA GLY C 89 -6.75 -17.87 54.66
C GLY C 89 -7.37 -17.52 56.01
N SER C 90 -6.69 -16.64 56.73
CA SER C 90 -7.16 -16.16 58.03
C SER C 90 -7.34 -14.65 57.98
N CYS C 91 -8.33 -14.16 58.73
CA CYS C 91 -8.67 -12.74 58.70
C CYS C 91 -8.98 -12.22 60.11
N GLY C 92 -8.82 -10.92 60.29
CA GLY C 92 -9.17 -10.29 61.54
C GLY C 92 -10.57 -9.73 61.49
N ALA C 93 -11.23 -9.65 62.64
CA ALA C 93 -12.61 -9.16 62.70
C ALA C 93 -12.69 -7.78 63.35
N VAL C 94 -13.49 -6.90 62.76
CA VAL C 94 -13.68 -5.56 63.30
C VAL C 94 -15.11 -5.36 63.78
N LEU C 95 -16.02 -6.21 63.30
CA LEU C 95 -17.43 -6.13 63.70
C LEU C 95 -17.69 -6.97 64.94
N PRO C 96 -18.41 -6.39 65.92
CA PRO C 96 -18.74 -7.07 67.17
C PRO C 96 -19.53 -8.35 66.92
N HIS C 97 -20.45 -8.32 65.97
CA HIS C 97 -21.30 -9.47 65.69
C HIS C 97 -20.58 -10.52 64.85
N VAL C 98 -19.33 -10.23 64.47
CA VAL C 98 -18.50 -11.21 63.79
C VAL C 98 -17.66 -11.97 64.81
N LYS C 99 -18.05 -13.21 65.08
CA LYS C 99 -17.44 -14.01 66.13
C LYS C 99 -16.15 -14.67 65.67
N LEU C 100 -15.37 -15.16 66.63
CA LEU C 100 -14.15 -15.88 66.34
C LEU C 100 -14.49 -17.23 65.70
N ARG C 101 -13.58 -17.73 64.87
CA ARG C 101 -13.79 -19.00 64.17
C ARG C 101 -14.82 -18.90 63.06
N ASP C 102 -15.41 -17.71 62.88
CA ASP C 102 -16.39 -17.50 61.82
C ASP C 102 -15.78 -17.64 60.42
N VAL C 103 -16.58 -18.12 59.48
CA VAL C 103 -16.14 -18.31 58.11
C VAL C 103 -16.71 -17.25 57.19
N VAL C 104 -15.85 -16.36 56.69
CA VAL C 104 -16.30 -15.27 55.83
C VAL C 104 -15.96 -15.50 54.36
N ILE C 105 -16.91 -15.23 53.49
CA ILE C 105 -16.69 -15.37 52.05
C ILE C 105 -16.69 -14.01 51.39
N GLY C 106 -15.58 -13.69 50.71
CA GLY C 106 -15.39 -12.37 50.14
C GLY C 106 -15.86 -12.24 48.71
N MET C 107 -17.13 -11.93 48.52
CA MET C 107 -17.65 -11.69 47.18
C MET C 107 -16.99 -10.44 46.59
N GLY C 108 -16.47 -9.60 47.50
CA GLY C 108 -15.71 -8.44 47.12
C GLY C 108 -14.57 -8.23 48.09
N ALA C 109 -13.60 -7.41 47.72
CA ALA C 109 -12.45 -7.15 48.58
C ALA C 109 -11.93 -5.71 48.44
N CYS C 110 -11.91 -4.99 49.55
CA CYS C 110 -11.35 -3.64 49.58
C CYS C 110 -9.85 -3.72 49.74
N THR C 111 -9.16 -2.63 49.50
CA THR C 111 -7.70 -2.61 49.64
C THR C 111 -7.12 -1.20 49.65
N ASP C 112 -6.07 -1.01 50.45
CA ASP C 112 -5.32 0.23 50.43
C ASP C 112 -4.15 0.11 49.47
N SER C 113 -4.11 -1.01 48.75
CA SER C 113 -3.11 -1.24 47.72
C SER C 113 -3.37 -0.36 46.51
N LYS C 114 -2.34 -0.21 45.67
CA LYS C 114 -2.44 0.67 44.51
C LYS C 114 -2.39 -0.14 43.22
N VAL C 115 -2.37 -1.46 43.36
CA VAL C 115 -2.25 -2.35 42.19
C VAL C 115 -3.43 -2.23 41.22
N ASN C 116 -4.65 -2.17 41.74
CA ASN C 116 -5.83 -2.08 40.89
C ASN C 116 -5.99 -0.70 40.26
N ARG C 117 -5.62 0.33 41.00
CA ARG C 117 -5.64 1.69 40.46
C ARG C 117 -4.64 1.80 39.32
N ILE C 118 -3.59 0.99 39.38
CA ILE C 118 -2.60 0.92 38.32
C ILE C 118 -3.22 0.29 37.07
N ARG C 119 -3.89 -0.84 37.27
CA ARG C 119 -4.58 -1.54 36.19
C ARG C 119 -5.68 -0.69 35.56
N PHE C 120 -6.32 0.13 36.40
CA PHE C 120 -7.62 0.71 36.05
C PHE C 120 -7.61 2.23 35.84
N LYS C 121 -6.49 2.75 35.34
CA LYS C 121 -6.35 4.18 35.08
C LYS C 121 -6.68 5.04 36.31
N ASP C 122 -6.35 4.51 37.49
CA ASP C 122 -6.54 5.22 38.75
C ASP C 122 -8.02 5.47 39.06
N HIS C 123 -8.87 4.53 38.68
CA HIS C 123 -10.28 4.58 39.06
C HIS C 123 -10.60 3.47 40.04
N ASP C 124 -11.84 3.46 40.55
CA ASP C 124 -12.24 2.44 41.51
C ASP C 124 -12.63 1.14 40.81
N PHE C 125 -11.75 0.14 40.90
CA PHE C 125 -12.07 -1.19 40.41
C PHE C 125 -12.58 -2.04 41.57
N ALA C 126 -13.71 -2.71 41.35
CA ALA C 126 -14.31 -3.55 42.37
C ALA C 126 -13.73 -4.96 42.33
N ALA C 127 -12.75 -5.22 43.18
CA ALA C 127 -12.17 -6.54 43.28
C ALA C 127 -13.23 -7.52 43.78
N ILE C 128 -13.76 -8.33 42.87
CA ILE C 128 -14.85 -9.22 43.21
C ILE C 128 -14.56 -10.67 42.80
N ALA C 129 -15.02 -11.61 43.62
CA ALA C 129 -14.89 -13.02 43.30
C ALA C 129 -15.84 -13.39 42.19
N ASP C 130 -15.66 -14.60 41.64
CA ASP C 130 -16.60 -15.14 40.66
C ASP C 130 -17.87 -15.57 41.39
N PHE C 131 -19.02 -15.05 40.94
CA PHE C 131 -20.28 -15.35 41.63
C PHE C 131 -20.51 -16.85 41.80
N ASP C 132 -20.38 -17.60 40.71
CA ASP C 132 -20.61 -19.03 40.75
C ASP C 132 -19.83 -19.71 41.87
N MET C 133 -18.55 -19.38 41.98
CA MET C 133 -17.72 -19.95 43.05
C MET C 133 -18.23 -19.51 44.41
N VAL C 134 -18.65 -18.25 44.51
CA VAL C 134 -19.22 -17.73 45.74
C VAL C 134 -20.42 -18.56 46.13
N ARG C 135 -21.30 -18.80 45.15
CA ARG C 135 -22.50 -19.59 45.36
C ARG C 135 -22.14 -21.04 45.68
N ASN C 136 -21.18 -21.59 44.96
CA ASN C 136 -20.69 -22.94 45.22
C ASN C 136 -20.23 -23.11 46.66
N ALA C 137 -19.64 -22.06 47.22
CA ALA C 137 -19.12 -22.10 48.57
C ALA C 137 -20.25 -22.03 49.59
N VAL C 138 -21.12 -21.02 49.44
CA VAL C 138 -22.27 -20.86 50.31
C VAL C 138 -23.05 -22.17 50.47
N ASP C 139 -23.27 -22.87 49.35
CA ASP C 139 -24.05 -24.10 49.35
C ASP C 139 -23.30 -25.25 50.02
N ALA C 140 -22.01 -25.40 49.70
CA ALA C 140 -21.20 -26.44 50.30
C ALA C 140 -21.15 -26.29 51.82
N ALA C 141 -21.07 -25.05 52.28
CA ALA C 141 -21.01 -24.76 53.70
C ALA C 141 -22.34 -25.10 54.36
N LYS C 142 -23.44 -24.79 53.66
CA LYS C 142 -24.77 -25.11 54.17
C LYS C 142 -24.96 -26.62 54.25
N ALA C 143 -24.37 -27.35 53.31
CA ALA C 143 -24.46 -28.81 53.31
C ALA C 143 -23.72 -29.37 54.52
N LEU C 144 -22.64 -28.70 54.90
CA LEU C 144 -21.84 -29.12 56.05
C LEU C 144 -22.38 -28.53 57.35
N GLY C 145 -23.44 -27.74 57.25
CA GLY C 145 -24.02 -27.09 58.42
C GLY C 145 -23.07 -26.10 59.06
N ILE C 146 -22.55 -25.19 58.25
CA ILE C 146 -21.60 -24.19 58.74
C ILE C 146 -21.95 -22.80 58.24
N ASP C 147 -22.28 -21.91 59.18
CA ASP C 147 -22.63 -20.52 58.85
C ASP C 147 -21.53 -19.86 58.03
N ALA C 148 -21.93 -19.12 57.00
CA ALA C 148 -20.96 -18.47 56.12
C ALA C 148 -21.43 -17.10 55.64
N ARG C 149 -20.91 -16.05 56.28
CA ARG C 149 -21.24 -14.69 55.88
C ARG C 149 -20.57 -14.33 54.57
N VAL C 150 -21.33 -13.69 53.68
CA VAL C 150 -20.78 -13.25 52.41
C VAL C 150 -20.76 -11.73 52.37
N GLY C 151 -19.60 -11.16 52.07
CA GLY C 151 -19.47 -9.72 52.01
C GLY C 151 -18.08 -9.25 51.65
N ASN C 152 -17.72 -8.06 52.13
CA ASN C 152 -16.43 -7.47 51.81
C ASN C 152 -15.31 -7.86 52.77
N LEU C 153 -14.17 -8.21 52.20
CA LEU C 153 -12.93 -8.35 52.96
C LEU C 153 -12.13 -7.07 52.77
N PHE C 154 -11.01 -6.96 53.47
CA PHE C 154 -10.09 -5.84 53.27
C PHE C 154 -8.67 -6.36 53.11
N SER C 155 -8.08 -6.12 51.94
CA SER C 155 -6.71 -6.54 51.66
C SER C 155 -5.74 -5.40 51.92
N ALA C 156 -5.05 -5.45 53.06
CA ALA C 156 -4.14 -4.40 53.45
C ALA C 156 -2.70 -4.70 53.02
N ASP C 157 -1.95 -3.65 52.71
CA ASP C 157 -0.53 -3.80 52.44
C ASP C 157 0.25 -3.89 53.75
N LEU C 158 -0.01 -2.95 54.66
CA LEU C 158 0.68 -2.94 55.95
C LEU C 158 -0.11 -3.67 57.03
N PHE C 159 0.33 -4.88 57.34
CA PHE C 159 -0.21 -5.62 58.47
C PHE C 159 -0.05 -4.80 59.75
N TYR C 160 0.94 -3.91 59.75
CA TYR C 160 1.14 -2.98 60.85
C TYR C 160 0.90 -1.55 60.35
N SER C 161 -0.37 -1.19 60.22
CA SER C 161 -0.73 0.11 59.68
C SER C 161 -0.51 1.24 60.69
N PRO C 162 -0.01 2.39 60.21
CA PRO C 162 0.20 3.60 61.02
C PRO C 162 -1.14 4.28 61.27
N ASP C 163 -2.18 3.83 60.57
CA ASP C 163 -3.49 4.44 60.63
C ASP C 163 -4.49 3.60 61.41
N GLY C 164 -4.59 3.89 62.71
CA GLY C 164 -5.52 3.17 63.57
C GLY C 164 -6.96 3.55 63.29
N GLU C 165 -7.17 4.76 62.81
CA GLU C 165 -8.51 5.24 62.50
C GLU C 165 -9.19 4.36 61.45
N MET C 166 -8.39 3.69 60.63
CA MET C 166 -8.93 2.97 59.47
C MET C 166 -9.78 1.75 59.83
N PHE C 167 -9.46 1.09 60.94
CA PHE C 167 -10.25 -0.05 61.40
C PHE C 167 -11.69 0.37 61.67
N ASP C 168 -11.84 1.54 62.28
CA ASP C 168 -13.17 2.12 62.52
C ASP C 168 -13.88 2.36 61.20
N VAL C 169 -13.14 2.85 60.21
CA VAL C 169 -13.69 3.05 58.87
C VAL C 169 -14.17 1.73 58.28
N MET C 170 -13.32 0.71 58.39
CA MET C 170 -13.67 -0.63 57.90
C MET C 170 -14.95 -1.14 58.53
N GLU C 171 -15.02 -1.06 59.86
CA GLU C 171 -16.19 -1.55 60.58
C GLU C 171 -17.45 -0.81 60.13
N LYS C 172 -17.33 0.50 59.98
CA LYS C 172 -18.47 1.32 59.59
C LYS C 172 -19.12 0.80 58.32
N TYR C 173 -18.29 0.48 57.33
CA TYR C 173 -18.79 0.03 56.02
C TYR C 173 -18.87 -1.49 55.92
N GLY C 174 -18.95 -2.15 57.08
CA GLY C 174 -19.31 -3.55 57.16
C GLY C 174 -18.31 -4.57 56.63
N ILE C 175 -17.02 -4.30 56.80
CA ILE C 175 -16.00 -5.25 56.40
C ILE C 175 -16.06 -6.49 57.28
N LEU C 176 -16.17 -7.66 56.66
CA LEU C 176 -16.28 -8.90 57.40
C LEU C 176 -14.96 -9.30 58.04
N GLY C 177 -13.92 -9.39 57.24
CA GLY C 177 -12.61 -9.77 57.71
C GLY C 177 -11.48 -8.95 57.10
N VAL C 178 -10.36 -8.88 57.80
CA VAL C 178 -9.20 -8.15 57.31
C VAL C 178 -8.05 -9.12 57.02
N GLU C 179 -7.54 -9.07 55.79
CA GLU C 179 -6.39 -9.88 55.40
C GLU C 179 -5.48 -9.09 54.44
N MET C 180 -4.73 -9.77 53.60
CA MET C 180 -3.70 -9.09 52.80
C MET C 180 -3.60 -9.54 51.34
N GLU C 181 -4.55 -10.35 50.87
CA GLU C 181 -4.40 -10.98 49.55
C GLU C 181 -5.61 -10.89 48.62
N ALA C 182 -6.82 -10.89 49.19
CA ALA C 182 -8.03 -11.01 48.38
C ALA C 182 -8.12 -10.04 47.19
N ALA C 183 -8.01 -8.75 47.46
CA ALA C 183 -8.15 -7.74 46.41
C ALA C 183 -7.16 -7.93 45.26
N GLY C 184 -6.01 -8.51 45.57
CA GLY C 184 -4.99 -8.75 44.56
C GLY C 184 -5.31 -9.95 43.68
N ILE C 185 -5.58 -11.08 44.31
CA ILE C 185 -5.94 -12.30 43.59
C ILE C 185 -7.11 -12.05 42.63
N TYR C 186 -8.12 -11.34 43.11
CA TYR C 186 -9.27 -11.00 42.27
C TYR C 186 -8.83 -10.12 41.10
N GLY C 187 -7.95 -9.16 41.39
CA GLY C 187 -7.42 -8.29 40.37
C GLY C 187 -6.72 -9.07 39.27
N VAL C 188 -6.00 -10.11 39.66
CA VAL C 188 -5.30 -10.96 38.69
C VAL C 188 -6.28 -11.81 37.89
N ALA C 189 -7.28 -12.36 38.58
CA ALA C 189 -8.31 -13.17 37.92
C ALA C 189 -9.00 -12.35 36.84
N ALA C 190 -9.24 -11.07 37.12
CA ALA C 190 -9.89 -10.19 36.17
C ALA C 190 -9.01 -9.95 34.95
N GLU C 191 -7.73 -9.69 35.19
CA GLU C 191 -6.80 -9.34 34.12
C GLU C 191 -6.56 -10.50 33.16
N PHE C 192 -6.58 -11.73 33.67
CA PHE C 192 -6.20 -12.87 32.87
C PHE C 192 -7.36 -13.83 32.56
N GLY C 193 -8.58 -13.37 32.79
CA GLY C 193 -9.76 -14.13 32.45
C GLY C 193 -9.87 -15.44 33.22
N ALA C 194 -9.58 -15.40 34.51
CA ALA C 194 -9.73 -16.56 35.37
C ALA C 194 -10.81 -16.30 36.42
N LYS C 195 -11.00 -17.26 37.31
CA LYS C 195 -11.99 -17.13 38.36
C LYS C 195 -11.37 -17.37 39.73
N ALA C 196 -11.62 -16.47 40.67
CA ALA C 196 -11.01 -16.55 41.99
C ALA C 196 -12.03 -16.37 43.11
N LEU C 197 -11.76 -17.03 44.23
CA LEU C 197 -12.59 -16.89 45.42
C LEU C 197 -11.71 -16.87 46.66
N THR C 198 -12.09 -16.09 47.66
CA THR C 198 -11.36 -16.06 48.91
C THR C 198 -12.25 -16.39 50.11
N ILE C 199 -11.95 -17.51 50.76
CA ILE C 199 -12.61 -17.86 52.01
C ILE C 199 -11.65 -17.62 53.17
N CYS C 200 -12.16 -17.10 54.28
CA CYS C 200 -11.31 -16.82 55.42
C CYS C 200 -11.91 -17.32 56.72
N THR C 201 -11.03 -17.54 57.71
CA THR C 201 -11.45 -17.92 59.04
C THR C 201 -10.99 -16.84 60.01
N VAL C 202 -11.95 -16.24 60.72
CA VAL C 202 -11.64 -15.22 61.70
C VAL C 202 -10.70 -15.79 62.76
N SER C 203 -9.40 -15.51 62.61
CA SER C 203 -8.39 -16.07 63.49
C SER C 203 -8.23 -15.23 64.74
N ASP C 204 -8.54 -13.95 64.64
CA ASP C 204 -8.49 -13.06 65.79
C ASP C 204 -9.45 -11.89 65.63
N HIS C 205 -9.82 -11.28 66.76
CA HIS C 205 -10.71 -10.14 66.74
C HIS C 205 -9.96 -8.89 67.16
N ILE C 206 -9.98 -7.88 66.29
CA ILE C 206 -9.23 -6.65 66.53
C ILE C 206 -9.76 -5.87 67.73
N ARG C 207 -11.08 -5.88 67.90
CA ARG C 207 -11.72 -5.15 68.98
C ARG C 207 -11.52 -5.83 70.34
N THR C 208 -11.83 -7.12 70.40
CA THR C 208 -11.77 -7.87 71.66
C THR C 208 -10.35 -8.31 71.99
N HIS C 209 -9.50 -8.37 70.97
CA HIS C 209 -8.13 -8.86 71.11
C HIS C 209 -8.04 -10.36 71.40
N GLU C 210 -8.99 -11.12 70.84
CA GLU C 210 -8.96 -12.58 70.98
C GLU C 210 -7.98 -13.20 69.99
N GLN C 211 -7.61 -14.45 70.25
CA GLN C 211 -6.71 -15.20 69.35
C GLN C 211 -6.99 -16.70 69.42
N THR C 212 -6.60 -17.41 68.37
CA THR C 212 -6.96 -18.83 68.22
C THR C 212 -5.99 -19.81 68.88
N THR C 213 -6.54 -20.71 69.68
CA THR C 213 -5.75 -21.77 70.31
C THR C 213 -5.45 -22.87 69.29
N ALA C 214 -4.20 -23.33 69.27
CA ALA C 214 -3.71 -24.26 68.26
C ALA C 214 -4.63 -25.46 67.98
N ALA C 215 -5.38 -25.89 68.99
CA ALA C 215 -6.27 -27.04 68.83
C ALA C 215 -7.52 -26.67 68.03
N GLU C 216 -8.29 -25.74 68.55
CA GLU C 216 -9.49 -25.24 67.88
C GLU C 216 -9.12 -24.34 66.72
N ARG C 217 -7.82 -24.17 66.50
CA ARG C 217 -7.29 -23.36 65.41
C ARG C 217 -7.27 -24.17 64.12
N GLN C 218 -6.74 -25.39 64.20
CA GLN C 218 -6.61 -26.26 63.04
C GLN C 218 -7.86 -27.10 62.83
N THR C 219 -8.83 -26.95 63.73
CA THR C 219 -10.12 -27.62 63.59
C THR C 219 -11.05 -26.77 62.73
N THR C 220 -10.80 -25.46 62.74
CA THR C 220 -11.60 -24.53 61.95
C THR C 220 -11.12 -24.48 60.50
N PHE C 221 -9.80 -24.46 60.31
CA PHE C 221 -9.24 -24.48 58.97
C PHE C 221 -9.72 -25.72 58.23
N ASN C 222 -9.90 -26.82 58.97
CA ASN C 222 -10.43 -28.04 58.39
C ASN C 222 -11.78 -27.80 57.74
N ASP C 223 -12.64 -27.03 58.42
CA ASP C 223 -13.96 -26.71 57.90
C ASP C 223 -13.84 -25.82 56.67
N MET C 224 -13.02 -24.78 56.77
CA MET C 224 -12.80 -23.89 55.64
C MET C 224 -12.26 -24.67 54.44
N ILE C 225 -11.30 -25.55 54.69
CA ILE C 225 -10.73 -26.38 53.63
C ILE C 225 -11.78 -27.29 53.03
N LYS C 226 -12.55 -27.95 53.89
CA LYS C 226 -13.60 -28.85 53.42
C LYS C 226 -14.59 -28.10 52.54
N ILE C 227 -15.04 -26.94 53.02
CA ILE C 227 -15.96 -26.09 52.28
C ILE C 227 -15.40 -25.73 50.89
N ALA C 228 -14.14 -25.32 50.87
CA ALA C 228 -13.46 -24.95 49.63
C ALA C 228 -13.44 -26.12 48.64
N LEU C 229 -13.12 -27.31 49.14
CA LEU C 229 -13.08 -28.51 48.30
C LEU C 229 -14.47 -28.90 47.82
N GLU C 230 -15.39 -29.06 48.77
CA GLU C 230 -16.75 -29.45 48.44
C GLU C 230 -17.39 -28.50 47.44
N SER C 231 -17.08 -27.21 47.57
CA SER C 231 -17.64 -26.19 46.67
C SER C 231 -17.21 -26.44 45.23
N VAL C 232 -15.99 -26.97 45.07
CA VAL C 232 -15.48 -27.32 43.75
C VAL C 232 -16.33 -28.41 43.10
N LEU C 233 -16.59 -29.48 43.85
CA LEU C 233 -17.39 -30.58 43.34
C LEU C 233 -18.75 -30.08 42.86
N LEU C 234 -19.31 -29.11 43.57
CA LEU C 234 -20.59 -28.50 43.20
C LEU C 234 -20.50 -27.81 41.85
N GLY C 235 -19.48 -26.97 41.70
CA GLY C 235 -19.29 -26.23 40.47
C GLY C 235 -18.86 -27.12 39.32
N ASP C 236 -18.57 -28.38 39.63
CA ASP C 236 -18.22 -29.35 38.60
C ASP C 236 -19.49 -29.94 37.99
N LYS C 237 -20.51 -30.12 38.83
CA LYS C 237 -21.78 -30.71 38.41
C LYS C 237 -22.47 -29.88 37.32
N ALA D 1 9.88 42.87 59.95
CA ALA D 1 10.74 42.32 58.90
C ALA D 1 10.59 40.81 58.79
N THR D 2 11.05 40.27 57.67
CA THR D 2 11.00 38.84 57.42
C THR D 2 12.33 38.38 56.84
N PRO D 3 12.59 37.07 56.85
CA PRO D 3 13.83 36.54 56.28
C PRO D 3 13.93 36.82 54.78
N HIS D 4 12.85 37.28 54.17
CA HIS D 4 12.81 37.50 52.73
C HIS D 4 12.54 38.97 52.37
N ILE D 5 12.05 39.73 53.33
CA ILE D 5 11.75 41.14 53.12
C ILE D 5 12.24 41.97 54.30
N ASN D 6 13.24 42.81 54.04
CA ASN D 6 13.80 43.68 55.07
C ASN D 6 13.09 45.02 55.09
N ALA D 7 11.86 45.03 55.60
CA ALA D 7 11.06 46.24 55.69
C ALA D 7 10.11 46.16 56.88
N GLU D 8 9.44 47.26 57.17
CA GLU D 8 8.49 47.32 58.29
C GLU D 8 7.13 47.82 57.81
N MET D 9 6.08 47.46 58.54
CA MET D 9 4.73 47.92 58.24
C MET D 9 4.71 49.39 57.87
N GLY D 10 4.06 49.71 56.75
CA GLY D 10 3.99 51.08 56.29
C GLY D 10 4.84 51.31 55.05
N ASP D 11 5.96 50.59 54.96
CA ASP D 11 6.86 50.73 53.83
C ASP D 11 6.14 50.44 52.50
N PHE D 12 5.31 49.40 52.50
CA PHE D 12 4.57 49.03 51.31
C PHE D 12 3.19 49.68 51.31
N ALA D 13 2.72 50.05 50.13
CA ALA D 13 1.34 50.51 49.97
C ALA D 13 0.41 49.33 50.19
N ASP D 14 -0.90 49.59 50.22
CA ASP D 14 -1.89 48.53 50.41
C ASP D 14 -2.14 47.75 49.11
N VAL D 15 -1.46 48.17 48.05
CA VAL D 15 -1.51 47.49 46.76
C VAL D 15 -0.10 47.31 46.24
N VAL D 16 0.20 46.11 45.76
CA VAL D 16 1.54 45.83 45.24
C VAL D 16 1.50 45.21 43.85
N LEU D 17 2.13 45.88 42.89
CA LEU D 17 2.36 45.28 41.57
C LEU D 17 3.55 44.33 41.68
N MET D 18 3.43 43.16 41.07
CA MET D 18 4.51 42.18 41.14
C MET D 18 4.83 41.55 39.79
N PRO D 19 6.01 41.87 39.25
CA PRO D 19 6.58 41.13 38.12
C PRO D 19 7.39 39.97 38.68
N GLY D 20 7.75 39.00 37.84
CA GLY D 20 8.63 37.94 38.29
C GLY D 20 10.05 38.47 38.36
N ASP D 21 10.38 39.36 37.43
CA ASP D 21 11.72 39.92 37.31
C ASP D 21 11.91 41.15 38.21
N PRO D 22 12.81 41.06 39.19
CA PRO D 22 13.08 42.17 40.10
C PRO D 22 13.59 43.39 39.34
N LEU D 23 14.25 43.15 38.20
CA LEU D 23 14.75 44.23 37.36
C LEU D 23 13.60 45.01 36.75
N ARG D 24 12.47 44.33 36.55
CA ARG D 24 11.27 44.98 36.06
C ARG D 24 10.67 45.88 37.13
N ALA D 25 10.62 45.38 38.36
CA ALA D 25 10.11 46.18 39.47
C ALA D 25 10.87 47.50 39.53
N LYS D 26 12.19 47.43 39.37
CA LYS D 26 13.03 48.62 39.36
C LYS D 26 12.66 49.50 38.18
N TYR D 27 12.38 48.89 37.03
CA TYR D 27 12.02 49.63 35.83
C TYR D 27 10.71 50.37 36.03
N ILE D 28 9.70 49.65 36.50
CA ILE D 28 8.38 50.23 36.71
C ILE D 28 8.47 51.42 37.66
N ALA D 29 9.06 51.19 38.83
CA ALA D 29 9.20 52.23 39.84
C ALA D 29 9.79 53.50 39.25
N GLU D 30 10.83 53.34 38.44
CA GLU D 30 11.57 54.47 37.90
C GLU D 30 10.85 55.19 36.76
N THR D 31 9.86 54.53 36.18
CA THR D 31 9.22 55.09 34.98
C THR D 31 7.73 55.37 35.13
N PHE D 32 7.12 54.91 36.21
CA PHE D 32 5.69 55.13 36.41
C PHE D 32 5.37 55.77 37.75
N LEU D 33 6.21 55.51 38.75
CA LEU D 33 5.97 56.03 40.08
C LEU D 33 6.84 57.26 40.35
N GLU D 34 6.31 58.19 41.14
CA GLU D 34 7.06 59.37 41.55
C GLU D 34 7.52 59.19 43.00
N ASP D 35 8.58 59.90 43.37
CA ASP D 35 9.10 59.83 44.74
C ASP D 35 9.27 58.38 45.19
N ALA D 36 9.70 57.53 44.26
CA ALA D 36 9.84 56.10 44.54
C ALA D 36 11.11 55.83 45.35
N ARG D 37 10.99 54.97 46.35
CA ARG D 37 12.13 54.60 47.19
C ARG D 37 12.20 53.09 47.36
N GLU D 38 13.43 52.55 47.37
CA GLU D 38 13.63 51.12 47.51
C GLU D 38 13.30 50.66 48.93
N VAL D 39 12.38 49.71 49.05
CA VAL D 39 11.94 49.23 50.37
C VAL D 39 12.45 47.83 50.69
N ASN D 40 12.96 47.13 49.67
CA ASN D 40 13.51 45.79 49.87
C ASN D 40 14.62 45.45 48.89
N ASN D 41 15.48 44.52 49.28
CA ASN D 41 16.61 44.11 48.44
C ASN D 41 17.15 42.72 48.80
N VAL D 42 16.47 42.06 49.74
CA VAL D 42 16.87 40.73 50.17
C VAL D 42 16.79 39.74 49.01
N ARG D 43 17.85 38.95 48.85
CA ARG D 43 17.92 37.96 47.77
C ARG D 43 17.80 38.60 46.38
N GLY D 44 17.99 39.92 46.33
CA GLY D 44 17.96 40.63 45.06
C GLY D 44 16.56 40.88 44.55
N MET D 45 15.56 40.47 45.33
CA MET D 45 14.17 40.66 44.95
C MET D 45 13.74 42.10 45.22
N LEU D 46 14.11 43.00 44.31
CA LEU D 46 13.91 44.44 44.50
C LEU D 46 12.45 44.82 44.73
N GLY D 47 12.23 45.71 45.71
CA GLY D 47 10.91 46.23 45.98
C GLY D 47 10.94 47.74 46.13
N PHE D 48 9.91 48.42 45.65
CA PHE D 48 9.87 49.88 45.69
C PHE D 48 8.50 50.40 46.08
N THR D 49 8.47 51.59 46.67
CA THR D 49 7.22 52.25 47.00
C THR D 49 7.26 53.71 46.59
N GLY D 50 6.20 54.14 45.90
CA GLY D 50 6.09 55.52 45.43
C GLY D 50 4.65 55.91 45.21
N THR D 51 4.45 56.92 44.37
CA THR D 51 3.09 57.39 44.07
C THR D 51 2.80 57.47 42.58
N TYR D 52 1.69 56.88 42.18
CA TYR D 52 1.18 57.01 40.82
C TYR D 52 -0.04 57.94 40.84
N LYS D 53 0.08 59.10 40.22
CA LYS D 53 -0.97 60.11 40.25
C LYS D 53 -1.49 60.34 41.67
N GLY D 54 -0.56 60.54 42.60
CA GLY D 54 -0.91 60.84 43.99
C GLY D 54 -1.22 59.59 44.80
N ARG D 55 -1.61 58.53 44.11
CA ARG D 55 -1.96 57.28 44.77
C ARG D 55 -0.69 56.53 45.18
N LYS D 56 -0.63 56.11 46.44
CA LYS D 56 0.55 55.38 46.92
C LYS D 56 0.52 53.94 46.43
N ILE D 57 1.62 53.53 45.78
CA ILE D 57 1.67 52.21 45.16
C ILE D 57 3.06 51.58 45.25
N SER D 58 3.10 50.26 45.44
CA SER D 58 4.37 49.54 45.50
C SER D 58 4.53 48.60 44.31
N VAL D 59 5.77 48.23 44.03
CA VAL D 59 6.08 47.22 43.01
C VAL D 59 7.27 46.40 43.50
N MET D 60 7.23 45.10 43.24
CA MET D 60 8.26 44.20 43.74
C MET D 60 8.23 42.87 43.00
N GLY D 61 9.42 42.31 42.74
CA GLY D 61 9.51 41.02 42.09
C GLY D 61 8.96 39.93 43.00
N HIS D 62 8.47 38.84 42.40
CA HIS D 62 7.99 37.70 43.16
C HIS D 62 8.70 36.42 42.77
N GLY D 63 9.71 36.54 41.92
CA GLY D 63 10.50 35.40 41.51
C GLY D 63 9.74 34.49 40.56
N MET D 64 10.36 33.37 40.19
CA MET D 64 9.75 32.44 39.25
C MET D 64 9.13 31.24 39.95
N GLY D 65 7.86 31.00 39.68
CA GLY D 65 7.19 29.82 40.20
C GLY D 65 6.26 30.11 41.35
N ILE D 66 5.27 29.23 41.53
CA ILE D 66 4.29 29.36 42.60
C ILE D 66 4.95 29.45 43.98
N PRO D 67 5.83 28.48 44.30
CA PRO D 67 6.47 28.46 45.63
C PRO D 67 7.20 29.75 45.95
N SER D 68 7.72 30.43 44.93
CA SER D 68 8.43 31.69 45.12
C SER D 68 7.47 32.83 45.47
N CYS D 69 6.57 33.15 44.55
CA CYS D 69 5.62 34.22 44.75
C CYS D 69 4.74 33.97 45.96
N SER D 70 4.53 32.69 46.30
CA SER D 70 3.74 32.33 47.46
C SER D 70 4.34 32.89 48.74
N ILE D 71 5.66 32.90 48.81
CA ILE D 71 6.35 33.42 49.98
C ILE D 71 6.18 34.94 50.10
N TYR D 72 6.44 35.66 49.01
CA TYR D 72 6.38 37.12 49.02
C TYR D 72 4.97 37.65 49.21
N THR D 73 4.02 37.10 48.47
CA THR D 73 2.64 37.58 48.55
C THR D 73 2.04 37.34 49.94
N LYS D 74 2.30 36.17 50.50
CA LYS D 74 1.83 35.87 51.85
C LYS D 74 2.36 36.90 52.85
N GLU D 75 3.66 37.15 52.79
CA GLU D 75 4.29 38.09 53.73
C GLU D 75 3.82 39.53 53.51
N LEU D 76 3.63 39.91 52.26
CA LEU D 76 3.06 41.20 51.94
C LEU D 76 1.72 41.36 52.64
N ILE D 77 0.94 40.29 52.66
CA ILE D 77 -0.36 40.32 53.31
C ILE D 77 -0.24 40.35 54.82
N THR D 78 0.16 39.24 55.41
CA THR D 78 0.13 39.09 56.87
C THR D 78 1.09 40.02 57.61
N ASP D 79 2.24 40.29 57.00
CA ASP D 79 3.28 41.07 57.67
C ASP D 79 3.26 42.55 57.30
N PHE D 80 2.69 42.88 56.14
CA PHE D 80 2.67 44.26 55.67
C PHE D 80 1.28 44.75 55.30
N GLY D 81 0.26 43.99 55.72
CA GLY D 81 -1.13 44.38 55.57
C GLY D 81 -1.55 44.82 54.18
N VAL D 82 -1.09 44.11 53.16
CA VAL D 82 -1.45 44.45 51.78
C VAL D 82 -2.85 43.96 51.40
N LYS D 83 -3.66 44.85 50.84
CA LYS D 83 -5.03 44.53 50.47
C LYS D 83 -5.14 43.91 49.09
N LYS D 84 -4.43 44.50 48.13
CA LYS D 84 -4.48 44.04 46.75
C LYS D 84 -3.10 43.68 46.21
N ILE D 85 -3.07 42.72 45.30
CA ILE D 85 -1.84 42.31 44.65
C ILE D 85 -2.11 42.04 43.18
N ILE D 86 -1.43 42.78 42.31
CA ILE D 86 -1.61 42.60 40.87
C ILE D 86 -0.34 42.08 40.21
N ARG D 87 -0.28 40.78 39.99
CA ARG D 87 0.84 40.20 39.24
C ARG D 87 0.77 40.66 37.79
N VAL D 88 1.89 41.15 37.27
CA VAL D 88 1.99 41.52 35.87
C VAL D 88 3.10 40.74 35.21
N GLY D 89 2.73 39.83 34.30
CA GLY D 89 3.71 38.98 33.64
C GLY D 89 3.42 38.71 32.19
N SER D 90 4.21 37.82 31.60
CA SER D 90 3.99 37.39 30.22
C SER D 90 3.52 35.95 30.20
N CYS D 91 3.02 35.50 29.05
CA CYS D 91 2.48 34.16 28.94
C CYS D 91 2.54 33.65 27.51
N GLY D 92 2.49 32.34 27.35
CA GLY D 92 2.49 31.72 26.05
C GLY D 92 1.09 31.31 25.63
N ALA D 93 0.77 31.46 24.35
CA ALA D 93 -0.55 31.14 23.86
C ALA D 93 -0.60 29.74 23.24
N VAL D 94 -1.75 29.09 23.36
CA VAL D 94 -1.98 27.79 22.76
C VAL D 94 -3.18 27.83 21.82
N LEU D 95 -4.00 28.88 21.97
CA LEU D 95 -5.14 29.09 21.10
C LEU D 95 -4.76 29.94 19.89
N PRO D 96 -5.12 29.47 18.70
CA PRO D 96 -4.80 30.15 17.43
C PRO D 96 -5.32 31.59 17.39
N HIS D 97 -6.60 31.80 17.69
CA HIS D 97 -7.20 33.12 17.54
C HIS D 97 -6.77 34.10 18.64
N VAL D 98 -5.90 33.64 19.53
CA VAL D 98 -5.25 34.53 20.49
C VAL D 98 -3.87 34.92 19.96
N LYS D 99 -3.68 36.21 19.70
CA LYS D 99 -2.48 36.67 19.03
C LYS D 99 -1.43 37.22 20.00
N LEU D 100 -0.22 37.43 19.48
CA LEU D 100 0.89 37.93 20.29
C LEU D 100 0.65 39.37 20.74
N ARG D 101 1.26 39.74 21.86
CA ARG D 101 1.12 41.09 22.41
C ARG D 101 -0.27 41.35 22.98
N ASP D 102 -1.11 40.33 23.00
CA ASP D 102 -2.45 40.45 23.56
C ASP D 102 -2.39 40.54 25.08
N VAL D 103 -3.35 41.27 25.66
CA VAL D 103 -3.45 41.36 27.11
C VAL D 103 -4.53 40.42 27.62
N VAL D 104 -4.12 39.41 28.38
CA VAL D 104 -5.06 38.44 28.92
C VAL D 104 -5.15 38.58 30.43
N ILE D 105 -6.34 38.34 30.96
CA ILE D 105 -6.60 38.51 32.37
C ILE D 105 -7.23 37.24 32.93
N GLY D 106 -6.56 36.61 33.89
CA GLY D 106 -7.05 35.37 34.44
C GLY D 106 -7.99 35.54 35.61
N MET D 107 -9.28 35.50 35.35
CA MET D 107 -10.25 35.49 36.44
C MET D 107 -10.15 34.14 37.14
N GLY D 108 -9.48 33.21 36.47
CA GLY D 108 -9.17 31.91 37.05
C GLY D 108 -7.82 31.45 36.56
N ALA D 109 -7.21 30.52 37.30
CA ALA D 109 -5.93 29.96 36.89
C ALA D 109 -5.85 28.47 37.19
N CYS D 110 -5.64 27.68 36.14
CA CYS D 110 -5.43 26.25 36.30
C CYS D 110 -3.97 26.02 36.69
N THR D 111 -3.65 24.81 37.11
CA THR D 111 -2.28 24.50 37.49
C THR D 111 -2.03 23.01 37.71
N ASP D 112 -0.81 22.56 37.41
CA ASP D 112 -0.41 21.19 37.68
C ASP D 112 0.39 21.14 38.97
N SER D 113 0.21 22.16 39.80
CA SER D 113 0.82 22.21 41.13
C SER D 113 -0.06 21.47 42.13
N LYS D 114 0.50 21.16 43.29
CA LYS D 114 -0.24 20.44 44.31
C LYS D 114 -0.58 21.31 45.53
N VAL D 115 -0.23 22.60 45.46
CA VAL D 115 -0.47 23.51 46.58
C VAL D 115 -1.94 23.59 46.99
N ASN D 116 -2.82 23.79 46.01
CA ASN D 116 -4.23 23.98 46.33
C ASN D 116 -4.91 22.69 46.79
N ARG D 117 -4.45 21.56 46.29
CA ARG D 117 -4.96 20.27 46.75
C ARG D 117 -4.61 20.08 48.22
N ILE D 118 -3.44 20.57 48.61
CA ILE D 118 -3.02 20.54 50.00
C ILE D 118 -3.96 21.40 50.85
N ARG D 119 -4.15 22.65 50.42
CA ARG D 119 -5.06 23.57 51.11
C ARG D 119 -6.48 23.04 51.16
N PHE D 120 -6.89 22.34 50.10
CA PHE D 120 -8.31 22.04 49.88
C PHE D 120 -8.63 20.55 49.98
N LYS D 121 -8.12 19.90 51.02
CA LYS D 121 -8.30 18.45 51.23
C LYS D 121 -8.32 17.63 49.95
N ASP D 122 -7.39 17.91 49.05
CA ASP D 122 -7.19 17.13 47.83
C ASP D 122 -8.39 17.17 46.90
N HIS D 123 -9.15 18.26 46.94
CA HIS D 123 -10.25 18.46 46.00
C HIS D 123 -9.87 19.56 45.03
N ASP D 124 -10.81 19.95 44.17
CA ASP D 124 -10.54 20.99 43.19
C ASP D 124 -10.92 22.36 43.73
N PHE D 125 -9.92 23.21 43.95
CA PHE D 125 -10.17 24.59 44.34
C PHE D 125 -10.03 25.49 43.13
N ALA D 126 -11.10 26.18 42.77
CA ALA D 126 -11.07 27.10 41.64
C ALA D 126 -10.23 28.34 41.97
N ALA D 127 -8.97 28.31 41.55
CA ALA D 127 -8.08 29.44 41.77
C ALA D 127 -8.55 30.66 41.00
N ILE D 128 -9.33 31.51 41.65
CA ILE D 128 -9.92 32.67 40.99
C ILE D 128 -9.40 33.99 41.54
N ALA D 129 -9.44 35.02 40.71
CA ALA D 129 -9.05 36.37 41.13
C ALA D 129 -10.22 37.07 41.80
N ASP D 130 -10.01 38.31 42.22
CA ASP D 130 -11.08 39.13 42.76
C ASP D 130 -11.85 39.77 41.61
N PHE D 131 -13.17 39.57 41.60
CA PHE D 131 -14.00 40.05 40.50
C PHE D 131 -13.86 41.55 40.25
N ASP D 132 -14.16 42.36 41.27
CA ASP D 132 -14.10 43.81 41.12
C ASP D 132 -12.74 44.23 40.62
N MET D 133 -11.72 43.54 41.12
CA MET D 133 -10.35 43.78 40.69
C MET D 133 -10.21 43.45 39.21
N VAL D 134 -10.84 42.35 38.79
CA VAL D 134 -10.84 41.94 37.39
C VAL D 134 -11.55 42.98 36.53
N ARG D 135 -12.67 43.48 37.06
CA ARG D 135 -13.48 44.46 36.34
C ARG D 135 -12.73 45.79 36.20
N ASN D 136 -12.11 46.25 37.28
CA ASN D 136 -11.27 47.43 37.24
C ASN D 136 -10.29 47.34 36.07
N ALA D 137 -9.65 46.18 35.95
CA ALA D 137 -8.66 45.96 34.89
C ALA D 137 -9.29 46.04 33.51
N VAL D 138 -10.39 45.31 33.33
CA VAL D 138 -11.10 45.29 32.04
C VAL D 138 -11.52 46.70 31.63
N ASP D 139 -12.11 47.44 32.57
CA ASP D 139 -12.55 48.81 32.31
C ASP D 139 -11.39 49.76 32.04
N ALA D 140 -10.35 49.69 32.88
CA ALA D 140 -9.18 50.54 32.68
C ALA D 140 -8.59 50.29 31.30
N ALA D 141 -8.62 49.04 30.87
CA ALA D 141 -8.11 48.67 29.55
C ALA D 141 -8.92 49.31 28.44
N LYS D 142 -10.25 49.26 28.57
CA LYS D 142 -11.12 49.86 27.57
C LYS D 142 -10.83 51.35 27.44
N ALA D 143 -10.41 51.97 28.54
CA ALA D 143 -10.08 53.39 28.55
C ALA D 143 -8.77 53.67 27.83
N LEU D 144 -7.87 52.68 27.81
CA LEU D 144 -6.60 52.83 27.12
C LEU D 144 -6.69 52.34 25.68
N GLY D 145 -7.91 52.08 25.23
CA GLY D 145 -8.13 51.63 23.86
C GLY D 145 -7.63 50.22 23.62
N ILE D 146 -7.44 49.48 24.71
CA ILE D 146 -6.95 48.11 24.63
C ILE D 146 -8.05 47.11 24.94
N ASP D 147 -8.17 46.10 24.11
CA ASP D 147 -9.10 45.01 24.36
C ASP D 147 -8.38 43.88 25.09
N ALA D 148 -8.98 43.41 26.17
CA ALA D 148 -8.34 42.42 27.02
C ALA D 148 -9.20 41.18 27.19
N ARG D 149 -8.57 40.01 27.11
CA ARG D 149 -9.28 38.75 27.28
C ARG D 149 -9.34 38.33 28.74
N VAL D 150 -10.53 37.97 29.20
CA VAL D 150 -10.69 37.47 30.56
C VAL D 150 -10.99 35.97 30.50
N GLY D 151 -10.14 35.17 31.11
CA GLY D 151 -10.31 33.73 31.09
C GLY D 151 -9.37 32.99 32.00
N ASN D 152 -9.04 31.75 31.63
CA ASN D 152 -8.17 30.91 32.42
C ASN D 152 -6.71 31.00 32.01
N LEU D 153 -5.83 31.04 33.00
CA LEU D 153 -4.40 30.89 32.77
C LEU D 153 -4.01 29.49 33.18
N PHE D 154 -2.79 29.09 32.86
CA PHE D 154 -2.26 27.85 33.38
C PHE D 154 -0.93 28.10 34.08
N SER D 155 -0.94 27.97 35.40
CA SER D 155 0.27 28.10 36.20
C SER D 155 1.01 26.77 36.19
N ALA D 156 2.20 26.76 35.62
CA ALA D 156 2.97 25.54 35.48
C ALA D 156 4.20 25.52 36.39
N ASP D 157 4.45 24.38 37.02
CA ASP D 157 5.66 24.18 37.80
C ASP D 157 6.88 24.09 36.89
N LEU D 158 6.76 23.30 35.82
CA LEU D 158 7.89 23.02 34.93
C LEU D 158 7.89 23.85 33.67
N PHE D 159 8.73 24.88 33.62
CA PHE D 159 8.91 25.67 32.43
C PHE D 159 9.32 24.73 31.29
N TYR D 160 10.03 23.68 31.64
CA TYR D 160 10.40 22.63 30.69
C TYR D 160 9.67 21.33 31.04
N SER D 161 8.42 21.23 30.60
CA SER D 161 7.58 20.08 30.96
C SER D 161 7.81 18.86 30.07
N PRO D 162 7.83 17.67 30.68
CA PRO D 162 8.03 16.39 29.98
C PRO D 162 6.79 15.97 29.21
N ASP D 163 5.71 16.75 29.34
CA ASP D 163 4.45 16.40 28.72
C ASP D 163 4.06 17.41 27.64
N GLY D 164 4.11 16.96 26.39
CA GLY D 164 3.82 17.84 25.26
C GLY D 164 2.35 17.88 24.90
N GLU D 165 1.63 16.81 25.23
CA GLU D 165 0.21 16.72 24.89
C GLU D 165 -0.64 17.61 25.77
N MET D 166 -0.01 18.20 26.79
CA MET D 166 -0.73 19.04 27.74
C MET D 166 -1.18 20.37 27.11
N PHE D 167 -0.39 20.89 26.18
CA PHE D 167 -0.74 22.13 25.50
C PHE D 167 -2.03 21.99 24.71
N ASP D 168 -2.27 20.79 24.19
CA ASP D 168 -3.47 20.54 23.41
C ASP D 168 -4.69 20.44 24.32
N VAL D 169 -4.47 19.99 25.55
CA VAL D 169 -5.53 19.95 26.54
C VAL D 169 -5.87 21.37 27.00
N MET D 170 -4.85 22.22 27.12
CA MET D 170 -5.07 23.62 27.45
C MET D 170 -5.87 24.34 26.37
N GLU D 171 -5.48 24.12 25.12
CA GLU D 171 -6.19 24.72 23.99
C GLU D 171 -7.61 24.18 23.88
N LYS D 172 -7.77 22.88 24.13
CA LYS D 172 -9.09 22.26 24.07
C LYS D 172 -10.04 22.84 25.11
N TYR D 173 -9.49 23.23 26.26
CA TYR D 173 -10.31 23.75 27.34
C TYR D 173 -10.21 25.26 27.50
N GLY D 174 -9.63 25.92 26.51
CA GLY D 174 -9.74 27.36 26.36
C GLY D 174 -8.75 28.25 27.07
N ILE D 175 -7.69 27.65 27.63
CA ILE D 175 -6.68 28.43 28.34
C ILE D 175 -6.17 29.58 27.45
N LEU D 176 -6.15 30.78 28.02
CA LEU D 176 -5.71 31.95 27.29
C LEU D 176 -4.20 32.08 27.25
N GLY D 177 -3.58 32.07 28.42
CA GLY D 177 -2.15 32.19 28.52
C GLY D 177 -1.55 31.13 29.44
N VAL D 178 -0.27 30.83 29.22
CA VAL D 178 0.43 29.87 30.06
C VAL D 178 1.57 30.57 30.80
N GLU D 179 1.48 30.57 32.12
CA GLU D 179 2.52 31.16 32.96
C GLU D 179 2.81 30.24 34.15
N MET D 180 3.32 30.80 35.24
CA MET D 180 3.82 29.94 36.34
C MET D 180 3.43 30.34 37.76
N GLU D 181 2.58 31.36 37.93
CA GLU D 181 2.32 31.88 39.26
C GLU D 181 0.85 32.10 39.63
N ALA D 182 0.05 32.61 38.70
CA ALA D 182 -1.33 33.00 38.99
C ALA D 182 -2.06 32.08 39.98
N ALA D 183 -2.06 30.79 39.71
CA ALA D 183 -2.79 29.84 40.56
C ALA D 183 -2.28 29.87 42.00
N GLY D 184 -0.99 30.13 42.16
CA GLY D 184 -0.40 30.20 43.49
C GLY D 184 -0.80 31.45 44.23
N ILE D 185 -0.68 32.60 43.56
CA ILE D 185 -1.04 33.87 44.17
C ILE D 185 -2.52 33.88 44.53
N TYR D 186 -3.33 33.21 43.72
CA TYR D 186 -4.77 33.14 43.97
C TYR D 186 -5.10 32.26 45.17
N GLY D 187 -4.28 31.24 45.40
CA GLY D 187 -4.47 30.37 46.55
C GLY D 187 -4.15 31.12 47.83
N VAL D 188 -3.07 31.90 47.80
CA VAL D 188 -2.65 32.67 48.96
C VAL D 188 -3.67 33.77 49.30
N ALA D 189 -4.17 34.45 48.28
CA ALA D 189 -5.17 35.49 48.48
C ALA D 189 -6.39 34.91 49.15
N ALA D 190 -6.73 33.68 48.76
CA ALA D 190 -7.89 32.99 49.33
C ALA D 190 -7.65 32.61 50.80
N GLU D 191 -6.44 32.13 51.09
CA GLU D 191 -6.09 31.64 52.41
C GLU D 191 -6.03 32.75 53.47
N PHE D 192 -5.54 33.92 53.10
CA PHE D 192 -5.30 34.98 54.07
C PHE D 192 -6.25 36.16 53.92
N GLY D 193 -7.33 35.95 53.18
CA GLY D 193 -8.39 36.94 53.07
C GLY D 193 -7.99 38.23 52.36
N ALA D 194 -7.19 38.12 51.31
CA ALA D 194 -6.82 39.27 50.52
C ALA D 194 -7.34 39.13 49.10
N LYS D 195 -7.04 40.11 48.25
CA LYS D 195 -7.50 40.09 46.87
C LYS D 195 -6.31 40.16 45.92
N ALA D 196 -6.33 39.33 44.89
CA ALA D 196 -5.24 39.30 43.90
C ALA D 196 -5.75 39.25 42.48
N LEU D 197 -4.86 39.56 41.54
CA LEU D 197 -5.20 39.55 40.12
C LEU D 197 -3.94 39.39 39.29
N THR D 198 -4.02 38.59 38.23
CA THR D 198 -2.90 38.40 37.34
C THR D 198 -3.21 38.93 35.95
N ILE D 199 -2.42 39.89 35.49
CA ILE D 199 -2.56 40.43 34.14
C ILE D 199 -1.35 40.02 33.31
N CYS D 200 -1.60 39.42 32.14
CA CYS D 200 -0.53 38.88 31.34
C CYS D 200 -0.51 39.37 29.89
N THR D 201 0.68 39.53 29.35
CA THR D 201 0.86 39.86 27.95
C THR D 201 1.46 38.67 27.23
N VAL D 202 0.84 38.29 26.11
CA VAL D 202 1.32 37.16 25.33
C VAL D 202 2.66 37.48 24.69
N SER D 203 3.72 36.82 25.16
CA SER D 203 5.06 37.08 24.65
C SER D 203 5.49 35.97 23.69
N ASP D 204 4.84 34.82 23.81
CA ASP D 204 5.14 33.68 22.96
C ASP D 204 3.86 33.00 22.53
N HIS D 205 3.81 32.58 21.27
CA HIS D 205 2.74 31.72 20.82
C HIS D 205 3.35 30.35 20.58
N ILE D 206 2.93 29.37 21.38
CA ILE D 206 3.48 28.03 21.32
C ILE D 206 3.11 27.34 20.01
N ARG D 207 2.02 27.79 19.40
CA ARG D 207 1.52 27.20 18.15
C ARG D 207 2.26 27.72 16.91
N THR D 208 2.24 29.04 16.71
CA THR D 208 2.88 29.65 15.54
C THR D 208 4.38 29.91 15.81
N HIS D 209 4.78 29.80 17.07
CA HIS D 209 6.17 29.95 17.47
C HIS D 209 6.78 31.33 17.21
N GLU D 210 6.01 32.37 17.50
CA GLU D 210 6.51 33.74 17.42
C GLU D 210 7.11 34.15 18.76
N GLN D 211 7.95 35.17 18.73
CA GLN D 211 8.49 35.76 19.96
C GLN D 211 8.54 37.27 19.86
N THR D 212 8.68 37.94 20.99
CA THR D 212 8.63 39.40 21.03
C THR D 212 10.02 40.03 20.96
N THR D 213 10.22 40.86 19.95
CA THR D 213 11.45 41.64 19.82
C THR D 213 11.47 42.70 20.91
N ALA D 214 12.67 43.08 21.35
CA ALA D 214 12.81 44.09 22.40
C ALA D 214 12.00 45.35 22.08
N ALA D 215 11.99 45.74 20.82
CA ALA D 215 11.28 46.94 20.38
C ALA D 215 9.80 46.89 20.73
N GLU D 216 9.18 45.73 20.58
CA GLU D 216 7.76 45.54 20.86
C GLU D 216 7.53 45.03 22.28
N ARG D 217 8.44 44.18 22.73
CA ARG D 217 8.32 43.49 24.01
C ARG D 217 8.19 44.43 25.22
N GLN D 218 8.64 45.68 25.06
CA GLN D 218 8.55 46.64 26.16
C GLN D 218 7.36 47.60 26.06
N THR D 219 6.93 47.89 24.84
CA THR D 219 5.76 48.74 24.66
C THR D 219 4.51 48.02 25.12
N THR D 220 4.57 46.69 25.14
CA THR D 220 3.46 45.87 25.59
C THR D 220 3.46 45.71 27.11
N PHE D 221 4.66 45.71 27.70
CA PHE D 221 4.80 45.67 29.15
C PHE D 221 4.39 47.02 29.75
N ASN D 222 4.63 48.10 29.01
CA ASN D 222 4.17 49.42 29.44
C ASN D 222 2.65 49.51 29.45
N ASP D 223 2.02 48.92 28.44
CA ASP D 223 0.56 48.91 28.36
C ASP D 223 -0.06 48.09 29.49
N MET D 224 0.51 46.93 29.74
CA MET D 224 0.03 46.07 30.81
C MET D 224 0.16 46.77 32.16
N ILE D 225 1.26 47.48 32.34
CA ILE D 225 1.50 48.22 33.58
C ILE D 225 0.56 49.42 33.70
N LYS D 226 0.45 50.19 32.62
CA LYS D 226 -0.43 51.34 32.59
C LYS D 226 -1.85 50.91 32.98
N ILE D 227 -2.23 49.71 32.55
CA ILE D 227 -3.55 49.15 32.86
C ILE D 227 -3.71 48.83 34.35
N ALA D 228 -2.78 48.06 34.89
CA ALA D 228 -2.81 47.66 36.29
C ALA D 228 -2.98 48.86 37.21
N LEU D 229 -2.19 49.91 36.94
CA LEU D 229 -2.20 51.11 37.76
C LEU D 229 -3.54 51.84 37.68
N GLU D 230 -3.96 52.20 36.46
CA GLU D 230 -5.24 52.85 36.26
C GLU D 230 -6.36 51.99 36.85
N SER D 231 -6.15 50.68 36.81
CA SER D 231 -7.10 49.73 37.37
C SER D 231 -7.30 49.97 38.85
N VAL D 232 -6.18 50.22 39.54
CA VAL D 232 -6.21 50.54 40.96
C VAL D 232 -6.99 51.82 41.22
N LEU D 233 -6.72 52.85 40.42
CA LEU D 233 -7.41 54.12 40.54
C LEU D 233 -8.93 53.95 40.47
N LEU D 234 -9.37 53.10 39.55
CA LEU D 234 -10.80 52.77 39.45
C LEU D 234 -11.26 52.01 40.69
N GLY D 235 -10.41 51.12 41.18
CA GLY D 235 -10.71 50.33 42.36
C GLY D 235 -11.02 51.17 43.58
N ASP D 236 -10.40 52.35 43.65
CA ASP D 236 -10.62 53.26 44.77
C ASP D 236 -11.98 53.95 44.65
N LYS D 237 -12.29 54.45 43.46
CA LYS D 237 -13.56 55.13 43.17
C LYS D 237 -13.77 56.38 44.02
N ALA E 1 -40.86 13.73 56.24
CA ALA E 1 -40.60 14.30 54.93
C ALA E 1 -39.16 14.82 54.82
N THR E 2 -38.61 14.72 53.61
CA THR E 2 -37.27 15.20 53.36
C THR E 2 -37.33 16.32 52.33
N PRO E 3 -36.23 17.06 52.14
CA PRO E 3 -36.21 18.14 51.16
C PRO E 3 -36.43 17.63 49.73
N HIS E 4 -36.33 16.31 49.55
CA HIS E 4 -36.42 15.74 48.21
C HIS E 4 -37.59 14.77 48.05
N ILE E 5 -38.17 14.36 49.18
CA ILE E 5 -39.31 13.44 49.17
C ILE E 5 -40.44 13.95 50.07
N ASN E 6 -41.53 14.38 49.46
CA ASN E 6 -42.70 14.83 50.21
C ASN E 6 -43.56 13.66 50.66
N ALA E 7 -43.14 12.99 51.72
CA ALA E 7 -43.85 11.83 52.25
C ALA E 7 -43.42 11.56 53.68
N GLU E 8 -44.21 10.75 54.39
CA GLU E 8 -43.89 10.41 55.77
C GLU E 8 -43.65 8.92 55.94
N MET E 9 -42.94 8.54 56.99
CA MET E 9 -42.66 7.14 57.28
C MET E 9 -43.92 6.28 57.15
N GLY E 10 -43.78 5.16 56.46
CA GLY E 10 -44.89 4.25 56.23
C GLY E 10 -45.34 4.29 54.80
N ASP E 11 -45.07 5.41 54.13
CA ASP E 11 -45.50 5.61 52.74
C ASP E 11 -44.82 4.66 51.76
N PHE E 12 -43.56 4.33 52.03
CA PHE E 12 -42.80 3.41 51.19
C PHE E 12 -42.75 2.02 51.80
N ALA E 13 -42.80 0.99 50.96
CA ALA E 13 -42.57 -0.37 51.42
C ALA E 13 -41.13 -0.48 51.89
N ASP E 14 -40.77 -1.63 52.46
CA ASP E 14 -39.40 -1.84 52.92
C ASP E 14 -38.49 -2.19 51.75
N VAL E 15 -39.07 -2.39 50.57
CA VAL E 15 -38.31 -2.60 49.35
C VAL E 15 -38.74 -1.60 48.29
N VAL E 16 -37.79 -1.08 47.53
CA VAL E 16 -38.08 -0.04 46.54
C VAL E 16 -37.34 -0.26 45.22
N LEU E 17 -38.10 -0.46 44.15
CA LEU E 17 -37.51 -0.49 42.81
C LEU E 17 -37.23 0.93 42.34
N MET E 18 -36.06 1.13 41.75
CA MET E 18 -35.70 2.46 41.28
C MET E 18 -35.13 2.46 39.87
N PRO E 19 -35.92 2.93 38.91
CA PRO E 19 -35.43 3.26 37.56
C PRO E 19 -34.88 4.67 37.58
N GLY E 20 -34.05 5.01 36.61
CA GLY E 20 -33.55 6.37 36.50
C GLY E 20 -34.66 7.34 36.17
N ASP E 21 -35.58 6.90 35.32
CA ASP E 21 -36.65 7.74 34.81
C ASP E 21 -37.93 7.64 35.66
N PRO E 22 -38.36 8.78 36.23
CA PRO E 22 -39.59 8.83 37.03
C PRO E 22 -40.79 8.33 36.24
N LEU E 23 -40.84 8.72 34.96
CA LEU E 23 -41.89 8.27 34.05
C LEU E 23 -41.91 6.75 33.95
N ARG E 24 -40.73 6.13 34.00
CA ARG E 24 -40.63 4.67 34.02
C ARG E 24 -41.29 4.11 35.28
N ALA E 25 -40.99 4.73 36.41
CA ALA E 25 -41.54 4.31 37.68
C ALA E 25 -43.06 4.34 37.65
N LYS E 26 -43.60 5.40 37.07
CA LYS E 26 -45.04 5.51 36.93
C LYS E 26 -45.57 4.36 36.08
N TYR E 27 -44.79 3.96 35.08
CA TYR E 27 -45.16 2.85 34.22
C TYR E 27 -45.15 1.53 34.99
N ILE E 28 -44.17 1.38 35.88
CA ILE E 28 -44.06 0.17 36.68
C ILE E 28 -45.23 0.06 37.64
N ALA E 29 -45.56 1.17 38.28
CA ALA E 29 -46.67 1.19 39.24
C ALA E 29 -47.99 0.83 38.58
N GLU E 30 -48.21 1.32 37.37
CA GLU E 30 -49.51 1.19 36.73
C GLU E 30 -49.73 -0.11 35.97
N THR E 31 -48.65 -0.83 35.65
CA THR E 31 -48.80 -2.05 34.87
C THR E 31 -48.31 -3.32 35.58
N PHE E 32 -47.53 -3.16 36.63
CA PHE E 32 -47.01 -4.33 37.37
C PHE E 32 -47.50 -4.39 38.81
N LEU E 33 -48.10 -3.30 39.29
CA LEU E 33 -48.55 -3.23 40.67
C LEU E 33 -50.07 -3.04 40.78
N GLU E 34 -50.60 -3.39 41.95
CA GLU E 34 -52.03 -3.27 42.21
C GLU E 34 -52.30 -2.18 43.25
N ASP E 35 -53.34 -1.38 43.01
CA ASP E 35 -53.74 -0.34 43.95
C ASP E 35 -52.59 0.62 44.23
N ALA E 36 -51.75 0.85 43.22
CA ALA E 36 -50.59 1.71 43.38
C ALA E 36 -51.00 3.16 43.54
N ARG E 37 -50.46 3.81 44.57
CA ARG E 37 -50.75 5.21 44.83
C ARG E 37 -49.46 6.03 44.88
N GLU E 38 -49.54 7.28 44.44
CA GLU E 38 -48.37 8.15 44.41
C GLU E 38 -47.98 8.63 45.80
N VAL E 39 -46.70 8.52 46.12
CA VAL E 39 -46.22 8.88 47.46
C VAL E 39 -45.16 9.98 47.40
N ASN E 40 -44.83 10.43 46.20
CA ASN E 40 -43.91 11.54 46.02
C ASN E 40 -43.95 12.12 44.61
N ASN E 41 -43.94 13.44 44.51
CA ASN E 41 -43.88 14.11 43.21
C ASN E 41 -42.94 15.29 43.22
N VAL E 42 -42.10 15.40 44.25
CA VAL E 42 -41.18 16.49 44.36
C VAL E 42 -40.13 16.46 43.26
N ARG E 43 -39.88 17.64 42.67
CA ARG E 43 -38.90 17.77 41.59
C ARG E 43 -39.25 16.90 40.39
N GLY E 44 -40.43 16.30 40.42
CA GLY E 44 -40.89 15.46 39.32
C GLY E 44 -40.50 14.00 39.49
N MET E 45 -39.73 13.71 40.53
CA MET E 45 -39.30 12.34 40.79
C MET E 45 -40.46 11.51 41.35
N LEU E 46 -41.21 10.88 40.45
CA LEU E 46 -42.41 10.15 40.84
C LEU E 46 -42.12 8.91 41.67
N GLY E 47 -42.79 8.80 42.81
CA GLY E 47 -42.68 7.63 43.66
C GLY E 47 -44.04 7.04 43.93
N PHE E 48 -44.12 5.71 43.91
CA PHE E 48 -45.39 5.01 44.09
C PHE E 48 -45.27 3.84 45.05
N THR E 49 -46.39 3.48 45.67
CA THR E 49 -46.43 2.32 46.54
C THR E 49 -47.69 1.50 46.29
N GLY E 50 -47.51 0.19 46.13
CA GLY E 50 -48.63 -0.69 45.91
C GLY E 50 -48.30 -2.12 46.30
N THR E 51 -48.94 -3.07 45.64
CA THR E 51 -48.68 -4.48 45.92
C THR E 51 -48.30 -5.24 44.67
N TYR E 52 -47.47 -6.26 44.85
CA TYR E 52 -47.19 -7.21 43.79
C TYR E 52 -47.35 -8.62 44.34
N LYS E 53 -48.42 -9.28 43.93
CA LYS E 53 -48.74 -10.61 44.42
C LYS E 53 -48.85 -10.60 45.95
N GLY E 54 -49.54 -9.58 46.47
CA GLY E 54 -49.82 -9.47 47.89
C GLY E 54 -48.71 -8.79 48.67
N ARG E 55 -47.59 -8.55 48.01
CA ARG E 55 -46.41 -8.00 48.67
C ARG E 55 -46.39 -6.49 48.50
N LYS E 56 -46.28 -5.78 49.61
CA LYS E 56 -46.16 -4.33 49.59
C LYS E 56 -44.84 -3.96 48.93
N ILE E 57 -44.90 -3.10 47.92
CA ILE E 57 -43.70 -2.72 47.17
C ILE E 57 -43.79 -1.28 46.64
N SER E 58 -42.67 -0.58 46.69
CA SER E 58 -42.60 0.78 46.16
C SER E 58 -41.71 0.85 44.93
N VAL E 59 -41.94 1.84 44.09
CA VAL E 59 -41.07 2.11 42.95
C VAL E 59 -40.95 3.61 42.71
N MET E 60 -39.73 4.08 42.55
CA MET E 60 -39.50 5.50 42.41
C MET E 60 -38.25 5.80 41.59
N GLY E 61 -38.33 6.79 40.72
CA GLY E 61 -37.18 7.21 39.94
C GLY E 61 -36.07 7.71 40.86
N HIS E 62 -34.82 7.59 40.40
CA HIS E 62 -33.69 8.05 41.20
C HIS E 62 -32.86 9.11 40.47
N GLY E 63 -33.31 9.52 39.29
CA GLY E 63 -32.61 10.53 38.52
C GLY E 63 -31.31 10.01 37.96
N MET E 64 -30.60 10.86 37.23
CA MET E 64 -29.35 10.45 36.56
C MET E 64 -28.13 10.86 37.34
N GLY E 65 -27.17 9.94 37.46
CA GLY E 65 -25.91 10.22 38.12
C GLY E 65 -25.83 9.66 39.53
N ILE E 66 -24.61 9.46 40.01
CA ILE E 66 -24.41 9.00 41.38
C ILE E 66 -24.91 10.02 42.40
N PRO E 67 -24.54 11.30 42.24
CA PRO E 67 -25.01 12.32 43.17
C PRO E 67 -26.52 12.29 43.36
N SER E 68 -27.26 12.23 42.25
CA SER E 68 -28.73 12.20 42.32
C SER E 68 -29.24 11.00 43.11
N CYS E 69 -28.98 9.80 42.61
CA CYS E 69 -29.53 8.60 43.22
C CYS E 69 -29.05 8.42 44.67
N SER E 70 -27.92 9.03 45.01
CA SER E 70 -27.38 8.95 46.36
C SER E 70 -28.26 9.72 47.34
N ILE E 71 -28.76 10.86 46.89
CA ILE E 71 -29.65 11.67 47.71
C ILE E 71 -30.91 10.90 48.05
N TYR E 72 -31.51 10.28 47.04
CA TYR E 72 -32.78 9.58 47.21
C TYR E 72 -32.66 8.30 48.05
N THR E 73 -31.67 7.47 47.72
CA THR E 73 -31.49 6.21 48.43
C THR E 73 -31.17 6.47 49.90
N LYS E 74 -30.35 7.48 50.15
CA LYS E 74 -30.01 7.84 51.52
C LYS E 74 -31.27 8.19 52.29
N GLU E 75 -32.07 9.09 51.72
CA GLU E 75 -33.30 9.51 52.37
C GLU E 75 -34.26 8.34 52.56
N LEU E 76 -34.40 7.51 51.53
CA LEU E 76 -35.26 6.33 51.62
C LEU E 76 -34.88 5.44 52.80
N ILE E 77 -33.59 5.38 53.09
CA ILE E 77 -33.07 4.45 54.10
C ILE E 77 -33.11 5.00 55.52
N THR E 78 -32.77 6.28 55.67
CA THR E 78 -32.69 6.88 57.00
C THR E 78 -34.03 7.40 57.48
N ASP E 79 -34.87 7.85 56.55
CA ASP E 79 -36.13 8.51 56.91
C ASP E 79 -37.39 7.69 56.67
N PHE E 80 -37.29 6.64 55.86
CA PHE E 80 -38.48 5.89 55.47
C PHE E 80 -38.37 4.40 55.76
N GLY E 81 -37.32 4.00 56.47
CA GLY E 81 -37.18 2.63 56.95
C GLY E 81 -36.94 1.58 55.88
N VAL E 82 -36.58 2.01 54.68
CA VAL E 82 -36.33 1.07 53.59
C VAL E 82 -35.15 0.14 53.92
N LYS E 83 -35.24 -1.10 53.48
CA LYS E 83 -34.22 -2.10 53.78
C LYS E 83 -33.51 -2.57 52.51
N LYS E 84 -34.27 -2.76 51.45
CA LYS E 84 -33.72 -3.22 50.17
C LYS E 84 -34.01 -2.21 49.07
N ILE E 85 -33.02 -2.00 48.19
CA ILE E 85 -33.18 -1.12 47.05
C ILE E 85 -32.69 -1.81 45.78
N ILE E 86 -33.58 -1.94 44.80
CA ILE E 86 -33.22 -2.56 43.53
C ILE E 86 -33.26 -1.57 42.38
N ARG E 87 -32.08 -1.15 41.93
CA ARG E 87 -31.99 -0.30 40.75
C ARG E 87 -32.11 -1.14 39.49
N VAL E 88 -32.86 -0.63 38.51
CA VAL E 88 -33.03 -1.34 37.24
C VAL E 88 -32.96 -0.37 36.07
N GLY E 89 -32.00 -0.58 35.17
CA GLY E 89 -31.82 0.31 34.04
C GLY E 89 -31.05 -0.34 32.89
N SER E 90 -30.67 0.48 31.93
CA SER E 90 -29.93 0.00 30.77
C SER E 90 -28.43 0.22 30.95
N CYS E 91 -27.64 -0.47 30.14
CA CYS E 91 -26.19 -0.35 30.22
C CYS E 91 -25.54 -0.68 28.89
N GLY E 92 -24.31 -0.21 28.70
CA GLY E 92 -23.56 -0.50 27.49
C GLY E 92 -22.65 -1.70 27.69
N ALA E 93 -22.22 -2.29 26.59
CA ALA E 93 -21.32 -3.43 26.67
C ALA E 93 -20.01 -3.15 25.94
N VAL E 94 -18.92 -3.67 26.49
CA VAL E 94 -17.60 -3.52 25.89
C VAL E 94 -17.03 -4.89 25.54
N LEU E 95 -17.45 -5.92 26.27
CA LEU E 95 -17.02 -7.29 26.01
C LEU E 95 -17.70 -7.85 24.78
N PRO E 96 -16.92 -8.48 23.89
CA PRO E 96 -17.45 -9.09 22.67
C PRO E 96 -18.51 -10.14 23.00
N HIS E 97 -18.32 -10.91 24.07
CA HIS E 97 -19.23 -12.00 24.39
C HIS E 97 -20.55 -11.51 25.00
N VAL E 98 -20.52 -10.31 25.58
CA VAL E 98 -21.73 -9.71 26.13
C VAL E 98 -22.59 -9.12 25.00
N LYS E 99 -23.77 -9.71 24.81
CA LYS E 99 -24.65 -9.36 23.69
C LYS E 99 -25.75 -8.38 24.07
N LEU E 100 -26.22 -7.62 23.09
CA LEU E 100 -27.37 -6.75 23.28
C LEU E 100 -28.54 -7.56 23.81
N ARG E 101 -29.40 -6.92 24.59
CA ARG E 101 -30.58 -7.58 25.15
C ARG E 101 -30.25 -8.44 26.38
N ASP E 102 -28.97 -8.70 26.61
CA ASP E 102 -28.54 -9.47 27.76
C ASP E 102 -28.87 -8.77 29.07
N VAL E 103 -29.17 -9.55 30.09
CA VAL E 103 -29.40 -9.01 31.43
C VAL E 103 -28.14 -9.18 32.27
N VAL E 104 -27.71 -8.10 32.91
CA VAL E 104 -26.51 -8.15 33.73
C VAL E 104 -26.78 -7.71 35.16
N ILE E 105 -26.32 -8.52 36.12
CA ILE E 105 -26.50 -8.24 37.54
C ILE E 105 -25.16 -7.84 38.15
N GLY E 106 -25.05 -6.58 38.55
CA GLY E 106 -23.81 -6.10 39.12
C GLY E 106 -23.63 -6.50 40.56
N MET E 107 -22.88 -7.58 40.80
CA MET E 107 -22.54 -7.96 42.16
C MET E 107 -21.47 -7.01 42.66
N GLY E 108 -20.80 -6.36 41.71
CA GLY E 108 -19.81 -5.34 41.99
C GLY E 108 -19.95 -4.16 41.03
N ALA E 109 -19.59 -2.97 41.50
CA ALA E 109 -19.69 -1.77 40.66
C ALA E 109 -18.43 -0.91 40.69
N CYS E 110 -17.73 -0.88 39.56
CA CYS E 110 -16.60 0.02 39.38
C CYS E 110 -17.12 1.43 39.12
N THR E 111 -16.23 2.42 39.21
CA THR E 111 -16.63 3.80 38.97
C THR E 111 -15.42 4.74 38.88
N ASP E 112 -15.59 5.85 38.18
CA ASP E 112 -14.56 6.88 38.15
C ASP E 112 -15.02 8.06 38.99
N SER E 113 -16.01 7.81 39.85
CA SER E 113 -16.47 8.81 40.81
C SER E 113 -15.56 8.79 42.03
N LYS E 114 -15.58 9.89 42.78
CA LYS E 114 -14.69 10.03 43.92
C LYS E 114 -15.44 9.88 45.25
N VAL E 115 -16.74 9.62 45.17
CA VAL E 115 -17.58 9.55 46.37
C VAL E 115 -17.12 8.51 47.39
N ASN E 116 -16.65 7.37 46.91
CA ASN E 116 -16.24 6.28 47.81
C ASN E 116 -14.86 6.45 48.42
N ARG E 117 -13.95 7.05 47.66
CA ARG E 117 -12.63 7.39 48.19
C ARG E 117 -12.82 8.45 49.26
N ILE E 118 -13.86 9.26 49.11
CA ILE E 118 -14.21 10.22 50.14
C ILE E 118 -14.71 9.49 51.37
N ARG E 119 -15.44 8.39 51.15
CA ARG E 119 -15.97 7.60 52.24
C ARG E 119 -14.90 6.73 52.90
N PHE E 120 -14.05 6.12 52.08
CA PHE E 120 -13.15 5.06 52.53
C PHE E 120 -11.70 5.53 52.65
N LYS E 121 -11.51 6.69 53.26
CA LYS E 121 -10.17 7.26 53.45
C LYS E 121 -9.28 7.11 52.22
N ASP E 122 -9.83 7.43 51.06
CA ASP E 122 -9.08 7.46 49.81
C ASP E 122 -8.45 6.12 49.44
N HIS E 123 -9.02 5.04 49.95
CA HIS E 123 -8.58 3.70 49.57
C HIS E 123 -9.60 3.07 48.63
N ASP E 124 -9.36 1.82 48.24
CA ASP E 124 -10.28 1.13 47.35
C ASP E 124 -11.42 0.48 48.12
N PHE E 125 -12.64 0.95 47.86
CA PHE E 125 -13.82 0.31 48.41
C PHE E 125 -14.56 -0.47 47.33
N ALA E 126 -14.62 -1.78 47.49
CA ALA E 126 -15.33 -2.64 46.55
C ALA E 126 -16.84 -2.47 46.71
N ALA E 127 -17.42 -1.55 45.95
CA ALA E 127 -18.86 -1.31 45.98
C ALA E 127 -19.62 -2.54 45.50
N ILE E 128 -20.11 -3.32 46.45
CA ILE E 128 -20.77 -4.59 46.15
C ILE E 128 -22.24 -4.58 46.51
N ALA E 129 -23.00 -5.46 45.88
CA ALA E 129 -24.42 -5.63 46.20
C ALA E 129 -24.58 -6.65 47.31
N ASP E 130 -25.78 -6.73 47.87
CA ASP E 130 -26.08 -7.78 48.82
C ASP E 130 -26.08 -9.10 48.09
N PHE E 131 -25.42 -10.11 48.66
CA PHE E 131 -25.33 -11.41 48.01
C PHE E 131 -26.70 -12.03 47.80
N ASP E 132 -27.49 -12.08 48.87
CA ASP E 132 -28.81 -12.67 48.82
C ASP E 132 -29.65 -12.08 47.68
N MET E 133 -29.61 -10.75 47.56
CA MET E 133 -30.36 -10.06 46.51
C MET E 133 -29.85 -10.45 45.12
N VAL E 134 -28.54 -10.55 44.99
CA VAL E 134 -27.92 -10.98 43.74
C VAL E 134 -28.42 -12.38 43.36
N ARG E 135 -28.37 -13.28 44.34
CA ARG E 135 -28.80 -14.67 44.12
C ARG E 135 -30.30 -14.77 43.87
N ASN E 136 -31.08 -14.03 44.64
CA ASN E 136 -32.52 -13.99 44.45
C ASN E 136 -32.86 -13.65 43.00
N ALA E 137 -32.20 -12.62 42.48
CA ALA E 137 -32.43 -12.17 41.11
C ALA E 137 -32.01 -13.23 40.11
N VAL E 138 -30.87 -13.85 40.34
CA VAL E 138 -30.38 -14.90 39.47
C VAL E 138 -31.41 -16.02 39.35
N ASP E 139 -31.95 -16.45 40.50
CA ASP E 139 -32.93 -17.52 40.54
C ASP E 139 -34.25 -17.09 39.88
N ALA E 140 -34.69 -15.88 40.19
CA ALA E 140 -35.91 -15.34 39.61
C ALA E 140 -35.86 -15.33 38.09
N ALA E 141 -34.71 -14.93 37.54
CA ALA E 141 -34.53 -14.91 36.10
C ALA E 141 -34.51 -16.33 35.52
N LYS E 142 -33.86 -17.24 36.25
CA LYS E 142 -33.79 -18.63 35.82
C LYS E 142 -35.18 -19.23 35.72
N ALA E 143 -36.05 -18.87 36.65
CA ALA E 143 -37.44 -19.33 36.62
C ALA E 143 -38.12 -18.85 35.34
N LEU E 144 -37.96 -17.57 35.03
CA LEU E 144 -38.54 -17.00 33.81
C LEU E 144 -37.74 -17.42 32.59
N GLY E 145 -36.83 -18.37 32.78
CA GLY E 145 -36.02 -18.89 31.69
C GLY E 145 -35.19 -17.83 30.99
N ILE E 146 -34.50 -17.01 31.77
CA ILE E 146 -33.64 -15.97 31.22
C ILE E 146 -32.22 -16.08 31.78
N ASP E 147 -31.26 -16.34 30.90
CA ASP E 147 -29.86 -16.38 31.30
C ASP E 147 -29.45 -15.01 31.83
N ALA E 148 -28.58 -15.00 32.82
CA ALA E 148 -28.15 -13.74 33.43
C ALA E 148 -26.69 -13.78 33.81
N ARG E 149 -25.98 -12.71 33.47
CA ARG E 149 -24.56 -12.60 33.80
C ARG E 149 -24.39 -11.88 35.12
N VAL E 150 -23.52 -12.42 35.97
CA VAL E 150 -23.23 -11.78 37.25
C VAL E 150 -21.77 -11.36 37.28
N GLY E 151 -21.54 -10.05 37.43
CA GLY E 151 -20.18 -9.54 37.49
C GLY E 151 -20.11 -8.05 37.81
N ASN E 152 -19.01 -7.43 37.40
CA ASN E 152 -18.80 -6.01 37.62
C ASN E 152 -19.56 -5.12 36.65
N LEU E 153 -20.03 -3.99 37.15
CA LEU E 153 -20.53 -2.93 36.29
C LEU E 153 -19.57 -1.75 36.38
N PHE E 154 -19.77 -0.74 35.54
CA PHE E 154 -19.01 0.49 35.67
C PHE E 154 -19.94 1.69 35.81
N SER E 155 -19.80 2.41 36.92
CA SER E 155 -20.60 3.60 37.16
C SER E 155 -19.82 4.84 36.74
N ALA E 156 -20.21 5.42 35.60
CA ALA E 156 -19.54 6.57 35.04
C ALA E 156 -20.19 7.88 35.49
N ASP E 157 -19.36 8.89 35.73
CA ASP E 157 -19.85 10.22 36.05
C ASP E 157 -20.24 10.96 34.78
N LEU E 158 -19.56 10.66 33.69
CA LEU E 158 -19.81 11.35 32.43
C LEU E 158 -20.40 10.43 31.35
N PHE E 159 -21.65 10.67 31.02
CA PHE E 159 -22.32 9.97 29.95
C PHE E 159 -21.61 10.25 28.62
N TYR E 160 -21.21 11.50 28.43
CA TYR E 160 -20.40 11.87 27.27
C TYR E 160 -18.95 12.04 27.68
N SER E 161 -18.22 10.92 27.70
CA SER E 161 -16.86 10.88 28.22
C SER E 161 -15.79 11.21 27.19
N PRO E 162 -14.82 12.05 27.58
CA PRO E 162 -13.69 12.45 26.73
C PRO E 162 -12.62 11.37 26.69
N ASP E 163 -12.66 10.46 27.66
CA ASP E 163 -11.66 9.43 27.80
C ASP E 163 -12.11 8.13 27.12
N GLY E 164 -12.00 8.10 25.80
CA GLY E 164 -12.43 6.93 25.03
C GLY E 164 -11.55 5.72 25.25
N GLU E 165 -10.30 5.97 25.66
CA GLU E 165 -9.34 4.91 25.89
C GLU E 165 -9.69 4.09 27.12
N MET E 166 -10.64 4.59 27.91
CA MET E 166 -11.01 3.93 29.16
C MET E 166 -11.80 2.64 28.94
N PHE E 167 -12.54 2.56 27.84
CA PHE E 167 -13.39 1.40 27.57
C PHE E 167 -12.54 0.16 27.33
N ASP E 168 -11.36 0.34 26.75
CA ASP E 168 -10.45 -0.78 26.53
C ASP E 168 -10.04 -1.36 27.88
N VAL E 169 -9.90 -0.50 28.89
CA VAL E 169 -9.57 -0.94 30.23
C VAL E 169 -10.73 -1.73 30.83
N MET E 170 -11.94 -1.19 30.69
CA MET E 170 -13.15 -1.88 31.16
C MET E 170 -13.23 -3.28 30.56
N GLU E 171 -12.95 -3.39 29.27
CA GLU E 171 -12.97 -4.69 28.62
C GLU E 171 -11.86 -5.60 29.16
N LYS E 172 -10.67 -5.05 29.33
CA LYS E 172 -9.53 -5.83 29.77
C LYS E 172 -9.75 -6.44 31.15
N TYR E 173 -10.72 -5.92 31.88
CA TYR E 173 -11.00 -6.42 33.22
C TYR E 173 -12.46 -6.88 33.39
N GLY E 174 -13.09 -7.21 32.27
CA GLY E 174 -14.36 -7.91 32.28
C GLY E 174 -15.57 -7.16 32.78
N ILE E 175 -15.53 -5.84 32.73
CA ILE E 175 -16.71 -5.05 33.07
C ILE E 175 -17.86 -5.48 32.14
N LEU E 176 -18.95 -5.96 32.74
CA LEU E 176 -20.06 -6.51 31.98
C LEU E 176 -20.91 -5.42 31.33
N GLY E 177 -21.28 -4.42 32.12
CA GLY E 177 -22.11 -3.34 31.62
C GLY E 177 -21.68 -1.99 32.14
N VAL E 178 -22.01 -0.94 31.38
CA VAL E 178 -21.69 0.43 31.78
C VAL E 178 -22.96 1.22 32.05
N GLU E 179 -23.10 1.72 33.28
CA GLU E 179 -24.21 2.61 33.62
C GLU E 179 -23.72 3.81 34.42
N MET E 180 -24.58 4.38 35.27
CA MET E 180 -24.19 5.61 35.96
C MET E 180 -24.65 5.74 37.42
N GLU E 181 -25.02 4.63 38.05
CA GLU E 181 -25.54 4.71 39.42
C GLU E 181 -25.05 3.62 40.37
N ALA E 182 -24.97 2.39 39.88
CA ALA E 182 -24.62 1.21 40.70
C ALA E 182 -23.70 1.48 41.90
N ALA E 183 -22.50 1.96 41.62
CA ALA E 183 -21.50 2.18 42.68
C ALA E 183 -21.95 3.21 43.71
N GLY E 184 -22.70 4.20 43.26
CA GLY E 184 -23.24 5.21 44.15
C GLY E 184 -24.23 4.61 45.13
N ILE E 185 -25.10 3.74 44.64
CA ILE E 185 -26.10 3.10 45.49
C ILE E 185 -25.46 2.13 46.48
N TYR E 186 -24.47 1.36 46.02
CA TYR E 186 -23.80 0.42 46.90
C TYR E 186 -23.06 1.15 48.02
N GLY E 187 -22.46 2.28 47.68
CA GLY E 187 -21.74 3.09 48.65
C GLY E 187 -22.66 3.61 49.72
N VAL E 188 -23.82 4.10 49.31
CA VAL E 188 -24.84 4.58 50.23
C VAL E 188 -25.36 3.42 51.09
N ALA E 189 -25.61 2.29 50.45
CA ALA E 189 -26.08 1.09 51.13
C ALA E 189 -25.12 0.73 52.27
N ALA E 190 -23.84 0.69 51.96
CA ALA E 190 -22.83 0.38 52.97
C ALA E 190 -22.77 1.43 54.09
N GLU E 191 -22.89 2.70 53.71
CA GLU E 191 -22.74 3.80 54.66
C GLU E 191 -23.85 3.86 55.72
N PHE E 192 -25.04 3.40 55.35
CA PHE E 192 -26.20 3.52 56.23
C PHE E 192 -26.82 2.18 56.63
N GLY E 193 -26.17 1.09 56.24
CA GLY E 193 -26.58 -0.23 56.67
C GLY E 193 -27.85 -0.72 56.01
N ALA E 194 -27.85 -0.75 54.69
CA ALA E 194 -28.96 -1.29 53.93
C ALA E 194 -28.43 -2.22 52.85
N LYS E 195 -29.34 -2.80 52.08
CA LYS E 195 -28.95 -3.75 51.03
C LYS E 195 -29.44 -3.26 49.67
N ALA E 196 -28.54 -3.24 48.70
CA ALA E 196 -28.90 -2.78 47.36
C ALA E 196 -28.49 -3.78 46.28
N LEU E 197 -29.07 -3.62 45.09
CA LEU E 197 -28.77 -4.46 43.95
C LEU E 197 -29.14 -3.74 42.66
N THR E 198 -28.26 -3.84 41.65
CA THR E 198 -28.54 -3.23 40.35
C THR E 198 -28.59 -4.28 39.25
N ILE E 199 -29.71 -4.28 38.52
CA ILE E 199 -29.88 -5.16 37.37
C ILE E 199 -29.99 -4.31 36.12
N CYS E 200 -29.23 -4.64 35.09
CA CYS E 200 -29.22 -3.83 33.89
C CYS E 200 -29.57 -4.62 32.63
N THR E 201 -29.83 -3.89 31.55
CA THR E 201 -30.17 -4.47 30.27
C THR E 201 -29.22 -3.94 29.21
N VAL E 202 -28.38 -4.81 28.66
CA VAL E 202 -27.45 -4.40 27.62
C VAL E 202 -28.22 -3.80 26.45
N SER E 203 -28.23 -2.48 26.37
CA SER E 203 -29.05 -1.78 25.39
C SER E 203 -28.26 -1.30 24.18
N ASP E 204 -26.93 -1.44 24.25
CA ASP E 204 -26.08 -1.06 23.13
C ASP E 204 -24.63 -1.47 23.36
N HIS E 205 -23.88 -1.58 22.27
CA HIS E 205 -22.46 -1.84 22.35
C HIS E 205 -21.72 -0.54 22.04
N ILE E 206 -20.89 -0.10 22.97
CA ILE E 206 -20.26 1.21 22.89
C ILE E 206 -19.28 1.35 21.73
N ARG E 207 -18.71 0.24 21.29
CA ARG E 207 -17.78 0.23 20.17
C ARG E 207 -18.48 0.06 18.83
N THR E 208 -19.16 -1.07 18.66
CA THR E 208 -19.83 -1.39 17.41
C THR E 208 -20.93 -0.39 17.08
N HIS E 209 -21.24 0.47 18.05
CA HIS E 209 -22.31 1.46 17.89
C HIS E 209 -23.66 0.82 17.61
N GLU E 210 -23.71 -0.51 17.65
CA GLU E 210 -24.97 -1.22 17.50
C GLU E 210 -25.88 -0.88 18.66
N GLN E 211 -27.17 -0.71 18.38
CA GLN E 211 -28.15 -0.46 19.44
C GLN E 211 -29.26 -1.49 19.36
N THR E 212 -30.12 -1.50 20.38
CA THR E 212 -31.34 -2.30 20.34
C THR E 212 -32.50 -1.40 19.94
N THR E 213 -33.45 -1.95 19.21
CA THR E 213 -34.59 -1.17 18.74
C THR E 213 -35.52 -0.82 19.90
N ALA E 214 -36.35 0.20 19.70
CA ALA E 214 -37.27 0.66 20.74
C ALA E 214 -38.09 -0.50 21.30
N ALA E 215 -38.65 -1.32 20.42
CA ALA E 215 -39.46 -2.45 20.84
C ALA E 215 -38.65 -3.39 21.73
N GLU E 216 -37.35 -3.45 21.48
CA GLU E 216 -36.49 -4.36 22.21
C GLU E 216 -36.15 -3.89 23.62
N ARG E 217 -35.77 -2.62 23.75
CA ARG E 217 -35.38 -2.11 25.06
C ARG E 217 -36.56 -2.13 26.02
N GLN E 218 -37.77 -1.96 25.48
CA GLN E 218 -38.99 -1.99 26.27
C GLN E 218 -39.35 -3.41 26.70
N THR E 219 -39.18 -4.36 25.79
CA THR E 219 -39.48 -5.76 26.06
C THR E 219 -38.59 -6.33 27.16
N THR E 220 -37.29 -6.09 27.05
CA THR E 220 -36.33 -6.61 28.01
C THR E 220 -36.30 -5.75 29.27
N PHE E 221 -36.85 -4.56 29.18
CA PHE E 221 -37.00 -3.71 30.35
C PHE E 221 -38.10 -4.29 31.23
N ASN E 222 -39.16 -4.76 30.57
CA ASN E 222 -40.24 -5.44 31.26
C ASN E 222 -39.78 -6.74 31.91
N ASP E 223 -38.93 -7.48 31.20
CA ASP E 223 -38.34 -8.69 31.75
C ASP E 223 -37.56 -8.36 33.01
N MET E 224 -36.78 -7.29 32.93
CA MET E 224 -36.00 -6.83 34.06
C MET E 224 -36.91 -6.53 35.26
N ILE E 225 -38.06 -5.93 34.99
CA ILE E 225 -39.01 -5.62 36.05
C ILE E 225 -39.58 -6.88 36.70
N LYS E 226 -39.90 -7.88 35.88
CA LYS E 226 -40.41 -9.14 36.39
C LYS E 226 -39.36 -9.85 37.24
N ILE E 227 -38.10 -9.79 36.81
CA ILE E 227 -37.01 -10.36 37.57
C ILE E 227 -36.87 -9.65 38.91
N ALA E 228 -36.96 -8.33 38.88
CA ALA E 228 -36.83 -7.51 40.08
C ALA E 228 -37.89 -7.84 41.12
N LEU E 229 -39.15 -7.89 40.68
CA LEU E 229 -40.26 -8.17 41.59
C LEU E 229 -40.25 -9.62 42.09
N GLU E 230 -40.04 -10.58 41.19
CA GLU E 230 -39.97 -11.99 41.57
C GLU E 230 -38.84 -12.25 42.56
N SER E 231 -37.74 -11.52 42.41
CA SER E 231 -36.60 -11.70 43.28
C SER E 231 -36.92 -11.23 44.71
N VAL E 232 -37.73 -10.18 44.81
CA VAL E 232 -38.13 -9.67 46.12
C VAL E 232 -38.95 -10.74 46.85
N LEU E 233 -39.66 -11.56 46.09
CA LEU E 233 -40.49 -12.61 46.66
C LEU E 233 -39.66 -13.75 47.21
N LEU E 234 -38.59 -14.10 46.50
CA LEU E 234 -37.69 -15.14 46.96
C LEU E 234 -37.06 -14.73 48.29
N GLY E 235 -36.58 -13.50 48.35
CA GLY E 235 -35.98 -12.97 49.56
C GLY E 235 -36.91 -13.03 50.75
N ASP E 236 -38.21 -12.87 50.50
CA ASP E 236 -39.20 -12.95 51.56
C ASP E 236 -39.23 -14.36 52.15
N LYS E 237 -39.14 -15.36 51.28
CA LYS E 237 -39.27 -16.75 51.69
C LYS E 237 -37.90 -17.44 51.82
N ALA F 1 8.57 -13.91 71.03
CA ALA F 1 8.04 -14.49 69.79
C ALA F 1 6.94 -13.61 69.20
N THR F 2 7.04 -13.35 67.90
CA THR F 2 6.07 -12.52 67.19
C THR F 2 5.07 -13.35 66.41
N PRO F 3 4.01 -12.71 65.88
CA PRO F 3 2.97 -13.41 65.11
C PRO F 3 3.50 -14.13 63.88
N HIS F 4 4.71 -13.80 63.43
CA HIS F 4 5.27 -14.41 62.22
C HIS F 4 6.65 -15.01 62.44
N ILE F 5 7.24 -14.75 63.60
CA ILE F 5 8.54 -15.33 63.94
C ILE F 5 8.45 -16.07 65.27
N ASN F 6 8.78 -17.36 65.24
CA ASN F 6 8.81 -18.15 66.47
C ASN F 6 10.20 -18.21 67.05
N ALA F 7 10.66 -17.07 67.58
CA ALA F 7 11.96 -16.99 68.22
C ALA F 7 11.88 -16.07 69.44
N GLU F 8 12.95 -16.01 70.22
CA GLU F 8 12.98 -15.16 71.40
C GLU F 8 14.09 -14.12 71.30
N MET F 9 13.95 -13.02 72.03
CA MET F 9 14.98 -12.00 72.06
C MET F 9 16.34 -12.63 72.31
N GLY F 10 17.27 -12.41 71.38
CA GLY F 10 18.58 -13.00 71.48
C GLY F 10 18.82 -14.04 70.40
N ASP F 11 17.74 -14.59 69.86
CA ASP F 11 17.83 -15.57 68.79
C ASP F 11 18.42 -14.95 67.53
N PHE F 12 18.19 -13.66 67.35
CA PHE F 12 18.73 -12.95 66.19
C PHE F 12 19.84 -12.00 66.61
N ALA F 13 20.81 -11.81 65.72
CA ALA F 13 21.87 -10.85 65.96
C ALA F 13 21.34 -9.45 65.67
N ASP F 14 22.10 -8.43 66.05
CA ASP F 14 21.66 -7.05 65.84
C ASP F 14 21.76 -6.64 64.38
N VAL F 15 22.29 -7.53 63.55
CA VAL F 15 22.33 -7.33 62.11
C VAL F 15 21.80 -8.56 61.40
N VAL F 16 20.90 -8.36 60.43
CA VAL F 16 20.27 -9.47 59.73
C VAL F 16 20.27 -9.30 58.22
N LEU F 17 20.87 -10.27 57.54
CA LEU F 17 20.81 -10.33 56.08
C LEU F 17 19.51 -10.99 55.65
N MET F 18 18.84 -10.44 54.65
CA MET F 18 17.56 -10.97 54.23
C MET F 18 17.39 -11.03 52.72
N PRO F 19 17.38 -12.26 52.18
CA PRO F 19 16.95 -12.49 50.80
C PRO F 19 15.45 -12.76 50.82
N GLY F 20 14.77 -12.60 49.70
CA GLY F 20 13.36 -12.92 49.62
C GLY F 20 13.17 -14.42 49.71
N ASP F 21 14.11 -15.16 49.14
CA ASP F 21 14.06 -16.61 49.12
C ASP F 21 14.65 -17.20 50.41
N PRO F 22 13.81 -17.83 51.23
CA PRO F 22 14.27 -18.47 52.46
C PRO F 22 15.34 -19.53 52.18
N LEU F 23 15.23 -20.22 51.05
CA LEU F 23 16.18 -21.26 50.70
C LEU F 23 17.56 -20.67 50.42
N ARG F 24 17.60 -19.39 50.05
CA ARG F 24 18.87 -18.69 49.88
C ARG F 24 19.43 -18.31 51.24
N ALA F 25 18.55 -17.98 52.18
CA ALA F 25 18.98 -17.77 53.56
C ALA F 25 19.67 -19.02 54.05
N LYS F 26 18.99 -20.16 53.86
CA LYS F 26 19.55 -21.47 54.21
C LYS F 26 20.91 -21.67 53.56
N TYR F 27 21.06 -21.21 52.33
CA TYR F 27 22.33 -21.31 51.61
C TYR F 27 23.40 -20.43 52.26
N ILE F 28 23.09 -19.15 52.42
CA ILE F 28 24.04 -18.21 52.99
C ILE F 28 24.53 -18.70 54.34
N ALA F 29 23.64 -19.32 55.10
CA ALA F 29 23.96 -19.83 56.42
C ALA F 29 24.91 -21.02 56.33
N GLU F 30 24.60 -21.95 55.45
CA GLU F 30 25.36 -23.19 55.33
C GLU F 30 26.78 -22.97 54.80
N THR F 31 26.97 -21.95 53.98
CA THR F 31 28.25 -21.80 53.29
C THR F 31 29.06 -20.56 53.71
N PHE F 32 28.40 -19.59 54.33
CA PHE F 32 29.09 -18.36 54.72
C PHE F 32 29.09 -18.12 56.23
N LEU F 33 28.12 -18.73 56.92
CA LEU F 33 28.02 -18.61 58.36
C LEU F 33 28.67 -19.81 59.04
N GLU F 34 29.12 -19.61 60.28
CA GLU F 34 29.78 -20.67 61.03
C GLU F 34 28.90 -21.08 62.20
N ASP F 35 28.81 -22.39 62.44
CA ASP F 35 27.99 -22.92 63.53
C ASP F 35 26.57 -22.36 63.48
N ALA F 36 26.09 -22.08 62.29
CA ALA F 36 24.76 -21.50 62.11
C ALA F 36 23.67 -22.44 62.61
N ARG F 37 22.63 -21.87 63.21
CA ARG F 37 21.51 -22.66 63.66
C ARG F 37 20.18 -22.03 63.27
N GLU F 38 19.21 -22.88 62.95
CA GLU F 38 17.88 -22.41 62.55
C GLU F 38 17.14 -21.83 63.75
N VAL F 39 16.74 -20.57 63.65
CA VAL F 39 16.03 -19.92 64.74
C VAL F 39 14.57 -19.63 64.38
N ASN F 40 14.17 -19.98 63.17
CA ASN F 40 12.78 -19.83 62.74
C ASN F 40 12.42 -20.69 61.54
N ASN F 41 11.20 -21.23 61.55
CA ASN F 41 10.70 -22.02 60.43
C ASN F 41 9.22 -21.74 60.15
N VAL F 42 8.67 -20.73 60.82
CA VAL F 42 7.28 -20.36 60.62
C VAL F 42 7.00 -19.95 59.17
N ARG F 43 5.97 -20.54 58.59
CA ARG F 43 5.60 -20.27 57.20
C ARG F 43 6.74 -20.63 56.25
N GLY F 44 7.62 -21.51 56.71
CA GLY F 44 8.76 -21.92 55.91
C GLY F 44 9.75 -20.80 55.69
N MET F 45 9.56 -19.69 56.39
CA MET F 45 10.44 -18.54 56.26
C MET F 45 11.69 -18.71 57.12
N LEU F 46 12.59 -19.56 56.64
CA LEU F 46 13.78 -19.93 57.40
C LEU F 46 14.60 -18.72 57.86
N GLY F 47 15.08 -18.79 59.10
CA GLY F 47 15.95 -17.78 59.66
C GLY F 47 17.07 -18.46 60.42
N PHE F 48 18.31 -18.03 60.17
CA PHE F 48 19.46 -18.65 60.79
C PHE F 48 20.34 -17.65 61.51
N THR F 49 21.07 -18.13 62.51
CA THR F 49 22.02 -17.30 63.23
C THR F 49 23.31 -18.07 63.46
N GLY F 50 24.43 -17.48 63.05
CA GLY F 50 25.73 -18.08 63.26
C GLY F 50 26.78 -17.00 63.47
N THR F 51 28.00 -17.26 63.03
CA THR F 51 29.05 -16.26 63.11
C THR F 51 29.81 -16.13 61.80
N TYR F 52 30.26 -14.92 61.52
CA TYR F 52 31.10 -14.66 60.36
C TYR F 52 32.36 -13.95 60.81
N LYS F 53 33.49 -14.64 60.67
CA LYS F 53 34.77 -14.11 61.12
C LYS F 53 34.68 -13.67 62.56
N GLY F 54 33.93 -14.43 63.36
CA GLY F 54 33.82 -14.17 64.78
C GLY F 54 32.59 -13.36 65.17
N ARG F 55 32.12 -12.50 64.27
CA ARG F 55 30.97 -11.67 64.56
C ARG F 55 29.68 -12.48 64.46
N LYS F 56 28.73 -12.19 65.35
CA LYS F 56 27.45 -12.87 65.36
C LYS F 56 26.51 -12.27 64.33
N ILE F 57 26.09 -13.07 63.36
CA ILE F 57 25.22 -12.59 62.28
C ILE F 57 23.99 -13.48 62.09
N SER F 58 22.91 -12.89 61.59
CA SER F 58 21.70 -13.62 61.28
C SER F 58 21.30 -13.42 59.82
N VAL F 59 20.73 -14.46 59.22
CA VAL F 59 20.20 -14.36 57.87
C VAL F 59 18.84 -15.00 57.81
N MET F 60 17.86 -14.26 57.32
CA MET F 60 16.49 -14.76 57.25
C MET F 60 15.80 -14.30 55.99
N GLY F 61 15.02 -15.19 55.38
CA GLY F 61 14.20 -14.83 54.23
C GLY F 61 13.11 -13.87 54.65
N HIS F 62 12.66 -13.03 53.73
CA HIS F 62 11.62 -12.06 54.03
C HIS F 62 10.41 -12.17 53.09
N GLY F 63 10.45 -13.12 52.17
CA GLY F 63 9.37 -13.32 51.24
C GLY F 63 9.35 -12.25 50.15
N MET F 64 8.48 -12.44 49.15
CA MET F 64 8.44 -11.53 48.02
C MET F 64 7.44 -10.40 48.24
N GLY F 65 7.77 -9.21 47.74
CA GLY F 65 6.87 -8.09 47.80
C GLY F 65 7.01 -7.26 49.05
N ILE F 66 6.68 -5.98 48.95
CA ILE F 66 6.77 -5.05 50.06
C ILE F 66 6.03 -5.52 51.31
N PRO F 67 4.74 -5.86 51.16
CA PRO F 67 3.94 -6.31 52.31
C PRO F 67 4.61 -7.45 53.09
N SER F 68 5.26 -8.37 52.40
CA SER F 68 5.88 -9.50 53.06
C SER F 68 7.09 -9.09 53.88
N CYS F 69 8.00 -8.32 53.27
CA CYS F 69 9.23 -7.93 53.95
C CYS F 69 8.97 -6.91 55.04
N SER F 70 7.90 -6.13 54.87
CA SER F 70 7.52 -5.13 55.88
C SER F 70 7.13 -5.82 57.18
N ILE F 71 6.43 -6.94 57.07
CA ILE F 71 6.03 -7.69 58.24
C ILE F 71 7.25 -8.16 59.04
N TYR F 72 8.16 -8.83 58.35
CA TYR F 72 9.33 -9.41 59.01
C TYR F 72 10.29 -8.36 59.54
N THR F 73 10.55 -7.33 58.76
CA THR F 73 11.53 -6.32 59.14
C THR F 73 11.10 -5.56 60.40
N LYS F 74 9.81 -5.28 60.52
CA LYS F 74 9.34 -4.58 61.72
C LYS F 74 9.46 -5.45 62.95
N GLU F 75 8.92 -6.66 62.88
CA GLU F 75 8.96 -7.57 64.01
C GLU F 75 10.37 -7.74 64.54
N LEU F 76 11.33 -7.87 63.62
CA LEU F 76 12.73 -8.00 64.01
C LEU F 76 13.22 -6.74 64.73
N ILE F 77 12.93 -5.59 64.14
CA ILE F 77 13.35 -4.31 64.70
C ILE F 77 12.75 -4.04 66.08
N THR F 78 11.44 -4.22 66.23
CA THR F 78 10.76 -3.86 67.48
C THR F 78 10.77 -4.97 68.53
N ASP F 79 10.90 -6.22 68.12
CA ASP F 79 10.77 -7.33 69.07
C ASP F 79 12.00 -8.23 69.17
N PHE F 80 13.03 -7.93 68.39
CA PHE F 80 14.26 -8.71 68.45
C PHE F 80 15.49 -7.82 68.53
N GLY F 81 15.26 -6.53 68.72
CA GLY F 81 16.33 -5.57 68.93
C GLY F 81 17.31 -5.49 67.77
N VAL F 82 16.79 -5.56 66.55
CA VAL F 82 17.65 -5.51 65.37
C VAL F 82 17.89 -4.08 64.93
N LYS F 83 19.15 -3.76 64.61
CA LYS F 83 19.54 -2.42 64.27
C LYS F 83 19.77 -2.26 62.77
N LYS F 84 20.33 -3.29 62.14
CA LYS F 84 20.72 -3.21 60.74
C LYS F 84 20.16 -4.36 59.90
N ILE F 85 19.29 -4.01 58.95
CA ILE F 85 18.77 -4.98 57.99
C ILE F 85 19.47 -4.81 56.65
N ILE F 86 20.03 -5.89 56.13
CA ILE F 86 20.66 -5.86 54.81
C ILE F 86 19.98 -6.86 53.89
N ARG F 87 19.24 -6.34 52.91
CA ARG F 87 18.55 -7.21 51.96
C ARG F 87 19.46 -7.62 50.82
N VAL F 88 19.63 -8.93 50.65
CA VAL F 88 20.46 -9.47 49.59
C VAL F 88 19.58 -10.16 48.55
N GLY F 89 18.90 -9.38 47.71
CA GLY F 89 17.91 -9.93 46.80
C GLY F 89 18.30 -9.97 45.34
N SER F 90 17.37 -10.37 44.50
CA SER F 90 17.58 -10.40 43.06
C SER F 90 16.76 -9.30 42.39
N CYS F 91 17.27 -8.78 41.28
CA CYS F 91 16.57 -7.72 40.56
C CYS F 91 16.73 -7.87 39.05
N GLY F 92 15.90 -7.14 38.30
CA GLY F 92 15.98 -7.14 36.85
C GLY F 92 16.49 -5.81 36.34
N ALA F 93 17.27 -5.85 35.27
CA ALA F 93 17.88 -4.63 34.73
C ALA F 93 17.13 -4.10 33.52
N VAL F 94 17.09 -2.78 33.39
CA VAL F 94 16.48 -2.14 32.22
C VAL F 94 17.52 -1.35 31.43
N LEU F 95 18.65 -1.07 32.08
CA LEU F 95 19.74 -0.35 31.43
C LEU F 95 20.62 -1.30 30.61
N PRO F 96 21.02 -0.86 29.41
CA PRO F 96 21.83 -1.66 28.49
C PRO F 96 23.20 -2.00 29.09
N HIS F 97 23.77 -1.07 29.85
CA HIS F 97 25.08 -1.25 30.44
C HIS F 97 25.07 -2.25 31.58
N VAL F 98 23.94 -2.38 32.26
CA VAL F 98 23.82 -3.33 33.37
C VAL F 98 23.73 -4.76 32.84
N LYS F 99 24.73 -5.57 33.17
CA LYS F 99 24.81 -6.93 32.69
C LYS F 99 24.33 -7.90 33.75
N LEU F 100 24.05 -9.13 33.34
CA LEU F 100 23.58 -10.16 34.26
C LEU F 100 24.61 -10.37 35.38
N ARG F 101 24.13 -10.79 36.54
CA ARG F 101 25.00 -11.08 37.68
C ARG F 101 25.72 -9.86 38.23
N ASP F 102 25.45 -8.69 37.67
CA ASP F 102 25.99 -7.45 38.21
C ASP F 102 25.41 -7.17 39.58
N VAL F 103 26.22 -6.58 40.46
CA VAL F 103 25.76 -6.22 41.79
C VAL F 103 25.45 -4.73 41.88
N VAL F 104 24.21 -4.41 42.22
CA VAL F 104 23.82 -3.01 42.39
C VAL F 104 23.45 -2.74 43.84
N ILE F 105 23.80 -1.55 44.31
CA ILE F 105 23.51 -1.13 45.67
C ILE F 105 22.58 0.07 45.61
N GLY F 106 21.40 -0.06 46.23
CA GLY F 106 20.40 0.97 46.15
C GLY F 106 20.42 1.95 47.32
N MET F 107 21.07 3.08 47.14
CA MET F 107 21.07 4.12 48.16
C MET F 107 19.66 4.71 48.25
N GLY F 108 18.88 4.51 47.19
CA GLY F 108 17.50 4.95 47.16
C GLY F 108 16.66 3.95 46.41
N ALA F 109 15.38 3.86 46.78
CA ALA F 109 14.48 2.90 46.14
C ALA F 109 13.13 3.51 45.78
N CYS F 110 12.84 3.60 44.49
CA CYS F 110 11.56 4.07 44.02
C CYS F 110 10.51 2.99 44.23
N THR F 111 9.25 3.31 43.99
CA THR F 111 8.18 2.34 44.15
C THR F 111 6.87 2.80 43.53
N ASP F 112 6.03 1.84 43.16
CA ASP F 112 4.67 2.14 42.69
C ASP F 112 3.67 1.74 43.77
N SER F 113 4.20 1.21 44.87
CA SER F 113 3.39 0.85 46.03
C SER F 113 2.88 2.12 46.71
N LYS F 114 1.85 1.97 47.55
CA LYS F 114 1.24 3.11 48.20
C LYS F 114 1.58 3.19 49.69
N VAL F 115 2.44 2.29 50.16
CA VAL F 115 2.71 2.19 51.59
C VAL F 115 3.30 3.47 52.16
N ASN F 116 4.29 4.03 51.46
CA ASN F 116 5.00 5.21 51.98
C ASN F 116 4.15 6.48 51.98
N ARG F 117 3.27 6.60 50.98
CA ARG F 117 2.36 7.75 50.92
C ARG F 117 1.40 7.71 52.10
N ILE F 118 1.03 6.51 52.51
CA ILE F 118 0.17 6.33 53.68
C ILE F 118 0.89 6.79 54.94
N ARG F 119 2.19 6.52 55.00
CA ARG F 119 3.01 6.95 56.12
C ARG F 119 3.27 8.46 56.07
N PHE F 120 3.34 9.00 54.85
CA PHE F 120 3.83 10.36 54.64
C PHE F 120 2.75 11.31 54.13
N LYS F 121 1.53 11.14 54.61
CA LYS F 121 0.41 12.00 54.20
C LYS F 121 0.36 12.22 52.70
N ASP F 122 0.43 11.12 51.95
CA ASP F 122 0.34 11.15 50.49
C ASP F 122 1.34 12.14 49.86
N HIS F 123 2.54 12.19 50.41
CA HIS F 123 3.60 13.00 49.83
C HIS F 123 4.74 12.11 49.35
N ASP F 124 5.77 12.73 48.78
CA ASP F 124 6.89 11.97 48.25
C ASP F 124 7.97 11.71 49.30
N PHE F 125 7.90 10.55 49.94
CA PHE F 125 8.96 10.14 50.84
C PHE F 125 10.06 9.45 50.04
N ALA F 126 11.23 10.07 50.02
CA ALA F 126 12.38 9.48 49.32
C ALA F 126 12.97 8.37 50.16
N ALA F 127 12.57 7.13 49.86
CA ALA F 127 13.05 5.97 50.59
C ALA F 127 14.52 5.72 50.29
N ILE F 128 15.36 5.97 51.30
CA ILE F 128 16.80 5.85 51.14
C ILE F 128 17.38 4.88 52.16
N ALA F 129 18.57 4.37 51.86
CA ALA F 129 19.28 3.49 52.76
C ALA F 129 20.15 4.31 53.70
N ASP F 130 20.56 3.69 54.80
CA ASP F 130 21.51 4.32 55.71
C ASP F 130 22.81 4.58 54.95
N PHE F 131 23.32 5.80 55.03
CA PHE F 131 24.51 6.17 54.27
C PHE F 131 25.73 5.33 54.63
N ASP F 132 26.04 5.26 55.93
CA ASP F 132 27.19 4.53 56.40
C ASP F 132 27.17 3.09 55.91
N MET F 133 25.97 2.54 55.79
CA MET F 133 25.80 1.17 55.32
C MET F 133 26.10 1.06 53.84
N VAL F 134 25.74 2.10 53.09
CA VAL F 134 26.05 2.15 51.66
C VAL F 134 27.55 2.21 51.44
N ARG F 135 28.20 3.16 52.12
CA ARG F 135 29.64 3.32 52.01
C ARG F 135 30.37 2.05 52.47
N ASN F 136 29.82 1.39 53.49
CA ASN F 136 30.35 0.12 53.95
C ASN F 136 30.35 -0.94 52.87
N ALA F 137 29.26 -1.00 52.11
CA ALA F 137 29.12 -2.03 51.07
C ALA F 137 30.00 -1.71 49.87
N VAL F 138 30.21 -0.44 49.59
CA VAL F 138 31.07 -0.02 48.50
C VAL F 138 32.52 -0.30 48.86
N ASP F 139 32.89 0.02 50.10
CA ASP F 139 34.23 -0.27 50.60
C ASP F 139 34.49 -1.77 50.61
N ALA F 140 33.51 -2.55 51.05
CA ALA F 140 33.63 -4.00 51.10
C ALA F 140 33.81 -4.56 49.69
N ALA F 141 33.09 -3.98 48.73
CA ALA F 141 33.19 -4.39 47.34
C ALA F 141 34.57 -4.11 46.76
N LYS F 142 35.10 -2.93 47.08
CA LYS F 142 36.42 -2.52 46.61
C LYS F 142 37.49 -3.51 47.07
N ALA F 143 37.41 -3.91 48.33
CA ALA F 143 38.37 -4.86 48.89
C ALA F 143 38.27 -6.25 48.23
N LEU F 144 37.06 -6.63 47.86
CA LEU F 144 36.83 -7.94 47.24
C LEU F 144 37.07 -7.93 45.73
N GLY F 145 37.34 -6.75 45.19
CA GLY F 145 37.56 -6.61 43.76
C GLY F 145 36.30 -6.90 42.96
N ILE F 146 35.15 -6.49 43.50
CA ILE F 146 33.87 -6.71 42.84
C ILE F 146 33.23 -5.39 42.44
N ASP F 147 32.86 -5.27 41.17
CA ASP F 147 32.20 -4.06 40.67
C ASP F 147 30.80 -3.93 41.26
N ALA F 148 30.39 -2.69 41.51
CA ALA F 148 29.10 -2.45 42.15
C ALA F 148 28.63 -1.00 41.97
N ARG F 149 27.59 -0.82 41.18
CA ARG F 149 27.01 0.51 40.98
C ARG F 149 26.12 0.89 42.16
N VAL F 150 26.14 2.17 42.51
CA VAL F 150 25.24 2.68 43.53
C VAL F 150 24.24 3.63 42.89
N GLY F 151 22.96 3.47 43.24
CA GLY F 151 21.92 4.33 42.70
C GLY F 151 20.53 3.97 43.15
N ASN F 152 19.56 4.17 42.26
CA ASN F 152 18.17 3.86 42.54
C ASN F 152 17.75 2.46 42.14
N LEU F 153 16.96 1.81 42.99
CA LEU F 153 16.27 0.59 42.63
C LEU F 153 14.82 0.95 42.35
N PHE F 154 14.03 -0.01 41.90
CA PHE F 154 12.58 0.18 41.77
C PHE F 154 11.84 -0.96 42.46
N SER F 155 11.10 -0.63 43.51
CA SER F 155 10.34 -1.63 44.25
C SER F 155 8.91 -1.67 43.75
N ALA F 156 8.61 -2.64 42.89
CA ALA F 156 7.28 -2.77 42.29
C ALA F 156 6.42 -3.76 43.07
N ASP F 157 5.11 -3.56 43.03
CA ASP F 157 4.17 -4.50 43.62
C ASP F 157 3.79 -5.58 42.61
N LEU F 158 3.83 -5.22 41.33
CA LEU F 158 3.48 -6.16 40.26
C LEU F 158 4.70 -6.63 39.49
N PHE F 159 5.11 -7.87 39.74
CA PHE F 159 6.17 -8.50 38.98
C PHE F 159 5.73 -8.60 37.53
N TYR F 160 4.44 -8.84 37.33
CA TYR F 160 3.86 -8.88 36.00
C TYR F 160 3.03 -7.62 35.75
N SER F 161 3.72 -6.53 35.44
CA SER F 161 3.06 -5.23 35.25
C SER F 161 2.36 -5.13 33.91
N PRO F 162 1.11 -4.62 33.93
CA PRO F 162 0.32 -4.37 32.72
C PRO F 162 0.79 -3.09 32.04
N ASP F 163 1.77 -2.43 32.65
CA ASP F 163 2.27 -1.16 32.14
C ASP F 163 3.73 -1.27 31.71
N GLY F 164 3.95 -1.72 30.49
CA GLY F 164 5.29 -1.90 29.96
C GLY F 164 5.98 -0.59 29.65
N GLU F 165 5.19 0.47 29.53
CA GLU F 165 5.74 1.79 29.24
C GLU F 165 6.48 2.34 30.46
N MET F 166 6.31 1.70 31.60
CA MET F 166 6.96 2.15 32.83
C MET F 166 8.45 1.83 32.81
N PHE F 167 8.79 0.67 32.24
CA PHE F 167 10.18 0.26 32.13
C PHE F 167 11.02 1.31 31.40
N ASP F 168 10.40 1.97 30.43
CA ASP F 168 11.07 3.03 29.68
C ASP F 168 11.29 4.27 30.54
N VAL F 169 10.39 4.50 31.49
CA VAL F 169 10.52 5.61 32.41
C VAL F 169 11.63 5.33 33.41
N MET F 170 11.71 4.10 33.90
CA MET F 170 12.74 3.71 34.85
C MET F 170 14.13 3.89 34.24
N GLU F 171 14.31 3.38 33.04
CA GLU F 171 15.60 3.43 32.36
C GLU F 171 16.05 4.87 32.15
N LYS F 172 15.10 5.73 31.81
CA LYS F 172 15.39 7.15 31.60
C LYS F 172 15.93 7.80 32.86
N TYR F 173 15.40 7.41 34.01
CA TYR F 173 15.82 7.99 35.28
C TYR F 173 16.89 7.15 35.97
N GLY F 174 17.47 6.23 35.21
CA GLY F 174 18.66 5.51 35.64
C GLY F 174 18.45 4.42 36.68
N ILE F 175 17.25 3.88 36.75
CA ILE F 175 16.97 2.81 37.70
C ILE F 175 17.88 1.61 37.43
N LEU F 176 18.73 1.29 38.40
CA LEU F 176 19.73 0.23 38.23
C LEU F 176 19.10 -1.16 38.19
N GLY F 177 18.18 -1.41 39.11
CA GLY F 177 17.57 -2.72 39.21
C GLY F 177 16.13 -2.68 39.66
N VAL F 178 15.32 -3.55 39.08
CA VAL F 178 13.91 -3.61 39.40
C VAL F 178 13.61 -4.80 40.31
N GLU F 179 13.14 -4.51 41.51
CA GLU F 179 12.79 -5.56 42.46
C GLU F 179 11.43 -5.31 43.11
N MET F 180 11.23 -5.76 44.34
CA MET F 180 9.91 -5.68 44.95
C MET F 180 9.90 -5.40 46.44
N GLU F 181 11.03 -5.02 47.01
CA GLU F 181 11.14 -4.92 48.47
C GLU F 181 11.82 -3.66 49.01
N ALA F 182 12.85 -3.19 48.30
CA ALA F 182 13.72 -2.13 48.81
C ALA F 182 12.98 -0.97 49.49
N ALA F 183 12.13 -0.29 48.73
CA ALA F 183 11.38 0.86 49.25
C ALA F 183 10.55 0.49 50.48
N GLY F 184 10.05 -0.74 50.51
CA GLY F 184 9.25 -1.21 51.62
C GLY F 184 10.07 -1.26 52.90
N ILE F 185 11.25 -1.87 52.81
CA ILE F 185 12.13 -1.99 53.96
C ILE F 185 12.64 -0.63 54.43
N TYR F 186 13.00 0.23 53.48
CA TYR F 186 13.52 1.55 53.82
C TYR F 186 12.49 2.36 54.61
N GLY F 187 11.22 2.29 54.18
CA GLY F 187 10.14 2.94 54.89
C GLY F 187 9.99 2.41 56.31
N VAL F 188 10.10 1.09 56.46
CA VAL F 188 10.01 0.48 57.78
C VAL F 188 11.13 0.98 58.69
N ALA F 189 12.36 0.94 58.18
CA ALA F 189 13.51 1.37 58.96
C ALA F 189 13.33 2.79 59.47
N ALA F 190 12.93 3.69 58.57
CA ALA F 190 12.69 5.08 58.93
C ALA F 190 11.62 5.20 60.02
N GLU F 191 10.54 4.43 59.87
CA GLU F 191 9.41 4.49 60.78
C GLU F 191 9.78 4.05 62.21
N PHE F 192 10.66 3.07 62.30
CA PHE F 192 10.99 2.49 63.60
C PHE F 192 12.42 2.78 64.07
N GLY F 193 13.06 3.76 63.44
CA GLY F 193 14.37 4.22 63.85
C GLY F 193 15.44 3.14 63.74
N ALA F 194 15.37 2.37 62.67
CA ALA F 194 16.39 1.36 62.39
C ALA F 194 17.17 1.75 61.13
N LYS F 195 18.10 0.89 60.72
CA LYS F 195 18.94 1.16 59.56
C LYS F 195 18.88 -0.01 58.58
N ALA F 196 18.78 0.30 57.30
CA ALA F 196 18.64 -0.74 56.29
C ALA F 196 19.42 -0.43 55.02
N LEU F 197 19.51 -1.43 54.15
CA LEU F 197 20.23 -1.31 52.88
C LEU F 197 19.86 -2.48 51.98
N THR F 198 19.85 -2.24 50.67
CA THR F 198 19.56 -3.29 49.72
C THR F 198 20.70 -3.50 48.74
N ILE F 199 21.11 -4.75 48.59
CA ILE F 199 22.11 -5.12 47.58
C ILE F 199 21.51 -6.20 46.70
N CYS F 200 21.49 -5.97 45.40
CA CYS F 200 20.87 -6.91 44.49
C CYS F 200 21.83 -7.43 43.43
N THR F 201 21.65 -8.71 43.07
CA THR F 201 22.35 -9.29 41.94
C THR F 201 21.40 -9.37 40.77
N VAL F 202 21.79 -8.76 39.66
CA VAL F 202 20.96 -8.79 38.45
C VAL F 202 20.75 -10.23 38.01
N SER F 203 19.51 -10.71 38.14
CA SER F 203 19.19 -12.09 37.80
C SER F 203 18.61 -12.22 36.41
N ASP F 204 18.06 -11.12 35.90
CA ASP F 204 17.45 -11.13 34.57
C ASP F 204 17.43 -9.75 33.94
N HIS F 205 17.59 -9.70 32.62
CA HIS F 205 17.51 -8.45 31.90
C HIS F 205 16.16 -8.30 31.22
N ILE F 206 15.52 -7.16 31.46
CA ILE F 206 14.17 -6.91 30.98
C ILE F 206 14.11 -6.63 29.48
N ARG F 207 15.19 -6.07 28.93
CA ARG F 207 15.23 -5.73 27.51
C ARG F 207 15.66 -6.92 26.65
N THR F 208 16.74 -7.59 27.05
CA THR F 208 17.34 -8.65 26.23
C THR F 208 16.77 -10.04 26.53
N HIS F 209 16.14 -10.18 27.70
CA HIS F 209 15.55 -11.46 28.10
C HIS F 209 16.55 -12.48 28.64
N GLU F 210 17.78 -12.02 28.88
CA GLU F 210 18.77 -12.88 29.52
C GLU F 210 18.30 -13.20 30.93
N GLN F 211 18.44 -14.46 31.33
CA GLN F 211 17.88 -14.90 32.61
C GLN F 211 18.75 -15.90 33.32
N THR F 212 18.66 -15.90 34.65
CA THR F 212 19.29 -16.93 35.46
C THR F 212 18.20 -17.90 35.93
N THR F 213 18.59 -19.12 36.24
CA THR F 213 17.62 -20.12 36.66
C THR F 213 17.25 -19.94 38.13
N ALA F 214 16.13 -20.51 38.53
CA ALA F 214 15.69 -20.41 39.92
C ALA F 214 16.72 -21.03 40.86
N ALA F 215 17.44 -22.04 40.37
CA ALA F 215 18.49 -22.66 41.15
C ALA F 215 19.70 -21.73 41.26
N GLU F 216 19.98 -20.99 40.20
CA GLU F 216 21.12 -20.08 40.18
C GLU F 216 20.93 -18.94 41.16
N ARG F 217 19.72 -18.39 41.22
CA ARG F 217 19.43 -17.32 42.16
C ARG F 217 19.59 -17.82 43.60
N GLN F 218 19.43 -19.13 43.77
CA GLN F 218 19.41 -19.72 45.10
C GLN F 218 20.80 -19.95 45.70
N THR F 219 21.77 -20.29 44.86
CA THR F 219 23.07 -20.74 45.37
C THR F 219 24.31 -20.22 44.64
N THR F 220 24.12 -19.35 43.66
CA THR F 220 25.27 -18.92 42.85
C THR F 220 25.57 -17.42 42.92
N PHE F 221 24.77 -16.66 43.66
CA PHE F 221 24.99 -15.23 43.80
C PHE F 221 25.93 -14.92 44.96
N ASN F 222 27.14 -15.43 44.89
CA ASN F 222 28.10 -15.30 45.99
C ASN F 222 28.61 -13.88 46.24
N ASP F 223 28.95 -13.17 45.17
CA ASP F 223 29.48 -11.81 45.26
C ASP F 223 28.60 -10.94 46.17
N MET F 224 27.30 -11.05 45.98
CA MET F 224 26.33 -10.33 46.80
C MET F 224 26.53 -10.60 48.28
N ILE F 225 26.57 -11.88 48.65
CA ILE F 225 26.65 -12.27 50.05
C ILE F 225 27.91 -11.78 50.76
N LYS F 226 29.08 -12.02 50.17
CA LYS F 226 30.32 -11.62 50.82
C LYS F 226 30.53 -10.12 50.86
N ILE F 227 30.02 -9.39 49.87
CA ILE F 227 30.03 -7.94 49.94
C ILE F 227 29.22 -7.49 51.15
N ALA F 228 28.04 -8.08 51.31
CA ALA F 228 27.16 -7.74 52.43
C ALA F 228 27.77 -8.12 53.78
N LEU F 229 28.25 -9.36 53.88
CA LEU F 229 28.84 -9.85 55.12
C LEU F 229 30.07 -9.04 55.53
N GLU F 230 30.89 -8.68 54.55
CA GLU F 230 32.10 -7.91 54.81
C GLU F 230 31.77 -6.47 55.20
N SER F 231 30.67 -5.95 54.65
CA SER F 231 30.26 -4.59 54.96
C SER F 231 29.80 -4.50 56.41
N VAL F 232 29.24 -5.59 56.92
CA VAL F 232 28.81 -5.66 58.30
C VAL F 232 30.00 -5.41 59.24
N LEU F 233 31.13 -6.04 58.92
CA LEU F 233 32.32 -5.90 59.75
C LEU F 233 32.84 -4.47 59.70
N LEU F 234 32.94 -3.91 58.50
CA LEU F 234 33.41 -2.54 58.32
C LEU F 234 32.58 -1.56 59.14
N GLY F 235 31.29 -1.84 59.27
CA GLY F 235 30.39 -0.98 60.01
C GLY F 235 30.48 -1.16 61.51
N ASP F 236 31.48 -1.92 61.97
CA ASP F 236 31.67 -2.13 63.39
C ASP F 236 32.83 -1.32 63.95
N LYS F 237 33.48 -0.54 63.08
CA LYS F 237 34.62 0.27 63.48
C LYS F 237 34.24 1.74 63.66
N ALA G 1 -39.41 0.82 11.00
CA ALA G 1 -39.05 1.43 9.73
C ALA G 1 -37.61 1.93 9.73
N THR G 2 -36.81 1.42 8.80
CA THR G 2 -35.43 1.84 8.66
C THR G 2 -35.33 2.92 7.58
N PRO G 3 -34.19 3.63 7.54
CA PRO G 3 -33.97 4.72 6.57
C PRO G 3 -34.13 4.29 5.11
N HIS G 4 -34.07 2.99 4.85
CA HIS G 4 -34.17 2.49 3.48
C HIS G 4 -35.30 1.50 3.28
N ILE G 5 -36.02 1.19 4.36
CA ILE G 5 -37.12 0.24 4.31
C ILE G 5 -38.34 0.76 5.07
N ASN G 6 -39.41 1.05 4.34
CA ASN G 6 -40.63 1.56 4.96
C ASN G 6 -41.56 0.43 5.40
N ALA G 7 -41.19 -0.24 6.48
CA ALA G 7 -41.99 -1.31 7.05
C ALA G 7 -41.81 -1.36 8.55
N GLU G 8 -42.62 -2.16 9.22
CA GLU G 8 -42.48 -2.33 10.66
C GLU G 8 -42.23 -3.79 11.00
N MET G 9 -41.53 -4.04 12.10
CA MET G 9 -41.23 -5.39 12.53
C MET G 9 -42.47 -6.28 12.45
N GLY G 10 -42.32 -7.46 11.86
CA GLY G 10 -43.43 -8.37 11.69
C GLY G 10 -43.88 -8.47 10.24
N ASP G 11 -43.61 -7.42 9.48
CA ASP G 11 -43.95 -7.40 8.05
C ASP G 11 -43.12 -8.41 7.26
N PHE G 12 -41.86 -8.60 7.65
CA PHE G 12 -40.98 -9.57 7.01
C PHE G 12 -40.95 -10.89 7.78
N ALA G 13 -40.63 -11.97 7.07
CA ALA G 13 -40.43 -13.26 7.70
C ALA G 13 -39.00 -13.36 8.21
N ASP G 14 -38.69 -14.41 8.95
CA ASP G 14 -37.33 -14.57 9.46
C ASP G 14 -36.38 -15.08 8.36
N VAL G 15 -36.96 -15.50 7.24
CA VAL G 15 -36.18 -15.88 6.08
C VAL G 15 -36.51 -14.95 4.92
N VAL G 16 -35.48 -14.38 4.30
CA VAL G 16 -35.68 -13.46 3.19
C VAL G 16 -34.86 -13.85 1.97
N LEU G 17 -35.55 -14.08 0.86
CA LEU G 17 -34.88 -14.27 -0.42
C LEU G 17 -34.66 -12.90 -1.04
N MET G 18 -33.49 -12.72 -1.66
CA MET G 18 -33.17 -11.41 -2.24
C MET G 18 -32.47 -11.52 -3.58
N PRO G 19 -33.19 -11.21 -4.66
CA PRO G 19 -32.57 -10.98 -5.96
C PRO G 19 -32.00 -9.56 -5.95
N GLY G 20 -31.23 -9.19 -6.96
CA GLY G 20 -30.78 -7.82 -7.08
C GLY G 20 -31.89 -6.97 -7.64
N ASP G 21 -32.77 -7.60 -8.42
CA ASP G 21 -33.82 -6.92 -9.15
C ASP G 21 -35.18 -6.98 -8.44
N PRO G 22 -35.71 -5.81 -8.06
CA PRO G 22 -37.00 -5.70 -7.38
C PRO G 22 -38.14 -6.27 -8.22
N LEU G 23 -38.04 -6.17 -9.54
CA LEU G 23 -39.05 -6.74 -10.42
C LEU G 23 -39.08 -8.26 -10.33
N ARG G 24 -37.94 -8.85 -9.98
CA ARG G 24 -37.84 -10.30 -9.86
C ARG G 24 -38.38 -10.76 -8.50
N ALA G 25 -38.35 -9.87 -7.51
CA ALA G 25 -38.96 -10.15 -6.23
C ALA G 25 -40.48 -10.13 -6.41
N LYS G 26 -40.94 -9.17 -7.21
CA LYS G 26 -42.34 -9.09 -7.57
C LYS G 26 -42.75 -10.37 -8.28
N TYR G 27 -41.85 -10.91 -9.09
CA TYR G 27 -42.13 -12.14 -9.83
C TYR G 27 -42.20 -13.36 -8.90
N ILE G 28 -41.25 -13.45 -7.98
CA ILE G 28 -41.22 -14.56 -7.04
C ILE G 28 -42.43 -14.52 -6.09
N ALA G 29 -42.75 -13.32 -5.61
CA ALA G 29 -43.87 -13.15 -4.69
C ALA G 29 -45.20 -13.53 -5.34
N GLU G 30 -45.35 -13.16 -6.60
CA GLU G 30 -46.62 -13.31 -7.31
C GLU G 30 -46.86 -14.70 -7.87
N THR G 31 -45.79 -15.44 -8.15
CA THR G 31 -45.93 -16.73 -8.82
C THR G 31 -45.47 -17.91 -7.96
N PHE G 32 -44.73 -17.63 -6.90
CA PHE G 32 -44.21 -18.70 -6.04
C PHE G 32 -44.84 -18.69 -4.64
N LEU G 33 -45.26 -17.52 -4.19
CA LEU G 33 -45.80 -17.36 -2.84
C LEU G 33 -47.32 -17.25 -2.84
N GLU G 34 -47.91 -17.49 -1.68
CA GLU G 34 -49.35 -17.39 -1.52
C GLU G 34 -49.73 -16.16 -0.71
N ASP G 35 -50.83 -15.50 -1.10
CA ASP G 35 -51.32 -14.34 -0.38
C ASP G 35 -50.20 -13.33 -0.15
N ALA G 36 -49.46 -13.02 -1.21
CA ALA G 36 -48.29 -12.15 -1.09
C ALA G 36 -48.65 -10.67 -1.06
N ARG G 37 -48.15 -9.96 -0.06
CA ARG G 37 -48.39 -8.53 0.10
C ARG G 37 -47.10 -7.73 0.05
N GLU G 38 -47.13 -6.64 -0.70
CA GLU G 38 -46.00 -5.72 -0.74
C GLU G 38 -45.81 -5.06 0.62
N VAL G 39 -44.59 -5.05 1.12
CA VAL G 39 -44.32 -4.48 2.44
C VAL G 39 -43.21 -3.43 2.41
N ASN G 40 -42.77 -3.09 1.20
CA ASN G 40 -41.79 -2.03 1.01
C ASN G 40 -41.73 -1.58 -0.44
N ASN G 41 -41.55 -0.28 -0.64
CA ASN G 41 -41.38 0.25 -1.99
C ASN G 41 -40.53 1.52 -2.03
N VAL G 42 -39.72 1.71 -0.98
CA VAL G 42 -38.78 2.83 -0.96
C VAL G 42 -37.72 2.60 -2.04
N ARG G 43 -37.43 3.65 -2.80
CA ARG G 43 -36.45 3.55 -3.88
C ARG G 43 -36.83 2.45 -4.88
N GLY G 44 -38.11 2.07 -4.85
CA GLY G 44 -38.61 1.07 -5.79
C GLY G 44 -38.11 -0.32 -5.49
N MET G 45 -37.45 -0.47 -4.35
CA MET G 45 -36.90 -1.76 -3.95
C MET G 45 -37.97 -2.65 -3.32
N LEU G 46 -38.88 -3.11 -4.17
CA LEU G 46 -40.03 -3.90 -3.74
C LEU G 46 -39.69 -5.05 -2.79
N GLY G 47 -40.45 -5.14 -1.71
CA GLY G 47 -40.33 -6.24 -0.76
C GLY G 47 -41.72 -6.80 -0.48
N PHE G 48 -41.82 -8.13 -0.44
CA PHE G 48 -43.12 -8.77 -0.31
C PHE G 48 -43.10 -9.85 0.76
N THR G 49 -44.28 -10.21 1.27
CA THR G 49 -44.40 -11.28 2.24
C THR G 49 -45.63 -12.15 1.98
N GLY G 50 -45.39 -13.43 1.77
CA GLY G 50 -46.46 -14.39 1.57
C GLY G 50 -46.09 -15.69 2.26
N THR G 51 -46.47 -16.81 1.66
CA THR G 51 -46.14 -18.10 2.24
C THR G 51 -45.82 -19.13 1.16
N TYR G 52 -44.84 -19.98 1.44
CA TYR G 52 -44.54 -21.10 0.56
C TYR G 52 -44.87 -22.40 1.28
N LYS G 53 -45.90 -23.08 0.80
CA LYS G 53 -46.34 -24.33 1.41
C LYS G 53 -46.49 -24.18 2.92
N GLY G 54 -47.12 -23.08 3.33
CA GLY G 54 -47.40 -22.84 4.73
C GLY G 54 -46.34 -22.03 5.45
N ARG G 55 -45.12 -22.09 4.93
CA ARG G 55 -44.00 -21.39 5.55
C ARG G 55 -44.00 -19.91 5.19
N LYS G 56 -44.12 -19.06 6.21
CA LYS G 56 -44.05 -17.62 6.02
C LYS G 56 -42.68 -17.23 5.46
N ILE G 57 -42.69 -16.52 4.35
CA ILE G 57 -41.45 -16.20 3.64
C ILE G 57 -41.53 -14.83 2.99
N SER G 58 -40.39 -14.12 2.96
CA SER G 58 -40.33 -12.81 2.34
C SER G 58 -39.36 -12.80 1.17
N VAL G 59 -39.60 -11.90 0.23
CA VAL G 59 -38.65 -11.69 -0.86
C VAL G 59 -38.54 -10.20 -1.16
N MET G 60 -37.30 -9.72 -1.34
CA MET G 60 -37.06 -8.30 -1.57
C MET G 60 -35.75 -8.08 -2.30
N GLY G 61 -35.77 -7.18 -3.28
CA GLY G 61 -34.57 -6.83 -4.01
C GLY G 61 -33.53 -6.21 -3.09
N HIS G 62 -32.25 -6.36 -3.42
CA HIS G 62 -31.18 -5.79 -2.62
C HIS G 62 -30.37 -4.75 -3.40
N GLY G 63 -30.69 -4.60 -4.68
CA GLY G 63 -29.98 -3.64 -5.52
C GLY G 63 -28.66 -4.19 -5.99
N MET G 64 -27.98 -3.48 -6.88
CA MET G 64 -26.72 -3.95 -7.43
C MET G 64 -25.51 -3.42 -6.66
N GLY G 65 -24.53 -4.28 -6.45
CA GLY G 65 -23.30 -3.89 -5.79
C GLY G 65 -23.29 -4.21 -4.30
N ILE G 66 -22.11 -4.53 -3.79
CA ILE G 66 -21.94 -4.82 -2.37
C ILE G 66 -22.49 -3.70 -1.48
N PRO G 67 -22.15 -2.44 -1.78
CA PRO G 67 -22.68 -1.31 -1.00
C PRO G 67 -24.22 -1.35 -0.86
N SER G 68 -24.90 -1.62 -1.97
CA SER G 68 -26.37 -1.65 -1.95
C SER G 68 -26.91 -2.73 -1.03
N CYS G 69 -26.62 -3.98 -1.35
CA CYS G 69 -27.13 -5.12 -0.58
C CYS G 69 -26.69 -5.07 0.87
N SER G 70 -25.53 -4.46 1.13
CA SER G 70 -25.02 -4.34 2.49
C SER G 70 -25.95 -3.49 3.35
N ILE G 71 -26.52 -2.46 2.75
CA ILE G 71 -27.46 -1.60 3.47
C ILE G 71 -28.72 -2.35 3.80
N TYR G 72 -29.32 -2.97 2.79
CA TYR G 72 -30.57 -3.71 2.96
C TYR G 72 -30.45 -4.90 3.93
N THR G 73 -29.50 -5.79 3.68
CA THR G 73 -29.34 -6.96 4.51
C THR G 73 -29.05 -6.59 5.96
N LYS G 74 -28.37 -5.47 6.16
CA LYS G 74 -28.09 -4.99 7.51
C LYS G 74 -29.39 -4.64 8.22
N GLU G 75 -30.14 -3.71 7.64
CA GLU G 75 -31.39 -3.23 8.23
C GLU G 75 -32.38 -4.36 8.52
N LEU G 76 -32.51 -5.27 7.56
CA LEU G 76 -33.37 -6.44 7.74
C LEU G 76 -32.96 -7.24 8.97
N ILE G 77 -31.65 -7.41 9.13
CA ILE G 77 -31.12 -8.23 10.22
C ILE G 77 -31.24 -7.55 11.57
N THR G 78 -30.89 -6.27 11.64
CA THR G 78 -30.88 -5.57 12.92
C THR G 78 -32.24 -5.04 13.36
N ASP G 79 -33.09 -4.69 12.40
CA ASP G 79 -34.36 -4.04 12.72
C ASP G 79 -35.61 -4.78 12.27
N PHE G 80 -35.45 -5.97 11.69
CA PHE G 80 -36.60 -6.75 11.25
C PHE G 80 -36.54 -8.21 11.69
N GLY G 81 -35.53 -8.53 12.50
CA GLY G 81 -35.39 -9.86 13.06
C GLY G 81 -35.17 -10.97 12.05
N VAL G 82 -34.59 -10.63 10.91
CA VAL G 82 -34.25 -11.64 9.91
C VAL G 82 -33.14 -12.53 10.45
N LYS G 83 -33.25 -13.84 10.21
CA LYS G 83 -32.26 -14.79 10.71
C LYS G 83 -31.51 -15.45 9.56
N LYS G 84 -32.14 -15.55 8.40
CA LYS G 84 -31.53 -16.16 7.24
C LYS G 84 -31.78 -15.34 5.98
N ILE G 85 -30.78 -15.26 5.12
CA ILE G 85 -30.92 -14.56 3.84
C ILE G 85 -30.42 -15.43 2.71
N ILE G 86 -31.21 -15.54 1.65
CA ILE G 86 -30.81 -16.32 0.48
C ILE G 86 -30.79 -15.43 -0.76
N ARG G 87 -29.62 -14.92 -1.10
CA ARG G 87 -29.48 -14.14 -2.32
C ARG G 87 -29.69 -15.03 -3.53
N VAL G 88 -30.63 -14.65 -4.39
CA VAL G 88 -30.91 -15.41 -5.60
C VAL G 88 -30.67 -14.56 -6.83
N GLY G 89 -29.40 -14.35 -7.16
CA GLY G 89 -29.03 -13.47 -8.25
C GLY G 89 -28.56 -14.16 -9.51
N SER G 90 -28.07 -13.36 -10.46
CA SER G 90 -27.51 -13.90 -11.70
C SER G 90 -26.00 -13.71 -11.71
N CYS G 91 -25.30 -14.62 -12.39
CA CYS G 91 -23.85 -14.53 -12.48
C CYS G 91 -23.34 -14.82 -13.89
N GLY G 92 -22.10 -14.40 -14.16
CA GLY G 92 -21.44 -14.74 -15.40
C GLY G 92 -20.44 -15.84 -15.14
N ALA G 93 -20.11 -16.61 -16.17
CA ALA G 93 -19.20 -17.75 -16.00
C ALA G 93 -17.89 -17.56 -16.76
N VAL G 94 -16.82 -18.10 -16.20
CA VAL G 94 -15.51 -18.10 -16.86
C VAL G 94 -15.09 -19.53 -17.21
N LEU G 95 -15.59 -20.49 -16.45
CA LEU G 95 -15.29 -21.89 -16.70
C LEU G 95 -16.09 -22.44 -17.87
N PRO G 96 -15.41 -23.02 -18.86
CA PRO G 96 -16.04 -23.64 -20.03
C PRO G 96 -17.05 -24.70 -19.62
N HIS G 97 -16.76 -25.41 -18.53
CA HIS G 97 -17.69 -26.39 -17.98
C HIS G 97 -19.04 -25.76 -17.68
N VAL G 98 -19.01 -24.68 -16.89
CA VAL G 98 -20.23 -23.99 -16.48
C VAL G 98 -21.00 -23.45 -17.68
N LYS G 99 -22.17 -24.02 -17.93
CA LYS G 99 -22.99 -23.65 -19.07
C LYS G 99 -24.07 -22.66 -18.70
N LEU G 100 -24.54 -21.90 -19.69
CA LEU G 100 -25.55 -20.88 -19.47
C LEU G 100 -26.77 -21.47 -18.77
N ARG G 101 -27.31 -20.71 -17.82
CA ARG G 101 -28.55 -21.08 -17.13
C ARG G 101 -28.34 -22.12 -16.03
N ASP G 102 -27.09 -22.39 -15.71
CA ASP G 102 -26.77 -23.31 -14.61
C ASP G 102 -27.00 -22.66 -13.25
N VAL G 103 -27.19 -23.50 -12.24
CA VAL G 103 -27.33 -23.04 -10.87
C VAL G 103 -26.04 -23.28 -10.10
N VAL G 104 -25.56 -22.26 -9.40
CA VAL G 104 -24.35 -22.37 -8.58
C VAL G 104 -24.61 -21.93 -7.15
N ILE G 105 -24.03 -22.67 -6.21
CA ILE G 105 -24.14 -22.36 -4.79
C ILE G 105 -22.76 -21.92 -4.28
N GLY G 106 -22.66 -20.67 -3.84
CA GLY G 106 -21.39 -20.15 -3.36
C GLY G 106 -21.21 -20.34 -1.86
N MET G 107 -20.52 -21.40 -1.46
CA MET G 107 -20.22 -21.59 -0.05
C MET G 107 -19.09 -20.67 0.35
N GLY G 108 -18.60 -19.91 -0.63
CA GLY G 108 -17.58 -18.92 -0.41
C GLY G 108 -17.68 -17.85 -1.49
N ALA G 109 -17.26 -16.63 -1.16
CA ALA G 109 -17.34 -15.53 -2.12
C ALA G 109 -16.11 -14.65 -2.10
N CYS G 110 -15.29 -14.78 -3.13
CA CYS G 110 -14.15 -13.89 -3.32
C CYS G 110 -14.68 -12.51 -3.66
N THR G 111 -13.82 -11.50 -3.51
CA THR G 111 -14.20 -10.13 -3.86
C THR G 111 -12.98 -9.26 -4.12
N ASP G 112 -13.17 -8.25 -4.96
CA ASP G 112 -12.16 -7.23 -5.15
C ASP G 112 -12.58 -5.99 -4.39
N SER G 113 -13.60 -6.15 -3.55
CA SER G 113 -14.07 -5.07 -2.69
C SER G 113 -13.14 -4.90 -1.50
N LYS G 114 -13.24 -3.75 -0.85
CA LYS G 114 -12.34 -3.39 0.24
C LYS G 114 -13.10 -3.39 1.56
N VAL G 115 -14.37 -3.77 1.52
CA VAL G 115 -15.23 -3.73 2.71
C VAL G 115 -14.81 -4.72 3.79
N ASN G 116 -14.59 -5.97 3.42
CA ASN G 116 -14.20 -6.99 4.38
C ASN G 116 -12.82 -6.72 4.98
N ARG G 117 -11.93 -6.15 4.19
CA ARG G 117 -10.62 -5.75 4.70
C ARG G 117 -10.78 -4.65 5.75
N ILE G 118 -11.64 -3.69 5.45
CA ILE G 118 -11.94 -2.63 6.40
C ILE G 118 -12.47 -3.22 7.71
N ARG G 119 -13.27 -4.27 7.59
CA ARG G 119 -13.83 -4.96 8.76
C ARG G 119 -12.80 -5.82 9.47
N PHE G 120 -11.84 -6.36 8.72
CA PHE G 120 -10.99 -7.42 9.22
C PHE G 120 -9.53 -7.02 9.37
N LYS G 121 -9.29 -5.77 9.74
CA LYS G 121 -7.93 -5.29 10.01
C LYS G 121 -7.00 -5.45 8.81
N ASP G 122 -7.55 -5.25 7.62
CA ASP G 122 -6.77 -5.33 6.39
C ASP G 122 -6.15 -6.72 6.19
N HIS G 123 -6.84 -7.75 6.66
CA HIS G 123 -6.41 -9.12 6.44
C HIS G 123 -7.44 -9.85 5.59
N ASP G 124 -7.15 -11.09 5.24
CA ASP G 124 -8.05 -11.86 4.38
C ASP G 124 -9.17 -12.53 5.17
N PHE G 125 -10.39 -12.00 5.05
CA PHE G 125 -11.56 -12.61 5.66
C PHE G 125 -12.26 -13.52 4.67
N ALA G 126 -12.36 -14.81 5.00
CA ALA G 126 -13.01 -15.76 4.13
C ALA G 126 -14.53 -15.62 4.19
N ALA G 127 -15.08 -14.86 3.25
CA ALA G 127 -16.52 -14.63 3.19
C ALA G 127 -17.27 -15.89 2.80
N ILE G 128 -17.91 -16.52 3.78
CA ILE G 128 -18.58 -17.79 3.56
C ILE G 128 -20.06 -17.74 3.91
N ALA G 129 -20.81 -18.73 3.42
CA ALA G 129 -22.22 -18.82 3.74
C ALA G 129 -22.40 -19.70 4.96
N ASP G 130 -23.64 -19.91 5.39
CA ASP G 130 -23.93 -20.85 6.44
C ASP G 130 -23.89 -22.26 5.85
N PHE G 131 -23.06 -23.13 6.40
CA PHE G 131 -22.92 -24.48 5.87
C PHE G 131 -24.27 -25.17 5.76
N ASP G 132 -25.05 -25.13 6.83
CA ASP G 132 -26.35 -25.78 6.84
C ASP G 132 -27.24 -25.30 5.70
N MET G 133 -27.20 -24.01 5.42
CA MET G 133 -27.98 -23.45 4.31
C MET G 133 -27.44 -23.92 2.96
N VAL G 134 -26.12 -24.09 2.88
CA VAL G 134 -25.50 -24.64 1.68
C VAL G 134 -25.96 -26.07 1.48
N ARG G 135 -25.92 -26.86 2.56
CA ARG G 135 -26.34 -28.25 2.51
C ARG G 135 -27.81 -28.36 2.10
N ASN G 136 -28.65 -27.55 2.73
CA ASN G 136 -30.07 -27.53 2.40
C ASN G 136 -30.27 -27.28 0.92
N ALA G 137 -29.55 -26.28 0.39
CA ALA G 137 -29.65 -25.93 -1.01
C ALA G 137 -29.31 -27.13 -1.87
N VAL G 138 -28.22 -27.80 -1.55
CA VAL G 138 -27.79 -28.99 -2.30
C VAL G 138 -28.86 -30.07 -2.24
N ASP G 139 -29.30 -30.41 -1.03
CA ASP G 139 -30.32 -31.44 -0.85
C ASP G 139 -31.61 -31.09 -1.58
N ALA G 140 -32.00 -29.82 -1.52
CA ALA G 140 -33.22 -29.35 -2.16
C ALA G 140 -33.14 -29.45 -3.67
N ALA G 141 -31.93 -29.25 -4.20
CA ALA G 141 -31.72 -29.28 -5.64
C ALA G 141 -31.60 -30.72 -6.13
N LYS G 142 -31.17 -31.62 -5.24
CA LYS G 142 -31.05 -33.03 -5.58
C LYS G 142 -32.43 -33.66 -5.65
N ALA G 143 -33.31 -33.27 -4.73
CA ALA G 143 -34.68 -33.77 -4.72
C ALA G 143 -35.45 -33.24 -5.94
N LEU G 144 -34.92 -32.19 -6.55
CA LEU G 144 -35.57 -31.59 -7.72
C LEU G 144 -34.86 -31.99 -9.01
N GLY G 145 -33.92 -32.92 -8.91
CA GLY G 145 -33.18 -33.38 -10.07
C GLY G 145 -32.60 -32.20 -10.84
N ILE G 146 -32.01 -31.27 -10.12
CA ILE G 146 -31.39 -30.09 -10.72
C ILE G 146 -29.91 -30.00 -10.37
N ASP G 147 -29.07 -29.99 -11.41
CA ASP G 147 -27.64 -29.86 -11.22
C ASP G 147 -27.32 -28.57 -10.48
N ALA G 148 -26.28 -28.59 -9.66
CA ALA G 148 -25.86 -27.43 -8.92
C ALA G 148 -24.44 -27.58 -8.37
N ARG G 149 -23.52 -26.76 -8.86
CA ARG G 149 -22.16 -26.76 -8.36
C ARG G 149 -22.09 -26.00 -7.04
N VAL G 150 -21.12 -26.35 -6.21
CA VAL G 150 -20.89 -25.65 -4.96
C VAL G 150 -19.43 -25.25 -4.85
N GLY G 151 -19.18 -23.95 -4.75
CA GLY G 151 -17.82 -23.44 -4.68
C GLY G 151 -17.76 -21.94 -4.49
N ASN G 152 -16.66 -21.33 -4.93
CA ASN G 152 -16.47 -19.89 -4.82
C ASN G 152 -17.21 -19.09 -5.87
N LEU G 153 -17.66 -17.91 -5.47
CA LEU G 153 -18.15 -16.92 -6.40
C LEU G 153 -17.20 -15.74 -6.31
N PHE G 154 -17.17 -14.90 -7.35
CA PHE G 154 -16.41 -13.66 -7.27
C PHE G 154 -17.34 -12.45 -7.29
N SER G 155 -17.33 -11.69 -6.21
CA SER G 155 -18.12 -10.47 -6.13
C SER G 155 -17.31 -9.28 -6.63
N ALA G 156 -17.69 -8.74 -7.79
CA ALA G 156 -16.94 -7.63 -8.38
C ALA G 156 -17.55 -6.26 -8.12
N ASP G 157 -16.72 -5.29 -7.76
CA ASP G 157 -17.16 -3.91 -7.65
C ASP G 157 -17.48 -3.36 -9.04
N LEU G 158 -16.65 -3.72 -10.02
CA LEU G 158 -16.85 -3.21 -11.38
C LEU G 158 -17.38 -4.28 -12.35
N PHE G 159 -18.66 -4.17 -12.67
CA PHE G 159 -19.28 -5.01 -13.68
C PHE G 159 -18.52 -4.81 -15.00
N TYR G 160 -18.05 -3.59 -15.22
CA TYR G 160 -17.20 -3.30 -16.37
C TYR G 160 -15.77 -3.04 -15.90
N SER G 161 -15.00 -4.11 -15.74
CA SER G 161 -13.67 -4.01 -15.16
C SER G 161 -12.59 -3.68 -16.20
N PRO G 162 -11.67 -2.77 -15.85
CA PRO G 162 -10.55 -2.37 -16.69
C PRO G 162 -9.56 -3.51 -16.87
N ASP G 163 -9.68 -4.55 -16.05
CA ASP G 163 -8.73 -5.65 -16.06
C ASP G 163 -9.39 -6.96 -16.46
N GLY G 164 -9.31 -7.30 -17.74
CA GLY G 164 -9.87 -8.54 -18.24
C GLY G 164 -9.03 -9.73 -17.83
N GLU G 165 -7.75 -9.48 -17.55
CA GLU G 165 -6.81 -10.53 -17.16
C GLU G 165 -7.26 -11.25 -15.90
N MET G 166 -8.05 -10.57 -15.08
CA MET G 166 -8.55 -11.14 -13.83
C MET G 166 -9.37 -12.40 -14.06
N PHE G 167 -10.14 -12.43 -15.14
CA PHE G 167 -10.98 -13.59 -15.45
C PHE G 167 -10.15 -14.86 -15.53
N ASP G 168 -8.97 -14.77 -16.15
CA ASP G 168 -8.07 -15.90 -16.25
C ASP G 168 -7.65 -16.40 -14.88
N VAL G 169 -7.48 -15.47 -13.95
CA VAL G 169 -7.12 -15.81 -12.57
C VAL G 169 -8.29 -16.49 -11.87
N MET G 170 -9.50 -15.98 -12.12
CA MET G 170 -10.72 -16.57 -11.56
C MET G 170 -10.91 -17.99 -12.07
N GLU G 171 -10.81 -18.15 -13.39
CA GLU G 171 -11.02 -19.46 -14.01
C GLU G 171 -10.01 -20.46 -13.48
N LYS G 172 -8.81 -19.99 -13.16
CA LYS G 172 -7.76 -20.86 -12.65
C LYS G 172 -8.13 -21.40 -11.27
N TYR G 173 -8.70 -20.54 -10.43
CA TYR G 173 -9.03 -20.94 -9.07
C TYR G 173 -10.49 -21.38 -8.94
N GLY G 174 -11.08 -21.74 -10.08
CA GLY G 174 -12.37 -22.40 -10.10
C GLY G 174 -13.58 -21.57 -9.72
N ILE G 175 -13.47 -20.25 -9.83
CA ILE G 175 -14.62 -19.39 -9.55
C ILE G 175 -15.80 -19.86 -10.40
N LEU G 176 -16.89 -20.22 -9.72
CA LEU G 176 -18.06 -20.80 -10.38
C LEU G 176 -18.92 -19.75 -11.06
N GLY G 177 -18.92 -18.53 -10.54
CA GLY G 177 -19.72 -17.47 -11.09
C GLY G 177 -19.23 -16.10 -10.67
N VAL G 178 -19.43 -15.11 -11.53
CA VAL G 178 -18.99 -13.75 -11.24
C VAL G 178 -20.19 -12.82 -11.05
N GLU G 179 -20.41 -12.39 -9.82
CA GLU G 179 -21.50 -11.50 -9.50
C GLU G 179 -21.00 -10.25 -8.76
N MET G 180 -21.85 -9.62 -7.95
CA MET G 180 -21.46 -8.37 -7.30
C MET G 180 -21.93 -8.21 -5.86
N GLU G 181 -22.44 -9.28 -5.25
CA GLU G 181 -23.13 -9.12 -3.97
C GLU G 181 -22.78 -10.11 -2.87
N ALA G 182 -22.41 -11.34 -3.24
CA ALA G 182 -22.21 -12.42 -2.27
C ALA G 182 -21.27 -12.06 -1.11
N ALA G 183 -20.05 -11.64 -1.44
CA ALA G 183 -19.04 -11.37 -0.41
C ALA G 183 -19.47 -10.29 0.57
N GLY G 184 -20.27 -9.33 0.10
CA GLY G 184 -20.76 -8.25 0.94
C GLY G 184 -21.81 -8.75 1.92
N ILE G 185 -22.74 -9.56 1.41
CA ILE G 185 -23.78 -10.14 2.25
C ILE G 185 -23.17 -11.10 3.27
N TYR G 186 -22.11 -11.79 2.88
CA TYR G 186 -21.45 -12.71 3.79
C TYR G 186 -20.74 -11.96 4.92
N GLY G 187 -20.17 -10.82 4.59
CA GLY G 187 -19.53 -9.98 5.58
C GLY G 187 -20.55 -9.38 6.53
N VAL G 188 -21.65 -8.88 5.97
CA VAL G 188 -22.74 -8.35 6.80
C VAL G 188 -23.27 -9.43 7.73
N ALA G 189 -23.66 -10.57 7.17
CA ALA G 189 -24.21 -11.66 7.97
C ALA G 189 -23.27 -11.99 9.12
N ALA G 190 -21.99 -12.12 8.82
CA ALA G 190 -20.99 -12.43 9.82
C ALA G 190 -20.88 -11.35 10.89
N GLU G 191 -20.97 -10.09 10.48
CA GLU G 191 -20.80 -8.97 11.41
C GLU G 191 -21.95 -8.84 12.41
N PHE G 192 -23.17 -9.09 11.95
CA PHE G 192 -24.35 -8.92 12.79
C PHE G 192 -24.95 -10.24 13.23
N GLY G 193 -24.16 -11.31 13.16
CA GLY G 193 -24.55 -12.61 13.64
C GLY G 193 -25.81 -13.18 13.00
N ALA G 194 -25.85 -13.17 11.68
CA ALA G 194 -26.96 -13.80 10.95
C ALA G 194 -26.43 -14.87 10.01
N LYS G 195 -27.35 -15.63 9.40
CA LYS G 195 -26.97 -16.68 8.47
C LYS G 195 -27.36 -16.29 7.04
N ALA G 196 -26.49 -16.58 6.08
CA ALA G 196 -26.77 -16.20 4.70
C ALA G 196 -26.21 -17.19 3.69
N LEU G 197 -26.89 -17.30 2.56
CA LEU G 197 -26.43 -18.12 1.45
C LEU G 197 -26.65 -17.37 0.14
N THR G 198 -25.88 -17.71 -0.88
CA THR G 198 -26.10 -17.15 -2.21
C THR G 198 -26.24 -18.26 -3.25
N ILE G 199 -27.27 -18.15 -4.07
CA ILE G 199 -27.45 -19.04 -5.21
C ILE G 199 -27.56 -18.20 -6.46
N CYS G 200 -26.85 -18.59 -7.51
CA CYS G 200 -26.90 -17.83 -8.76
C CYS G 200 -27.20 -18.68 -9.97
N THR G 201 -27.82 -18.06 -10.97
CA THR G 201 -28.02 -18.68 -12.27
C THR G 201 -27.06 -18.02 -13.24
N VAL G 202 -26.46 -18.80 -14.12
CA VAL G 202 -25.57 -18.26 -15.13
C VAL G 202 -26.37 -17.52 -16.18
N SER G 203 -26.40 -16.19 -16.08
CA SER G 203 -27.15 -15.35 -17.00
C SER G 203 -26.39 -15.13 -18.30
N ASP G 204 -25.07 -15.27 -18.23
CA ASP G 204 -24.23 -15.08 -19.40
C ASP G 204 -22.91 -15.82 -19.24
N HIS G 205 -22.22 -16.04 -20.36
CA HIS G 205 -20.89 -16.62 -20.31
C HIS G 205 -19.89 -15.58 -20.78
N ILE G 206 -18.82 -15.41 -20.01
CA ILE G 206 -17.88 -14.33 -20.26
C ILE G 206 -16.99 -14.59 -21.47
N ARG G 207 -16.87 -15.85 -21.86
CA ARG G 207 -15.93 -16.21 -22.92
C ARG G 207 -16.60 -16.49 -24.27
N THR G 208 -17.80 -17.04 -24.23
CA THR G 208 -18.52 -17.36 -25.45
C THR G 208 -19.46 -16.23 -25.87
N HIS G 209 -19.90 -15.43 -24.90
CA HIS G 209 -20.84 -14.35 -25.12
C HIS G 209 -22.29 -14.83 -25.22
N GLU G 210 -22.52 -16.09 -24.90
CA GLU G 210 -23.89 -16.58 -24.73
C GLU G 210 -24.49 -15.74 -23.62
N GLN G 211 -25.76 -15.39 -23.74
CA GLN G 211 -26.37 -14.50 -22.75
C GLN G 211 -27.89 -14.55 -22.75
N THR G 212 -28.48 -13.94 -21.71
CA THR G 212 -29.92 -13.89 -21.56
C THR G 212 -30.38 -12.43 -21.60
N THR G 213 -31.66 -12.22 -21.89
CA THR G 213 -32.23 -10.89 -21.90
C THR G 213 -32.69 -10.51 -20.51
N ALA G 214 -32.80 -9.21 -20.26
CA ALA G 214 -33.28 -8.73 -18.96
C ALA G 214 -34.60 -9.41 -18.59
N ALA G 215 -35.46 -9.60 -19.58
CA ALA G 215 -36.75 -10.23 -19.36
C ALA G 215 -36.59 -11.66 -18.86
N GLU G 216 -35.57 -12.34 -19.36
CA GLU G 216 -35.28 -13.70 -18.91
C GLU G 216 -34.81 -13.70 -17.46
N ARG G 217 -33.87 -12.81 -17.15
CA ARG G 217 -33.33 -12.72 -15.80
C ARG G 217 -34.42 -12.36 -14.79
N GLN G 218 -35.44 -11.66 -15.27
CA GLN G 218 -36.50 -11.19 -14.39
C GLN G 218 -37.53 -12.26 -14.05
N THR G 219 -37.88 -13.09 -15.03
CA THR G 219 -38.97 -14.05 -14.84
C THR G 219 -38.79 -15.40 -15.54
N THR G 220 -37.57 -15.95 -15.54
CA THR G 220 -37.36 -17.29 -16.11
C THR G 220 -36.40 -18.16 -15.32
N PHE G 221 -35.69 -17.58 -14.36
CA PHE G 221 -34.77 -18.37 -13.53
C PHE G 221 -35.53 -19.03 -12.38
N ASN G 222 -36.35 -20.02 -12.70
CA ASN G 222 -37.21 -20.65 -11.73
C ASN G 222 -36.53 -21.73 -10.90
N ASP G 223 -35.51 -22.36 -11.47
CA ASP G 223 -34.82 -23.45 -10.79
C ASP G 223 -34.17 -23.02 -9.48
N MET G 224 -33.47 -21.89 -9.50
CA MET G 224 -32.80 -21.42 -8.29
C MET G 224 -33.81 -20.94 -7.25
N ILE G 225 -34.98 -20.52 -7.72
CA ILE G 225 -36.02 -20.02 -6.83
C ILE G 225 -36.73 -21.16 -6.12
N LYS G 226 -36.90 -22.28 -6.83
CA LYS G 226 -37.45 -23.48 -6.23
C LYS G 226 -36.45 -24.07 -5.26
N ILE G 227 -35.20 -24.20 -5.71
CA ILE G 227 -34.12 -24.73 -4.89
C ILE G 227 -34.00 -23.95 -3.59
N ALA G 228 -34.09 -22.62 -3.68
CA ALA G 228 -34.00 -21.76 -2.52
C ALA G 228 -35.20 -21.95 -1.58
N LEU G 229 -36.40 -21.83 -2.13
CA LEU G 229 -37.62 -21.95 -1.33
C LEU G 229 -37.72 -23.32 -0.65
N GLU G 230 -37.32 -24.37 -1.35
CA GLU G 230 -37.34 -25.72 -0.78
C GLU G 230 -36.27 -25.87 0.30
N SER G 231 -35.17 -25.14 0.15
CA SER G 231 -34.08 -25.21 1.12
C SER G 231 -34.52 -24.65 2.46
N VAL G 232 -35.38 -23.64 2.44
CA VAL G 232 -35.90 -23.06 3.67
C VAL G 232 -36.74 -24.09 4.42
N LEU G 233 -37.49 -24.88 3.68
CA LEU G 233 -38.33 -25.92 4.27
C LEU G 233 -37.50 -26.97 5.00
N LEU G 234 -36.40 -27.38 4.37
CA LEU G 234 -35.50 -28.37 4.96
C LEU G 234 -34.83 -27.82 6.22
N GLY G 235 -34.51 -26.53 6.21
CA GLY G 235 -33.85 -25.90 7.32
C GLY G 235 -34.72 -25.83 8.56
N ASP G 236 -36.03 -25.83 8.35
CA ASP G 236 -36.98 -25.74 9.44
C ASP G 236 -37.09 -27.03 10.24
N LYS G 237 -36.42 -28.07 9.76
CA LYS G 237 -36.45 -29.37 10.41
C LYS G 237 -35.04 -29.88 10.74
N ALA H 1 11.54 31.56 13.48
CA ALA H 1 12.20 30.86 12.37
C ALA H 1 12.09 29.35 12.51
N THR H 2 12.06 28.67 11.37
CA THR H 2 12.00 27.22 11.36
C THR H 2 13.36 26.66 10.96
N PRO H 3 13.57 25.36 11.18
CA PRO H 3 14.87 24.73 10.84
C PRO H 3 15.15 24.76 9.35
N HIS H 4 14.18 25.21 8.56
CA HIS H 4 14.33 25.19 7.11
C HIS H 4 14.12 26.57 6.49
N ILE H 5 13.64 27.51 7.30
CA ILE H 5 13.40 28.87 6.83
C ILE H 5 13.84 29.89 7.87
N ASN H 6 14.94 30.59 7.59
CA ASN H 6 15.45 31.59 8.51
C ASN H 6 14.76 32.94 8.34
N ALA H 7 13.55 33.04 8.87
CA ALA H 7 12.80 34.29 8.83
C ALA H 7 11.83 34.35 10.00
N GLU H 8 11.24 35.51 10.21
CA GLU H 8 10.23 35.67 11.27
C GLU H 8 8.89 36.09 10.71
N MET H 9 7.83 35.91 11.49
CA MET H 9 6.47 36.26 11.06
C MET H 9 6.43 37.67 10.50
N GLY H 10 5.91 37.81 9.29
CA GLY H 10 5.80 39.10 8.64
C GLY H 10 6.71 39.25 7.43
N ASP H 11 7.74 38.41 7.35
CA ASP H 11 8.70 38.48 6.25
C ASP H 11 8.09 37.98 4.95
N PHE H 12 7.09 37.12 5.05
CA PHE H 12 6.41 36.60 3.88
C PHE H 12 5.05 37.28 3.70
N ALA H 13 4.57 37.32 2.47
CA ALA H 13 3.22 37.75 2.20
C ALA H 13 2.28 36.64 2.64
N ASP H 14 0.99 36.82 2.47
CA ASP H 14 0.04 35.75 2.79
C ASP H 14 -0.12 34.86 1.57
N VAL H 15 0.61 35.18 0.52
CA VAL H 15 0.58 34.41 -0.71
C VAL H 15 2.01 34.19 -1.18
N VAL H 16 2.35 32.94 -1.46
CA VAL H 16 3.71 32.61 -1.90
C VAL H 16 3.68 31.86 -3.23
N LEU H 17 4.42 32.36 -4.21
CA LEU H 17 4.68 31.60 -5.43
C LEU H 17 5.87 30.71 -5.16
N MET H 18 5.80 29.46 -5.59
CA MET H 18 6.89 28.53 -5.34
C MET H 18 7.29 27.71 -6.56
N PRO H 19 8.40 28.08 -7.20
CA PRO H 19 9.01 27.19 -8.20
C PRO H 19 9.83 26.15 -7.45
N GLY H 20 10.17 25.04 -8.10
CA GLY H 20 11.05 24.08 -7.48
C GLY H 20 12.44 24.68 -7.33
N ASP H 21 12.88 25.37 -8.38
CA ASP H 21 14.23 25.91 -8.46
C ASP H 21 14.33 27.29 -7.80
N PRO H 22 15.05 27.36 -6.67
CA PRO H 22 15.28 28.62 -5.95
C PRO H 22 15.85 29.69 -6.87
N LEU H 23 16.76 29.29 -7.77
CA LEU H 23 17.36 30.22 -8.72
C LEU H 23 16.30 30.89 -9.58
N ARG H 24 15.18 30.21 -9.79
CA ARG H 24 14.11 30.77 -10.58
C ARG H 24 13.24 31.67 -9.72
N ALA H 25 13.13 31.33 -8.44
CA ALA H 25 12.45 32.20 -7.50
C ALA H 25 13.15 33.55 -7.48
N LYS H 26 14.48 33.51 -7.44
CA LYS H 26 15.29 34.71 -7.47
C LYS H 26 15.03 35.49 -8.76
N TYR H 27 14.98 34.77 -9.87
CA TYR H 27 14.69 35.40 -11.16
C TYR H 27 13.32 36.07 -11.14
N ILE H 28 12.32 35.34 -10.65
CA ILE H 28 10.97 35.88 -10.51
C ILE H 28 10.98 37.16 -9.70
N ALA H 29 11.64 37.12 -8.54
CA ALA H 29 11.68 38.26 -7.65
C ALA H 29 12.27 39.50 -8.30
N GLU H 30 13.24 39.30 -9.19
CA GLU H 30 13.98 40.43 -9.78
C GLU H 30 13.41 40.91 -11.10
N THR H 31 12.46 40.16 -11.66
CA THR H 31 11.96 40.47 -13.00
C THR H 31 10.47 40.81 -13.02
N PHE H 32 9.75 40.41 -11.98
CA PHE H 32 8.32 40.66 -11.93
C PHE H 32 7.93 41.53 -10.74
N LEU H 33 8.73 41.47 -9.69
CA LEU H 33 8.41 42.20 -8.46
C LEU H 33 9.18 43.50 -8.35
N GLU H 34 8.78 44.33 -7.38
CA GLU H 34 9.51 45.54 -7.07
C GLU H 34 9.90 45.58 -5.60
N ASP H 35 11.05 46.19 -5.32
CA ASP H 35 11.56 46.31 -3.96
C ASP H 35 11.59 44.95 -3.29
N ALA H 36 12.23 43.99 -3.95
CA ALA H 36 12.33 42.63 -3.42
C ALA H 36 13.48 42.50 -2.44
N ARG H 37 13.20 41.81 -1.33
CA ARG H 37 14.21 41.53 -0.32
C ARG H 37 14.25 40.03 -0.09
N GLU H 38 15.46 39.47 -0.04
CA GLU H 38 15.61 38.06 0.27
C GLU H 38 15.22 37.80 1.71
N VAL H 39 14.33 36.83 1.91
CA VAL H 39 13.79 36.56 3.24
C VAL H 39 14.21 35.19 3.77
N ASN H 40 14.92 34.43 2.95
CA ASN H 40 15.49 33.15 3.39
C ASN H 40 16.60 32.67 2.47
N ASN H 41 17.57 31.96 3.04
CA ASN H 41 18.68 31.41 2.28
C ASN H 41 19.21 30.10 2.86
N VAL H 42 18.45 29.54 3.80
CA VAL H 42 18.81 28.25 4.40
C VAL H 42 18.80 27.12 3.37
N ARG H 43 19.89 26.38 3.29
CA ARG H 43 20.03 25.29 2.33
C ARG H 43 19.97 25.80 0.89
N GLY H 44 20.16 27.12 0.73
CA GLY H 44 20.16 27.73 -0.59
C GLY H 44 18.77 27.85 -1.19
N MET H 45 17.75 27.55 -0.40
CA MET H 45 16.37 27.64 -0.88
C MET H 45 15.87 29.07 -0.81
N LEU H 46 16.37 29.89 -1.72
CA LEU H 46 16.11 31.32 -1.74
C LEU H 46 14.63 31.66 -1.70
N GLY H 47 14.27 32.63 -0.87
CA GLY H 47 12.92 33.14 -0.79
C GLY H 47 12.95 34.66 -0.78
N PHE H 48 11.98 35.29 -1.45
CA PHE H 48 11.97 36.74 -1.59
C PHE H 48 10.58 37.32 -1.38
N THR H 49 10.55 38.57 -0.92
CA THR H 49 9.29 39.29 -0.76
C THR H 49 9.36 40.64 -1.46
N GLY H 50 8.28 41.01 -2.11
CA GLY H 50 8.22 42.28 -2.85
C GLY H 50 6.79 42.65 -3.17
N THR H 51 6.61 43.46 -4.21
CA THR H 51 5.27 43.88 -4.60
C THR H 51 5.03 43.69 -6.10
N TYR H 52 3.80 43.31 -6.44
CA TYR H 52 3.37 43.22 -7.82
C TYR H 52 2.12 44.06 -7.98
N LYS H 53 2.23 45.14 -8.75
CA LYS H 53 1.14 46.09 -8.91
C LYS H 53 0.56 46.47 -7.55
N GLY H 54 1.45 46.76 -6.61
CA GLY H 54 1.05 47.23 -5.28
C GLY H 54 0.68 46.11 -4.33
N ARG H 55 0.62 44.88 -4.82
CA ARG H 55 0.22 43.73 -4.03
C ARG H 55 1.45 43.07 -3.42
N LYS H 56 1.46 42.95 -2.09
CA LYS H 56 2.57 42.29 -1.42
C LYS H 56 2.58 40.80 -1.74
N ILE H 57 3.65 40.34 -2.38
CA ILE H 57 3.75 38.93 -2.75
C ILE H 57 5.15 38.37 -2.47
N SER H 58 5.22 37.06 -2.23
CA SER H 58 6.49 36.39 -1.99
C SER H 58 6.74 35.33 -3.06
N VAL H 59 8.02 35.02 -3.28
CA VAL H 59 8.41 33.95 -4.19
C VAL H 59 9.54 33.16 -3.53
N MET H 60 9.45 31.84 -3.59
CA MET H 60 10.40 30.99 -2.88
C MET H 60 10.39 29.57 -3.42
N GLY H 61 11.58 29.01 -3.62
CA GLY H 61 11.71 27.65 -4.10
C GLY H 61 11.25 26.64 -3.06
N HIS H 62 10.86 25.45 -3.52
CA HIS H 62 10.37 24.43 -2.60
C HIS H 62 11.09 23.10 -2.75
N GLY H 63 12.12 23.08 -3.59
CA GLY H 63 12.91 21.88 -3.79
C GLY H 63 12.18 20.84 -4.62
N MET H 64 12.83 19.71 -4.87
CA MET H 64 12.24 18.65 -5.67
C MET H 64 11.61 17.54 -4.84
N GLY H 65 10.38 17.18 -5.16
CA GLY H 65 9.72 16.06 -4.53
C GLY H 65 8.72 16.45 -3.47
N ILE H 66 7.76 15.57 -3.22
CA ILE H 66 6.72 15.81 -2.24
C ILE H 66 7.25 16.12 -0.84
N PRO H 67 8.12 15.23 -0.31
CA PRO H 67 8.67 15.42 1.03
C PRO H 67 9.26 16.81 1.21
N SER H 68 9.98 17.28 0.20
CA SER H 68 10.64 18.59 0.26
C SER H 68 9.64 19.73 0.40
N CYS H 69 8.82 19.93 -0.61
CA CYS H 69 7.86 21.03 -0.60
C CYS H 69 6.91 20.89 0.59
N SER H 70 6.73 19.66 1.08
CA SER H 70 5.89 19.41 2.24
C SER H 70 6.40 20.20 3.43
N ILE H 71 7.72 20.19 3.61
CA ILE H 71 8.36 20.94 4.67
C ILE H 71 8.10 22.43 4.54
N TYR H 72 8.51 23.01 3.41
CA TYR H 72 8.38 24.46 3.21
C TYR H 72 6.93 24.95 3.32
N THR H 73 6.02 24.34 2.57
CA THR H 73 4.63 24.74 2.58
C THR H 73 4.02 24.67 3.97
N LYS H 74 4.36 23.61 4.71
CA LYS H 74 3.86 23.44 6.06
C LYS H 74 4.34 24.58 6.95
N GLU H 75 5.65 24.77 7.02
CA GLU H 75 6.24 25.80 7.85
C GLU H 75 5.73 27.20 7.48
N LEU H 76 5.44 27.40 6.20
CA LEU H 76 4.89 28.66 5.73
C LEU H 76 3.51 28.92 6.32
N ILE H 77 2.65 27.92 6.21
CA ILE H 77 1.28 28.03 6.70
C ILE H 77 1.23 28.24 8.21
N THR H 78 1.99 27.43 8.94
CA THR H 78 1.88 27.41 10.39
C THR H 78 2.70 28.46 11.12
N ASP H 79 3.78 28.92 10.50
CA ASP H 79 4.71 29.83 11.19
C ASP H 79 4.82 31.22 10.57
N PHE H 80 4.16 31.43 9.43
CA PHE H 80 4.24 32.71 8.75
C PHE H 80 2.90 33.18 8.20
N GLY H 81 1.82 32.57 8.70
CA GLY H 81 0.47 32.99 8.38
C GLY H 81 0.12 32.98 6.90
N VAL H 82 0.84 32.18 6.13
CA VAL H 82 0.59 32.07 4.70
C VAL H 82 -0.79 31.47 4.43
N LYS H 83 -1.59 32.17 3.65
CA LYS H 83 -2.94 31.72 3.32
C LYS H 83 -2.95 30.90 2.05
N LYS H 84 -2.17 31.34 1.06
CA LYS H 84 -2.19 30.73 -0.27
C LYS H 84 -0.80 30.32 -0.76
N ILE H 85 -0.73 29.15 -1.39
CA ILE H 85 0.49 28.71 -2.05
C ILE H 85 0.18 28.46 -3.52
N ILE H 86 0.93 29.12 -4.41
CA ILE H 86 0.80 28.85 -5.84
C ILE H 86 2.10 28.25 -6.36
N ARG H 87 2.09 26.95 -6.58
CA ARG H 87 3.26 26.29 -7.17
C ARG H 87 3.22 26.44 -8.67
N VAL H 88 4.35 26.80 -9.26
CA VAL H 88 4.46 26.88 -10.70
C VAL H 88 5.73 26.17 -11.16
N GLY H 89 5.59 25.32 -12.15
CA GLY H 89 6.71 24.54 -12.63
C GLY H 89 6.43 23.83 -13.93
N SER H 90 7.30 22.89 -14.28
CA SER H 90 7.19 22.17 -15.53
C SER H 90 6.64 20.77 -15.33
N CYS H 91 6.01 20.23 -16.36
CA CYS H 91 5.45 18.88 -16.30
C CYS H 91 5.55 18.20 -17.66
N GLY H 92 5.56 16.87 -17.66
CA GLY H 92 5.63 16.11 -18.89
C GLY H 92 4.27 15.61 -19.30
N ALA H 93 4.01 15.56 -20.60
CA ALA H 93 2.69 15.15 -21.09
C ALA H 93 2.66 13.68 -21.48
N VAL H 94 1.45 13.10 -21.49
CA VAL H 94 1.26 11.71 -21.89
C VAL H 94 0.05 11.57 -22.79
N LEU H 95 -0.77 12.62 -22.87
CA LEU H 95 -1.91 12.64 -23.75
C LEU H 95 -1.54 13.24 -25.11
N PRO H 96 -1.94 12.56 -26.20
CA PRO H 96 -1.64 13.01 -27.56
C PRO H 96 -2.05 14.46 -27.80
N HIS H 97 -3.22 14.85 -27.33
CA HIS H 97 -3.73 16.20 -27.59
C HIS H 97 -2.98 17.27 -26.80
N VAL H 98 -2.46 16.91 -25.64
CA VAL H 98 -1.68 17.84 -24.83
C VAL H 98 -0.34 18.15 -25.48
N LYS H 99 -0.18 19.38 -25.96
CA LYS H 99 1.02 19.79 -26.68
C LYS H 99 2.05 20.41 -25.74
N LEU H 100 3.26 20.59 -26.26
CA LEU H 100 4.33 21.23 -25.49
C LEU H 100 4.02 22.71 -25.30
N ARG H 101 4.59 23.31 -24.26
CA ARG H 101 4.36 24.72 -23.96
C ARG H 101 2.97 24.97 -23.40
N ASP H 102 2.06 24.03 -23.62
CA ASP H 102 0.71 24.12 -23.08
C ASP H 102 0.74 24.28 -21.56
N VAL H 103 -0.18 25.11 -21.05
CA VAL H 103 -0.29 25.32 -19.61
C VAL H 103 -1.41 24.47 -19.03
N VAL H 104 -1.07 23.63 -18.06
CA VAL H 104 -2.07 22.78 -17.43
C VAL H 104 -2.24 23.14 -15.94
N ILE H 105 -3.49 23.33 -15.53
CA ILE H 105 -3.81 23.65 -14.15
C ILE H 105 -4.42 22.45 -13.45
N GLY H 106 -3.81 22.03 -12.35
CA GLY H 106 -4.26 20.85 -11.64
C GLY H 106 -5.24 21.14 -10.52
N MET H 107 -6.53 20.99 -10.80
CA MET H 107 -7.52 21.07 -9.74
C MET H 107 -7.38 19.84 -8.85
N GLY H 108 -6.94 18.75 -9.45
CA GLY H 108 -6.65 17.53 -8.71
C GLY H 108 -5.22 17.06 -8.98
N ALA H 109 -4.70 16.21 -8.11
CA ALA H 109 -3.36 15.68 -8.29
C ALA H 109 -3.24 14.22 -7.84
N CYS H 110 -3.10 13.33 -8.82
CA CYS H 110 -2.84 11.93 -8.52
C CYS H 110 -1.41 11.79 -8.03
N THR H 111 -1.08 10.63 -7.48
CA THR H 111 0.28 10.40 -6.99
C THR H 111 0.55 8.94 -6.66
N ASP H 112 1.81 8.54 -6.76
CA ASP H 112 2.23 7.22 -6.31
C ASP H 112 2.94 7.33 -4.96
N SER H 113 2.80 8.50 -4.34
CA SER H 113 3.31 8.72 -2.99
C SER H 113 2.42 8.03 -1.97
N LYS H 114 2.83 8.04 -0.72
CA LYS H 114 2.10 7.36 0.35
C LYS H 114 1.66 8.35 1.43
N VAL H 115 2.12 9.59 1.33
CA VAL H 115 1.84 10.60 2.35
C VAL H 115 0.34 10.75 2.61
N ASN H 116 -0.44 10.84 1.54
CA ASN H 116 -1.87 11.06 1.65
C ASN H 116 -2.64 9.87 2.23
N ARG H 117 -2.16 8.65 1.96
CA ARG H 117 -2.77 7.46 2.54
C ARG H 117 -2.47 7.38 4.03
N ILE H 118 -1.30 7.85 4.41
CA ILE H 118 -0.94 7.90 5.83
C ILE H 118 -1.85 8.88 6.55
N ARG H 119 -2.17 9.98 5.89
CA ARG H 119 -3.05 10.99 6.47
C ARG H 119 -4.49 10.51 6.55
N PHE H 120 -4.91 9.73 5.56
CA PHE H 120 -6.31 9.41 5.38
C PHE H 120 -6.62 7.93 5.69
N LYS H 121 -6.07 7.44 6.79
CA LYS H 121 -6.27 6.05 7.22
C LYS H 121 -6.25 5.04 6.07
N ASP H 122 -5.35 5.28 5.12
CA ASP H 122 -5.11 4.36 4.01
C ASP H 122 -6.28 4.30 3.04
N HIS H 123 -7.03 5.38 2.95
CA HIS H 123 -8.08 5.49 1.96
C HIS H 123 -7.65 6.48 0.88
N ASP H 124 -8.53 6.71 -0.10
CA ASP H 124 -8.21 7.61 -1.20
C ASP H 124 -8.57 9.05 -0.86
N PHE H 125 -7.55 9.88 -0.70
CA PHE H 125 -7.77 11.31 -0.53
C PHE H 125 -7.66 12.01 -1.87
N ALA H 126 -8.71 12.73 -2.24
CA ALA H 126 -8.71 13.49 -3.49
C ALA H 126 -7.89 14.76 -3.32
N ALA H 127 -6.57 14.63 -3.46
CA ALA H 127 -5.69 15.78 -3.38
C ALA H 127 -6.08 16.82 -4.42
N ILE H 128 -6.77 17.86 -3.98
CA ILE H 128 -7.31 18.87 -4.89
C ILE H 128 -6.86 20.27 -4.52
N ALA H 129 -6.80 21.13 -5.54
CA ALA H 129 -6.50 22.53 -5.34
C ALA H 129 -7.74 23.25 -4.82
N ASP H 130 -7.57 24.52 -4.45
CA ASP H 130 -8.70 25.33 -4.02
C ASP H 130 -9.43 25.85 -5.25
N PHE H 131 -10.74 25.66 -5.28
CA PHE H 131 -11.54 26.03 -6.45
C PHE H 131 -11.34 27.50 -6.85
N ASP H 132 -11.58 28.41 -5.92
CA ASP H 132 -11.43 29.84 -6.20
C ASP H 132 -10.09 30.15 -6.83
N MET H 133 -9.03 29.51 -6.32
CA MET H 133 -7.70 29.69 -6.88
C MET H 133 -7.60 29.09 -8.28
N VAL H 134 -8.36 28.02 -8.52
CA VAL H 134 -8.37 27.39 -9.83
C VAL H 134 -9.00 28.32 -10.87
N ARG H 135 -10.11 28.96 -10.49
CA ARG H 135 -10.82 29.85 -11.41
C ARG H 135 -10.10 31.19 -11.55
N ASN H 136 -9.52 31.68 -10.46
CA ASN H 136 -8.71 32.88 -10.52
C ASN H 136 -7.63 32.73 -11.59
N ALA H 137 -7.05 31.54 -11.67
CA ALA H 137 -6.04 31.24 -12.68
C ALA H 137 -6.66 31.14 -14.06
N VAL H 138 -7.72 30.35 -14.17
CA VAL H 138 -8.42 30.17 -15.43
C VAL H 138 -8.76 31.52 -16.06
N ASP H 139 -9.36 32.40 -15.25
CA ASP H 139 -9.75 33.73 -15.72
C ASP H 139 -8.54 34.57 -16.09
N ALA H 140 -7.51 34.52 -15.24
CA ALA H 140 -6.28 35.27 -15.50
C ALA H 140 -5.70 34.88 -16.85
N ALA H 141 -5.72 33.57 -17.14
CA ALA H 141 -5.21 33.07 -18.41
C ALA H 141 -6.02 33.60 -19.58
N LYS H 142 -7.34 33.68 -19.40
CA LYS H 142 -8.20 34.23 -20.43
C LYS H 142 -7.82 35.68 -20.75
N ALA H 143 -7.71 36.50 -19.71
CA ALA H 143 -7.35 37.89 -19.88
C ALA H 143 -6.00 38.05 -20.58
N LEU H 144 -5.07 37.15 -20.26
CA LEU H 144 -3.74 37.18 -20.85
C LEU H 144 -3.75 36.53 -22.23
N GLY H 145 -4.91 36.04 -22.64
CA GLY H 145 -5.06 35.42 -23.94
C GLY H 145 -4.33 34.10 -24.06
N ILE H 146 -4.03 33.49 -22.92
CA ILE H 146 -3.34 32.21 -22.89
C ILE H 146 -4.29 31.06 -22.63
N ASP H 147 -4.25 30.05 -23.49
CA ASP H 147 -5.10 28.88 -23.31
C ASP H 147 -4.62 28.06 -22.11
N ALA H 148 -5.54 27.43 -21.42
CA ALA H 148 -5.21 26.66 -20.22
C ALA H 148 -6.12 25.46 -20.03
N ARG H 149 -5.54 24.27 -19.97
CA ARG H 149 -6.30 23.05 -19.73
C ARG H 149 -6.42 22.82 -18.23
N VAL H 150 -7.58 22.38 -17.79
CA VAL H 150 -7.79 22.12 -16.36
C VAL H 150 -8.10 20.64 -16.15
N GLY H 151 -7.42 20.03 -15.18
CA GLY H 151 -7.64 18.62 -14.89
C GLY H 151 -6.68 18.05 -13.86
N ASN H 152 -6.35 16.78 -14.04
CA ASN H 152 -5.48 16.08 -13.11
C ASN H 152 -4.01 16.19 -13.47
N LEU H 153 -3.19 16.37 -12.45
CA LEU H 153 -1.74 16.24 -12.60
C LEU H 153 -1.36 14.93 -11.95
N PHE H 154 -0.17 14.43 -12.25
CA PHE H 154 0.36 13.27 -11.54
C PHE H 154 1.65 13.66 -10.81
N SER H 155 1.64 13.50 -9.49
CA SER H 155 2.82 13.77 -8.68
C SER H 155 3.57 12.48 -8.44
N ALA H 156 4.75 12.36 -9.04
CA ALA H 156 5.56 11.15 -8.93
C ALA H 156 6.67 11.32 -7.90
N ASP H 157 6.96 10.24 -7.17
CA ASP H 157 8.08 10.24 -6.23
C ASP H 157 9.40 10.06 -6.96
N LEU H 158 9.40 9.27 -8.02
CA LEU H 158 10.62 8.96 -8.75
C LEU H 158 10.66 9.60 -10.13
N PHE H 159 11.61 10.51 -10.32
CA PHE H 159 11.83 11.14 -11.61
C PHE H 159 12.23 10.07 -12.61
N TYR H 160 12.98 9.08 -12.15
CA TYR H 160 13.38 7.97 -13.00
C TYR H 160 12.64 6.69 -12.63
N SER H 161 11.35 6.66 -12.96
CA SER H 161 10.49 5.54 -12.63
C SER H 161 10.83 4.31 -13.48
N PRO H 162 10.90 3.14 -12.84
CA PRO H 162 11.17 1.88 -13.52
C PRO H 162 9.88 1.27 -14.07
N ASP H 163 8.77 1.95 -13.84
CA ASP H 163 7.47 1.46 -14.24
C ASP H 163 6.93 2.19 -15.47
N GLY H 164 7.44 1.81 -16.64
CA GLY H 164 7.04 2.46 -17.88
C GLY H 164 5.59 2.20 -18.26
N GLU H 165 4.98 1.21 -17.63
CA GLU H 165 3.59 0.86 -17.91
C GLU H 165 2.63 1.86 -17.29
N MET H 166 3.09 2.54 -16.24
CA MET H 166 2.24 3.46 -15.50
C MET H 166 1.85 4.67 -16.33
N PHE H 167 2.71 5.06 -17.28
CA PHE H 167 2.44 6.20 -18.14
C PHE H 167 1.19 5.96 -18.98
N ASP H 168 1.00 4.71 -19.37
CA ASP H 168 -0.17 4.32 -20.15
C ASP H 168 -1.44 4.41 -19.30
N VAL H 169 -1.32 4.00 -18.04
CA VAL H 169 -2.43 4.11 -17.10
C VAL H 169 -2.81 5.57 -16.91
N MET H 170 -1.81 6.43 -16.77
CA MET H 170 -2.06 7.87 -16.65
C MET H 170 -2.85 8.36 -17.86
N GLU H 171 -2.38 7.98 -19.05
CA GLU H 171 -3.03 8.39 -20.29
C GLU H 171 -4.48 7.93 -20.33
N LYS H 172 -4.69 6.65 -20.02
CA LYS H 172 -6.03 6.06 -20.05
C LYS H 172 -7.02 6.85 -19.19
N TYR H 173 -6.52 7.45 -18.11
CA TYR H 173 -7.38 8.19 -17.20
C TYR H 173 -7.12 9.70 -17.26
N GLY H 174 -6.61 10.15 -18.41
CA GLY H 174 -6.54 11.55 -18.75
C GLY H 174 -5.69 12.46 -17.87
N ILE H 175 -4.61 11.94 -17.30
CA ILE H 175 -3.69 12.81 -16.58
C ILE H 175 -3.13 13.82 -17.55
N LEU H 176 -3.16 15.10 -17.18
CA LEU H 176 -2.77 16.16 -18.09
C LEU H 176 -1.28 16.49 -18.05
N GLY H 177 -0.70 16.44 -16.87
CA GLY H 177 0.71 16.73 -16.70
C GLY H 177 1.36 15.91 -15.61
N VAL H 178 2.65 15.62 -15.78
CA VAL H 178 3.38 14.81 -14.82
C VAL H 178 4.49 15.62 -14.15
N GLU H 179 4.34 15.86 -12.86
CA GLU H 179 5.36 16.53 -12.06
C GLU H 179 5.58 15.78 -10.75
N MET H 180 6.02 16.46 -9.70
CA MET H 180 6.45 15.74 -8.50
C MET H 180 5.99 16.31 -7.14
N GLU H 181 5.15 17.34 -7.14
CA GLU H 181 4.87 18.06 -5.90
C GLU H 181 3.39 18.35 -5.62
N ALA H 182 2.61 18.54 -6.68
CA ALA H 182 1.22 18.95 -6.55
C ALA H 182 0.45 18.24 -5.43
N ALA H 183 0.47 16.92 -5.44
CA ALA H 183 -0.33 16.13 -4.51
C ALA H 183 0.09 16.33 -3.06
N GLY H 184 1.41 16.43 -2.83
CA GLY H 184 1.92 16.64 -1.49
C GLY H 184 1.55 18.00 -0.95
N ILE H 185 1.56 19.00 -1.82
CA ILE H 185 1.22 20.37 -1.44
C ILE H 185 -0.27 20.48 -1.11
N TYR H 186 -1.12 19.92 -1.96
CA TYR H 186 -2.54 19.90 -1.68
C TYR H 186 -2.82 19.14 -0.37
N GLY H 187 -2.03 18.10 -0.12
CA GLY H 187 -2.13 17.36 1.12
C GLY H 187 -1.87 18.26 2.32
N VAL H 188 -0.78 19.02 2.24
CA VAL H 188 -0.43 19.97 3.29
C VAL H 188 -1.50 21.04 3.46
N ALA H 189 -2.05 21.50 2.34
CA ALA H 189 -3.09 22.52 2.34
C ALA H 189 -4.33 22.02 3.10
N ALA H 190 -4.73 20.79 2.83
CA ALA H 190 -5.88 20.21 3.51
C ALA H 190 -5.60 19.99 4.99
N GLU H 191 -4.45 19.42 5.30
CA GLU H 191 -4.11 19.08 6.68
C GLU H 191 -4.09 20.30 7.60
N PHE H 192 -3.56 21.41 7.07
CA PHE H 192 -3.36 22.61 7.87
C PHE H 192 -4.30 23.74 7.48
N GLY H 193 -5.33 23.40 6.71
CA GLY H 193 -6.39 24.34 6.39
C GLY H 193 -5.93 25.62 5.70
N ALA H 194 -5.18 25.48 4.64
CA ALA H 194 -4.81 26.61 3.79
C ALA H 194 -5.26 26.34 2.37
N LYS H 195 -4.86 27.19 1.45
CA LYS H 195 -5.25 27.02 0.05
C LYS H 195 -4.02 26.91 -0.85
N ALA H 196 -4.10 26.04 -1.84
CA ALA H 196 -2.98 25.82 -2.75
C ALA H 196 -3.41 25.51 -4.17
N LEU H 197 -2.54 25.84 -5.11
CA LEU H 197 -2.78 25.54 -6.52
C LEU H 197 -1.45 25.27 -7.21
N THR H 198 -1.47 24.38 -8.20
CA THR H 198 -0.30 24.11 -8.99
C THR H 198 -0.56 24.38 -10.47
N ILE H 199 0.29 25.21 -11.07
CA ILE H 199 0.22 25.48 -12.49
C ILE H 199 1.52 24.98 -13.12
N CYS H 200 1.40 24.27 -14.23
CA CYS H 200 2.57 23.73 -14.91
C CYS H 200 2.60 24.12 -16.38
N THR H 201 3.75 23.93 -16.99
CA THR H 201 3.90 24.12 -18.43
C THR H 201 4.56 22.89 -19.02
N VAL H 202 3.81 22.18 -19.87
CA VAL H 202 4.33 20.97 -20.51
C VAL H 202 5.72 21.23 -21.09
N SER H 203 6.74 20.84 -20.33
CA SER H 203 8.12 21.13 -20.70
C SER H 203 8.71 20.04 -21.59
N ASP H 204 7.96 18.96 -21.77
CA ASP H 204 8.40 17.86 -22.60
C ASP H 204 7.30 16.82 -22.75
N HIS H 205 7.49 15.88 -23.66
CA HIS H 205 6.52 14.82 -23.84
C HIS H 205 7.13 13.49 -23.44
N ILE H 206 6.63 12.93 -22.33
CA ILE H 206 7.11 11.65 -21.83
C ILE H 206 7.10 10.58 -22.92
N ARG H 207 6.19 10.73 -23.87
CA ARG H 207 6.06 9.79 -24.97
C ARG H 207 7.16 9.99 -26.02
N THR H 208 7.03 11.07 -26.78
CA THR H 208 7.91 11.35 -27.90
C THR H 208 9.33 11.70 -27.45
N HIS H 209 9.51 11.90 -26.16
CA HIS H 209 10.80 12.30 -25.59
C HIS H 209 11.23 13.67 -26.09
N GLU H 210 10.45 14.23 -27.01
CA GLU H 210 10.74 15.55 -27.57
C GLU H 210 10.48 16.63 -26.53
N GLN H 211 11.54 17.30 -26.09
CA GLN H 211 11.43 18.35 -25.09
C GLN H 211 11.37 19.72 -25.75
N THR H 212 10.92 20.70 -24.99
CA THR H 212 10.93 22.08 -25.46
C THR H 212 12.35 22.62 -25.40
N THR H 213 12.65 23.61 -26.22
CA THR H 213 13.99 24.18 -26.27
C THR H 213 14.22 25.12 -25.07
N ALA H 214 15.49 25.35 -24.75
CA ALA H 214 15.85 26.21 -23.63
C ALA H 214 15.20 27.58 -23.77
N ALA H 215 15.08 28.04 -25.01
CA ALA H 215 14.49 29.35 -25.30
C ALA H 215 12.98 29.34 -25.06
N GLU H 216 12.34 28.24 -25.40
CA GLU H 216 10.89 28.11 -25.23
C GLU H 216 10.47 27.93 -23.78
N ARG H 217 11.40 27.47 -22.95
CA ARG H 217 11.10 27.21 -21.54
C ARG H 217 11.01 28.50 -20.72
N GLN H 218 12.07 29.30 -20.74
CA GLN H 218 12.07 30.58 -20.05
C GLN H 218 10.83 31.39 -20.41
N THR H 219 10.50 31.40 -21.70
CA THR H 219 9.29 32.09 -22.18
C THR H 219 8.06 31.59 -21.44
N THR H 220 7.77 30.30 -21.59
CA THR H 220 6.59 29.70 -20.99
C THR H 220 6.51 29.91 -19.48
N PHE H 221 7.66 29.90 -18.82
CA PHE H 221 7.71 30.19 -17.39
C PHE H 221 7.13 31.56 -17.11
N ASN H 222 7.50 32.53 -17.92
CA ASN H 222 7.00 33.89 -17.76
C ASN H 222 5.48 33.96 -17.84
N ASP H 223 4.91 33.17 -18.74
CA ASP H 223 3.45 33.12 -18.90
C ASP H 223 2.80 32.52 -17.65
N MET H 224 3.37 31.42 -17.19
CA MET H 224 2.93 30.76 -15.97
C MET H 224 2.92 31.75 -14.81
N ILE H 225 3.95 32.57 -14.74
CA ILE H 225 4.10 33.56 -13.67
C ILE H 225 3.03 34.64 -13.75
N LYS H 226 2.80 35.18 -14.94
CA LYS H 226 1.79 36.22 -15.11
C LYS H 226 0.41 35.68 -14.71
N ILE H 227 0.13 34.44 -15.06
CA ILE H 227 -1.13 33.81 -14.69
C ILE H 227 -1.23 33.69 -13.17
N ALA H 228 -0.12 33.35 -12.53
CA ALA H 228 -0.08 33.25 -11.07
C ALA H 228 -0.36 34.59 -10.41
N LEU H 229 0.53 35.55 -10.63
CA LEU H 229 0.42 36.87 -10.02
C LEU H 229 -0.95 37.51 -10.29
N GLU H 230 -1.36 37.53 -11.56
CA GLU H 230 -2.65 38.10 -11.94
C GLU H 230 -3.82 37.40 -11.26
N SER H 231 -3.75 36.08 -11.17
CA SER H 231 -4.81 35.31 -10.52
C SER H 231 -4.93 35.70 -9.06
N VAL H 232 -3.79 35.98 -8.44
CA VAL H 232 -3.77 36.47 -7.06
C VAL H 232 -4.57 37.74 -6.96
N LEU H 233 -4.26 38.71 -7.81
CA LEU H 233 -4.99 39.98 -7.84
C LEU H 233 -6.49 39.75 -7.96
N LEU H 234 -6.88 38.87 -8.88
CA LEU H 234 -8.29 38.55 -9.08
C LEU H 234 -8.95 38.04 -7.80
N GLY H 235 -8.26 37.15 -7.10
CA GLY H 235 -8.77 36.59 -5.87
C GLY H 235 -8.96 37.66 -4.81
N ASP H 236 -8.11 38.68 -4.84
CA ASP H 236 -8.16 39.77 -3.86
C ASP H 236 -9.44 40.59 -3.94
N LYS H 237 -10.21 40.37 -5.00
CA LYS H 237 -11.49 41.08 -5.16
C LYS H 237 -12.67 40.16 -4.87
N ALA I 1 8.21 -25.20 30.34
CA ALA I 1 8.58 -25.30 28.94
C ALA I 1 7.56 -24.58 28.05
N THR I 2 7.59 -24.90 26.76
CA THR I 2 6.65 -24.34 25.81
C THR I 2 5.93 -25.46 25.06
N PRO I 3 4.85 -25.14 24.36
CA PRO I 3 4.11 -26.14 23.57
C PRO I 3 4.95 -26.71 22.43
N HIS I 4 6.08 -26.07 22.13
CA HIS I 4 6.91 -26.50 21.01
C HIS I 4 8.31 -26.93 21.42
N ILE I 5 8.71 -26.60 22.64
CA ILE I 5 10.01 -26.99 23.15
C ILE I 5 9.93 -27.61 24.55
N ASN I 6 10.11 -28.92 24.62
CA ASN I 6 10.12 -29.63 25.88
C ASN I 6 11.46 -29.49 26.58
N ALA I 7 11.69 -28.31 27.17
CA ALA I 7 12.93 -28.04 27.90
C ALA I 7 12.73 -26.90 28.89
N GLU I 8 13.70 -26.71 29.77
CA GLU I 8 13.62 -25.65 30.75
C GLU I 8 14.82 -24.72 30.63
N MET I 9 14.66 -23.49 31.10
CA MET I 9 15.74 -22.51 31.07
C MET I 9 17.04 -23.13 31.56
N GLY I 10 18.12 -22.90 30.80
CA GLY I 10 19.41 -23.47 31.15
C GLY I 10 19.82 -24.57 30.19
N ASP I 11 18.82 -25.24 29.60
CA ASP I 11 19.08 -26.33 28.66
C ASP I 11 19.77 -25.82 27.39
N PHE I 12 19.48 -24.58 27.03
CA PHE I 12 20.06 -23.99 25.82
C PHE I 12 21.19 -23.03 26.15
N ALA I 13 22.22 -23.03 25.31
CA ALA I 13 23.28 -22.04 25.43
C ALA I 13 22.71 -20.69 25.02
N ASP I 14 23.40 -19.61 25.35
CA ASP I 14 22.92 -18.28 25.00
C ASP I 14 23.03 -18.02 23.50
N VAL I 15 23.69 -18.94 22.81
CA VAL I 15 23.78 -18.89 21.36
C VAL I 15 23.27 -20.20 20.77
N VAL I 16 22.50 -20.11 19.70
CA VAL I 16 21.93 -21.29 19.06
C VAL I 16 22.09 -21.24 17.54
N LEU I 17 22.66 -22.31 16.98
CA LEU I 17 22.73 -22.46 15.54
C LEU I 17 21.50 -23.18 15.05
N MET I 18 20.93 -22.72 13.93
CA MET I 18 19.68 -23.27 13.45
C MET I 18 19.64 -23.51 11.95
N PRO I 19 19.72 -24.78 11.54
CA PRO I 19 19.35 -25.17 10.19
C PRO I 19 17.87 -25.49 10.17
N GLY I 20 17.22 -25.39 9.02
CA GLY I 20 15.80 -25.69 8.95
C GLY I 20 15.57 -27.15 9.24
N ASP I 21 16.50 -27.98 8.76
CA ASP I 21 16.40 -29.43 8.91
C ASP I 21 16.87 -29.86 10.29
N PRO I 22 15.95 -30.44 11.08
CA PRO I 22 16.30 -30.97 12.41
C PRO I 22 17.40 -32.02 12.30
N LEU I 23 17.33 -32.87 11.28
CA LEU I 23 18.36 -33.88 11.06
C LEU I 23 19.71 -33.22 10.80
N ARG I 24 19.69 -32.06 10.18
CA ARG I 24 20.91 -31.30 9.96
C ARG I 24 21.47 -30.90 11.33
N ALA I 25 20.58 -30.46 12.21
CA ALA I 25 20.97 -30.12 13.57
C ALA I 25 21.60 -31.34 14.27
N LYS I 26 20.95 -32.49 14.14
CA LYS I 26 21.48 -33.72 14.71
C LYS I 26 22.88 -34.00 14.17
N TYR I 27 23.11 -33.63 12.91
CA TYR I 27 24.41 -33.82 12.29
C TYR I 27 25.44 -32.86 12.86
N ILE I 28 25.03 -31.61 13.04
CA ILE I 28 25.93 -30.58 13.56
C ILE I 28 26.38 -30.89 14.98
N ALA I 29 25.52 -31.54 15.75
CA ALA I 29 25.83 -31.86 17.14
C ALA I 29 26.82 -33.02 17.22
N GLU I 30 26.64 -33.99 16.33
CA GLU I 30 27.40 -35.22 16.37
C GLU I 30 28.81 -35.08 15.79
N THR I 31 29.06 -34.00 15.06
CA THR I 31 30.35 -33.84 14.39
C THR I 31 31.10 -32.56 14.74
N PHE I 32 30.45 -31.66 15.47
CA PHE I 32 31.06 -30.36 15.77
C PHE I 32 31.06 -30.00 17.26
N LEU I 33 30.28 -30.73 18.05
CA LEU I 33 30.22 -30.47 19.49
C LEU I 33 30.54 -31.71 20.31
N GLU I 34 31.23 -31.51 21.43
CA GLU I 34 31.50 -32.59 22.36
C GLU I 34 30.47 -32.63 23.48
N ASP I 35 30.32 -33.79 24.11
CA ASP I 35 29.39 -33.97 25.22
C ASP I 35 28.01 -33.42 24.86
N ALA I 36 27.65 -33.54 23.60
CA ALA I 36 26.37 -33.05 23.12
C ALA I 36 25.22 -33.87 23.68
N ARG I 37 24.14 -33.19 24.05
CA ARG I 37 22.95 -33.85 24.59
C ARG I 37 21.70 -33.29 23.93
N GLU I 38 20.67 -34.12 23.80
CA GLU I 38 19.41 -33.69 23.20
C GLU I 38 18.56 -32.92 24.22
N VAL I 39 18.13 -31.73 23.86
CA VAL I 39 17.33 -30.91 24.77
C VAL I 39 15.87 -30.78 24.33
N ASN I 40 15.63 -30.88 23.02
CA ASN I 40 14.27 -30.85 22.50
C ASN I 40 14.01 -31.91 21.45
N ASN I 41 12.79 -32.44 21.44
CA ASN I 41 12.38 -33.43 20.45
C ASN I 41 10.90 -33.29 20.11
N VAL I 42 10.26 -32.26 20.65
CA VAL I 42 8.85 -32.00 20.38
C VAL I 42 8.64 -31.78 18.88
N ARG I 43 7.63 -32.44 18.33
CA ARG I 43 7.33 -32.34 16.90
C ARG I 43 8.52 -32.75 16.04
N GLY I 44 9.40 -33.57 16.59
CA GLY I 44 10.56 -34.05 15.86
C GLY I 44 11.57 -32.96 15.56
N MET I 45 11.29 -31.76 16.05
CA MET I 45 12.20 -30.64 15.84
C MET I 45 13.36 -30.70 16.83
N LEU I 46 14.28 -31.61 16.56
CA LEU I 46 15.38 -31.92 17.46
C LEU I 46 16.24 -30.70 17.78
N GLY I 47 16.67 -30.62 19.04
CA GLY I 47 17.55 -29.56 19.49
C GLY I 47 18.56 -30.12 20.47
N PHE I 48 19.83 -29.76 20.29
CA PHE I 48 20.88 -30.30 21.12
C PHE I 48 21.71 -29.22 21.81
N THR I 49 22.41 -29.60 22.87
CA THR I 49 23.30 -28.69 23.57
C THR I 49 24.61 -29.39 23.92
N GLY I 50 25.71 -28.86 23.39
CA GLY I 50 27.04 -29.37 23.68
C GLY I 50 28.04 -28.24 23.81
N THR I 51 29.30 -28.53 23.47
CA THR I 51 30.34 -27.50 23.50
C THR I 51 31.22 -27.57 22.26
N TYR I 52 31.74 -26.42 21.86
CA TYR I 52 32.66 -26.33 20.73
C TYR I 52 33.89 -25.55 21.15
N LYS I 53 35.03 -26.24 21.21
CA LYS I 53 36.26 -25.62 21.69
C LYS I 53 36.03 -24.98 23.06
N GLY I 54 35.35 -25.71 23.93
CA GLY I 54 35.13 -25.27 25.30
C GLY I 54 34.00 -24.27 25.46
N ARG I 55 33.43 -23.85 24.35
CA ARG I 55 32.34 -22.87 24.36
C ARG I 55 31.01 -23.60 24.30
N LYS I 56 30.11 -23.29 25.22
CA LYS I 56 28.81 -23.94 25.26
C LYS I 56 27.93 -23.45 24.11
N ILE I 57 27.45 -24.39 23.30
CA ILE I 57 26.66 -24.07 22.12
C ILE I 57 25.47 -25.01 21.96
N SER I 58 24.37 -24.48 21.44
CA SER I 58 23.19 -25.27 21.12
C SER I 58 22.93 -25.23 19.62
N VAL I 59 22.24 -26.25 19.11
CA VAL I 59 21.86 -26.28 17.71
C VAL I 59 20.51 -26.99 17.58
N MET I 60 19.60 -26.38 16.82
CA MET I 60 18.26 -26.92 16.70
C MET I 60 17.59 -26.48 15.41
N GLY I 61 16.78 -27.34 14.82
CA GLY I 61 16.07 -27.03 13.60
C GLY I 61 15.01 -25.96 13.82
N HIS I 62 14.74 -25.17 12.79
CA HIS I 62 13.72 -24.13 12.89
C HIS I 62 12.57 -24.35 11.91
N GLY I 63 12.60 -25.46 11.18
CA GLY I 63 11.56 -25.77 10.22
C GLY I 63 11.57 -24.85 9.02
N MET I 64 10.75 -25.16 8.02
CA MET I 64 10.70 -24.37 6.80
C MET I 64 9.65 -23.27 6.90
N GLY I 65 10.01 -22.07 6.45
CA GLY I 65 9.06 -20.97 6.38
C GLY I 65 9.14 -20.01 7.55
N ILE I 66 8.82 -18.75 7.30
CA ILE I 66 8.88 -17.71 8.31
C ILE I 66 8.08 -18.04 9.57
N PRO I 67 6.80 -18.42 9.40
CA PRO I 67 5.97 -18.76 10.57
C PRO I 67 6.60 -19.81 11.48
N SER I 68 7.25 -20.81 10.90
CA SER I 68 7.84 -21.89 11.66
C SER I 68 8.99 -21.40 12.54
N CYS I 69 10.02 -20.84 11.91
CA CYS I 69 11.19 -20.38 12.64
C CYS I 69 10.86 -19.19 13.54
N SER I 70 9.77 -18.51 13.24
CA SER I 70 9.32 -17.39 14.06
C SER I 70 8.94 -17.88 15.45
N ILE I 71 8.32 -19.06 15.51
CA ILE I 71 7.92 -19.66 16.78
C ILE I 71 9.13 -20.07 17.61
N TYR I 72 10.04 -20.81 16.99
CA TYR I 72 11.19 -21.36 17.69
C TYR I 72 12.16 -20.28 18.17
N THR I 73 12.48 -19.32 17.30
CA THR I 73 13.41 -18.25 17.67
C THR I 73 12.83 -17.38 18.78
N LYS I 74 11.55 -17.05 18.65
CA LYS I 74 10.87 -16.24 19.66
C LYS I 74 10.91 -16.93 21.01
N GLU I 75 10.51 -18.20 21.05
CA GLU I 75 10.50 -18.95 22.30
C GLU I 75 11.90 -19.09 22.89
N LEU I 76 12.89 -19.27 22.02
CA LEU I 76 14.28 -19.39 22.46
C LEU I 76 14.77 -18.11 23.12
N ILE I 77 14.29 -16.97 22.63
CA ILE I 77 14.66 -15.68 23.18
C ILE I 77 13.99 -15.42 24.54
N THR I 78 12.67 -15.37 24.55
CA THR I 78 11.93 -14.98 25.75
C THR I 78 11.87 -16.07 26.83
N ASP I 79 12.00 -17.33 26.42
CA ASP I 79 11.78 -18.45 27.34
C ASP I 79 13.04 -19.22 27.71
N PHE I 80 14.11 -19.04 26.93
CA PHE I 80 15.35 -19.76 27.20
C PHE I 80 16.57 -18.84 27.23
N GLY I 81 16.31 -17.54 27.16
CA GLY I 81 17.35 -16.54 27.40
C GLY I 81 18.37 -16.37 26.28
N VAL I 82 18.14 -17.03 25.15
CA VAL I 82 19.06 -16.93 24.02
C VAL I 82 19.22 -15.48 23.56
N LYS I 83 20.43 -15.10 23.17
CA LYS I 83 20.66 -13.76 22.67
C LYS I 83 21.40 -13.74 21.34
N LYS I 84 21.63 -14.92 20.77
CA LYS I 84 22.21 -15.03 19.44
C LYS I 84 21.66 -16.21 18.65
N ILE I 85 21.04 -15.91 17.51
CA ILE I 85 20.52 -16.95 16.63
C ILE I 85 21.30 -16.93 15.32
N ILE I 86 22.01 -18.01 15.03
CA ILE I 86 22.71 -18.12 13.76
C ILE I 86 22.06 -19.17 12.86
N ARG I 87 21.22 -18.70 11.95
CA ARG I 87 20.60 -19.59 10.97
C ARG I 87 21.62 -20.01 9.92
N VAL I 88 21.68 -21.31 9.67
CA VAL I 88 22.57 -21.86 8.64
C VAL I 88 21.76 -22.71 7.68
N GLY I 89 21.37 -22.13 6.55
CA GLY I 89 20.52 -22.82 5.60
C GLY I 89 21.04 -22.81 4.18
N SER I 90 20.33 -23.51 3.31
CA SER I 90 20.66 -23.54 1.89
C SER I 90 19.81 -22.52 1.15
N CYS I 91 20.26 -22.12 -0.04
CA CYS I 91 19.54 -21.11 -0.80
C CYS I 91 19.88 -21.14 -2.28
N GLY I 92 18.90 -20.84 -3.13
CA GLY I 92 19.13 -20.78 -4.56
C GLY I 92 19.60 -19.41 -5.00
N ALA I 93 20.40 -19.38 -6.06
CA ALA I 93 20.92 -18.12 -6.57
C ALA I 93 20.18 -17.69 -7.83
N VAL I 94 20.15 -16.39 -8.07
CA VAL I 94 19.56 -15.84 -9.30
C VAL I 94 20.60 -15.03 -10.06
N LEU I 95 21.66 -14.63 -9.36
CA LEU I 95 22.74 -13.89 -9.99
C LEU I 95 23.66 -14.82 -10.77
N PRO I 96 23.98 -14.44 -12.02
CA PRO I 96 24.83 -15.22 -12.93
C PRO I 96 26.23 -15.46 -12.38
N HIS I 97 26.75 -14.53 -11.59
CA HIS I 97 28.09 -14.66 -11.05
C HIS I 97 28.14 -15.36 -9.70
N VAL I 98 26.99 -15.44 -9.03
CA VAL I 98 26.89 -16.25 -7.82
C VAL I 98 26.86 -17.72 -8.22
N LYS I 99 27.88 -18.45 -7.84
CA LYS I 99 28.04 -19.83 -8.26
C LYS I 99 27.51 -20.79 -7.20
N LEU I 100 27.40 -22.06 -7.56
CA LEU I 100 26.96 -23.08 -6.64
C LEU I 100 27.96 -23.20 -5.50
N ARG I 101 27.48 -23.67 -4.35
CA ARG I 101 28.36 -23.94 -3.21
C ARG I 101 28.94 -22.69 -2.55
N ASP I 102 28.74 -21.53 -3.18
CA ASP I 102 29.19 -20.27 -2.60
C ASP I 102 28.56 -20.04 -1.23
N VAL I 103 29.25 -19.27 -0.39
CA VAL I 103 28.72 -18.90 0.92
C VAL I 103 28.32 -17.43 0.96
N VAL I 104 27.07 -17.15 1.28
CA VAL I 104 26.58 -15.78 1.35
C VAL I 104 26.06 -15.44 2.74
N ILE I 105 26.36 -14.22 3.19
CA ILE I 105 25.93 -13.76 4.50
C ILE I 105 24.89 -12.67 4.34
N GLY I 106 23.67 -12.94 4.79
CA GLY I 106 22.57 -12.03 4.60
C GLY I 106 22.53 -10.89 5.60
N MET I 107 23.22 -9.80 5.28
CA MET I 107 23.23 -8.63 6.13
C MET I 107 21.84 -8.00 6.13
N GLY I 108 21.11 -8.23 5.05
CA GLY I 108 19.71 -7.83 4.95
C GLY I 108 18.91 -8.97 4.37
N ALA I 109 17.59 -8.96 4.60
CA ALA I 109 16.73 -10.01 4.07
C ALA I 109 15.39 -9.47 3.55
N CYS I 110 15.23 -9.46 2.23
CA CYS I 110 13.98 -9.07 1.61
C CYS I 110 12.95 -10.18 1.81
N THR I 111 11.69 -9.89 1.53
CA THR I 111 10.63 -10.88 1.71
C THR I 111 9.31 -10.48 1.07
N ASP I 112 8.52 -11.48 0.70
CA ASP I 112 7.18 -11.26 0.16
C ASP I 112 6.13 -11.60 1.23
N SER I 113 6.59 -11.88 2.44
CA SER I 113 5.70 -12.19 3.55
C SER I 113 5.14 -10.90 4.15
N LYS I 114 4.11 -11.04 4.99
CA LYS I 114 3.44 -9.87 5.55
C LYS I 114 3.71 -9.73 7.05
N VAL I 115 4.64 -10.52 7.57
CA VAL I 115 4.92 -10.53 9.00
C VAL I 115 5.44 -9.18 9.50
N ASN I 116 6.30 -8.54 8.72
CA ASN I 116 6.89 -7.26 9.14
C ASN I 116 5.99 -6.06 8.86
N ARG I 117 5.20 -6.14 7.78
CA ARG I 117 4.19 -5.13 7.52
C ARG I 117 3.30 -5.01 8.74
N ILE I 118 2.92 -6.16 9.29
CA ILE I 118 2.10 -6.22 10.49
C ILE I 118 2.79 -5.56 11.68
N ARG I 119 4.05 -5.90 11.90
CA ARG I 119 4.84 -5.33 12.99
C ARG I 119 5.03 -3.83 12.84
N PHE I 120 5.12 -3.35 11.60
CA PHE I 120 5.64 -2.02 11.35
C PHE I 120 4.63 -1.06 10.70
N LYS I 121 3.38 -1.13 11.15
CA LYS I 121 2.31 -0.29 10.60
C LYS I 121 2.30 -0.27 9.08
N ASP I 122 2.31 -1.45 8.48
CA ASP I 122 2.31 -1.58 7.02
C ASP I 122 3.28 -0.63 6.33
N HIS I 123 4.46 -0.48 6.91
CA HIS I 123 5.53 0.28 6.28
C HIS I 123 6.68 -0.64 5.96
N ASP I 124 7.77 -0.06 5.46
CA ASP I 124 8.93 -0.88 5.07
C ASP I 124 9.95 -0.96 6.19
N PHE I 125 10.04 -2.14 6.79
CA PHE I 125 11.03 -2.40 7.82
C PHE I 125 12.19 -3.18 7.22
N ALA I 126 13.39 -2.62 7.28
CA ALA I 126 14.57 -3.32 6.79
C ALA I 126 14.92 -4.46 7.72
N ALA I 127 14.65 -5.69 7.29
CA ALA I 127 15.01 -6.87 8.06
C ALA I 127 16.52 -7.10 7.96
N ILE I 128 17.26 -6.54 8.91
CA ILE I 128 18.71 -6.62 8.88
C ILE I 128 19.26 -7.43 10.05
N ALA I 129 20.40 -8.09 9.83
CA ALA I 129 21.06 -8.84 10.88
C ALA I 129 21.87 -7.92 11.79
N ASP I 130 22.42 -8.50 12.86
CA ASP I 130 23.27 -7.76 13.79
C ASP I 130 24.67 -7.58 13.19
N PHE I 131 25.07 -6.32 13.01
CA PHE I 131 26.33 -6.03 12.33
C PHE I 131 27.50 -6.82 12.88
N ASP I 132 27.71 -6.76 14.18
CA ASP I 132 28.84 -7.44 14.81
C ASP I 132 28.88 -8.93 14.46
N MET I 133 27.71 -9.57 14.50
CA MET I 133 27.62 -10.97 14.09
C MET I 133 28.06 -11.13 12.65
N VAL I 134 27.49 -10.31 11.76
CA VAL I 134 27.90 -10.30 10.37
C VAL I 134 29.41 -10.22 10.27
N ARG I 135 29.98 -9.27 11.00
CA ARG I 135 31.43 -9.06 11.01
C ARG I 135 32.16 -10.34 11.43
N ASN I 136 31.77 -10.89 12.57
CA ASN I 136 32.38 -12.12 13.06
C ASN I 136 32.41 -13.21 12.00
N ALA I 137 31.32 -13.31 11.25
CA ALA I 137 31.21 -14.35 10.21
C ALA I 137 32.15 -14.05 9.05
N VAL I 138 32.21 -12.78 8.64
CA VAL I 138 33.12 -12.37 7.58
C VAL I 138 34.56 -12.69 7.96
N ASP I 139 34.96 -12.28 9.16
CA ASP I 139 36.31 -12.54 9.65
C ASP I 139 36.58 -14.04 9.78
N ALA I 140 35.65 -14.75 10.42
CA ALA I 140 35.81 -16.19 10.61
C ALA I 140 35.95 -16.91 9.27
N ALA I 141 35.34 -16.35 8.24
CA ALA I 141 35.41 -16.91 6.89
C ALA I 141 36.79 -16.68 6.27
N LYS I 142 37.38 -15.53 6.56
CA LYS I 142 38.72 -15.23 6.06
C LYS I 142 39.74 -16.13 6.72
N ALA I 143 39.55 -16.41 8.01
CA ALA I 143 40.45 -17.27 8.74
C ALA I 143 40.47 -18.69 8.18
N LEU I 144 39.34 -19.10 7.59
CA LEU I 144 39.23 -20.41 6.99
C LEU I 144 39.46 -20.36 5.49
N GLY I 145 40.04 -19.27 5.03
CA GLY I 145 40.31 -19.09 3.61
C GLY I 145 39.08 -19.33 2.76
N ILE I 146 37.92 -19.12 3.35
CA ILE I 146 36.65 -19.31 2.64
C ILE I 146 36.10 -17.98 2.17
N ASP I 147 35.67 -17.93 0.91
CA ASP I 147 35.04 -16.75 0.36
C ASP I 147 33.62 -16.61 0.90
N ALA I 148 33.10 -15.40 0.89
CA ALA I 148 31.75 -15.14 1.39
C ALA I 148 31.20 -13.81 0.92
N ARG I 149 30.14 -13.87 0.12
CA ARG I 149 29.45 -12.65 -0.32
C ARG I 149 28.57 -12.13 0.81
N VAL I 150 28.46 -10.81 0.92
CA VAL I 150 27.65 -10.20 1.96
C VAL I 150 26.65 -9.21 1.37
N GLY I 151 25.37 -9.58 1.42
CA GLY I 151 24.33 -8.73 0.89
C GLY I 151 22.94 -9.17 1.29
N ASN I 152 21.96 -8.85 0.45
CA ASN I 152 20.56 -9.19 0.70
C ASN I 152 20.23 -10.63 0.37
N LEU I 153 19.38 -11.23 1.20
CA LEU I 153 18.76 -12.50 0.88
C LEU I 153 17.31 -12.22 0.50
N PHE I 154 16.58 -13.26 0.16
CA PHE I 154 15.14 -13.12 -0.03
C PHE I 154 14.41 -14.27 0.67
N SER I 155 13.48 -13.92 1.54
CA SER I 155 12.68 -14.92 2.24
C SER I 155 11.34 -15.06 1.54
N ALA I 156 11.10 -16.22 0.95
CA ALA I 156 9.85 -16.48 0.24
C ALA I 156 8.90 -17.34 1.08
N ASP I 157 7.63 -16.95 1.08
CA ASP I 157 6.60 -17.78 1.69
C ASP I 157 6.34 -19.01 0.83
N LEU I 158 6.30 -18.81 -0.48
CA LEU I 158 6.02 -19.90 -1.40
C LEU I 158 7.29 -20.44 -2.06
N PHE I 159 7.66 -21.66 -1.67
CA PHE I 159 8.78 -22.34 -2.31
C PHE I 159 8.43 -22.58 -3.78
N TYR I 160 7.13 -22.71 -4.06
CA TYR I 160 6.65 -22.82 -5.43
C TYR I 160 5.79 -21.60 -5.75
N SER I 161 6.43 -20.54 -6.22
CA SER I 161 5.73 -19.28 -6.47
C SER I 161 5.12 -19.21 -7.87
N PRO I 162 3.89 -18.69 -7.97
CA PRO I 162 3.22 -18.50 -9.26
C PRO I 162 3.85 -17.36 -10.04
N ASP I 163 4.69 -16.59 -9.36
CA ASP I 163 5.30 -15.41 -9.94
C ASP I 163 6.75 -15.65 -10.34
N GLY I 164 6.95 -16.24 -11.50
CA GLY I 164 8.29 -16.49 -12.00
C GLY I 164 9.03 -15.22 -12.35
N GLU I 165 8.28 -14.18 -12.68
CA GLU I 165 8.86 -12.87 -13.02
C GLU I 165 9.59 -12.26 -11.84
N MET I 166 9.17 -12.62 -10.64
CA MET I 166 9.76 -12.06 -9.42
C MET I 166 11.25 -12.36 -9.29
N PHE I 167 11.70 -13.48 -9.86
CA PHE I 167 13.11 -13.83 -9.81
C PHE I 167 13.95 -12.79 -10.54
N ASP I 168 13.50 -12.39 -11.72
CA ASP I 168 14.18 -11.37 -12.49
C ASP I 168 14.27 -10.08 -11.68
N VAL I 169 13.19 -9.76 -10.97
CA VAL I 169 13.21 -8.62 -10.06
C VAL I 169 14.30 -8.80 -9.02
N MET I 170 14.37 -9.99 -8.43
CA MET I 170 15.38 -10.28 -7.41
C MET I 170 16.79 -10.03 -7.96
N GLU I 171 17.01 -10.49 -9.20
CA GLU I 171 18.31 -10.35 -9.84
C GLU I 171 18.64 -8.89 -10.11
N LYS I 172 17.64 -8.12 -10.54
CA LYS I 172 17.86 -6.72 -10.88
C LYS I 172 18.41 -5.95 -9.68
N TYR I 173 17.90 -6.30 -8.49
CA TYR I 173 18.30 -5.60 -7.28
C TYR I 173 19.32 -6.41 -6.46
N GLY I 174 19.87 -7.43 -7.10
CA GLY I 174 21.05 -8.11 -6.60
C GLY I 174 20.90 -8.97 -5.37
N ILE I 175 19.73 -9.60 -5.22
CA ILE I 175 19.56 -10.60 -4.17
C ILE I 175 20.60 -11.68 -4.38
N LEU I 176 21.30 -12.06 -3.31
CA LEU I 176 22.34 -13.06 -3.41
C LEU I 176 21.77 -14.48 -3.37
N GLY I 177 20.98 -14.76 -2.33
CA GLY I 177 20.39 -16.08 -2.18
C GLY I 177 18.89 -16.00 -1.93
N VAL I 178 18.19 -17.08 -2.29
CA VAL I 178 16.76 -17.17 -2.09
C VAL I 178 16.45 -18.28 -1.10
N GLU I 179 16.05 -17.89 0.11
CA GLU I 179 15.65 -18.85 1.14
C GLU I 179 14.27 -18.48 1.68
N MET I 180 13.92 -18.96 2.87
CA MET I 180 12.54 -18.84 3.33
C MET I 180 12.36 -18.39 4.79
N GLU I 181 13.44 -17.96 5.44
CA GLU I 181 13.38 -17.72 6.89
C GLU I 181 13.98 -16.39 7.34
N ALA I 182 15.12 -16.03 6.75
CA ALA I 182 15.88 -14.85 7.20
C ALA I 182 14.99 -13.70 7.65
N ALA I 183 14.20 -13.16 6.72
CA ALA I 183 13.36 -12.01 7.00
C ALA I 183 12.57 -12.14 8.30
N GLY I 184 12.03 -13.33 8.55
CA GLY I 184 11.24 -13.58 9.74
C GLY I 184 12.07 -13.58 11.00
N ILE I 185 13.22 -14.26 10.96
CA ILE I 185 14.11 -14.34 12.12
C ILE I 185 14.60 -12.96 12.53
N TYR I 186 14.94 -12.14 11.54
CA TYR I 186 15.36 -10.77 11.80
C TYR I 186 14.23 -9.98 12.44
N GLY I 187 13.00 -10.26 12.00
CA GLY I 187 11.84 -9.63 12.59
C GLY I 187 11.74 -9.94 14.07
N VAL I 188 11.78 -11.24 14.40
CA VAL I 188 11.68 -11.67 15.79
C VAL I 188 12.77 -11.03 16.65
N ALA I 189 14.02 -11.12 16.18
CA ALA I 189 15.16 -10.58 16.90
C ALA I 189 14.96 -9.09 17.19
N ALA I 190 14.47 -8.36 16.20
CA ALA I 190 14.24 -6.93 16.36
C ALA I 190 13.07 -6.65 17.31
N GLU I 191 12.12 -7.58 17.36
CA GLU I 191 10.92 -7.40 18.18
C GLU I 191 11.17 -7.68 19.65
N PHE I 192 12.16 -8.51 19.93
CA PHE I 192 12.43 -8.93 21.31
C PHE I 192 13.81 -8.52 21.80
N GLY I 193 14.46 -7.63 21.04
CA GLY I 193 15.76 -7.11 21.44
C GLY I 193 16.86 -8.15 21.48
N ALA I 194 16.88 -9.05 20.51
CA ALA I 194 17.92 -10.06 20.41
C ALA I 194 18.71 -9.88 19.12
N LYS I 195 19.73 -10.72 18.93
CA LYS I 195 20.59 -10.64 17.75
C LYS I 195 20.53 -11.93 16.95
N ALA I 196 20.62 -11.80 15.63
CA ALA I 196 20.57 -12.96 14.75
C ALA I 196 21.35 -12.74 13.45
N LEU I 197 21.79 -13.83 12.84
CA LEU I 197 22.49 -13.77 11.57
C LEU I 197 22.10 -14.97 10.73
N THR I 198 22.03 -14.78 9.41
CA THR I 198 21.72 -15.86 8.50
C THR I 198 22.87 -16.08 7.51
N ILE I 199 23.45 -17.27 7.57
CA ILE I 199 24.47 -17.66 6.60
C ILE I 199 23.90 -18.75 5.70
N CYS I 200 24.09 -18.59 4.40
CA CYS I 200 23.54 -19.54 3.44
C CYS I 200 24.58 -20.07 2.48
N THR I 201 24.40 -21.33 2.09
CA THR I 201 25.21 -21.94 1.04
C THR I 201 24.35 -22.13 -0.19
N VAL I 202 24.83 -21.66 -1.34
CA VAL I 202 24.12 -21.79 -2.60
C VAL I 202 23.97 -23.26 -2.99
N SER I 203 22.79 -23.82 -2.74
CA SER I 203 22.57 -25.26 -2.98
C SER I 203 22.16 -25.54 -4.41
N ASP I 204 21.57 -24.56 -5.09
CA ASP I 204 21.19 -24.72 -6.48
C ASP I 204 20.88 -23.40 -7.18
N HIS I 205 21.21 -23.33 -8.46
CA HIS I 205 21.03 -22.12 -9.24
C HIS I 205 19.70 -22.17 -9.98
N ILE I 206 18.96 -21.08 -9.95
CA ILE I 206 17.65 -21.01 -10.58
C ILE I 206 17.76 -20.75 -12.09
N ARG I 207 18.90 -20.18 -12.50
CA ARG I 207 19.14 -19.89 -13.90
C ARG I 207 19.68 -21.13 -14.64
N THR I 208 20.90 -21.53 -14.32
CA THR I 208 21.52 -22.68 -14.97
C THR I 208 20.88 -23.99 -14.52
N HIS I 209 19.99 -23.91 -13.53
CA HIS I 209 19.29 -25.07 -13.02
C HIS I 209 20.23 -26.11 -12.42
N GLU I 210 21.37 -25.66 -11.93
CA GLU I 210 22.30 -26.55 -11.25
C GLU I 210 21.69 -27.07 -9.96
N GLN I 211 22.28 -28.13 -9.41
CA GLN I 211 21.86 -28.68 -8.13
C GLN I 211 23.04 -29.38 -7.47
N THR I 212 23.08 -29.35 -6.14
CA THR I 212 24.18 -29.97 -5.41
C THR I 212 23.96 -31.46 -5.21
N THR I 213 24.99 -32.25 -5.48
CA THR I 213 24.98 -33.67 -5.18
C THR I 213 25.17 -33.84 -3.67
N ALA I 214 24.47 -34.80 -3.09
CA ALA I 214 24.53 -35.04 -1.65
C ALA I 214 25.96 -34.99 -1.11
N ALA I 215 26.93 -35.30 -1.96
CA ALA I 215 28.33 -35.22 -1.62
C ALA I 215 28.72 -33.78 -1.26
N GLU I 216 28.65 -32.90 -2.25
CA GLU I 216 28.96 -31.49 -2.06
C GLU I 216 27.86 -30.79 -1.27
N ARG I 217 26.67 -31.39 -1.28
CA ARG I 217 25.53 -30.88 -0.53
C ARG I 217 25.87 -30.81 0.95
N GLN I 218 26.67 -31.77 1.41
CA GLN I 218 27.07 -31.83 2.80
C GLN I 218 28.51 -31.36 2.99
N THR I 219 29.31 -31.44 1.93
CA THR I 219 30.68 -30.96 1.96
C THR I 219 30.70 -29.45 2.22
N THR I 220 29.82 -28.74 1.53
CA THR I 220 29.77 -27.29 1.61
C THR I 220 29.10 -26.80 2.89
N PHE I 221 28.15 -27.57 3.39
CA PHE I 221 27.44 -27.19 4.61
C PHE I 221 28.38 -27.18 5.81
N ASN I 222 29.37 -28.07 5.79
CA ASN I 222 30.37 -28.11 6.84
C ASN I 222 31.16 -26.81 6.93
N ASP I 223 31.49 -26.24 5.78
CA ASP I 223 32.16 -24.95 5.74
C ASP I 223 31.25 -23.88 6.34
N MET I 224 29.95 -24.08 6.20
CA MET I 224 28.97 -23.15 6.73
C MET I 224 28.95 -23.22 8.25
N ILE I 225 28.96 -24.45 8.78
CA ILE I 225 28.95 -24.66 10.22
C ILE I 225 30.20 -24.08 10.87
N LYS I 226 31.34 -24.31 10.24
CA LYS I 226 32.62 -23.84 10.77
C LYS I 226 32.63 -22.32 10.94
N ILE I 227 32.24 -21.60 9.89
CA ILE I 227 32.17 -20.14 9.96
C ILE I 227 31.28 -19.69 11.11
N ALA I 228 30.10 -20.28 11.20
CA ALA I 228 29.16 -19.94 12.27
C ALA I 228 29.81 -20.19 13.63
N LEU I 229 30.22 -21.43 13.87
CA LEU I 229 30.86 -21.82 15.12
C LEU I 229 32.06 -20.95 15.47
N GLU I 230 32.82 -20.56 14.45
CA GLU I 230 34.01 -19.75 14.66
C GLU I 230 33.67 -18.29 14.96
N SER I 231 32.67 -17.76 14.28
CA SER I 231 32.27 -16.38 14.47
C SER I 231 31.87 -16.15 15.93
N VAL I 232 31.17 -17.13 16.50
CA VAL I 232 30.73 -17.06 17.88
C VAL I 232 31.90 -16.80 18.83
N LEU I 233 32.98 -17.55 18.63
CA LEU I 233 34.17 -17.37 19.44
C LEU I 233 34.77 -15.98 19.22
N LEU I 234 34.62 -15.47 18.00
CA LEU I 234 35.10 -14.12 17.69
C LEU I 234 34.26 -13.07 18.41
N GLY I 235 32.96 -13.31 18.52
CA GLY I 235 32.07 -12.40 19.22
C GLY I 235 32.33 -12.37 20.71
N ASP I 236 32.76 -13.51 21.25
CA ASP I 236 33.00 -13.63 22.68
C ASP I 236 34.17 -12.77 23.15
N LYS I 237 34.66 -11.90 22.28
CA LYS I 237 35.75 -10.99 22.62
C LYS I 237 35.34 -9.54 22.41
N ALA J 1 -29.56 -1.63 -26.78
CA ALA J 1 -29.94 -1.81 -25.39
C ALA J 1 -28.91 -2.66 -24.63
N THR J 2 -28.98 -2.60 -23.31
CA THR J 2 -28.09 -3.40 -22.45
C THR J 2 -28.91 -4.21 -21.48
N PRO J 3 -28.26 -5.13 -20.74
CA PRO J 3 -28.98 -5.92 -19.74
C PRO J 3 -29.40 -5.08 -18.54
N HIS J 4 -29.07 -3.79 -18.55
CA HIS J 4 -29.39 -2.91 -17.43
C HIS J 4 -30.21 -1.69 -17.86
N ILE J 5 -30.27 -1.44 -19.16
CA ILE J 5 -31.04 -0.33 -19.70
C ILE J 5 -31.74 -0.74 -21.00
N ASN J 6 -33.07 -0.84 -20.94
CA ASN J 6 -33.86 -1.19 -22.12
C ASN J 6 -34.17 0.03 -22.97
N ALA J 7 -33.16 0.50 -23.70
CA ALA J 7 -33.31 1.67 -24.56
C ALA J 7 -32.31 1.59 -25.70
N GLU J 8 -32.58 2.32 -26.78
CA GLU J 8 -31.68 2.35 -27.92
C GLU J 8 -31.05 3.73 -28.02
N MET J 9 -30.08 3.88 -28.92
CA MET J 9 -29.41 5.16 -29.11
C MET J 9 -30.40 6.27 -29.41
N GLY J 10 -30.20 7.45 -28.81
CA GLY J 10 -31.05 8.59 -29.06
C GLY J 10 -32.15 8.75 -28.03
N ASP J 11 -32.41 7.68 -27.28
CA ASP J 11 -33.42 7.70 -26.24
C ASP J 11 -33.07 8.67 -25.11
N PHE J 12 -31.78 8.78 -24.81
CA PHE J 12 -31.30 9.71 -23.80
C PHE J 12 -30.69 10.94 -24.44
N ALA J 13 -30.75 12.07 -23.73
CA ALA J 13 -30.08 13.29 -24.17
C ALA J 13 -28.60 13.16 -23.86
N ASP J 14 -27.79 14.07 -24.39
CA ASP J 14 -26.35 14.00 -24.17
C ASP J 14 -26.01 14.31 -22.72
N VAL J 15 -26.98 14.82 -21.97
CA VAL J 15 -26.81 15.11 -20.56
C VAL J 15 -27.82 14.34 -19.73
N VAL J 16 -27.34 13.71 -18.65
CA VAL J 16 -28.21 12.93 -17.78
C VAL J 16 -28.03 13.29 -16.31
N LEU J 17 -29.11 13.76 -15.69
CA LEU J 17 -29.12 13.97 -14.25
C LEU J 17 -29.49 12.66 -13.57
N MET J 18 -28.79 12.32 -12.50
CA MET J 18 -29.01 11.03 -11.86
C MET J 18 -29.06 11.09 -10.34
N PRO J 19 -30.27 10.93 -9.77
CA PRO J 19 -30.43 10.74 -8.33
C PRO J 19 -30.18 9.28 -8.00
N GLY J 20 -29.91 8.98 -6.74
CA GLY J 20 -29.76 7.60 -6.32
C GLY J 20 -31.08 6.87 -6.42
N ASP J 21 -32.14 7.51 -5.98
CA ASP J 21 -33.47 6.92 -5.93
C ASP J 21 -34.26 7.16 -7.22
N PRO J 22 -34.68 6.07 -7.89
CA PRO J 22 -35.45 6.14 -9.13
C PRO J 22 -36.76 6.92 -8.97
N LEU J 23 -37.43 6.75 -7.83
CA LEU J 23 -38.67 7.48 -7.56
C LEU J 23 -38.43 8.98 -7.60
N ARG J 24 -37.26 9.41 -7.14
CA ARG J 24 -36.91 10.82 -7.17
C ARG J 24 -36.59 11.25 -8.60
N ALA J 25 -36.28 10.28 -9.44
CA ALA J 25 -36.04 10.56 -10.85
C ALA J 25 -37.38 10.78 -11.56
N LYS J 26 -38.38 10.00 -11.16
CA LYS J 26 -39.73 10.17 -11.69
C LYS J 26 -40.25 11.55 -11.32
N TYR J 27 -39.99 11.95 -10.08
CA TYR J 27 -40.39 13.26 -9.60
C TYR J 27 -39.75 14.35 -10.45
N ILE J 28 -38.42 14.30 -10.56
CA ILE J 28 -37.68 15.25 -11.37
C ILE J 28 -38.32 15.41 -12.75
N ALA J 29 -38.59 14.29 -13.40
CA ALA J 29 -39.16 14.29 -14.75
C ALA J 29 -40.55 14.91 -14.78
N GLU J 30 -41.34 14.63 -13.74
CA GLU J 30 -42.72 15.12 -13.69
C GLU J 30 -42.79 16.63 -13.48
N THR J 31 -41.97 17.15 -12.56
CA THR J 31 -42.11 18.53 -12.13
C THR J 31 -41.20 19.52 -12.86
N PHE J 32 -40.15 19.00 -13.51
CA PHE J 32 -39.16 19.88 -14.13
C PHE J 32 -39.04 19.76 -15.65
N LEU J 33 -39.40 18.60 -16.20
CA LEU J 33 -39.29 18.39 -17.64
C LEU J 33 -40.64 18.49 -18.34
N GLU J 34 -40.61 18.89 -19.61
CA GLU J 34 -41.82 18.96 -20.42
C GLU J 34 -41.90 17.77 -21.36
N ASP J 35 -43.10 17.23 -21.54
CA ASP J 35 -43.32 16.12 -22.45
C ASP J 35 -42.37 14.95 -22.18
N ALA J 36 -41.99 14.78 -20.91
CA ALA J 36 -41.07 13.73 -20.50
C ALA J 36 -41.67 12.35 -20.75
N ARG J 37 -40.86 11.44 -21.29
CA ARG J 37 -41.29 10.07 -21.52
C ARG J 37 -40.36 9.08 -20.83
N GLU J 38 -40.92 7.98 -20.33
CA GLU J 38 -40.13 6.93 -19.70
C GLU J 38 -39.24 6.28 -20.75
N VAL J 39 -37.94 6.24 -20.50
CA VAL J 39 -37.00 5.62 -21.43
C VAL J 39 -36.42 4.33 -20.87
N ASN J 40 -36.61 4.10 -19.58
CA ASN J 40 -36.16 2.85 -18.95
C ASN J 40 -36.94 2.47 -17.70
N ASN J 41 -37.16 1.17 -17.52
CA ASN J 41 -37.86 0.65 -16.36
C ASN J 41 -37.30 -0.68 -15.89
N VAL J 42 -36.12 -1.03 -16.41
CA VAL J 42 -35.46 -2.27 -16.03
C VAL J 42 -35.03 -2.21 -14.57
N ARG J 43 -35.21 -3.32 -13.85
CA ARG J 43 -34.84 -3.41 -12.45
C ARG J 43 -35.41 -2.25 -11.62
N GLY J 44 -36.46 -1.63 -12.15
CA GLY J 44 -37.14 -0.56 -11.44
C GLY J 44 -36.39 0.76 -11.47
N MET J 45 -35.22 0.76 -12.09
CA MET J 45 -34.39 1.96 -12.15
C MET J 45 -34.91 2.93 -13.21
N LEU J 46 -35.92 3.71 -12.85
CA LEU J 46 -36.63 4.56 -13.80
C LEU J 46 -35.76 5.64 -14.45
N GLY J 47 -35.78 5.67 -15.77
CA GLY J 47 -35.11 6.70 -16.54
C GLY J 47 -36.10 7.45 -17.42
N PHE J 48 -35.91 8.76 -17.54
CA PHE J 48 -36.84 9.60 -18.30
C PHE J 48 -36.10 10.54 -19.24
N THR J 49 -36.81 10.99 -20.28
CA THR J 49 -36.24 11.94 -21.24
C THR J 49 -37.28 12.97 -21.66
N GLY J 50 -36.97 14.24 -21.42
CA GLY J 50 -37.87 15.32 -21.77
C GLY J 50 -37.14 16.57 -22.20
N THR J 51 -37.69 17.72 -21.83
CA THR J 51 -37.06 19.00 -22.14
C THR J 51 -37.23 20.02 -21.02
N TYR J 52 -36.20 20.86 -20.87
CA TYR J 52 -36.23 21.96 -19.90
C TYR J 52 -35.87 23.24 -20.62
N LYS J 53 -36.82 24.16 -20.69
CA LYS J 53 -36.63 25.39 -21.45
C LYS J 53 -36.13 25.09 -22.85
N GLY J 54 -36.78 24.12 -23.49
CA GLY J 54 -36.48 23.76 -24.87
C GLY J 54 -35.26 22.88 -25.02
N ARG J 55 -34.61 22.55 -23.91
CA ARG J 55 -33.37 21.79 -23.93
C ARG J 55 -33.64 20.32 -23.62
N LYS J 56 -33.28 19.45 -24.55
CA LYS J 56 -33.47 18.01 -24.36
C LYS J 56 -32.63 17.52 -23.18
N ILE J 57 -33.30 16.95 -22.18
CA ILE J 57 -32.63 16.51 -20.96
C ILE J 57 -33.18 15.16 -20.48
N SER J 58 -32.30 14.34 -19.90
CA SER J 58 -32.71 13.06 -19.33
C SER J 58 -32.44 13.02 -17.84
N VAL J 59 -33.25 12.24 -17.12
CA VAL J 59 -33.04 12.01 -15.70
C VAL J 59 -33.30 10.56 -15.38
N MET J 60 -32.41 9.96 -14.60
CA MET J 60 -32.49 8.54 -14.31
C MET J 60 -31.79 8.22 -13.00
N GLY J 61 -32.34 7.28 -12.25
CA GLY J 61 -31.72 6.84 -11.02
C GLY J 61 -30.49 6.00 -11.30
N HIS J 62 -29.56 5.96 -10.34
CA HIS J 62 -28.34 5.17 -10.50
C HIS J 62 -28.15 4.16 -9.37
N GLY J 63 -29.10 4.13 -8.44
CA GLY J 63 -29.04 3.19 -7.34
C GLY J 63 -28.05 3.61 -6.25
N MET J 64 -28.02 2.84 -5.16
CA MET J 64 -27.15 3.17 -4.04
C MET J 64 -25.78 2.49 -4.16
N GLY J 65 -24.72 3.30 -4.14
CA GLY J 65 -23.38 2.76 -4.12
C GLY J 65 -22.61 2.98 -5.40
N ILE J 66 -21.28 2.85 -5.29
CA ILE J 66 -20.39 3.05 -6.42
C ILE J 66 -20.58 2.02 -7.55
N PRO J 67 -20.58 0.72 -7.21
CA PRO J 67 -20.72 -0.31 -8.24
C PRO J 67 -22.00 -0.11 -9.05
N SER J 68 -23.06 0.30 -8.37
CA SER J 68 -24.36 0.48 -9.00
C SER J 68 -24.34 1.63 -10.01
N CYS J 69 -23.96 2.82 -9.56
CA CYS J 69 -23.94 3.98 -10.43
C CYS J 69 -22.91 3.83 -11.55
N SER J 70 -21.88 3.04 -11.29
CA SER J 70 -20.82 2.81 -12.27
C SER J 70 -21.33 2.03 -13.47
N ILE J 71 -22.27 1.13 -13.23
CA ILE J 71 -22.88 0.35 -14.30
C ILE J 71 -23.74 1.23 -15.22
N TYR J 72 -24.54 2.10 -14.64
CA TYR J 72 -25.43 2.95 -15.43
C TYR J 72 -24.69 4.07 -16.17
N THR J 73 -23.72 4.67 -15.48
CA THR J 73 -22.96 5.76 -16.07
C THR J 73 -22.09 5.29 -17.24
N LYS J 74 -21.48 4.12 -17.08
CA LYS J 74 -20.66 3.54 -18.15
C LYS J 74 -21.52 3.28 -19.38
N GLU J 75 -22.66 2.63 -19.18
CA GLU J 75 -23.54 2.30 -20.28
C GLU J 75 -24.11 3.54 -20.94
N LEU J 76 -24.53 4.50 -20.13
CA LEU J 76 -25.02 5.77 -20.65
C LEU J 76 -23.98 6.43 -21.54
N ILE J 77 -22.72 6.31 -21.16
CA ILE J 77 -21.63 6.94 -21.90
C ILE J 77 -21.30 6.21 -23.19
N THR J 78 -20.99 4.92 -23.08
CA THR J 78 -20.48 4.15 -24.21
C THR J 78 -21.56 3.55 -25.10
N ASP J 79 -22.77 3.43 -24.58
CA ASP J 79 -23.87 2.83 -25.34
C ASP J 79 -24.98 3.83 -25.68
N PHE J 80 -24.94 5.01 -25.07
CA PHE J 80 -25.98 6.00 -25.30
C PHE J 80 -25.41 7.39 -25.61
N GLY J 81 -24.10 7.47 -25.83
CA GLY J 81 -23.46 8.69 -26.26
C GLY J 81 -23.52 9.84 -25.27
N VAL J 82 -24.07 9.57 -24.08
CA VAL J 82 -24.17 10.60 -23.05
C VAL J 82 -22.78 11.15 -22.76
N LYS J 83 -22.64 12.47 -22.80
CA LYS J 83 -21.33 13.09 -22.60
C LYS J 83 -21.24 13.97 -21.36
N LYS J 84 -22.36 14.13 -20.66
CA LYS J 84 -22.36 14.82 -19.37
C LYS J 84 -23.24 14.09 -18.36
N ILE J 85 -22.68 13.77 -17.20
CA ILE J 85 -23.47 13.19 -16.12
C ILE J 85 -23.44 14.05 -14.87
N ILE J 86 -24.61 14.53 -14.46
CA ILE J 86 -24.72 15.27 -13.21
C ILE J 86 -25.48 14.45 -12.18
N ARG J 87 -24.77 14.04 -11.13
CA ARG J 87 -25.40 13.34 -10.03
C ARG J 87 -25.93 14.33 -9.00
N VAL J 88 -27.16 14.12 -8.55
CA VAL J 88 -27.77 14.97 -7.54
C VAL J 88 -28.28 14.12 -6.38
N GLY J 89 -27.85 14.43 -5.17
CA GLY J 89 -28.24 13.65 -4.01
C GLY J 89 -27.94 14.31 -2.69
N SER J 90 -28.05 13.54 -1.61
CA SER J 90 -27.86 14.07 -0.26
C SER J 90 -26.55 13.58 0.36
N CYS J 91 -26.03 14.36 1.30
CA CYS J 91 -24.78 14.02 1.98
C CYS J 91 -24.83 14.40 3.45
N GLY J 92 -23.98 13.77 4.25
CA GLY J 92 -23.87 14.10 5.66
C GLY J 92 -22.71 15.05 5.89
N ALA J 93 -22.86 15.96 6.84
CA ALA J 93 -21.82 16.95 7.12
C ALA J 93 -21.03 16.62 8.38
N VAL J 94 -19.73 16.89 8.35
CA VAL J 94 -18.87 16.70 9.51
C VAL J 94 -18.27 18.02 9.96
N LEU J 95 -18.17 18.98 9.04
CA LEU J 95 -17.68 20.31 9.37
C LEU J 95 -18.76 21.14 10.05
N PRO J 96 -18.45 21.64 11.26
CA PRO J 96 -19.39 22.45 12.03
C PRO J 96 -19.87 23.69 11.27
N HIS J 97 -18.97 24.30 10.49
CA HIS J 97 -19.33 25.51 9.77
C HIS J 97 -20.07 25.21 8.46
N VAL J 98 -20.24 23.92 8.18
CA VAL J 98 -21.10 23.50 7.08
C VAL J 98 -22.48 23.21 7.65
N LYS J 99 -23.48 23.95 7.16
CA LYS J 99 -24.82 23.91 7.75
C LYS J 99 -25.78 22.99 7.00
N LEU J 100 -26.76 22.46 7.74
CA LEU J 100 -27.80 21.62 7.15
C LEU J 100 -28.51 22.38 6.02
N ARG J 101 -28.92 21.65 4.99
CA ARG J 101 -29.59 22.23 3.83
C ARG J 101 -28.64 22.98 2.89
N ASP J 102 -27.35 22.97 3.22
CA ASP J 102 -26.33 23.58 2.37
C ASP J 102 -26.11 22.79 1.09
N VAL J 103 -25.74 23.49 0.02
CA VAL J 103 -25.43 22.83 -1.24
C VAL J 103 -23.92 22.77 -1.44
N VAL J 104 -23.38 21.56 -1.50
CA VAL J 104 -21.95 21.38 -1.69
C VAL J 104 -21.64 20.73 -3.03
N ILE J 105 -20.78 21.38 -3.81
CA ILE J 105 -20.34 20.85 -5.09
C ILE J 105 -18.98 20.18 -4.92
N GLY J 106 -18.90 18.89 -5.23
CA GLY J 106 -17.67 18.15 -5.08
C GLY J 106 -16.78 18.22 -6.29
N MET J 107 -15.82 19.14 -6.29
CA MET J 107 -14.85 19.21 -7.36
C MET J 107 -14.03 17.92 -7.35
N GLY J 108 -13.87 17.35 -6.16
CA GLY J 108 -13.21 16.07 -5.99
C GLY J 108 -13.97 15.19 -5.01
N ALA J 109 -13.68 13.90 -5.02
CA ALA J 109 -14.33 12.96 -4.12
C ALA J 109 -13.36 11.91 -3.59
N CYS J 110 -13.25 11.84 -2.26
CA CYS J 110 -12.44 10.80 -1.62
C CYS J 110 -13.29 9.54 -1.53
N THR J 111 -12.67 8.41 -1.21
CA THR J 111 -13.41 7.17 -1.09
C THR J 111 -12.63 6.11 -0.32
N ASP J 112 -13.36 5.20 0.31
CA ASP J 112 -12.74 4.02 0.90
C ASP J 112 -13.02 2.81 0.03
N SER J 113 -13.39 3.07 -1.23
CA SER J 113 -13.56 2.02 -2.23
C SER J 113 -12.22 1.66 -2.85
N LYS J 114 -12.16 0.51 -3.50
CA LYS J 114 -10.91 0.04 -4.09
C LYS J 114 -10.96 0.05 -5.63
N VAL J 115 -12.00 0.66 -6.19
CA VAL J 115 -12.19 0.66 -7.64
C VAL J 115 -11.13 1.49 -8.37
N ASN J 116 -10.83 2.68 -7.87
CA ASN J 116 -9.83 3.52 -8.50
C ASN J 116 -8.43 2.97 -8.26
N ARG J 117 -8.26 2.30 -7.13
CA ARG J 117 -7.02 1.57 -6.86
C ARG J 117 -6.81 0.53 -7.95
N ILE J 118 -7.89 -0.16 -8.31
CA ILE J 118 -7.84 -1.19 -9.34
C ILE J 118 -7.55 -0.58 -10.71
N ARG J 119 -8.14 0.58 -10.96
CA ARG J 119 -7.94 1.27 -12.24
C ARG J 119 -6.53 1.82 -12.35
N PHE J 120 -6.01 2.35 -11.24
CA PHE J 120 -4.82 3.18 -11.27
C PHE J 120 -3.58 2.47 -10.71
N LYS J 121 -3.47 1.18 -10.96
CA LYS J 121 -2.33 0.39 -10.51
C LYS J 121 -2.02 0.56 -9.03
N ASP J 122 -3.06 0.65 -8.21
CA ASP J 122 -2.92 0.71 -6.76
C ASP J 122 -2.25 1.99 -6.28
N HIS J 123 -2.40 3.07 -7.05
CA HIS J 123 -1.89 4.37 -6.61
C HIS J 123 -3.03 5.30 -6.25
N ASP J 124 -2.73 6.58 -6.05
CA ASP J 124 -3.75 7.55 -5.69
C ASP J 124 -4.29 8.29 -6.89
N PHE J 125 -5.52 7.97 -7.27
CA PHE J 125 -6.20 8.70 -8.33
C PHE J 125 -7.18 9.71 -7.73
N ALA J 126 -7.06 10.95 -8.16
CA ALA J 126 -7.93 12.02 -7.69
C ALA J 126 -9.22 12.04 -8.48
N ALA J 127 -10.26 11.40 -7.94
CA ALA J 127 -11.56 11.39 -8.58
C ALA J 127 -12.16 12.80 -8.61
N ILE J 128 -12.07 13.46 -9.76
CA ILE J 128 -12.52 14.83 -9.90
C ILE J 128 -13.61 14.99 -10.96
N ALA J 129 -14.37 16.07 -10.85
CA ALA J 129 -15.40 16.38 -11.84
C ALA J 129 -14.82 17.22 -12.97
N ASP J 130 -15.64 17.50 -13.98
CA ASP J 130 -15.24 18.41 -15.05
C ASP J 130 -15.27 19.83 -14.49
N PHE J 131 -14.16 20.55 -14.63
CA PHE J 131 -14.06 21.88 -14.06
C PHE J 131 -15.15 22.83 -14.57
N ASP J 132 -15.36 22.82 -15.88
CA ASP J 132 -16.35 23.70 -16.48
C ASP J 132 -17.75 23.38 -15.98
N MET J 133 -18.00 22.11 -15.68
CA MET J 133 -19.28 21.71 -15.12
C MET J 133 -19.43 22.19 -13.67
N VAL J 134 -18.31 22.19 -12.95
CA VAL J 134 -18.27 22.69 -11.58
C VAL J 134 -18.58 24.18 -11.55
N ARG J 135 -17.85 24.93 -12.36
CA ARG J 135 -18.02 26.38 -12.46
C ARG J 135 -19.46 26.73 -12.83
N ASN J 136 -20.01 25.99 -13.80
CA ASN J 136 -21.40 26.18 -14.20
C ASN J 136 -22.32 26.07 -13.00
N ALA J 137 -22.20 24.97 -12.25
CA ALA J 137 -23.03 24.76 -11.07
C ALA J 137 -22.87 25.91 -10.08
N VAL J 138 -21.62 26.32 -9.88
CA VAL J 138 -21.33 27.43 -8.98
C VAL J 138 -22.10 28.68 -9.40
N ASP J 139 -22.04 29.00 -10.68
CA ASP J 139 -22.67 30.21 -11.21
C ASP J 139 -24.19 30.14 -11.15
N ALA J 140 -24.75 29.05 -11.66
CA ALA J 140 -26.19 28.85 -11.66
C ALA J 140 -26.77 29.05 -10.27
N ALA J 141 -26.03 28.61 -9.26
CA ALA J 141 -26.46 28.76 -7.86
C ALA J 141 -26.42 30.23 -7.44
N LYS J 142 -25.37 30.93 -7.85
CA LYS J 142 -25.22 32.35 -7.54
C LYS J 142 -26.38 33.14 -8.15
N ALA J 143 -26.80 32.74 -9.35
CA ALA J 143 -27.93 33.36 -10.02
C ALA J 143 -29.24 32.87 -9.43
N LEU J 144 -29.13 32.04 -8.39
CA LEU J 144 -30.29 31.53 -7.67
C LEU J 144 -30.16 31.80 -6.18
N GLY J 145 -29.31 32.76 -5.83
CA GLY J 145 -29.16 33.21 -4.46
C GLY J 145 -28.62 32.17 -3.50
N ILE J 146 -27.97 31.15 -4.03
CA ILE J 146 -27.41 30.08 -3.22
C ILE J 146 -25.89 30.06 -3.28
N ASP J 147 -25.25 29.93 -2.14
CA ASP J 147 -23.80 29.89 -2.09
C ASP J 147 -23.28 28.46 -1.93
N ALA J 148 -22.86 27.85 -3.04
CA ALA J 148 -22.40 26.48 -3.02
C ALA J 148 -20.98 26.38 -2.47
N ARG J 149 -20.76 25.39 -1.61
CA ARG J 149 -19.43 25.13 -1.07
C ARG J 149 -18.73 24.11 -1.96
N VAL J 150 -17.62 24.52 -2.58
CA VAL J 150 -16.91 23.67 -3.52
C VAL J 150 -15.67 23.03 -2.90
N GLY J 151 -15.71 21.70 -2.77
CA GLY J 151 -14.58 20.99 -2.21
C GLY J 151 -14.64 19.49 -2.42
N ASN J 152 -14.30 18.74 -1.37
CA ASN J 152 -14.24 17.28 -1.44
C ASN J 152 -15.48 16.60 -0.88
N LEU J 153 -15.89 15.52 -1.54
CA LEU J 153 -16.87 14.61 -0.96
C LEU J 153 -16.12 13.38 -0.50
N PHE J 154 -16.80 12.52 0.25
CA PHE J 154 -16.26 11.22 0.57
C PHE J 154 -17.29 10.16 0.23
N SER J 155 -16.95 9.32 -0.74
CA SER J 155 -17.84 8.24 -1.17
C SER J 155 -17.55 6.99 -0.36
N ALA J 156 -18.46 6.63 0.53
CA ALA J 156 -18.27 5.47 1.40
C ALA J 156 -18.89 4.21 0.79
N ASP J 157 -18.25 3.07 0.98
CA ASP J 157 -18.79 1.80 0.55
C ASP J 157 -19.85 1.30 1.53
N LEU J 158 -19.74 1.70 2.79
CA LEU J 158 -20.67 1.25 3.82
C LEU J 158 -21.45 2.38 4.46
N PHE J 159 -22.75 2.45 4.15
CA PHE J 159 -23.64 3.38 4.81
C PHE J 159 -23.63 3.11 6.33
N TYR J 160 -23.44 1.84 6.70
CA TYR J 160 -23.28 1.48 8.10
C TYR J 160 -21.83 1.10 8.37
N SER J 161 -20.99 2.10 8.55
CA SER J 161 -19.56 1.87 8.75
C SER J 161 -19.20 1.63 10.21
N PRO J 162 -18.29 0.67 10.44
CA PRO J 162 -17.82 0.33 11.79
C PRO J 162 -16.87 1.41 12.32
N ASP J 163 -16.17 2.06 11.41
CA ASP J 163 -15.18 3.07 11.78
C ASP J 163 -15.80 4.45 11.96
N GLY J 164 -16.30 4.72 13.16
CA GLY J 164 -16.84 6.03 13.47
C GLY J 164 -15.73 7.05 13.63
N GLU J 165 -14.51 6.54 13.81
CA GLU J 165 -13.34 7.39 13.96
C GLU J 165 -12.99 8.08 12.65
N MET J 166 -13.36 7.46 11.54
CA MET J 166 -13.01 7.97 10.22
C MET J 166 -13.63 9.34 9.94
N PHE J 167 -14.76 9.63 10.60
CA PHE J 167 -15.43 10.91 10.41
C PHE J 167 -14.56 12.08 10.83
N ASP J 168 -13.80 11.89 11.91
CA ASP J 168 -12.89 12.93 12.39
C ASP J 168 -11.77 13.16 11.38
N VAL J 169 -11.30 12.08 10.76
CA VAL J 169 -10.29 12.17 9.73
C VAL J 169 -10.83 12.95 8.53
N MET J 170 -12.09 12.72 8.21
CA MET J 170 -12.76 13.45 7.14
C MET J 170 -12.85 14.93 7.50
N GLU J 171 -13.15 15.21 8.77
CA GLU J 171 -13.28 16.58 9.25
C GLU J 171 -11.95 17.31 9.22
N LYS J 172 -10.90 16.66 9.73
CA LYS J 172 -9.59 17.30 9.78
C LYS J 172 -9.13 17.76 8.40
N TYR J 173 -9.39 16.96 7.38
CA TYR J 173 -8.94 17.27 6.03
C TYR J 173 -10.00 17.97 5.17
N GLY J 174 -10.99 18.53 5.84
CA GLY J 174 -11.90 19.46 5.21
C GLY J 174 -12.98 18.89 4.31
N ILE J 175 -13.29 17.61 4.47
CA ILE J 175 -14.33 16.99 3.66
C ILE J 175 -15.67 17.70 3.89
N LEU J 176 -16.30 18.13 2.82
CA LEU J 176 -17.54 18.88 2.91
C LEU J 176 -18.71 17.97 3.24
N GLY J 177 -19.01 17.04 2.33
CA GLY J 177 -20.13 16.14 2.51
C GLY J 177 -19.77 14.68 2.33
N VAL J 178 -20.51 13.81 3.01
CA VAL J 178 -20.31 12.38 2.89
C VAL J 178 -21.46 11.74 2.12
N GLU J 179 -21.13 11.02 1.05
CA GLU J 179 -22.13 10.33 0.25
C GLU J 179 -21.62 8.95 -0.17
N MET J 180 -22.06 8.41 -1.30
CA MET J 180 -21.70 7.04 -1.67
C MET J 180 -21.42 6.76 -3.14
N GLU J 181 -21.35 7.79 -3.99
CA GLU J 181 -21.20 7.54 -5.42
C GLU J 181 -20.21 8.45 -6.18
N ALA J 182 -20.00 9.66 -5.68
CA ALA J 182 -19.18 10.65 -6.39
C ALA J 182 -17.88 10.09 -6.97
N ALA J 183 -17.10 9.40 -6.14
CA ALA J 183 -15.81 8.87 -6.55
C ALA J 183 -15.96 7.88 -7.71
N GLY J 184 -16.94 7.00 -7.60
CA GLY J 184 -17.16 5.98 -8.61
C GLY J 184 -17.54 6.54 -9.97
N ILE J 185 -18.41 7.56 -9.96
CA ILE J 185 -18.86 8.19 -11.20
C ILE J 185 -17.72 8.97 -11.86
N TYR J 186 -16.92 9.65 -11.06
CA TYR J 186 -15.80 10.42 -11.60
C TYR J 186 -14.80 9.50 -12.27
N GLY J 187 -14.53 8.36 -11.61
CA GLY J 187 -13.62 7.37 -12.16
C GLY J 187 -14.12 6.86 -13.49
N VAL J 188 -15.42 6.60 -13.57
CA VAL J 188 -16.03 6.15 -14.81
C VAL J 188 -15.85 7.19 -15.90
N ALA J 189 -16.25 8.43 -15.61
CA ALA J 189 -16.08 9.53 -16.55
C ALA J 189 -14.63 9.57 -17.04
N ALA J 190 -13.70 9.48 -16.11
CA ALA J 190 -12.27 9.47 -16.46
C ALA J 190 -11.92 8.31 -17.38
N GLU J 191 -12.42 7.11 -17.04
CA GLU J 191 -12.09 5.89 -17.79
C GLU J 191 -12.67 5.91 -19.21
N PHE J 192 -13.79 6.61 -19.39
CA PHE J 192 -14.48 6.59 -20.68
C PHE J 192 -14.59 7.96 -21.34
N GLY J 193 -13.72 8.88 -20.92
CA GLY J 193 -13.59 10.17 -21.57
C GLY J 193 -14.87 10.99 -21.63
N ALA J 194 -15.64 10.96 -20.54
CA ALA J 194 -16.82 11.79 -20.43
C ALA J 194 -16.62 12.79 -19.29
N LYS J 195 -17.68 13.53 -18.97
CA LYS J 195 -17.60 14.55 -17.93
C LYS J 195 -18.69 14.33 -16.90
N ALA J 196 -18.31 14.35 -15.63
CA ALA J 196 -19.28 14.16 -14.55
C ALA J 196 -19.18 15.24 -13.50
N LEU J 197 -20.26 15.42 -12.75
CA LEU J 197 -20.29 16.34 -11.63
C LEU J 197 -21.21 15.82 -10.54
N THR J 198 -20.87 16.06 -9.29
CA THR J 198 -21.72 15.65 -8.18
C THR J 198 -22.12 16.84 -7.31
N ILE J 199 -23.40 17.16 -7.31
CA ILE J 199 -23.94 18.20 -6.44
C ILE J 199 -24.76 17.57 -5.33
N CYS J 200 -24.47 17.96 -4.09
CA CYS J 200 -25.16 17.40 -2.94
C CYS J 200 -25.80 18.46 -2.07
N THR J 201 -26.75 18.02 -1.25
CA THR J 201 -27.35 18.88 -0.23
C THR J 201 -27.21 18.23 1.13
N VAL J 202 -26.71 18.98 2.09
CA VAL J 202 -26.54 18.47 3.44
C VAL J 202 -27.90 18.06 4.02
N SER J 203 -28.15 16.75 4.05
CA SER J 203 -29.42 16.24 4.53
C SER J 203 -29.37 15.94 6.03
N ASP J 204 -28.17 15.67 6.52
CA ASP J 204 -27.98 15.46 7.95
C ASP J 204 -26.57 15.84 8.40
N HIS J 205 -26.47 16.37 9.61
CA HIS J 205 -25.20 16.76 10.18
C HIS J 205 -24.81 15.78 11.28
N ILE J 206 -23.74 15.02 11.05
CA ILE J 206 -23.36 13.97 11.98
C ILE J 206 -22.94 14.55 13.34
N ARG J 207 -22.49 15.80 13.34
CA ARG J 207 -22.08 16.47 14.58
C ARG J 207 -23.29 16.93 15.39
N THR J 208 -24.14 17.75 14.77
CA THR J 208 -25.29 18.32 15.48
C THR J 208 -26.48 17.38 15.52
N HIS J 209 -26.34 16.22 14.89
CA HIS J 209 -27.43 15.26 14.78
C HIS J 209 -28.65 15.84 14.06
N GLU J 210 -28.47 16.98 13.40
CA GLU J 210 -29.54 17.59 12.62
C GLU J 210 -29.92 16.69 11.44
N GLN J 211 -31.21 16.68 11.12
CA GLN J 211 -31.72 15.91 9.98
C GLN J 211 -32.91 16.64 9.37
N THR J 212 -32.94 16.66 8.04
CA THR J 212 -33.97 17.41 7.32
C THR J 212 -35.32 16.69 7.31
N THR J 213 -36.40 17.47 7.31
CA THR J 213 -37.75 16.94 7.26
C THR J 213 -38.29 16.98 5.84
N ALA J 214 -39.25 16.11 5.54
CA ALA J 214 -39.81 16.01 4.20
C ALA J 214 -40.06 17.37 3.54
N ALA J 215 -40.50 18.35 4.34
CA ALA J 215 -40.75 19.70 3.83
C ALA J 215 -39.49 20.34 3.28
N GLU J 216 -38.47 20.48 4.12
CA GLU J 216 -37.18 20.99 3.72
C GLU J 216 -36.59 20.07 2.64
N ARG J 217 -36.73 18.77 2.88
CA ARG J 217 -36.25 17.72 1.98
C ARG J 217 -36.72 17.97 0.55
N GLN J 218 -37.93 18.50 0.40
CA GLN J 218 -38.51 18.75 -0.93
C GLN J 218 -38.01 20.05 -1.53
N THR J 219 -38.01 21.12 -0.73
CA THR J 219 -37.57 22.43 -1.20
C THR J 219 -36.12 22.37 -1.69
N THR J 220 -35.23 21.92 -0.82
CA THR J 220 -33.81 21.85 -1.15
C THR J 220 -33.57 21.04 -2.42
N PHE J 221 -34.20 19.87 -2.51
CA PHE J 221 -33.99 19.00 -3.64
C PHE J 221 -34.30 19.72 -4.95
N ASN J 222 -35.26 20.64 -4.90
CA ASN J 222 -35.62 21.42 -6.07
C ASN J 222 -34.53 22.42 -6.45
N ASP J 223 -34.00 23.11 -5.46
CA ASP J 223 -32.90 24.05 -5.68
C ASP J 223 -31.75 23.33 -6.37
N MET J 224 -31.39 22.16 -5.85
CA MET J 224 -30.34 21.35 -6.42
C MET J 224 -30.62 21.05 -7.89
N ILE J 225 -31.87 20.74 -8.21
CA ILE J 225 -32.24 20.41 -9.58
C ILE J 225 -32.25 21.65 -10.48
N LYS J 226 -32.81 22.74 -9.97
CA LYS J 226 -32.78 24.01 -10.69
C LYS J 226 -31.34 24.38 -11.01
N ILE J 227 -30.46 24.22 -10.02
CA ILE J 227 -29.04 24.47 -10.21
C ILE J 227 -28.47 23.62 -11.34
N ALA J 228 -28.66 22.32 -11.25
CA ALA J 228 -28.11 21.38 -12.23
C ALA J 228 -28.64 21.66 -13.64
N LEU J 229 -29.96 21.78 -13.76
CA LEU J 229 -30.58 22.05 -15.05
C LEU J 229 -30.08 23.37 -15.63
N GLU J 230 -30.02 24.39 -14.78
CA GLU J 230 -29.56 25.71 -15.20
C GLU J 230 -28.10 25.71 -15.59
N SER J 231 -27.31 24.94 -14.87
CA SER J 231 -25.88 24.83 -15.16
C SER J 231 -25.69 24.30 -16.57
N VAL J 232 -26.53 23.35 -16.96
CA VAL J 232 -26.45 22.77 -18.30
C VAL J 232 -26.64 23.84 -19.37
N LEU J 233 -27.66 24.67 -19.19
CA LEU J 233 -27.94 25.75 -20.12
C LEU J 233 -26.74 26.71 -20.21
N LEU J 234 -26.09 26.93 -19.08
CA LEU J 234 -24.89 27.75 -19.04
C LEU J 234 -23.76 27.13 -19.85
N GLY J 235 -23.59 25.81 -19.70
CA GLY J 235 -22.54 25.09 -20.39
C GLY J 235 -22.78 24.99 -21.88
N ASP J 236 -24.00 25.26 -22.29
CA ASP J 236 -24.37 25.19 -23.70
C ASP J 236 -23.92 26.44 -24.45
N LYS J 237 -23.36 27.40 -23.72
CA LYS J 237 -22.89 28.65 -24.31
C LYS J 237 -21.38 28.82 -24.16
N ALA K 1 25.62 16.16 -19.58
CA ALA K 1 24.94 16.91 -18.52
C ALA K 1 23.50 16.46 -18.36
N THR K 2 22.93 16.71 -17.19
CA THR K 2 21.54 16.36 -16.93
C THR K 2 20.78 17.62 -16.52
N PRO K 3 19.45 17.54 -16.48
CA PRO K 3 18.65 18.72 -16.10
C PRO K 3 18.94 19.18 -14.68
N HIS K 4 19.61 18.33 -13.89
CA HIS K 4 19.84 18.62 -12.48
C HIS K 4 21.32 18.77 -12.14
N ILE K 5 22.18 18.37 -13.08
CA ILE K 5 23.62 18.48 -12.86
C ILE K 5 24.30 18.93 -14.15
N ASN K 6 24.77 20.18 -14.15
CA ASN K 6 25.41 20.76 -15.31
C ASN K 6 26.89 20.42 -15.40
N ALA K 7 27.19 19.14 -15.50
CA ALA K 7 28.57 18.68 -15.57
C ALA K 7 28.71 17.58 -16.63
N GLU K 8 29.95 17.13 -16.84
CA GLU K 8 30.20 16.05 -17.78
C GLU K 8 31.03 14.96 -17.10
N MET K 9 31.04 13.77 -17.68
CA MET K 9 31.82 12.67 -17.14
C MET K 9 33.25 13.11 -16.84
N GLY K 10 33.69 12.89 -15.61
CA GLY K 10 35.03 13.25 -15.21
C GLY K 10 35.07 14.30 -14.11
N ASP K 11 34.08 15.19 -14.12
CA ASP K 11 34.03 16.28 -13.16
C ASP K 11 33.87 15.77 -11.73
N PHE K 12 33.27 14.60 -11.59
CA PHE K 12 33.09 13.99 -10.27
C PHE K 12 34.08 12.86 -10.04
N ALA K 13 34.47 12.67 -8.79
CA ALA K 13 35.25 11.50 -8.41
C ALA K 13 34.33 10.29 -8.33
N ASP K 14 34.91 9.10 -8.35
CA ASP K 14 34.11 7.88 -8.29
C ASP K 14 33.45 7.72 -6.91
N VAL K 15 33.74 8.65 -6.02
CA VAL K 15 33.11 8.70 -4.70
C VAL K 15 32.60 10.10 -4.45
N VAL K 16 31.37 10.21 -3.97
CA VAL K 16 30.79 11.51 -3.67
C VAL K 16 30.13 11.54 -2.29
N LEU K 17 30.55 12.48 -1.46
CA LEU K 17 29.87 12.71 -0.19
C LEU K 17 28.72 13.67 -0.42
N MET K 18 27.57 13.37 0.18
CA MET K 18 26.39 14.18 -0.04
C MET K 18 25.63 14.49 1.25
N PRO K 19 25.67 15.77 1.67
CA PRO K 19 24.79 16.28 2.72
C PRO K 19 23.48 16.72 2.09
N GLY K 20 22.43 16.89 2.90
CA GLY K 20 21.20 17.44 2.40
C GLY K 20 21.40 18.88 1.97
N ASP K 21 22.09 19.64 2.81
CA ASP K 21 22.31 21.06 2.59
C ASP K 21 23.46 21.32 1.61
N PRO K 22 23.16 21.95 0.46
CA PRO K 22 24.19 22.30 -0.52
C PRO K 22 25.25 23.22 0.09
N LEU K 23 24.82 24.08 1.01
CA LEU K 23 25.75 24.98 1.70
C LEU K 23 26.70 24.18 2.58
N ARG K 24 26.24 23.02 3.04
CA ARG K 24 27.09 22.13 3.81
C ARG K 24 28.12 21.45 2.90
N ALA K 25 27.72 21.22 1.65
CA ALA K 25 28.67 20.70 0.67
C ALA K 25 29.77 21.72 0.42
N LYS K 26 29.37 22.98 0.30
CA LYS K 26 30.32 24.07 0.11
C LYS K 26 31.32 24.13 1.26
N TYR K 27 30.81 24.03 2.49
CA TYR K 27 31.64 24.07 3.68
C TYR K 27 32.66 22.95 3.68
N ILE K 28 32.21 21.72 3.46
CA ILE K 28 33.07 20.56 3.44
C ILE K 28 34.20 20.73 2.42
N ALA K 29 33.84 21.13 1.21
CA ALA K 29 34.81 21.34 0.15
C ALA K 29 35.89 22.33 0.56
N GLU K 30 35.48 23.36 1.29
CA GLU K 30 36.40 24.42 1.72
C GLU K 30 37.30 23.98 2.88
N THR K 31 36.72 23.27 3.84
CA THR K 31 37.45 22.95 5.06
C THR K 31 38.15 21.58 5.04
N PHE K 32 37.80 20.72 4.08
CA PHE K 32 38.36 19.37 4.03
C PHE K 32 39.10 19.04 2.74
N LEU K 33 38.62 19.58 1.62
CA LEU K 33 39.19 19.24 0.32
C LEU K 33 40.19 20.28 -0.14
N GLU K 34 41.29 19.81 -0.72
CA GLU K 34 42.32 20.71 -1.23
C GLU K 34 42.12 20.92 -2.73
N ASP K 35 42.52 22.09 -3.22
CA ASP K 35 42.42 22.41 -4.63
C ASP K 35 41.01 22.13 -5.15
N ALA K 36 40.02 22.39 -4.30
CA ALA K 36 38.62 22.15 -4.65
C ALA K 36 38.15 23.08 -5.77
N ARG K 37 37.09 22.67 -6.46
CA ARG K 37 36.52 23.47 -7.54
C ARG K 37 35.06 23.07 -7.76
N GLU K 38 34.22 24.07 -8.00
CA GLU K 38 32.79 23.82 -8.16
C GLU K 38 32.50 23.08 -9.46
N VAL K 39 31.78 21.96 -9.36
CA VAL K 39 31.42 21.18 -10.54
C VAL K 39 29.92 21.23 -10.85
N ASN K 40 29.14 21.74 -9.93
CA ASN K 40 27.70 21.91 -10.16
C ASN K 40 27.05 22.99 -9.31
N ASN K 41 26.11 23.72 -9.90
CA ASN K 41 25.37 24.77 -9.19
C ASN K 41 23.91 24.84 -9.59
N VAL K 42 23.51 24.01 -10.56
CA VAL K 42 22.12 23.97 -10.99
C VAL K 42 21.18 23.88 -9.80
N ARG K 43 20.11 24.65 -9.82
CA ARG K 43 19.15 24.69 -8.71
C ARG K 43 19.83 24.94 -7.37
N GLY K 44 20.95 25.65 -7.42
CA GLY K 44 21.69 25.99 -6.22
C GLY K 44 22.23 24.78 -5.46
N MET K 45 22.17 23.61 -6.09
CA MET K 45 22.66 22.40 -5.45
C MET K 45 24.17 22.28 -5.63
N LEU K 46 24.90 23.14 -4.96
CA LEU K 46 26.35 23.21 -5.08
C LEU K 46 27.01 21.84 -5.02
N GLY K 47 27.98 21.63 -5.91
CA GLY K 47 28.77 20.41 -5.93
C GLY K 47 30.22 20.75 -6.24
N PHE K 48 31.13 20.03 -5.59
CA PHE K 48 32.56 20.32 -5.74
C PHE K 48 33.38 19.05 -5.85
N THR K 49 34.55 19.17 -6.45
CA THR K 49 35.48 18.06 -6.56
C THR K 49 36.89 18.55 -6.20
N GLY K 50 37.58 17.77 -5.37
CA GLY K 50 38.93 18.10 -4.97
C GLY K 50 39.65 16.86 -4.49
N THR K 51 40.60 17.03 -3.58
CA THR K 51 41.35 15.91 -3.04
C THR K 51 41.40 15.91 -1.51
N TYR K 52 41.35 14.72 -0.93
CA TYR K 52 41.54 14.55 0.50
C TYR K 52 42.69 13.58 0.75
N LYS K 53 43.82 14.11 1.19
CA LYS K 53 45.03 13.32 1.39
C LYS K 53 45.40 12.56 0.12
N GLY K 54 45.37 13.28 -1.00
CA GLY K 54 45.78 12.73 -2.28
C GLY K 54 44.71 11.91 -2.98
N ARG K 55 43.52 11.86 -2.38
CA ARG K 55 42.43 11.06 -2.93
C ARG K 55 41.36 11.95 -3.58
N LYS K 56 41.12 11.72 -4.87
CA LYS K 56 40.11 12.46 -5.61
C LYS K 56 38.74 12.24 -4.98
N ILE K 57 38.10 13.33 -4.54
CA ILE K 57 36.81 13.22 -3.85
C ILE K 57 35.85 14.36 -4.19
N SER K 58 34.59 14.00 -4.47
CA SER K 58 33.55 14.98 -4.76
C SER K 58 32.56 15.09 -3.61
N VAL K 59 32.05 16.29 -3.39
CA VAL K 59 31.01 16.51 -2.40
C VAL K 59 29.92 17.37 -3.02
N MET K 60 28.66 16.98 -2.79
CA MET K 60 27.53 17.69 -3.37
C MET K 60 26.25 17.41 -2.60
N GLY K 61 25.46 18.46 -2.37
CA GLY K 61 24.20 18.32 -1.66
C GLY K 61 23.17 17.54 -2.46
N HIS K 62 22.31 16.80 -1.77
CA HIS K 62 21.30 16.00 -2.45
C HIS K 62 19.88 16.51 -2.23
N GLY K 63 19.72 17.51 -1.39
CA GLY K 63 18.40 18.07 -1.12
C GLY K 63 17.62 17.27 -0.11
N MET K 64 16.38 17.68 0.15
CA MET K 64 15.57 17.06 1.18
C MET K 64 14.53 16.07 0.64
N GLY K 65 14.53 14.88 1.19
CA GLY K 65 13.53 13.88 0.83
C GLY K 65 14.05 12.84 -0.14
N ILE K 66 13.45 11.65 -0.09
CA ILE K 66 13.82 10.55 -0.97
C ILE K 66 13.76 10.94 -2.45
N PRO K 67 12.65 11.52 -2.90
CA PRO K 67 12.51 11.93 -4.30
C PRO K 67 13.62 12.85 -4.78
N SER K 68 14.06 13.76 -3.92
CA SER K 68 15.13 14.70 -4.29
C SER K 68 16.46 13.97 -4.51
N CYS K 69 16.95 13.33 -3.47
CA CYS K 69 18.26 12.67 -3.51
C CYS K 69 18.29 11.50 -4.49
N SER K 70 17.14 10.87 -4.69
CA SER K 70 17.02 9.78 -5.66
C SER K 70 17.41 10.27 -7.04
N ILE K 71 17.00 11.49 -7.35
CA ILE K 71 17.34 12.13 -8.61
C ILE K 71 18.86 12.28 -8.76
N TYR K 72 19.50 12.91 -7.78
CA TYR K 72 20.93 13.18 -7.85
C TYR K 72 21.79 11.91 -7.78
N THR K 73 21.42 11.00 -6.89
CA THR K 73 22.14 9.75 -6.75
C THR K 73 22.08 8.93 -8.02
N LYS K 74 20.93 8.95 -8.69
CA LYS K 74 20.77 8.22 -9.94
C LYS K 74 21.75 8.73 -10.96
N GLU K 75 21.62 10.01 -11.30
CA GLU K 75 22.41 10.62 -12.35
C GLU K 75 23.92 10.48 -12.12
N LEU K 76 24.34 10.54 -10.86
CA LEU K 76 25.76 10.39 -10.53
C LEU K 76 26.28 9.03 -10.97
N ILE K 77 25.49 8.00 -10.74
CA ILE K 77 25.89 6.63 -11.04
C ILE K 77 25.83 6.34 -12.53
N THR K 78 24.75 6.77 -13.18
CA THR K 78 24.53 6.47 -14.58
C THR K 78 25.30 7.37 -15.54
N ASP K 79 25.36 8.66 -15.23
CA ASP K 79 25.95 9.64 -16.15
C ASP K 79 27.36 10.10 -15.78
N PHE K 80 27.80 9.81 -14.56
CA PHE K 80 29.10 10.31 -14.10
C PHE K 80 30.01 9.22 -13.53
N GLY K 81 29.64 7.96 -13.78
CA GLY K 81 30.48 6.84 -13.41
C GLY K 81 30.74 6.66 -11.92
N VAL K 82 30.02 7.41 -11.09
CA VAL K 82 30.21 7.30 -9.65
C VAL K 82 30.01 5.86 -9.17
N LYS K 83 30.85 5.42 -8.22
CA LYS K 83 30.82 4.04 -7.74
C LYS K 83 30.26 3.95 -6.33
N LYS K 84 30.71 4.85 -5.45
CA LYS K 84 30.27 4.84 -4.06
C LYS K 84 29.68 6.20 -3.66
N ILE K 85 28.54 6.16 -2.96
CA ILE K 85 27.93 7.37 -2.44
C ILE K 85 27.82 7.32 -0.93
N ILE K 86 28.18 8.41 -0.26
CA ILE K 86 28.08 8.48 1.19
C ILE K 86 27.25 9.66 1.64
N ARG K 87 26.08 9.39 2.21
CA ARG K 87 25.24 10.45 2.73
C ARG K 87 25.74 10.88 4.10
N VAL K 88 25.81 12.19 4.30
CA VAL K 88 26.17 12.73 5.60
C VAL K 88 25.13 13.75 6.03
N GLY K 89 24.43 13.45 7.12
CA GLY K 89 23.40 14.32 7.65
C GLY K 89 23.05 13.94 9.07
N SER K 90 22.08 14.65 9.65
CA SER K 90 21.66 14.36 11.01
C SER K 90 20.39 13.53 11.04
N CYS K 91 20.02 13.07 12.24
CA CYS K 91 18.83 12.25 12.42
C CYS K 91 18.29 12.40 13.83
N GLY K 92 16.98 12.19 13.99
CA GLY K 92 16.37 12.17 15.31
C GLY K 92 16.54 10.79 15.93
N ALA K 93 16.45 10.73 17.26
CA ALA K 93 16.57 9.47 17.98
C ALA K 93 15.27 9.13 18.68
N VAL K 94 15.00 7.83 18.85
CA VAL K 94 13.77 7.39 19.51
C VAL K 94 14.05 6.41 20.65
N LEU K 95 15.31 6.05 20.82
CA LEU K 95 15.70 5.09 21.86
C LEU K 95 16.42 5.78 23.00
N PRO K 96 16.10 5.38 24.25
CA PRO K 96 16.67 5.95 25.47
C PRO K 96 18.20 5.90 25.47
N HIS K 97 18.77 4.73 25.19
CA HIS K 97 20.22 4.56 25.20
C HIS K 97 20.91 5.33 24.07
N VAL K 98 20.14 5.78 23.09
CA VAL K 98 20.71 6.62 22.03
C VAL K 98 20.74 8.06 22.52
N LYS K 99 21.90 8.68 22.46
CA LYS K 99 22.08 10.02 23.00
C LYS K 99 22.50 11.02 21.92
N LEU K 100 22.34 12.30 22.22
CA LEU K 100 22.75 13.35 21.29
C LEU K 100 24.23 13.23 20.97
N ARG K 101 24.63 13.72 19.80
CA ARG K 101 26.02 13.72 19.38
C ARG K 101 26.56 12.32 19.08
N ASP K 102 25.67 11.33 19.05
CA ASP K 102 26.08 9.96 18.70
C ASP K 102 26.15 9.80 17.18
N VAL K 103 27.05 8.95 16.73
CA VAL K 103 27.16 8.65 15.31
C VAL K 103 26.51 7.31 15.01
N VAL K 104 25.48 7.32 14.18
CA VAL K 104 24.82 6.08 13.77
C VAL K 104 25.13 5.79 12.32
N ILE K 105 25.28 4.51 12.01
CA ILE K 105 25.50 4.06 10.65
C ILE K 105 24.38 3.10 10.25
N GLY K 106 23.63 3.46 9.22
CA GLY K 106 22.51 2.65 8.80
C GLY K 106 22.89 1.57 7.80
N MET K 107 23.16 0.37 8.30
CA MET K 107 23.37 -0.77 7.41
C MET K 107 22.05 -1.11 6.74
N GLY K 108 20.96 -0.74 7.43
CA GLY K 108 19.62 -0.86 6.88
C GLY K 108 18.86 0.45 7.00
N ALA K 109 17.83 0.62 6.17
CA ALA K 109 17.04 1.84 6.18
C ALA K 109 15.56 1.60 5.96
N CYS K 110 14.80 1.49 7.06
CA CYS K 110 13.36 1.38 6.99
C CYS K 110 12.79 2.65 6.34
N THR K 111 11.53 2.58 5.91
CA THR K 111 10.88 3.75 5.32
C THR K 111 9.37 3.59 5.25
N ASP K 112 8.67 4.71 5.20
CA ASP K 112 7.23 4.71 4.97
C ASP K 112 6.96 5.21 3.57
N SER K 113 8.04 5.32 2.79
CA SER K 113 7.95 5.67 1.38
C SER K 113 7.50 4.46 0.57
N LYS K 114 7.10 4.68 -0.67
CA LYS K 114 6.60 3.60 -1.50
C LYS K 114 7.51 3.33 -2.70
N VAL K 115 8.61 4.08 -2.79
CA VAL K 115 9.51 3.97 -3.94
C VAL K 115 10.08 2.57 -4.10
N ASN K 116 10.37 1.91 -2.99
CA ASN K 116 10.96 0.58 -3.03
C ASN K 116 9.94 -0.51 -3.31
N ARG K 117 8.70 -0.30 -2.88
CA ARG K 117 7.63 -1.22 -3.20
C ARG K 117 7.34 -1.16 -4.70
N ILE K 118 7.32 0.06 -5.22
CA ILE K 118 7.19 0.27 -6.66
C ILE K 118 8.28 -0.52 -7.41
N ARG K 119 9.47 -0.58 -6.83
CA ARG K 119 10.60 -1.29 -7.42
C ARG K 119 10.50 -2.81 -7.28
N PHE K 120 10.12 -3.26 -6.08
CA PHE K 120 10.21 -4.67 -5.72
C PHE K 120 8.85 -5.36 -5.77
N LYS K 121 8.10 -5.11 -6.84
CA LYS K 121 6.74 -5.66 -7.00
C LYS K 121 5.97 -5.70 -5.68
N ASP K 122 5.95 -4.57 -4.98
CA ASP K 122 5.15 -4.40 -3.77
C ASP K 122 5.49 -5.42 -2.68
N HIS K 123 6.74 -5.88 -2.65
CA HIS K 123 7.21 -6.73 -1.58
C HIS K 123 8.21 -5.96 -0.73
N ASP K 124 8.72 -6.61 0.32
CA ASP K 124 9.66 -5.95 1.22
C ASP K 124 11.09 -6.07 0.74
N PHE K 125 11.61 -5.00 0.15
CA PHE K 125 13.01 -4.93 -0.20
C PHE K 125 13.79 -4.31 0.97
N ALA K 126 14.74 -5.07 1.50
CA ALA K 126 15.55 -4.60 2.62
C ALA K 126 16.59 -3.60 2.14
N ALA K 127 16.20 -2.34 2.06
CA ALA K 127 17.10 -1.28 1.60
C ALA K 127 18.30 -1.18 2.51
N ILE K 128 19.42 -1.73 2.06
CA ILE K 128 20.62 -1.80 2.88
C ILE K 128 21.79 -1.08 2.22
N ALA K 129 22.94 -1.13 2.86
CA ALA K 129 24.13 -0.47 2.35
C ALA K 129 25.23 -1.48 2.04
N ASP K 130 26.31 -0.99 1.46
CA ASP K 130 27.47 -1.83 1.20
C ASP K 130 28.14 -2.18 2.51
N PHE K 131 28.29 -3.47 2.77
CA PHE K 131 28.88 -3.92 4.03
C PHE K 131 30.29 -3.39 4.23
N ASP K 132 31.09 -3.37 3.17
CA ASP K 132 32.46 -2.86 3.25
C ASP K 132 32.46 -1.39 3.64
N MET K 133 31.64 -0.60 2.95
CA MET K 133 31.53 0.81 3.26
C MET K 133 31.10 0.98 4.72
N VAL K 134 30.27 0.06 5.20
CA VAL K 134 29.82 0.08 6.59
C VAL K 134 30.99 -0.16 7.54
N ARG K 135 31.71 -1.27 7.34
CA ARG K 135 32.86 -1.58 8.19
C ARG K 135 33.92 -0.50 8.14
N ASN K 136 34.25 -0.03 6.94
CA ASN K 136 35.23 1.03 6.76
C ASN K 136 34.94 2.24 7.65
N ALA K 137 33.67 2.62 7.72
CA ALA K 137 33.26 3.75 8.54
C ALA K 137 33.35 3.38 10.01
N VAL K 138 33.03 2.13 10.34
CA VAL K 138 33.13 1.65 11.71
C VAL K 138 34.57 1.68 12.18
N ASP K 139 35.49 1.26 11.32
CA ASP K 139 36.91 1.27 11.64
C ASP K 139 37.44 2.69 11.69
N ALA K 140 37.05 3.49 10.70
CA ALA K 140 37.46 4.88 10.64
C ALA K 140 37.01 5.66 11.87
N ALA K 141 35.88 5.26 12.44
CA ALA K 141 35.36 5.90 13.64
C ALA K 141 36.14 5.48 14.87
N LYS K 142 36.40 4.19 14.99
CA LYS K 142 37.15 3.65 16.12
C LYS K 142 38.53 4.32 16.19
N ALA K 143 39.09 4.58 15.02
CA ALA K 143 40.41 5.19 14.91
C ALA K 143 40.37 6.68 15.23
N LEU K 144 39.20 7.18 15.62
CA LEU K 144 39.05 8.58 16.03
C LEU K 144 38.36 8.69 17.38
N GLY K 145 38.26 7.57 18.09
CA GLY K 145 37.69 7.54 19.42
C GLY K 145 36.19 7.73 19.46
N ILE K 146 35.50 7.27 18.41
CA ILE K 146 34.05 7.36 18.35
C ILE K 146 33.41 5.99 18.20
N ASP K 147 32.51 5.66 19.13
CA ASP K 147 31.81 4.38 19.09
C ASP K 147 30.56 4.49 18.23
N ALA K 148 30.73 4.30 16.92
CA ALA K 148 29.60 4.38 16.00
C ALA K 148 28.63 3.22 16.22
N ARG K 149 27.34 3.52 16.11
CA ARG K 149 26.30 2.51 16.22
C ARG K 149 25.82 2.11 14.83
N VAL K 150 25.88 0.81 14.53
CA VAL K 150 25.42 0.32 13.24
C VAL K 150 24.08 -0.37 13.40
N GLY K 151 23.09 0.10 12.66
CA GLY K 151 21.76 -0.48 12.71
C GLY K 151 20.82 0.07 11.67
N ASN K 152 19.54 0.12 12.02
CA ASN K 152 18.51 0.62 11.12
C ASN K 152 18.26 2.10 11.28
N LEU K 153 18.07 2.78 10.14
CA LEU K 153 17.58 4.15 10.13
C LEU K 153 16.13 4.12 9.71
N PHE K 154 15.44 5.25 9.79
CA PHE K 154 14.12 5.38 9.22
C PHE K 154 14.04 6.59 8.30
N SER K 155 13.76 6.34 7.02
CA SER K 155 13.66 7.40 6.05
C SER K 155 12.21 7.84 5.88
N ALA K 156 11.85 8.94 6.55
CA ALA K 156 10.49 9.45 6.53
C ALA K 156 10.24 10.38 5.34
N ASP K 157 9.02 10.33 4.82
CA ASP K 157 8.62 11.25 3.75
C ASP K 157 8.09 12.55 4.34
N LEU K 158 7.54 12.48 5.55
CA LEU K 158 7.00 13.67 6.21
C LEU K 158 7.81 14.06 7.44
N PHE K 159 8.63 15.09 7.30
CA PHE K 159 9.35 15.68 8.42
C PHE K 159 8.34 16.01 9.52
N TYR K 160 7.17 16.48 9.11
CA TYR K 160 6.07 16.76 10.02
C TYR K 160 5.00 15.68 9.88
N SER K 161 5.23 14.53 10.51
CA SER K 161 4.30 13.41 10.39
C SER K 161 3.18 13.53 11.40
N PRO K 162 1.93 13.35 10.93
CA PRO K 162 0.74 13.42 11.77
C PRO K 162 0.67 12.21 12.72
N ASP K 163 1.27 11.11 12.29
CA ASP K 163 1.25 9.87 13.05
C ASP K 163 2.41 9.80 14.04
N GLY K 164 2.21 10.36 15.23
CA GLY K 164 3.22 10.30 16.26
C GLY K 164 3.29 8.93 16.91
N GLU K 165 2.32 8.08 16.57
CA GLU K 165 2.28 6.73 17.12
C GLU K 165 3.34 5.85 16.46
N MET K 166 3.76 6.23 15.25
CA MET K 166 4.76 5.46 14.52
C MET K 166 6.12 5.48 15.21
N PHE K 167 6.37 6.53 16.00
CA PHE K 167 7.64 6.63 16.71
C PHE K 167 7.79 5.55 17.77
N ASP K 168 6.68 5.19 18.39
CA ASP K 168 6.66 4.08 19.34
C ASP K 168 7.03 2.79 18.62
N VAL K 169 6.49 2.61 17.42
CA VAL K 169 6.81 1.46 16.58
C VAL K 169 8.30 1.43 16.25
N MET K 170 8.84 2.58 15.88
CA MET K 170 10.26 2.69 15.56
C MET K 170 11.12 2.30 16.76
N GLU K 171 10.73 2.76 17.94
CA GLU K 171 11.47 2.44 19.15
C GLU K 171 11.38 0.94 19.47
N LYS K 172 10.20 0.37 19.29
CA LYS K 172 9.98 -1.04 19.59
C LYS K 172 10.93 -1.93 18.80
N TYR K 173 11.19 -1.56 17.55
CA TYR K 173 12.00 -2.40 16.67
C TYR K 173 13.40 -1.83 16.44
N GLY K 174 13.81 -0.93 17.33
CA GLY K 174 15.21 -0.55 17.46
C GLY K 174 15.78 0.43 16.45
N ILE K 175 14.92 1.13 15.71
CA ILE K 175 15.40 2.16 14.80
C ILE K 175 16.34 3.08 15.56
N LEU K 176 17.54 3.30 15.00
CA LEU K 176 18.54 4.11 15.67
C LEU K 176 18.30 5.59 15.43
N GLY K 177 18.34 5.99 14.17
CA GLY K 177 18.16 7.38 13.80
C GLY K 177 17.07 7.59 12.78
N VAL K 178 16.35 8.71 12.90
CA VAL K 178 15.27 9.04 11.99
C VAL K 178 15.68 10.18 11.06
N GLU K 179 15.67 9.92 9.76
CA GLU K 179 16.01 10.93 8.77
C GLU K 179 15.04 10.88 7.60
N MET K 180 15.52 11.13 6.38
CA MET K 180 14.61 11.25 5.24
C MET K 180 15.14 10.77 3.90
N GLU K 181 16.32 10.15 3.89
CA GLU K 181 16.97 9.84 2.61
C GLU K 181 17.56 8.43 2.47
N ALA K 182 18.05 7.87 3.57
CA ALA K 182 18.76 6.59 3.55
C ALA K 182 18.11 5.52 2.66
N ALA K 183 16.83 5.24 2.91
CA ALA K 183 16.13 4.18 2.19
C ALA K 183 16.06 4.47 0.69
N GLY K 184 15.93 5.75 0.34
CA GLY K 184 15.88 6.14 -1.04
C GLY K 184 17.18 5.85 -1.77
N ILE K 185 18.27 6.39 -1.25
CA ILE K 185 19.58 6.21 -1.87
C ILE K 185 19.95 4.74 -1.96
N TYR K 186 19.75 4.02 -0.86
CA TYR K 186 20.01 2.59 -0.82
C TYR K 186 19.32 1.85 -1.96
N GLY K 187 18.08 2.25 -2.25
CA GLY K 187 17.33 1.66 -3.33
C GLY K 187 17.91 2.00 -4.69
N VAL K 188 18.22 3.29 -4.89
CA VAL K 188 18.85 3.74 -6.12
C VAL K 188 20.17 3.01 -6.37
N ALA K 189 20.87 2.68 -5.29
CA ALA K 189 22.13 1.95 -5.39
C ALA K 189 21.89 0.52 -5.85
N ALA K 190 20.81 -0.08 -5.35
CA ALA K 190 20.47 -1.45 -5.72
C ALA K 190 19.94 -1.53 -7.16
N GLU K 191 19.32 -0.45 -7.62
CA GLU K 191 18.71 -0.44 -8.95
C GLU K 191 19.73 -0.22 -10.06
N PHE K 192 20.71 0.63 -9.80
CA PHE K 192 21.68 0.98 -10.84
C PHE K 192 23.07 0.41 -10.54
N GLY K 193 23.12 -0.58 -9.65
CA GLY K 193 24.33 -1.32 -9.38
C GLY K 193 25.48 -0.47 -8.86
N ALA K 194 25.28 0.10 -7.67
CA ALA K 194 26.32 0.91 -7.04
C ALA K 194 26.27 0.74 -5.52
N LYS K 195 27.31 1.18 -4.84
CA LYS K 195 27.39 1.05 -3.40
C LYS K 195 27.11 2.38 -2.72
N ALA K 196 26.33 2.35 -1.65
CA ALA K 196 25.99 3.56 -0.92
C ALA K 196 25.93 3.33 0.59
N LEU K 197 26.06 4.41 1.35
CA LEU K 197 26.09 4.34 2.79
C LEU K 197 25.59 5.65 3.40
N THR K 198 25.01 5.57 4.59
CA THR K 198 24.52 6.75 5.28
C THR K 198 25.07 6.83 6.70
N ILE K 199 25.78 7.92 6.99
CA ILE K 199 26.24 8.18 8.35
C ILE K 199 25.48 9.38 8.92
N CYS K 200 25.14 9.31 10.20
CA CYS K 200 24.34 10.36 10.82
C CYS K 200 24.84 10.76 12.20
N THR K 201 24.67 12.02 12.54
CA THR K 201 24.89 12.51 13.89
C THR K 201 23.55 12.72 14.56
N VAL K 202 23.35 12.10 15.72
CA VAL K 202 22.12 12.26 16.47
C VAL K 202 21.99 13.72 16.92
N SER K 203 21.25 14.51 16.15
CA SER K 203 21.17 15.94 16.38
C SER K 203 20.09 16.32 17.38
N ASP K 204 19.05 15.48 17.51
CA ASP K 204 17.96 15.78 18.43
C ASP K 204 17.15 14.54 18.79
N HIS K 205 16.58 14.55 19.98
CA HIS K 205 15.75 13.44 20.43
C HIS K 205 14.29 13.79 20.21
N ILE K 206 13.57 12.90 19.53
CA ILE K 206 12.21 13.18 19.08
C ILE K 206 11.21 13.43 20.21
N ARG K 207 11.23 12.58 21.23
CA ARG K 207 10.31 12.71 22.35
C ARG K 207 10.60 13.95 23.21
N THR K 208 11.83 14.05 23.71
CA THR K 208 12.20 15.08 24.66
C THR K 208 12.58 16.41 24.01
N HIS K 209 12.61 16.43 22.68
CA HIS K 209 12.95 17.64 21.94
C HIS K 209 14.25 18.29 22.41
N GLU K 210 15.13 17.48 23.00
CA GLU K 210 16.47 17.94 23.34
C GLU K 210 17.25 18.16 22.05
N GLN K 211 17.60 19.41 21.79
CA GLN K 211 18.28 19.76 20.55
C GLN K 211 19.73 20.16 20.81
N THR K 212 20.66 19.40 20.23
CA THR K 212 22.09 19.71 20.35
C THR K 212 22.33 21.19 20.14
N THR K 213 23.09 21.81 21.03
CA THR K 213 23.39 23.23 20.95
C THR K 213 24.10 23.55 19.64
N ALA K 214 23.82 24.73 19.09
CA ALA K 214 24.43 25.16 17.84
C ALA K 214 25.95 24.95 17.87
N ALA K 215 26.50 25.05 19.08
CA ALA K 215 27.93 24.81 19.27
C ALA K 215 28.30 23.38 18.91
N GLU K 216 27.68 22.42 19.58
CA GLU K 216 27.94 21.00 19.33
C GLU K 216 27.56 20.60 17.91
N ARG K 217 26.44 21.15 17.44
CA ARG K 217 25.92 20.86 16.10
C ARG K 217 26.97 20.96 14.99
N GLN K 218 27.88 21.94 15.12
CA GLN K 218 28.91 22.16 14.11
C GLN K 218 30.16 21.31 14.34
N THR K 219 30.42 20.97 15.60
CA THR K 219 31.62 20.21 15.95
C THR K 219 31.43 18.71 15.71
N THR K 220 30.29 18.18 16.16
CA THR K 220 29.99 16.77 15.98
C THR K 220 29.82 16.47 14.50
N PHE K 221 29.60 17.51 13.70
CA PHE K 221 29.45 17.36 12.27
C PHE K 221 30.79 17.17 11.57
N ASN K 222 31.83 17.80 12.10
CA ASN K 222 33.17 17.66 11.54
C ASN K 222 33.70 16.24 11.71
N ASP K 223 33.38 15.63 12.86
CA ASP K 223 33.74 14.24 13.11
C ASP K 223 33.14 13.35 12.03
N MET K 224 31.84 13.47 11.84
CA MET K 224 31.12 12.70 10.82
C MET K 224 31.80 12.82 9.46
N ILE K 225 32.08 14.05 9.03
CA ILE K 225 32.72 14.27 7.74
C ILE K 225 34.10 13.65 7.70
N LYS K 226 34.81 13.69 8.83
CA LYS K 226 36.15 13.11 8.90
C LYS K 226 36.07 11.58 8.81
N ILE K 227 35.16 10.99 9.58
CA ILE K 227 34.93 9.55 9.54
C ILE K 227 34.69 9.07 8.11
N ALA K 228 33.81 9.77 7.41
CA ALA K 228 33.47 9.41 6.04
C ALA K 228 34.69 9.45 5.14
N LEU K 229 35.39 10.58 5.13
CA LEU K 229 36.58 10.74 4.30
C LEU K 229 37.62 9.68 4.62
N GLU K 230 37.83 9.44 5.91
CA GLU K 230 38.81 8.45 6.36
C GLU K 230 38.40 7.01 6.00
N SER K 231 37.10 6.77 5.92
CA SER K 231 36.59 5.44 5.57
C SER K 231 36.77 5.19 4.07
N VAL K 232 36.66 6.25 3.28
CA VAL K 232 36.93 6.15 1.85
C VAL K 232 38.36 5.68 1.63
N LEU K 233 39.29 6.26 2.38
CA LEU K 233 40.69 5.87 2.30
C LEU K 233 40.87 4.39 2.60
N LEU K 234 40.28 3.95 3.71
CA LEU K 234 40.36 2.54 4.10
C LEU K 234 39.81 1.63 3.01
N GLY K 235 38.89 2.17 2.21
CA GLY K 235 38.22 1.41 1.18
C GLY K 235 39.03 1.20 -0.07
N ASP K 236 40.11 1.96 -0.23
CA ASP K 236 40.94 1.86 -1.41
C ASP K 236 41.96 0.72 -1.33
N LYS K 237 41.62 -0.31 -0.56
CA LYS K 237 42.45 -1.50 -0.46
C LYS K 237 41.63 -2.75 -0.78
N ALA L 1 10.30 -39.09 -6.20
CA ALA L 1 10.95 -38.30 -5.16
C ALA L 1 10.87 -36.81 -5.46
N THR L 2 10.36 -36.04 -4.49
CA THR L 2 10.32 -34.59 -4.61
C THR L 2 11.37 -33.96 -3.70
N PRO L 3 11.71 -32.69 -3.95
CA PRO L 3 12.75 -32.01 -3.18
C PRO L 3 12.60 -32.16 -1.67
N HIS L 4 11.41 -32.49 -1.19
CA HIS L 4 11.17 -32.57 0.25
C HIS L 4 10.56 -33.90 0.69
N ILE L 5 10.31 -34.79 -0.27
CA ILE L 5 9.74 -36.10 0.04
C ILE L 5 10.45 -37.21 -0.72
N ASN L 6 11.28 -37.98 0.00
CA ASN L 6 11.97 -39.11 -0.60
C ASN L 6 11.04 -40.32 -0.71
N ALA L 7 10.18 -40.30 -1.71
CA ALA L 7 9.27 -41.41 -1.98
C ALA L 7 8.86 -41.37 -3.45
N GLU L 8 8.38 -42.51 -3.96
CA GLU L 8 7.99 -42.60 -5.35
C GLU L 8 6.47 -42.72 -5.49
N MET L 9 5.98 -42.44 -6.69
CA MET L 9 4.56 -42.55 -6.97
C MET L 9 4.03 -43.91 -6.54
N GLY L 10 2.91 -43.91 -5.81
CA GLY L 10 2.34 -45.14 -5.31
C GLY L 10 2.53 -45.31 -3.82
N ASP L 11 3.61 -44.74 -3.30
CA ASP L 11 3.90 -44.80 -1.86
C ASP L 11 2.77 -44.16 -1.05
N PHE L 12 2.24 -43.06 -1.57
CA PHE L 12 1.13 -42.39 -0.94
C PHE L 12 -0.19 -42.81 -1.57
N ALA L 13 -1.25 -42.81 -0.79
CA ALA L 13 -2.59 -43.06 -1.29
C ALA L 13 -3.11 -41.80 -1.97
N ASP L 14 -4.34 -41.86 -2.47
CA ASP L 14 -4.94 -40.70 -3.12
C ASP L 14 -5.42 -39.69 -2.10
N VAL L 15 -5.50 -40.12 -0.84
CA VAL L 15 -5.94 -39.26 0.25
C VAL L 15 -4.91 -39.27 1.36
N VAL L 16 -4.59 -38.07 1.86
CA VAL L 16 -3.59 -37.93 2.90
C VAL L 16 -4.08 -37.10 4.07
N LEU L 17 -4.02 -37.67 5.27
CA LEU L 17 -4.27 -36.92 6.49
C LEU L 17 -2.98 -36.19 6.86
N MET L 18 -3.10 -34.94 7.27
CA MET L 18 -1.90 -34.14 7.56
C MET L 18 -1.99 -33.32 8.84
N PRO L 19 -1.36 -33.83 9.92
CA PRO L 19 -1.15 -33.02 11.12
C PRO L 19 0.07 -32.13 10.89
N GLY L 20 0.22 -31.06 11.66
CA GLY L 20 1.42 -30.26 11.58
C GLY L 20 2.59 -31.04 12.16
N ASP L 21 2.28 -31.81 13.20
CA ASP L 21 3.27 -32.58 13.94
C ASP L 21 3.48 -33.96 13.32
N PRO L 22 4.71 -34.23 12.85
CA PRO L 22 5.05 -35.54 12.29
C PRO L 22 4.85 -36.66 13.30
N LEU L 23 5.13 -36.37 14.57
CA LEU L 23 5.00 -37.38 15.63
C LEU L 23 3.54 -37.77 15.88
N ARG L 24 2.61 -36.87 15.55
CA ARG L 24 1.20 -37.19 15.67
C ARG L 24 0.75 -38.05 14.49
N ALA L 25 1.37 -37.83 13.34
CA ALA L 25 1.13 -38.68 12.17
C ALA L 25 1.59 -40.10 12.50
N LYS L 26 2.77 -40.21 13.10
CA LYS L 26 3.30 -41.50 13.53
C LYS L 26 2.34 -42.15 14.50
N TYR L 27 1.83 -41.35 15.44
CA TYR L 27 0.82 -41.83 16.38
C TYR L 27 -0.33 -42.45 15.61
N ILE L 28 -0.87 -41.70 14.65
CA ILE L 28 -2.00 -42.15 13.85
C ILE L 28 -1.70 -43.47 13.13
N ALA L 29 -0.60 -43.49 12.40
CA ALA L 29 -0.21 -44.65 11.62
C ALA L 29 -0.15 -45.92 12.48
N GLU L 30 0.15 -45.74 13.77
CA GLU L 30 0.30 -46.87 14.67
C GLU L 30 -1.00 -47.29 15.32
N THR L 31 -1.82 -46.32 15.70
CA THR L 31 -3.02 -46.60 16.47
C THR L 31 -4.32 -46.64 15.65
N PHE L 32 -4.24 -46.29 14.38
CA PHE L 32 -5.44 -46.23 13.54
C PHE L 32 -5.31 -46.92 12.19
N LEU L 33 -4.11 -46.90 11.61
CA LEU L 33 -3.90 -47.53 10.32
C LEU L 33 -3.41 -48.97 10.47
N GLU L 34 -3.77 -49.80 9.51
CA GLU L 34 -3.43 -51.22 9.50
C GLU L 34 -2.26 -51.46 8.56
N ASP L 35 -1.22 -52.13 9.06
CA ASP L 35 -0.04 -52.45 8.26
C ASP L 35 0.65 -51.19 7.74
N ALA L 36 0.75 -50.18 8.59
CA ALA L 36 1.33 -48.90 8.19
C ALA L 36 2.83 -48.98 7.97
N ARG L 37 3.28 -48.46 6.84
CA ARG L 37 4.70 -48.40 6.51
C ARG L 37 5.16 -46.94 6.39
N GLU L 38 6.42 -46.69 6.72
CA GLU L 38 6.96 -45.34 6.63
C GLU L 38 7.41 -45.04 5.20
N VAL L 39 6.77 -44.06 4.56
CA VAL L 39 7.07 -43.73 3.18
C VAL L 39 8.00 -42.52 3.05
N ASN L 40 8.05 -41.70 4.10
CA ASN L 40 8.93 -40.53 4.11
C ASN L 40 9.46 -40.19 5.49
N ASN L 41 10.70 -39.72 5.54
CA ASN L 41 11.34 -39.32 6.80
C ASN L 41 12.25 -38.11 6.63
N VAL L 42 12.29 -37.56 5.41
CA VAL L 42 13.08 -36.39 5.13
C VAL L 42 12.78 -35.25 6.10
N ARG L 43 13.83 -34.59 6.58
CA ARG L 43 13.67 -33.50 7.54
C ARG L 43 12.86 -33.95 8.76
N GLY L 44 12.83 -35.25 9.00
CA GLY L 44 12.11 -35.80 10.14
C GLY L 44 10.61 -35.66 10.02
N MET L 45 10.15 -35.18 8.87
CA MET L 45 8.72 -35.01 8.62
C MET L 45 8.09 -36.36 8.27
N LEU L 46 7.86 -37.16 9.29
CA LEU L 46 7.35 -38.53 9.11
C LEU L 46 6.13 -38.63 8.21
N GLY L 47 6.17 -39.60 7.30
CA GLY L 47 5.03 -39.89 6.44
C GLY L 47 4.74 -41.38 6.46
N PHE L 48 3.46 -41.74 6.43
CA PHE L 48 3.08 -43.14 6.51
C PHE L 48 1.98 -43.50 5.52
N THR L 49 1.80 -44.80 5.31
CA THR L 49 0.75 -45.32 4.45
C THR L 49 0.30 -46.67 4.96
N GLY L 50 -1.01 -46.89 4.99
CA GLY L 50 -1.57 -48.14 5.46
C GLY L 50 -3.01 -48.26 5.02
N THR L 51 -3.82 -48.96 5.80
CA THR L 51 -5.23 -49.10 5.49
C THR L 51 -6.13 -48.77 6.67
N TYR L 52 -7.35 -48.33 6.36
CA TYR L 52 -8.38 -48.14 7.36
C TYR L 52 -9.64 -48.85 6.89
N LYS L 53 -9.93 -49.99 7.50
CA LYS L 53 -11.03 -50.84 7.06
C LYS L 53 -10.85 -51.22 5.58
N GLY L 54 -9.62 -51.59 5.22
CA GLY L 54 -9.33 -51.99 3.86
C GLY L 54 -8.95 -50.83 2.96
N ARG L 55 -9.42 -49.64 3.31
CA ARG L 55 -9.19 -48.46 2.49
C ARG L 55 -7.77 -47.93 2.65
N LYS L 56 -7.02 -47.93 1.56
CA LYS L 56 -5.64 -47.46 1.57
C LYS L 56 -5.58 -45.97 1.90
N ILE L 57 -4.91 -45.63 3.00
CA ILE L 57 -4.85 -44.23 3.46
C ILE L 57 -3.47 -43.87 3.98
N SER L 58 -3.04 -42.65 3.70
CA SER L 58 -1.73 -42.17 4.15
C SER L 58 -1.87 -41.03 5.16
N VAL L 59 -0.91 -40.95 6.07
CA VAL L 59 -0.87 -39.88 7.06
C VAL L 59 0.54 -39.33 7.19
N MET L 60 0.68 -38.01 7.08
CA MET L 60 1.99 -37.38 7.07
C MET L 60 1.91 -35.95 7.59
N GLY L 61 2.98 -35.49 8.24
CA GLY L 61 3.01 -34.16 8.81
C GLY L 61 3.36 -33.09 7.78
N HIS L 62 2.89 -31.87 7.99
CA HIS L 62 3.16 -30.78 7.07
C HIS L 62 3.97 -29.65 7.71
N GLY L 63 4.30 -29.81 8.98
CA GLY L 63 5.06 -28.79 9.70
C GLY L 63 4.22 -27.58 10.03
N MET L 64 4.81 -26.63 10.74
CA MET L 64 4.06 -25.45 11.16
C MET L 64 4.18 -24.30 10.17
N GLY L 65 3.05 -23.69 9.85
CA GLY L 65 3.04 -22.50 9.02
C GLY L 65 2.65 -22.74 7.57
N ILE L 66 2.11 -21.69 6.95
CA ILE L 66 1.68 -21.76 5.56
C ILE L 66 2.81 -22.18 4.61
N PRO L 67 3.94 -21.47 4.64
CA PRO L 67 5.04 -21.81 3.73
C PRO L 67 5.44 -23.29 3.85
N SER L 68 5.34 -23.84 5.06
CA SER L 68 5.71 -25.23 5.30
C SER L 68 4.71 -26.19 4.66
N CYS L 69 3.45 -26.11 5.06
CA CYS L 69 2.45 -27.03 4.55
C CYS L 69 2.20 -26.80 3.06
N SER L 70 2.46 -25.59 2.58
CA SER L 70 2.30 -25.27 1.17
C SER L 70 3.23 -26.13 0.30
N ILE L 71 4.44 -26.37 0.81
CA ILE L 71 5.42 -27.19 0.12
C ILE L 71 4.97 -28.65 0.04
N TYR L 72 4.73 -29.25 1.20
CA TYR L 72 4.34 -30.66 1.26
C TYR L 72 3.09 -30.96 0.45
N THR L 73 2.03 -30.22 0.71
CA THR L 73 0.75 -30.44 0.02
C THR L 73 0.90 -30.30 -1.49
N LYS L 74 1.70 -29.33 -1.92
CA LYS L 74 1.91 -29.11 -3.34
C LYS L 74 2.62 -30.31 -3.95
N GLU L 75 3.72 -30.71 -3.33
CA GLU L 75 4.52 -31.83 -3.83
C GLU L 75 3.72 -33.14 -3.89
N LEU L 76 2.82 -33.32 -2.94
CA LEU L 76 1.95 -34.49 -2.92
C LEU L 76 0.99 -34.48 -4.12
N ILE L 77 0.34 -33.35 -4.33
CA ILE L 77 -0.67 -33.23 -5.37
C ILE L 77 -0.12 -33.39 -6.78
N THR L 78 1.07 -32.83 -7.03
CA THR L 78 1.60 -32.78 -8.38
C THR L 78 2.66 -33.83 -8.69
N ASP L 79 2.92 -34.73 -7.74
CA ASP L 79 3.98 -35.73 -7.93
C ASP L 79 3.66 -37.08 -7.31
N PHE L 80 2.49 -37.20 -6.68
CA PHE L 80 2.06 -38.45 -6.08
C PHE L 80 0.58 -38.70 -6.33
N GLY L 81 -0.01 -37.87 -7.18
CA GLY L 81 -1.41 -38.00 -7.54
C GLY L 81 -2.35 -38.00 -6.34
N VAL L 82 -2.10 -37.11 -5.39
CA VAL L 82 -2.99 -37.00 -4.24
C VAL L 82 -4.20 -36.13 -4.60
N LYS L 83 -5.38 -36.64 -4.34
CA LYS L 83 -6.63 -35.97 -4.72
C LYS L 83 -7.20 -35.15 -3.57
N LYS L 84 -7.11 -35.69 -2.36
CA LYS L 84 -7.65 -35.02 -1.19
C LYS L 84 -6.61 -34.92 -0.09
N ILE L 85 -6.72 -33.85 0.71
CA ILE L 85 -5.83 -33.63 1.84
C ILE L 85 -6.62 -33.17 3.04
N ILE L 86 -6.69 -34.01 4.07
CA ILE L 86 -7.39 -33.65 5.30
C ILE L 86 -6.40 -33.27 6.37
N ARG L 87 -6.26 -31.96 6.59
CA ARG L 87 -5.44 -31.46 7.68
C ARG L 87 -6.09 -31.80 9.02
N VAL L 88 -5.32 -32.38 9.93
CA VAL L 88 -5.84 -32.73 11.25
C VAL L 88 -4.97 -32.09 12.32
N GLY L 89 -5.26 -30.83 12.63
CA GLY L 89 -4.39 -30.05 13.50
C GLY L 89 -5.01 -29.59 14.81
N SER L 90 -4.30 -28.69 15.48
CA SER L 90 -4.78 -28.08 16.72
C SER L 90 -5.02 -26.59 16.48
N CYS L 91 -5.81 -25.98 17.36
CA CYS L 91 -6.11 -24.56 17.23
C CYS L 91 -6.42 -23.95 18.60
N GLY L 92 -6.38 -22.61 18.65
CA GLY L 92 -6.73 -21.89 19.85
C GLY L 92 -8.11 -21.27 19.73
N ALA L 93 -8.92 -21.42 20.77
CA ALA L 93 -10.28 -20.89 20.75
C ALA L 93 -10.34 -19.46 21.25
N VAL L 94 -11.22 -18.66 20.66
CA VAL L 94 -11.41 -17.27 21.08
C VAL L 94 -12.83 -17.05 21.59
N LEU L 95 -13.78 -17.81 21.07
CA LEU L 95 -15.17 -17.72 21.50
C LEU L 95 -15.35 -18.40 22.86
N PRO L 96 -16.28 -17.88 23.67
CA PRO L 96 -16.51 -18.39 25.03
C PRO L 96 -17.08 -19.81 25.03
N HIS L 97 -18.01 -20.08 24.12
CA HIS L 97 -18.68 -21.37 24.08
C HIS L 97 -17.83 -22.45 23.45
N VAL L 98 -16.70 -22.07 22.87
CA VAL L 98 -15.77 -23.03 22.31
C VAL L 98 -14.84 -23.53 23.39
N LYS L 99 -15.14 -24.73 23.90
CA LYS L 99 -14.40 -25.28 25.02
C LYS L 99 -13.17 -26.06 24.55
N LEU L 100 -12.30 -26.39 25.49
CA LEU L 100 -11.10 -27.14 25.19
C LEU L 100 -11.48 -28.52 24.64
N ARG L 101 -10.73 -28.97 23.65
CA ARG L 101 -10.93 -30.29 23.04
C ARG L 101 -12.11 -30.36 22.07
N ASP L 102 -12.77 -29.23 21.84
CA ASP L 102 -13.83 -29.17 20.84
C ASP L 102 -13.26 -29.40 19.43
N VAL L 103 -13.98 -30.18 18.63
CA VAL L 103 -13.59 -30.37 17.23
C VAL L 103 -14.27 -29.33 16.36
N VAL L 104 -13.48 -28.60 15.59
CA VAL L 104 -14.02 -27.58 14.68
C VAL L 104 -13.66 -27.87 13.22
N ILE L 105 -14.60 -27.61 12.33
CA ILE L 105 -14.40 -27.89 10.91
C ILE L 105 -14.33 -26.61 10.06
N GLY L 106 -13.16 -26.34 9.53
CA GLY L 106 -12.91 -25.12 8.78
C GLY L 106 -13.46 -25.14 7.38
N MET L 107 -14.76 -24.86 7.25
CA MET L 107 -15.39 -24.72 5.94
C MET L 107 -14.55 -23.79 5.08
N GLY L 108 -14.15 -22.66 5.68
CA GLY L 108 -13.25 -21.72 5.04
C GLY L 108 -12.25 -21.21 6.07
N ALA L 109 -11.19 -20.56 5.62
CA ALA L 109 -10.18 -20.06 6.55
C ALA L 109 -9.73 -18.64 6.25
N CYS L 110 -9.80 -17.78 7.26
CA CYS L 110 -9.24 -16.44 7.16
C CYS L 110 -7.73 -16.53 7.38
N THR L 111 -7.02 -15.44 7.10
CA THR L 111 -5.58 -15.41 7.28
C THR L 111 -5.00 -13.99 7.20
N ASP L 112 -3.84 -13.82 7.82
CA ASP L 112 -3.07 -12.58 7.69
C ASP L 112 -1.85 -12.84 6.83
N SER L 113 -1.81 -14.01 6.20
CA SER L 113 -0.76 -14.35 5.25
C SER L 113 -1.01 -13.61 3.94
N LYS L 114 0.00 -13.57 3.08
CA LYS L 114 -0.12 -12.84 1.82
C LYS L 114 -0.11 -13.78 0.62
N VAL L 115 0.12 -15.07 0.88
CA VAL L 115 0.24 -16.04 -0.21
C VAL L 115 -0.93 -15.95 -1.18
N ASN L 116 -2.14 -15.88 -0.64
CA ASN L 116 -3.33 -15.86 -1.48
C ASN L 116 -3.51 -14.56 -2.24
N ARG L 117 -3.11 -13.44 -1.64
CA ARG L 117 -3.15 -12.16 -2.33
C ARG L 117 -2.15 -12.14 -3.48
N ILE L 118 -1.02 -12.83 -3.29
CA ILE L 118 -0.02 -12.99 -4.34
C ILE L 118 -0.54 -13.89 -5.46
N ARG L 119 -1.43 -14.82 -5.11
CA ARG L 119 -2.07 -15.69 -6.10
C ARG L 119 -3.19 -14.97 -6.85
N PHE L 120 -3.95 -14.17 -6.11
CA PHE L 120 -5.25 -13.67 -6.58
C PHE L 120 -5.23 -12.19 -6.93
N LYS L 121 -4.19 -11.76 -7.64
CA LYS L 121 -4.02 -10.35 -8.02
C LYS L 121 -4.37 -9.37 -6.91
N ASP L 122 -3.89 -9.68 -5.70
CA ASP L 122 -4.08 -8.81 -4.53
C ASP L 122 -5.54 -8.54 -4.22
N HIS L 123 -6.40 -9.53 -4.43
CA HIS L 123 -7.80 -9.39 -4.05
C HIS L 123 -8.16 -10.38 -2.94
N ASP L 124 -9.43 -10.39 -2.55
CA ASP L 124 -9.88 -11.31 -1.52
C ASP L 124 -10.24 -12.67 -2.13
N PHE L 125 -9.41 -13.66 -1.85
CA PHE L 125 -9.71 -15.02 -2.24
C PHE L 125 -10.26 -15.78 -1.04
N ALA L 126 -11.52 -16.20 -1.13
CA ALA L 126 -12.14 -16.97 -0.08
C ALA L 126 -11.53 -18.36 -0.04
N ALA L 127 -10.51 -18.52 0.80
CA ALA L 127 -9.86 -19.80 0.98
C ALA L 127 -10.84 -20.78 1.60
N ILE L 128 -11.38 -21.68 0.78
CA ILE L 128 -12.41 -22.61 1.23
C ILE L 128 -12.02 -24.07 1.00
N ALA L 129 -12.66 -24.96 1.76
CA ALA L 129 -12.45 -26.38 1.62
C ALA L 129 -13.40 -26.97 0.58
N ASP L 130 -13.21 -28.24 0.26
CA ASP L 130 -14.11 -28.96 -0.63
C ASP L 130 -15.43 -29.23 0.09
N PHE L 131 -16.54 -28.80 -0.51
CA PHE L 131 -17.85 -28.95 0.11
C PHE L 131 -18.18 -30.41 0.44
N ASP L 132 -17.92 -31.29 -0.51
CA ASP L 132 -18.19 -32.71 -0.29
C ASP L 132 -17.37 -33.24 0.88
N MET L 133 -16.11 -32.85 0.93
CA MET L 133 -15.23 -33.25 2.02
C MET L 133 -15.74 -32.71 3.36
N VAL L 134 -16.27 -31.49 3.34
CA VAL L 134 -16.82 -30.89 4.55
C VAL L 134 -18.02 -31.69 5.04
N ARG L 135 -18.92 -32.02 4.12
CA ARG L 135 -20.11 -32.80 4.46
C ARG L 135 -19.74 -34.19 4.94
N ASN L 136 -18.82 -34.83 4.23
CA ASN L 136 -18.30 -36.12 4.66
C ASN L 136 -17.86 -36.08 6.11
N ALA L 137 -17.24 -34.98 6.51
CA ALA L 137 -16.74 -34.81 7.87
C ALA L 137 -17.90 -34.58 8.85
N VAL L 138 -18.93 -33.88 8.41
CA VAL L 138 -20.08 -33.63 9.26
C VAL L 138 -20.86 -34.91 9.51
N ASP L 139 -21.00 -35.71 8.45
CA ASP L 139 -21.72 -36.98 8.53
C ASP L 139 -20.95 -38.01 9.34
N ALA L 140 -19.63 -38.03 9.19
CA ALA L 140 -18.78 -38.91 9.98
C ALA L 140 -18.86 -38.55 11.46
N ALA L 141 -18.86 -37.25 11.74
CA ALA L 141 -18.96 -36.76 13.11
C ALA L 141 -20.31 -37.10 13.72
N LYS L 142 -21.37 -36.90 12.93
CA LYS L 142 -22.73 -37.21 13.37
C LYS L 142 -22.87 -38.69 13.71
N ALA L 143 -22.36 -39.54 12.83
CA ALA L 143 -22.43 -40.99 13.02
C ALA L 143 -21.75 -41.43 14.31
N LEU L 144 -20.62 -40.78 14.61
CA LEU L 144 -19.82 -41.14 15.77
C LEU L 144 -20.35 -40.49 17.05
N GLY L 145 -21.26 -39.54 16.88
CA GLY L 145 -21.82 -38.83 18.02
C GLY L 145 -20.84 -37.83 18.61
N ILE L 146 -20.07 -37.19 17.74
CA ILE L 146 -19.10 -36.18 18.17
C ILE L 146 -19.52 -34.81 17.67
N ASP L 147 -19.67 -33.85 18.59
CA ASP L 147 -20.02 -32.49 18.22
C ASP L 147 -18.91 -31.87 17.38
N ALA L 148 -19.30 -31.07 16.41
CA ALA L 148 -18.31 -30.40 15.55
C ALA L 148 -18.91 -29.17 14.90
N ARG L 149 -18.48 -28.00 15.35
CA ARG L 149 -18.91 -26.74 14.73
C ARG L 149 -18.26 -26.62 13.36
N VAL L 150 -19.03 -26.18 12.38
CA VAL L 150 -18.51 -25.92 11.05
C VAL L 150 -18.51 -24.42 10.79
N GLY L 151 -17.37 -23.88 10.37
CA GLY L 151 -17.27 -22.45 10.11
C GLY L 151 -15.90 -21.99 9.66
N ASN L 152 -15.57 -20.75 10.02
CA ASN L 152 -14.30 -20.16 9.64
C ASN L 152 -13.17 -20.42 10.63
N LEU L 153 -12.00 -20.76 10.10
CA LEU L 153 -10.79 -20.83 10.90
C LEU L 153 -9.99 -19.56 10.61
N PHE L 154 -8.91 -19.37 11.36
CA PHE L 154 -7.99 -18.27 11.06
C PHE L 154 -6.56 -18.77 11.05
N SER L 155 -5.94 -18.75 9.88
CA SER L 155 -4.56 -19.19 9.74
C SER L 155 -3.62 -18.00 9.87
N ALA L 156 -2.80 -18.01 10.91
CA ALA L 156 -1.91 -16.89 11.18
C ALA L 156 -0.44 -17.22 10.90
N ASP L 157 0.29 -16.24 10.39
CA ASP L 157 1.72 -16.39 10.17
C ASP L 157 2.47 -16.24 11.49
N LEU L 158 1.94 -15.43 12.39
CA LEU L 158 2.59 -15.19 13.68
C LEU L 158 1.82 -15.78 14.85
N PHE L 159 2.27 -16.93 15.33
CA PHE L 159 1.71 -17.54 16.54
C PHE L 159 1.76 -16.53 17.68
N TYR L 160 2.90 -15.87 17.84
CA TYR L 160 3.05 -14.79 18.80
C TYR L 160 2.89 -13.44 18.12
N SER L 161 1.64 -13.06 17.85
CA SER L 161 1.34 -11.83 17.13
C SER L 161 1.51 -10.59 18.01
N PRO L 162 2.16 -9.55 17.46
CA PRO L 162 2.40 -8.27 18.14
C PRO L 162 1.08 -7.58 18.47
N ASP L 163 0.11 -7.73 17.59
CA ASP L 163 -1.20 -7.10 17.74
C ASP L 163 -2.22 -8.08 18.33
N GLY L 164 -2.46 -7.97 19.64
CA GLY L 164 -3.39 -8.85 20.32
C GLY L 164 -4.82 -8.39 20.16
N GLU L 165 -4.99 -7.19 19.63
CA GLU L 165 -6.31 -6.61 19.39
C GLU L 165 -7.09 -7.38 18.33
N MET L 166 -6.38 -8.15 17.51
CA MET L 166 -7.00 -8.90 16.42
C MET L 166 -7.90 -10.02 16.92
N PHE L 167 -7.53 -10.64 18.03
CA PHE L 167 -8.34 -11.71 18.62
C PHE L 167 -9.78 -11.25 18.82
N ASP L 168 -9.94 -10.00 19.24
CA ASP L 168 -11.27 -9.41 19.41
C ASP L 168 -12.03 -9.37 18.10
N VAL L 169 -11.32 -9.07 17.02
CA VAL L 169 -11.93 -8.99 15.70
C VAL L 169 -12.31 -10.39 15.20
N MET L 170 -11.42 -11.36 15.44
CA MET L 170 -11.71 -12.74 15.08
C MET L 170 -12.98 -13.21 15.79
N GLU L 171 -13.05 -12.89 17.07
CA GLU L 171 -14.19 -13.31 17.89
C GLU L 171 -15.50 -12.74 17.37
N LYS L 172 -15.46 -11.48 16.92
CA LYS L 172 -16.66 -10.81 16.45
C LYS L 172 -17.22 -11.44 15.18
N TYR L 173 -16.34 -11.95 14.33
CA TYR L 173 -16.76 -12.57 13.08
C TYR L 173 -16.77 -14.09 13.18
N GLY L 174 -16.93 -14.59 14.40
CA GLY L 174 -17.21 -16.00 14.65
C GLY L 174 -16.13 -16.99 14.27
N ILE L 175 -14.87 -16.56 14.31
CA ILE L 175 -13.76 -17.47 14.06
C ILE L 175 -13.77 -18.58 15.09
N LEU L 176 -13.86 -19.83 14.62
CA LEU L 176 -14.00 -20.97 15.51
C LEU L 176 -12.67 -21.37 16.14
N GLY L 177 -11.61 -21.28 15.36
CA GLY L 177 -10.30 -21.69 15.83
C GLY L 177 -9.19 -20.89 15.19
N VAL L 178 -8.09 -20.75 15.92
CA VAL L 178 -6.92 -20.05 15.42
C VAL L 178 -5.75 -21.02 15.28
N GLU L 179 -5.38 -21.30 14.03
CA GLU L 179 -4.23 -22.14 13.74
C GLU L 179 -3.33 -21.42 12.73
N MET L 180 -2.54 -22.16 11.95
CA MET L 180 -1.57 -21.52 11.07
C MET L 180 -1.38 -22.16 9.70
N GLU L 181 -2.38 -22.87 9.19
CA GLU L 181 -2.15 -23.66 7.99
C GLU L 181 -3.31 -23.72 6.99
N ALA L 182 -4.54 -23.74 7.51
CA ALA L 182 -5.72 -23.96 6.68
C ALA L 182 -5.74 -23.14 5.38
N ALA L 183 -5.60 -21.83 5.51
CA ALA L 183 -5.70 -20.93 4.36
C ALA L 183 -4.72 -21.29 3.25
N GLY L 184 -3.48 -21.61 3.64
CA GLY L 184 -2.46 -21.94 2.67
C GLY L 184 -2.76 -23.24 1.94
N ILE L 185 -3.25 -24.23 2.66
CA ILE L 185 -3.58 -25.52 2.09
C ILE L 185 -4.74 -25.38 1.10
N TYR L 186 -5.74 -24.58 1.47
CA TYR L 186 -6.88 -24.35 0.61
C TYR L 186 -6.46 -23.61 -0.66
N GLY L 187 -5.47 -22.75 -0.54
CA GLY L 187 -4.93 -22.04 -1.68
C GLY L 187 -4.23 -22.99 -2.63
N VAL L 188 -3.35 -23.82 -2.08
CA VAL L 188 -2.63 -24.81 -2.90
C VAL L 188 -3.62 -25.76 -3.56
N ALA L 189 -4.67 -26.14 -2.83
CA ALA L 189 -5.69 -27.00 -3.39
C ALA L 189 -6.33 -26.36 -4.62
N ALA L 190 -6.71 -25.10 -4.49
CA ALA L 190 -7.33 -24.38 -5.60
C ALA L 190 -6.36 -24.22 -6.77
N GLU L 191 -5.13 -23.84 -6.46
CA GLU L 191 -4.12 -23.56 -7.48
C GLU L 191 -3.78 -24.80 -8.32
N PHE L 192 -3.83 -25.98 -7.71
CA PHE L 192 -3.38 -27.20 -8.37
C PHE L 192 -4.50 -28.19 -8.66
N GLY L 193 -5.74 -27.74 -8.50
CA GLY L 193 -6.90 -28.55 -8.83
C GLY L 193 -7.10 -29.78 -7.96
N ALA L 194 -6.87 -29.63 -6.66
CA ALA L 194 -7.14 -30.71 -5.72
C ALA L 194 -8.18 -30.27 -4.70
N LYS L 195 -8.53 -31.18 -3.79
CA LYS L 195 -9.52 -30.90 -2.75
C LYS L 195 -8.90 -31.02 -1.38
N ALA L 196 -9.31 -30.17 -0.46
CA ALA L 196 -8.73 -30.16 0.88
C ALA L 196 -9.76 -29.87 1.96
N LEU L 197 -9.40 -30.16 3.20
CA LEU L 197 -10.26 -29.90 4.35
C LEU L 197 -9.43 -29.87 5.63
N THR L 198 -9.73 -28.92 6.50
CA THR L 198 -9.02 -28.82 7.77
C THR L 198 -9.94 -29.07 8.96
N ILE L 199 -9.60 -30.08 9.75
CA ILE L 199 -10.28 -30.33 11.02
C ILE L 199 -9.29 -30.10 12.16
N CYS L 200 -9.72 -29.33 13.16
CA CYS L 200 -8.84 -29.02 14.28
C CYS L 200 -9.46 -29.42 15.61
N THR L 201 -8.61 -29.71 16.59
CA THR L 201 -9.07 -29.93 17.95
C THR L 201 -8.58 -28.77 18.82
N VAL L 202 -9.53 -28.03 19.41
CA VAL L 202 -9.19 -26.93 20.30
C VAL L 202 -8.18 -27.40 21.34
N SER L 203 -6.95 -26.92 21.22
CA SER L 203 -5.87 -27.38 22.08
C SER L 203 -5.54 -26.37 23.18
N ASP L 204 -6.18 -25.21 23.11
CA ASP L 204 -5.97 -24.18 24.13
C ASP L 204 -6.93 -23.03 23.91
N HIS L 205 -7.07 -22.18 24.92
CA HIS L 205 -8.00 -21.06 24.84
C HIS L 205 -7.28 -19.73 25.04
N ILE L 206 -7.32 -18.88 24.02
CA ILE L 206 -6.66 -17.58 24.07
C ILE L 206 -7.13 -16.71 25.23
N ARG L 207 -8.43 -16.78 25.54
CA ARG L 207 -9.02 -15.90 26.54
C ARG L 207 -8.82 -16.38 27.97
N THR L 208 -9.02 -17.68 28.21
CA THR L 208 -8.97 -18.22 29.56
C THR L 208 -7.59 -18.75 29.95
N HIS L 209 -6.74 -18.96 28.94
CA HIS L 209 -5.39 -19.48 29.16
C HIS L 209 -5.39 -20.96 29.55
N GLU L 210 -6.55 -21.60 29.47
CA GLU L 210 -6.60 -23.04 29.60
C GLU L 210 -5.75 -23.60 28.47
N GLN L 211 -5.22 -24.79 28.65
CA GLN L 211 -4.37 -25.40 27.63
C GLN L 211 -4.10 -26.87 27.86
N THR L 212 -3.61 -27.52 26.81
CA THR L 212 -3.25 -28.93 26.87
C THR L 212 -1.75 -29.07 26.74
N THR L 213 -1.23 -30.23 27.12
CA THR L 213 0.21 -30.50 27.05
C THR L 213 0.62 -30.93 25.65
N ALA L 214 1.91 -30.81 25.34
CA ALA L 214 2.41 -31.22 24.04
C ALA L 214 2.13 -32.70 23.79
N ALA L 215 2.22 -33.50 24.85
CA ALA L 215 1.94 -34.93 24.75
C ALA L 215 0.47 -35.17 24.45
N GLU L 216 -0.40 -34.38 25.07
CA GLU L 216 -1.83 -34.48 24.84
C GLU L 216 -2.19 -34.19 23.38
N ARG L 217 -1.55 -33.17 22.82
CA ARG L 217 -1.81 -32.80 21.44
C ARG L 217 -1.26 -33.85 20.48
N GLN L 218 -0.29 -34.62 20.96
CA GLN L 218 0.41 -35.57 20.11
C GLN L 218 -0.31 -36.92 20.04
N THR L 219 -0.98 -37.32 21.12
CA THR L 219 -1.52 -38.68 21.18
C THR L 219 -2.89 -38.82 21.85
N THR L 220 -3.66 -37.75 21.96
CA THR L 220 -4.95 -37.84 22.65
C THR L 220 -6.13 -37.20 21.91
N PHE L 221 -5.86 -36.59 20.75
CA PHE L 221 -6.92 -36.01 19.95
C PHE L 221 -7.59 -37.06 19.06
N ASN L 222 -8.13 -38.10 19.69
CA ASN L 222 -8.73 -39.22 18.97
C ASN L 222 -9.91 -38.84 18.08
N ASP L 223 -10.93 -38.22 18.66
CA ASP L 223 -12.13 -37.81 17.92
C ASP L 223 -11.81 -37.28 16.53
N MET L 224 -11.12 -36.15 16.48
CA MET L 224 -10.67 -35.54 15.24
C MET L 224 -10.19 -36.58 14.23
N ILE L 225 -9.35 -37.50 14.70
CA ILE L 225 -8.77 -38.55 13.85
C ILE L 225 -9.82 -39.55 13.36
N LYS L 226 -10.70 -39.97 14.27
CA LYS L 226 -11.80 -40.87 13.91
C LYS L 226 -12.65 -40.24 12.83
N ILE L 227 -12.98 -38.95 13.02
CA ILE L 227 -13.78 -38.21 12.07
C ILE L 227 -13.12 -38.12 10.70
N ALA L 228 -11.88 -37.65 10.69
CA ALA L 228 -11.13 -37.53 9.45
C ALA L 228 -11.13 -38.82 8.63
N LEU L 229 -10.96 -39.94 9.32
CA LEU L 229 -10.84 -41.24 8.66
C LEU L 229 -12.16 -41.75 8.09
N GLU L 230 -13.22 -41.70 8.90
CA GLU L 230 -14.53 -42.16 8.47
C GLU L 230 -15.06 -41.33 7.29
N SER L 231 -14.74 -40.05 7.28
CA SER L 231 -15.23 -39.16 6.23
C SER L 231 -14.73 -39.60 4.86
N VAL L 232 -13.54 -40.19 4.83
CA VAL L 232 -12.95 -40.70 3.59
C VAL L 232 -13.78 -41.86 3.05
N LEU L 233 -14.19 -42.75 3.93
CA LEU L 233 -15.02 -43.88 3.55
C LEU L 233 -16.32 -43.39 2.93
N LEU L 234 -16.83 -42.29 3.44
CA LEU L 234 -18.04 -41.67 2.90
C LEU L 234 -17.76 -41.00 1.56
N GLY L 235 -16.54 -40.50 1.39
CA GLY L 235 -16.15 -39.82 0.17
C GLY L 235 -16.00 -40.79 -0.98
N ASP L 236 -15.64 -42.03 -0.67
CA ASP L 236 -15.47 -43.05 -1.69
C ASP L 236 -16.82 -43.47 -2.24
N LYS L 237 -17.77 -43.74 -1.35
CA LYS L 237 -19.13 -44.09 -1.75
C LYS L 237 -19.92 -42.84 -2.14
N ALA M 1 -24.06 -5.56 -68.81
CA ALA M 1 -24.30 -6.09 -67.48
C ALA M 1 -23.04 -6.71 -66.90
N THR M 2 -22.87 -6.61 -65.58
CA THR M 2 -21.70 -7.16 -64.90
C THR M 2 -22.14 -8.15 -63.82
N PRO M 3 -21.20 -8.92 -63.28
CA PRO M 3 -21.52 -9.93 -62.27
C PRO M 3 -22.30 -9.36 -61.07
N HIS M 4 -22.15 -8.07 -60.81
CA HIS M 4 -22.75 -7.47 -59.62
C HIS M 4 -23.74 -6.35 -59.93
N ILE M 5 -23.60 -5.71 -61.08
CA ILE M 5 -24.56 -4.70 -61.50
C ILE M 5 -25.38 -5.20 -62.69
N ASN M 6 -26.69 -5.29 -62.52
CA ASN M 6 -27.57 -5.65 -63.62
C ASN M 6 -28.07 -4.42 -64.35
N ALA M 7 -27.17 -3.77 -65.08
CA ALA M 7 -27.53 -2.61 -65.89
C ALA M 7 -26.74 -2.67 -67.21
N GLU M 8 -27.12 -1.80 -68.15
CA GLU M 8 -26.43 -1.74 -69.43
C GLU M 8 -25.77 -0.38 -69.61
N MET M 9 -24.72 -0.34 -70.44
CA MET M 9 -24.00 0.90 -70.70
C MET M 9 -24.95 2.05 -71.01
N GLY M 10 -24.86 3.12 -70.23
CA GLY M 10 -25.73 4.27 -70.40
C GLY M 10 -26.55 4.57 -69.15
N ASP M 11 -26.94 3.52 -68.44
CA ASP M 11 -27.76 3.68 -67.23
C ASP M 11 -27.06 4.54 -66.18
N PHE M 12 -25.74 4.47 -66.14
CA PHE M 12 -24.96 5.24 -65.18
C PHE M 12 -24.32 6.46 -65.82
N ALA M 13 -24.44 7.61 -65.16
CA ALA M 13 -23.74 8.81 -65.58
C ALA M 13 -22.25 8.53 -65.49
N ASP M 14 -21.43 9.45 -66.01
CA ASP M 14 -19.98 9.29 -65.93
C ASP M 14 -19.46 9.73 -64.56
N VAL M 15 -20.39 10.08 -63.68
CA VAL M 15 -20.05 10.42 -62.30
C VAL M 15 -21.02 9.73 -61.35
N VAL M 16 -20.49 8.98 -60.39
CA VAL M 16 -21.34 8.29 -59.42
C VAL M 16 -20.96 8.65 -57.98
N LEU M 17 -21.93 9.17 -57.24
CA LEU M 17 -21.79 9.34 -55.80
C LEU M 17 -22.03 8.00 -55.12
N MET M 18 -21.17 7.62 -54.19
CA MET M 18 -21.28 6.30 -53.58
C MET M 18 -21.19 6.31 -52.05
N PRO M 19 -22.31 6.01 -51.38
CA PRO M 19 -22.34 5.78 -49.93
C PRO M 19 -22.16 4.29 -49.68
N GLY M 20 -21.72 3.92 -48.50
CA GLY M 20 -21.64 2.51 -48.15
C GLY M 20 -23.04 1.92 -48.07
N ASP M 21 -23.96 2.71 -47.55
CA ASP M 21 -25.34 2.28 -47.34
C ASP M 21 -26.17 2.43 -48.61
N PRO M 22 -26.81 1.33 -49.05
CA PRO M 22 -27.71 1.40 -50.21
C PRO M 22 -28.90 2.32 -49.93
N LEU M 23 -29.51 2.13 -48.76
CA LEU M 23 -30.70 2.89 -48.40
C LEU M 23 -30.43 4.40 -48.42
N ARG M 24 -29.19 4.78 -48.17
CA ARG M 24 -28.82 6.20 -48.24
C ARG M 24 -28.66 6.66 -49.68
N ALA M 25 -28.26 5.74 -50.56
CA ALA M 25 -28.18 6.04 -51.97
C ALA M 25 -29.57 6.33 -52.51
N LYS M 26 -30.56 5.63 -51.95
CA LYS M 26 -31.96 5.84 -52.31
C LYS M 26 -32.46 7.18 -51.77
N TYR M 27 -32.22 7.41 -50.48
CA TYR M 27 -32.59 8.68 -49.87
C TYR M 27 -32.03 9.84 -50.68
N ILE M 28 -30.81 9.67 -51.20
CA ILE M 28 -30.15 10.70 -52.00
C ILE M 28 -30.84 10.88 -53.35
N ALA M 29 -31.16 9.78 -54.01
CA ALA M 29 -31.83 9.82 -55.30
C ALA M 29 -33.20 10.49 -55.20
N GLU M 30 -33.86 10.30 -54.06
CA GLU M 30 -35.22 10.81 -53.87
C GLU M 30 -35.26 12.29 -53.53
N THR M 31 -34.30 12.75 -52.73
CA THR M 31 -34.37 14.11 -52.21
C THR M 31 -33.41 15.08 -52.91
N PHE M 32 -32.46 14.55 -53.66
CA PHE M 32 -31.47 15.40 -54.34
C PHE M 32 -31.46 15.22 -55.86
N LEU M 33 -31.96 14.08 -56.32
CA LEU M 33 -31.99 13.81 -57.76
C LEU M 33 -33.39 13.96 -58.33
N GLU M 34 -33.48 14.64 -59.47
CA GLU M 34 -34.74 14.84 -60.14
C GLU M 34 -34.99 13.69 -61.11
N ASP M 35 -36.21 13.18 -61.11
CA ASP M 35 -36.57 12.03 -61.95
C ASP M 35 -35.68 10.84 -61.64
N ALA M 36 -35.44 10.61 -60.35
CA ALA M 36 -34.60 9.49 -59.91
C ALA M 36 -35.10 8.18 -60.52
N ARG M 37 -34.16 7.31 -60.87
CA ARG M 37 -34.50 6.04 -61.48
C ARG M 37 -33.58 4.91 -61.03
N GLU M 38 -34.18 3.81 -60.60
CA GLU M 38 -33.41 2.65 -60.18
C GLU M 38 -32.84 1.90 -61.38
N VAL M 39 -31.51 1.84 -61.44
CA VAL M 39 -30.83 1.16 -62.53
C VAL M 39 -30.18 -0.15 -62.08
N ASN M 40 -30.21 -0.39 -60.77
CA ASN M 40 -29.65 -1.62 -60.20
C ASN M 40 -30.28 -1.97 -58.86
N ASN M 41 -30.40 -3.26 -58.59
CA ASN M 41 -30.86 -3.73 -57.29
C ASN M 41 -30.29 -5.10 -56.94
N VAL M 42 -29.27 -5.52 -57.68
CA VAL M 42 -28.62 -6.80 -57.41
C VAL M 42 -28.02 -6.78 -56.01
N ARG M 43 -28.30 -7.84 -55.25
CA ARG M 43 -27.82 -7.92 -53.87
C ARG M 43 -28.35 -6.76 -53.05
N GLY M 44 -29.46 -6.18 -53.51
CA GLY M 44 -30.10 -5.09 -52.81
C GLY M 44 -29.30 -3.81 -52.84
N MET M 45 -28.19 -3.81 -53.57
CA MET M 45 -27.33 -2.63 -53.66
C MET M 45 -27.94 -1.60 -54.60
N LEU M 46 -28.85 -0.80 -54.05
CA LEU M 46 -29.63 0.14 -54.85
C LEU M 46 -28.79 1.10 -55.67
N GLY M 47 -29.00 1.07 -56.98
CA GLY M 47 -28.36 2.01 -57.88
C GLY M 47 -29.39 2.92 -58.53
N PHE M 48 -29.09 4.21 -58.55
CA PHE M 48 -30.02 5.19 -59.11
C PHE M 48 -29.33 6.14 -60.07
N THR M 49 -30.11 6.74 -60.96
CA THR M 49 -29.60 7.73 -61.90
C THR M 49 -30.67 8.76 -62.23
N GLY M 50 -30.39 10.00 -61.89
CA GLY M 50 -31.31 11.10 -62.19
C GLY M 50 -30.54 12.29 -62.72
N THR M 51 -30.99 13.48 -62.35
CA THR M 51 -30.28 14.70 -62.70
C THR M 51 -30.20 15.62 -61.50
N TYR M 52 -29.19 16.49 -61.49
CA TYR M 52 -29.07 17.51 -60.46
C TYR M 52 -28.79 18.87 -61.09
N LYS M 53 -29.83 19.71 -61.16
CA LYS M 53 -29.74 20.99 -61.84
C LYS M 53 -29.38 20.82 -63.31
N GLY M 54 -29.98 19.82 -63.94
CA GLY M 54 -29.77 19.57 -65.36
C GLY M 54 -28.58 18.68 -65.64
N ARG M 55 -27.79 18.37 -64.62
CA ARG M 55 -26.61 17.52 -64.78
C ARG M 55 -26.96 16.06 -64.53
N LYS M 56 -26.74 15.23 -65.54
CA LYS M 56 -26.96 13.79 -65.43
C LYS M 56 -26.01 13.21 -64.39
N ILE M 57 -26.57 12.69 -63.30
CA ILE M 57 -25.75 12.16 -62.21
C ILE M 57 -26.35 10.91 -61.57
N SER M 58 -25.52 9.92 -61.31
CA SER M 58 -25.95 8.68 -60.68
C SER M 58 -25.60 8.64 -59.20
N VAL M 59 -26.16 7.67 -58.50
CA VAL M 59 -25.86 7.45 -57.09
C VAL M 59 -26.12 6.00 -56.75
N MET M 60 -25.17 5.37 -56.06
CA MET M 60 -25.27 3.93 -55.78
C MET M 60 -24.38 3.55 -54.62
N GLY M 61 -24.83 2.57 -53.83
CA GLY M 61 -24.09 2.14 -52.66
C GLY M 61 -22.97 1.16 -53.00
N HIS M 62 -21.88 1.22 -52.24
CA HIS M 62 -20.75 0.34 -52.49
C HIS M 62 -20.58 -0.71 -51.40
N GLY M 63 -21.46 -0.68 -50.41
CA GLY M 63 -21.40 -1.64 -49.32
C GLY M 63 -20.25 -1.36 -48.37
N MET M 64 -20.13 -2.16 -47.34
CA MET M 64 -19.08 -1.96 -46.34
C MET M 64 -17.83 -2.77 -46.64
N GLY M 65 -16.68 -2.12 -46.54
CA GLY M 65 -15.40 -2.79 -46.72
C GLY M 65 -14.73 -2.44 -48.04
N ILE M 66 -13.41 -2.55 -48.06
CA ILE M 66 -12.63 -2.32 -49.28
C ILE M 66 -12.95 -3.35 -50.37
N PRO M 67 -13.06 -4.64 -50.01
CA PRO M 67 -13.44 -5.63 -51.01
C PRO M 67 -14.77 -5.30 -51.67
N SER M 68 -15.76 -4.90 -50.87
CA SER M 68 -17.08 -4.57 -51.40
C SER M 68 -17.02 -3.42 -52.40
N CYS M 69 -16.49 -2.28 -51.98
CA CYS M 69 -16.47 -1.10 -52.84
C CYS M 69 -15.52 -1.27 -54.02
N SER M 70 -14.50 -2.12 -53.85
CA SER M 70 -13.57 -2.39 -54.94
C SER M 70 -14.29 -3.05 -56.11
N ILE M 71 -15.23 -3.94 -55.80
CA ILE M 71 -15.99 -4.64 -56.83
C ILE M 71 -16.88 -3.70 -57.63
N TYR M 72 -17.62 -2.85 -56.92
CA TYR M 72 -18.56 -1.95 -57.57
C TYR M 72 -17.88 -0.85 -58.36
N THR M 73 -16.93 -0.16 -57.73
CA THR M 73 -16.23 0.94 -58.40
C THR M 73 -15.52 0.43 -59.65
N LYS M 74 -14.89 -0.73 -59.53
CA LYS M 74 -14.18 -1.31 -60.68
C LYS M 74 -15.15 -1.52 -61.83
N GLU M 75 -16.20 -2.30 -61.58
CA GLU M 75 -17.18 -2.62 -62.61
C GLU M 75 -17.80 -1.36 -63.24
N LEU M 76 -17.89 -0.29 -62.46
CA LEU M 76 -18.43 0.96 -62.97
C LEU M 76 -17.43 1.66 -63.90
N ILE M 77 -16.15 1.57 -63.56
CA ILE M 77 -15.10 2.23 -64.33
C ILE M 77 -14.81 1.50 -65.64
N THR M 78 -14.86 0.17 -65.61
CA THR M 78 -14.44 -0.63 -66.75
C THR M 78 -15.58 -1.00 -67.71
N ASP M 79 -16.80 -1.07 -67.20
CA ASP M 79 -17.93 -1.55 -68.00
C ASP M 79 -19.11 -0.57 -68.12
N PHE M 80 -18.97 0.62 -67.54
CA PHE M 80 -20.07 1.59 -67.58
C PHE M 80 -19.60 3.01 -67.87
N GLY M 81 -18.33 3.16 -68.22
CA GLY M 81 -17.80 4.45 -68.64
C GLY M 81 -17.83 5.55 -67.59
N VAL M 82 -17.85 5.17 -66.32
CA VAL M 82 -17.78 6.15 -65.24
C VAL M 82 -16.37 6.73 -65.19
N LYS M 83 -16.28 8.05 -65.08
CA LYS M 83 -15.00 8.74 -65.09
C LYS M 83 -14.67 9.31 -63.71
N LYS M 84 -15.71 9.63 -62.95
CA LYS M 84 -15.55 10.19 -61.61
C LYS M 84 -16.39 9.44 -60.56
N ILE M 85 -15.76 9.13 -59.42
CA ILE M 85 -16.47 8.50 -58.31
C ILE M 85 -16.23 9.25 -57.01
N ILE M 86 -17.29 9.81 -56.45
CA ILE M 86 -17.20 10.51 -55.17
C ILE M 86 -17.89 9.71 -54.07
N ARG M 87 -17.10 9.18 -53.15
CA ARG M 87 -17.65 8.46 -52.01
C ARG M 87 -18.27 9.45 -51.04
N VAL M 88 -19.47 9.13 -50.57
CA VAL M 88 -20.16 9.96 -49.62
C VAL M 88 -20.63 9.12 -48.44
N GLY M 89 -19.72 8.84 -47.53
CA GLY M 89 -20.00 7.96 -46.40
C GLY M 89 -19.77 8.61 -45.06
N SER M 90 -19.76 7.79 -44.02
CA SER M 90 -19.55 8.29 -42.66
C SER M 90 -18.26 7.74 -42.08
N CYS M 91 -17.70 8.47 -41.12
CA CYS M 91 -16.45 8.05 -40.50
C CYS M 91 -16.45 8.39 -39.00
N GLY M 92 -15.48 7.82 -38.28
CA GLY M 92 -15.32 8.10 -36.87
C GLY M 92 -14.15 9.03 -36.62
N ALA M 93 -14.17 9.74 -35.49
CA ALA M 93 -13.13 10.72 -35.19
C ALA M 93 -12.24 10.29 -34.03
N VAL M 94 -10.94 10.54 -34.16
CA VAL M 94 -10.00 10.27 -33.09
C VAL M 94 -9.42 11.57 -32.54
N LEU M 95 -9.33 12.58 -33.39
CA LEU M 95 -8.90 13.91 -32.96
C LEU M 95 -10.01 14.57 -32.16
N PRO M 96 -9.62 15.31 -31.10
CA PRO M 96 -10.60 15.95 -30.21
C PRO M 96 -11.30 17.14 -30.85
N HIS M 97 -10.62 17.86 -31.73
CA HIS M 97 -11.21 19.04 -32.36
C HIS M 97 -12.13 18.69 -33.52
N VAL M 98 -12.16 17.42 -33.90
CA VAL M 98 -13.07 16.97 -34.94
C VAL M 98 -14.38 16.54 -34.31
N LYS M 99 -15.41 17.37 -34.46
CA LYS M 99 -16.67 17.16 -33.77
C LYS M 99 -17.70 16.39 -34.59
N LEU M 100 -18.71 15.86 -33.90
CA LEU M 100 -19.75 15.06 -34.53
C LEU M 100 -20.44 15.82 -35.66
N ARG M 101 -20.55 15.17 -36.81
CA ARG M 101 -21.19 15.72 -38.01
C ARG M 101 -20.30 16.63 -38.84
N ASP M 102 -19.05 16.80 -38.44
CA ASP M 102 -18.10 17.56 -39.24
C ASP M 102 -17.88 16.87 -40.59
N VAL M 103 -17.79 17.66 -41.65
CA VAL M 103 -17.52 17.13 -42.98
C VAL M 103 -16.02 17.14 -43.23
N VAL M 104 -15.47 15.99 -43.60
CA VAL M 104 -14.04 15.86 -43.86
C VAL M 104 -13.77 15.32 -45.26
N ILE M 105 -12.77 15.90 -45.91
CA ILE M 105 -12.34 15.47 -47.23
C ILE M 105 -11.00 14.76 -47.12
N GLY M 106 -10.89 13.58 -47.73
CA GLY M 106 -9.67 12.82 -47.68
C GLY M 106 -8.89 12.84 -49.00
N MET M 107 -7.91 13.73 -49.10
CA MET M 107 -7.06 13.77 -50.28
C MET M 107 -6.16 12.53 -50.31
N GLY M 108 -5.85 12.01 -49.13
CA GLY M 108 -5.15 10.75 -49.01
C GLY M 108 -5.90 9.81 -48.08
N ALA M 109 -5.61 8.52 -48.18
CA ALA M 109 -6.25 7.53 -47.31
C ALA M 109 -5.29 6.45 -46.84
N CYS M 110 -5.03 6.41 -45.53
CA CYS M 110 -4.22 5.36 -44.94
C CYS M 110 -5.05 4.09 -44.85
N THR M 111 -4.39 2.96 -44.60
CA THR M 111 -5.10 1.70 -44.44
C THR M 111 -4.26 0.61 -43.80
N ASP M 112 -4.95 -0.35 -43.17
CA ASP M 112 -4.29 -1.54 -42.62
C ASP M 112 -4.63 -2.75 -43.48
N SER M 113 -5.23 -2.49 -44.64
CA SER M 113 -5.54 -3.52 -45.61
C SER M 113 -4.28 -3.87 -46.40
N LYS M 114 -4.29 -5.04 -47.06
CA LYS M 114 -3.12 -5.46 -47.82
C LYS M 114 -3.36 -5.40 -49.33
N VAL M 115 -4.45 -4.73 -49.72
CA VAL M 115 -4.83 -4.66 -51.12
C VAL M 115 -3.86 -3.84 -51.98
N ASN M 116 -3.40 -2.71 -51.44
CA ASN M 116 -2.49 -1.86 -52.19
C ASN M 116 -1.07 -2.42 -52.29
N ARG M 117 -0.60 -3.01 -51.20
CA ARG M 117 0.70 -3.67 -51.21
C ARG M 117 0.71 -4.75 -52.28
N ILE M 118 -0.44 -5.40 -52.45
CA ILE M 118 -0.60 -6.43 -53.46
C ILE M 118 -0.54 -5.85 -54.87
N ARG M 119 -0.87 -4.58 -55.00
CA ARG M 119 -0.80 -3.90 -56.30
C ARG M 119 0.57 -3.28 -56.55
N PHE M 120 1.28 -2.95 -55.48
CA PHE M 120 2.47 -2.12 -55.58
C PHE M 120 3.72 -2.84 -55.06
N LYS M 121 3.88 -4.09 -55.47
CA LYS M 121 5.04 -4.90 -55.08
C LYS M 121 5.41 -4.74 -53.61
N ASP M 122 4.40 -4.85 -52.74
CA ASP M 122 4.60 -4.76 -51.30
C ASP M 122 5.35 -3.51 -50.88
N HIS M 123 5.10 -2.40 -51.57
CA HIS M 123 5.68 -1.12 -51.20
C HIS M 123 4.59 -0.17 -50.75
N ASP M 124 4.95 1.04 -50.34
CA ASP M 124 3.96 1.99 -49.86
C ASP M 124 3.34 2.80 -51.00
N PHE M 125 2.08 2.50 -51.31
CA PHE M 125 1.33 3.27 -52.29
C PHE M 125 0.54 4.38 -51.61
N ALA M 126 0.80 5.63 -52.02
CA ALA M 126 0.07 6.76 -51.48
C ALA M 126 -1.33 6.84 -52.07
N ALA M 127 -2.27 6.15 -51.42
CA ALA M 127 -3.66 6.15 -51.86
C ALA M 127 -4.25 7.55 -51.77
N ILE M 128 -4.35 8.22 -52.93
CA ILE M 128 -4.83 9.59 -52.96
C ILE M 128 -5.94 9.79 -53.98
N ALA M 129 -6.65 10.91 -53.84
CA ALA M 129 -7.76 11.24 -54.73
C ALA M 129 -7.31 12.22 -55.80
N ASP M 130 -8.17 12.45 -56.79
CA ASP M 130 -7.89 13.44 -57.81
C ASP M 130 -7.85 14.82 -57.19
N PHE M 131 -6.75 15.54 -57.38
CA PHE M 131 -6.60 16.87 -56.81
C PHE M 131 -7.75 17.79 -57.20
N ASP M 132 -8.04 17.83 -58.49
CA ASP M 132 -9.11 18.68 -59.00
C ASP M 132 -10.42 18.38 -58.29
N MET M 133 -10.65 17.11 -57.98
CA MET M 133 -11.87 16.69 -57.29
C MET M 133 -11.85 17.14 -55.84
N VAL M 134 -10.69 17.07 -55.21
CA VAL M 134 -10.52 17.58 -53.85
C VAL M 134 -10.82 19.07 -53.81
N ARG M 135 -10.19 19.79 -54.73
CA ARG M 135 -10.36 21.25 -54.80
C ARG M 135 -11.81 21.65 -55.07
N ASN M 136 -12.48 20.90 -55.95
CA ASN M 136 -13.88 21.14 -56.24
C ASN M 136 -14.75 21.00 -55.00
N ALA M 137 -14.54 19.93 -54.25
CA ALA M 137 -15.28 19.70 -53.02
C ALA M 137 -15.05 20.87 -52.07
N VAL M 138 -13.79 21.26 -51.91
CA VAL M 138 -13.42 22.39 -51.07
C VAL M 138 -14.17 23.65 -51.47
N ASP M 139 -14.09 24.00 -52.76
CA ASP M 139 -14.75 25.19 -53.29
C ASP M 139 -16.26 25.12 -53.12
N ALA M 140 -16.84 23.96 -53.42
CA ALA M 140 -18.27 23.75 -53.21
C ALA M 140 -18.64 23.96 -51.75
N ALA M 141 -17.74 23.60 -50.84
CA ALA M 141 -17.99 23.77 -49.42
C ALA M 141 -17.99 25.24 -49.03
N LYS M 142 -17.04 25.99 -49.58
CA LYS M 142 -16.93 27.42 -49.27
C LYS M 142 -18.21 28.14 -49.69
N ALA M 143 -18.69 27.85 -50.90
CA ALA M 143 -19.90 28.45 -51.40
C ALA M 143 -21.09 28.12 -50.51
N LEU M 144 -21.21 26.85 -50.13
CA LEU M 144 -22.32 26.40 -49.29
C LEU M 144 -22.14 26.81 -47.83
N GLY M 145 -21.03 27.48 -47.53
CA GLY M 145 -20.75 27.95 -46.19
C GLY M 145 -20.60 26.80 -45.19
N ILE M 146 -20.27 25.62 -45.71
CA ILE M 146 -20.06 24.45 -44.87
C ILE M 146 -18.57 24.22 -44.61
N ASP M 147 -18.20 24.13 -43.34
CA ASP M 147 -16.83 23.86 -42.96
C ASP M 147 -16.41 22.46 -43.36
N ALA M 148 -15.22 22.33 -43.91
CA ALA M 148 -14.70 21.04 -44.33
C ALA M 148 -13.17 20.98 -44.20
N ARG M 149 -12.70 20.04 -43.38
CA ARG M 149 -11.27 19.82 -43.23
C ARG M 149 -10.76 18.92 -44.35
N VAL M 150 -9.56 19.22 -44.85
CA VAL M 150 -8.96 18.42 -45.89
C VAL M 150 -7.68 17.78 -45.40
N GLY M 151 -7.64 16.46 -45.39
CA GLY M 151 -6.46 15.75 -44.91
C GLY M 151 -6.51 14.27 -45.23
N ASN M 152 -6.09 13.48 -44.25
CA ASN M 152 -5.89 12.05 -44.45
C ASN M 152 -6.99 11.24 -43.78
N LEU M 153 -7.46 10.20 -44.47
CA LEU M 153 -8.42 9.28 -43.87
C LEU M 153 -7.70 8.00 -43.45
N PHE M 154 -8.42 7.13 -42.77
CA PHE M 154 -7.91 5.80 -42.46
C PHE M 154 -8.94 4.72 -42.76
N SER M 155 -8.73 3.99 -43.85
CA SER M 155 -9.60 2.89 -44.23
C SER M 155 -9.22 1.63 -43.47
N ALA M 156 -10.05 1.23 -42.52
CA ALA M 156 -9.78 0.03 -41.73
C ALA M 156 -10.52 -1.18 -42.28
N ASP M 157 -9.88 -2.35 -42.20
CA ASP M 157 -10.56 -3.60 -42.53
C ASP M 157 -11.48 -4.02 -41.39
N LEU M 158 -10.99 -3.84 -40.17
CA LEU M 158 -11.74 -4.29 -39.00
C LEU M 158 -12.37 -3.13 -38.23
N PHE M 159 -13.65 -2.90 -38.48
CA PHE M 159 -14.43 -1.94 -37.72
C PHE M 159 -14.18 -2.20 -36.23
N TYR M 160 -14.20 -3.47 -35.85
CA TYR M 160 -13.88 -3.88 -34.49
C TYR M 160 -12.45 -4.41 -34.42
N SER M 161 -11.51 -3.56 -34.06
CA SER M 161 -10.10 -3.94 -34.06
C SER M 161 -9.60 -4.40 -32.70
N PRO M 162 -8.79 -5.47 -32.69
CA PRO M 162 -8.19 -6.01 -31.46
C PRO M 162 -7.06 -5.10 -31.00
N ASP M 163 -6.62 -4.22 -31.90
CA ASP M 163 -5.53 -3.29 -31.61
C ASP M 163 -6.07 -1.89 -31.38
N GLY M 164 -6.36 -1.57 -30.13
CA GLY M 164 -6.94 -0.29 -29.76
C GLY M 164 -5.91 0.83 -29.76
N GLU M 165 -4.67 0.49 -29.45
CA GLU M 165 -3.60 1.47 -29.36
C GLU M 165 -3.31 2.12 -30.71
N MET M 166 -3.88 1.56 -31.77
CA MET M 166 -3.70 2.09 -33.11
C MET M 166 -4.31 3.48 -33.29
N PHE M 167 -5.45 3.72 -32.64
CA PHE M 167 -6.10 5.03 -32.72
C PHE M 167 -5.17 6.14 -32.26
N ASP M 168 -4.44 5.88 -31.17
CA ASP M 168 -3.44 6.81 -30.68
C ASP M 168 -2.46 7.17 -31.79
N VAL M 169 -2.05 6.16 -32.55
CA VAL M 169 -1.13 6.37 -33.67
C VAL M 169 -1.78 7.25 -34.72
N MET M 170 -3.00 6.90 -35.13
CA MET M 170 -3.73 7.67 -36.12
C MET M 170 -3.80 9.13 -35.69
N GLU M 171 -4.13 9.35 -34.43
CA GLU M 171 -4.32 10.71 -33.93
C GLU M 171 -3.03 11.52 -34.04
N LYS M 172 -1.90 10.89 -33.72
CA LYS M 172 -0.61 11.57 -33.80
C LYS M 172 -0.38 12.14 -35.20
N TYR M 173 -0.62 11.32 -36.21
CA TYR M 173 -0.41 11.74 -37.59
C TYR M 173 -1.67 12.39 -38.15
N GLY M 174 -2.57 12.77 -37.24
CA GLY M 174 -3.74 13.57 -37.58
C GLY M 174 -4.66 12.99 -38.63
N ILE M 175 -5.20 11.81 -38.37
CA ILE M 175 -6.20 11.23 -39.27
C ILE M 175 -7.53 11.91 -39.01
N LEU M 176 -8.13 12.47 -40.06
CA LEU M 176 -9.37 13.21 -39.91
C LEU M 176 -10.53 12.32 -39.51
N GLY M 177 -10.72 11.24 -40.25
CA GLY M 177 -11.80 10.30 -39.97
C GLY M 177 -11.39 8.86 -40.13
N VAL M 178 -12.18 7.96 -39.57
CA VAL M 178 -11.92 6.53 -39.71
C VAL M 178 -13.09 5.81 -40.35
N GLU M 179 -12.94 5.46 -41.63
CA GLU M 179 -13.97 4.70 -42.34
C GLU M 179 -13.43 3.34 -42.79
N MET M 180 -13.81 2.88 -43.99
CA MET M 180 -13.41 1.54 -44.43
C MET M 180 -13.33 1.34 -45.94
N GLU M 181 -13.14 2.41 -46.70
CA GLU M 181 -13.21 2.29 -48.16
C GLU M 181 -12.22 3.16 -48.94
N ALA M 182 -12.04 4.41 -48.53
CA ALA M 182 -11.25 5.38 -49.27
C ALA M 182 -9.98 4.82 -49.92
N ALA M 183 -9.08 4.29 -49.10
CA ALA M 183 -7.82 3.74 -49.60
C ALA M 183 -8.04 2.69 -50.67
N GLY M 184 -9.10 1.89 -50.51
CA GLY M 184 -9.43 0.87 -51.47
C GLY M 184 -9.89 1.44 -52.81
N ILE M 185 -10.72 2.48 -52.75
CA ILE M 185 -11.25 3.10 -53.95
C ILE M 185 -10.17 3.86 -54.71
N TYR M 186 -9.30 4.54 -53.97
CA TYR M 186 -8.21 5.29 -54.61
C TYR M 186 -7.29 4.36 -55.37
N GLY M 187 -7.15 3.14 -54.86
CA GLY M 187 -6.34 2.13 -55.53
C GLY M 187 -6.99 1.71 -56.84
N VAL M 188 -8.27 1.38 -56.78
CA VAL M 188 -9.02 0.99 -57.97
C VAL M 188 -9.03 2.11 -58.99
N ALA M 189 -9.24 3.33 -58.51
CA ALA M 189 -9.21 4.51 -59.37
C ALA M 189 -7.87 4.57 -60.08
N ALA M 190 -6.80 4.36 -59.31
CA ALA M 190 -5.44 4.41 -59.85
C ALA M 190 -5.14 3.23 -60.77
N GLU M 191 -5.73 2.07 -60.47
CA GLU M 191 -5.48 0.87 -61.26
C GLU M 191 -6.07 0.97 -62.66
N PHE M 192 -7.28 1.52 -62.77
CA PHE M 192 -7.98 1.58 -64.05
C PHE M 192 -8.14 3.00 -64.58
N GLY M 193 -7.26 3.89 -64.12
CA GLY M 193 -7.18 5.24 -64.66
C GLY M 193 -8.43 6.09 -64.52
N ALA M 194 -9.07 6.02 -63.36
CA ALA M 194 -10.24 6.85 -63.10
C ALA M 194 -9.93 7.90 -62.03
N LYS M 195 -10.86 8.83 -61.83
CA LYS M 195 -10.71 9.86 -60.81
C LYS M 195 -11.68 9.59 -59.65
N ALA M 196 -11.17 9.65 -58.43
CA ALA M 196 -11.99 9.35 -57.26
C ALA M 196 -11.83 10.37 -56.15
N LEU M 197 -12.75 10.36 -55.20
CA LEU M 197 -12.73 11.28 -54.07
C LEU M 197 -13.63 10.75 -52.96
N THR M 198 -13.18 10.91 -51.71
CA THR M 198 -14.00 10.49 -50.58
C THR M 198 -14.32 11.65 -49.65
N ILE M 199 -15.59 11.80 -49.33
CA ILE M 199 -16.03 12.80 -48.35
C ILE M 199 -16.86 12.12 -47.27
N CYS M 200 -16.53 12.39 -46.01
CA CYS M 200 -17.24 11.76 -44.90
C CYS M 200 -17.82 12.77 -43.93
N THR M 201 -18.93 12.38 -43.31
CA THR M 201 -19.50 13.12 -42.20
C THR M 201 -19.17 12.35 -40.94
N VAL M 202 -18.57 13.03 -39.96
CA VAL M 202 -18.24 12.41 -38.69
C VAL M 202 -19.50 11.87 -38.03
N SER M 203 -19.66 10.55 -38.04
CA SER M 203 -20.87 9.91 -37.52
C SER M 203 -20.72 9.49 -36.06
N ASP M 204 -19.49 9.51 -35.56
CA ASP M 204 -19.22 9.12 -34.18
C ASP M 204 -17.81 9.52 -33.76
N HIS M 205 -17.62 9.66 -32.45
CA HIS M 205 -16.30 9.98 -31.91
C HIS M 205 -15.82 8.83 -31.05
N ILE M 206 -14.57 8.43 -31.26
CA ILE M 206 -14.03 7.21 -30.67
C ILE M 206 -13.55 7.41 -29.23
N ARG M 207 -13.20 8.64 -28.89
CA ARG M 207 -12.73 8.95 -27.55
C ARG M 207 -13.90 9.26 -26.62
N THR M 208 -14.81 10.11 -27.08
CA THR M 208 -15.92 10.59 -26.25
C THR M 208 -17.13 9.66 -26.26
N HIS M 209 -17.18 8.77 -27.24
CA HIS M 209 -18.29 7.82 -27.39
C HIS M 209 -19.58 8.50 -27.82
N GLU M 210 -19.50 9.76 -28.24
CA GLU M 210 -20.63 10.42 -28.86
C GLU M 210 -20.91 9.70 -30.17
N GLN M 211 -22.17 9.73 -30.61
CA GLN M 211 -22.53 8.99 -31.82
C GLN M 211 -23.88 9.39 -32.39
N THR M 212 -24.14 8.94 -33.61
CA THR M 212 -25.40 9.21 -34.28
C THR M 212 -26.20 7.91 -34.39
N THR M 213 -27.50 8.05 -34.63
CA THR M 213 -28.36 6.89 -34.80
C THR M 213 -28.18 6.29 -36.18
N ALA M 214 -28.61 5.06 -36.38
CA ALA M 214 -28.54 4.42 -37.69
C ALA M 214 -29.42 5.18 -38.68
N ALA M 215 -30.40 5.90 -38.16
CA ALA M 215 -31.31 6.69 -38.98
C ALA M 215 -30.70 8.04 -39.32
N GLU M 216 -30.01 8.64 -38.36
CA GLU M 216 -29.33 9.90 -38.58
C GLU M 216 -28.26 9.78 -39.66
N ARG M 217 -27.72 8.57 -39.81
CA ARG M 217 -26.72 8.32 -40.82
C ARG M 217 -27.37 8.23 -42.20
N GLN M 218 -28.54 7.58 -42.24
CA GLN M 218 -29.20 7.28 -43.51
C GLN M 218 -29.86 8.49 -44.17
N THR M 219 -30.33 9.45 -43.37
CA THR M 219 -31.18 10.51 -43.93
C THR M 219 -30.96 11.91 -43.37
N THR M 220 -29.79 12.20 -42.81
CA THR M 220 -29.57 13.54 -42.26
C THR M 220 -28.21 14.16 -42.62
N PHE M 221 -27.33 13.39 -43.24
CA PHE M 221 -26.01 13.89 -43.61
C PHE M 221 -26.06 14.70 -44.90
N ASN M 222 -26.80 15.80 -44.89
CA ASN M 222 -27.03 16.59 -46.09
C ASN M 222 -25.82 17.39 -46.56
N ASP M 223 -25.14 18.05 -45.63
CA ASP M 223 -23.96 18.84 -45.94
C ASP M 223 -23.03 18.09 -46.89
N MET M 224 -22.81 16.81 -46.58
CA MET M 224 -21.98 15.92 -47.36
C MET M 224 -22.48 15.78 -48.80
N ILE M 225 -23.76 15.45 -48.94
CA ILE M 225 -24.36 15.19 -50.25
C ILE M 225 -24.42 16.44 -51.11
N LYS M 226 -24.70 17.59 -50.48
CA LYS M 226 -24.73 18.85 -51.19
C LYS M 226 -23.36 19.19 -51.77
N ILE M 227 -22.35 19.24 -50.91
CA ILE M 227 -20.98 19.50 -51.34
C ILE M 227 -20.59 18.58 -52.50
N ALA M 228 -20.97 17.32 -52.39
CA ALA M 228 -20.65 16.34 -53.43
C ALA M 228 -21.24 16.75 -54.78
N LEU M 229 -22.54 16.93 -54.83
CA LEU M 229 -23.23 17.31 -56.07
C LEU M 229 -22.76 18.66 -56.60
N GLU M 230 -22.55 19.61 -55.70
CA GLU M 230 -22.13 20.95 -56.11
C GLU M 230 -20.70 20.97 -56.66
N SER M 231 -19.89 20.01 -56.23
CA SER M 231 -18.50 19.94 -56.70
C SER M 231 -18.43 19.42 -58.14
N VAL M 232 -19.33 18.49 -58.48
CA VAL M 232 -19.36 17.96 -59.83
C VAL M 232 -19.62 19.06 -60.84
N LEU M 233 -20.51 19.99 -60.49
CA LEU M 233 -20.83 21.11 -61.34
C LEU M 233 -19.61 22.01 -61.54
N LEU M 234 -18.81 22.16 -60.48
CA LEU M 234 -17.58 22.94 -60.56
C LEU M 234 -16.61 22.30 -61.53
N GLY M 235 -16.50 20.97 -61.47
CA GLY M 235 -15.56 20.24 -62.30
C GLY M 235 -16.05 20.04 -63.72
N ASP M 236 -17.30 20.42 -63.97
CA ASP M 236 -17.89 20.27 -65.30
C ASP M 236 -17.28 21.23 -66.31
N LYS M 237 -16.53 22.20 -65.80
CA LYS M 237 -15.87 23.18 -66.68
C LYS M 237 -14.41 22.81 -66.92
N ALA N 1 16.63 -44.66 -52.61
CA ALA N 1 17.15 -44.08 -51.39
C ALA N 1 17.27 -42.56 -51.50
N THR N 2 17.19 -41.90 -50.35
CA THR N 2 17.35 -40.46 -50.28
C THR N 2 18.54 -40.16 -49.38
N PRO N 3 19.02 -38.91 -49.40
CA PRO N 3 20.14 -38.55 -48.53
C PRO N 3 19.80 -38.69 -47.04
N HIS N 4 18.53 -38.94 -46.73
CA HIS N 4 18.09 -38.95 -45.35
C HIS N 4 17.42 -40.25 -44.94
N ILE N 5 16.98 -41.02 -45.93
CA ILE N 5 16.32 -42.30 -45.67
C ILE N 5 16.93 -43.41 -46.53
N ASN N 6 17.74 -44.25 -45.89
CA ASN N 6 18.39 -45.34 -46.61
C ASN N 6 17.45 -46.52 -46.81
N ALA N 7 16.56 -46.40 -47.79
CA ALA N 7 15.61 -47.45 -48.10
C ALA N 7 15.13 -47.31 -49.54
N GLU N 8 14.38 -48.29 -50.02
CA GLU N 8 13.88 -48.27 -51.38
C GLU N 8 12.36 -48.47 -51.42
N MET N 9 11.71 -47.91 -52.43
CA MET N 9 10.27 -48.03 -52.60
C MET N 9 9.78 -49.42 -52.22
N GLY N 10 8.71 -49.47 -51.44
CA GLY N 10 8.18 -50.73 -50.97
C GLY N 10 8.56 -51.01 -49.52
N ASP N 11 9.70 -50.47 -49.12
CA ASP N 11 10.16 -50.61 -47.74
C ASP N 11 9.19 -50.01 -46.73
N PHE N 12 8.51 -48.93 -47.12
CA PHE N 12 7.54 -48.27 -46.25
C PHE N 12 6.11 -48.64 -46.64
N ALA N 13 5.21 -48.63 -45.67
CA ALA N 13 3.79 -48.82 -45.96
C ALA N 13 3.22 -47.55 -46.59
N ASP N 14 1.96 -47.58 -47.01
CA ASP N 14 1.34 -46.41 -47.61
C ASP N 14 0.88 -45.43 -46.54
N VAL N 15 1.04 -45.83 -45.28
CA VAL N 15 0.69 -45.00 -44.13
C VAL N 15 1.82 -45.05 -43.13
N VAL N 16 2.22 -43.89 -42.62
CA VAL N 16 3.37 -43.81 -41.72
C VAL N 16 3.10 -42.92 -40.52
N LEU N 17 3.19 -43.49 -39.33
CA LEU N 17 3.10 -42.72 -38.10
C LEU N 17 4.48 -42.13 -37.81
N MET N 18 4.51 -40.89 -37.33
CA MET N 18 5.79 -40.24 -37.08
C MET N 18 5.84 -39.42 -35.80
N PRO N 19 6.63 -39.89 -34.83
CA PRO N 19 7.02 -39.04 -33.69
C PRO N 19 8.15 -38.13 -34.15
N GLY N 20 8.65 -37.28 -33.25
CA GLY N 20 9.85 -36.53 -33.54
C GLY N 20 11.03 -37.29 -32.98
N ASP N 21 10.78 -37.99 -31.88
CA ASP N 21 11.79 -38.78 -31.20
C ASP N 21 11.93 -40.16 -31.85
N PRO N 22 13.11 -40.44 -32.44
CA PRO N 22 13.36 -41.73 -33.08
C PRO N 22 13.11 -42.89 -32.12
N LEU N 23 13.38 -42.66 -30.84
CA LEU N 23 13.24 -43.71 -29.84
C LEU N 23 11.78 -44.02 -29.54
N ARG N 24 10.91 -43.03 -29.67
CA ARG N 24 9.48 -43.27 -29.51
C ARG N 24 8.95 -44.00 -30.73
N ALA N 25 9.64 -43.88 -31.86
CA ALA N 25 9.30 -44.63 -33.05
C ALA N 25 9.62 -46.11 -32.83
N LYS N 26 10.81 -46.36 -32.28
CA LYS N 26 11.25 -47.72 -31.98
C LYS N 26 10.31 -48.34 -30.96
N TYR N 27 9.93 -47.57 -29.95
CA TYR N 27 9.01 -48.05 -28.94
C TYR N 27 7.71 -48.51 -29.58
N ILE N 28 7.14 -47.67 -30.43
CA ILE N 28 5.89 -47.99 -31.12
C ILE N 28 6.01 -49.28 -31.91
N ALA N 29 7.13 -49.43 -32.62
CA ALA N 29 7.39 -50.64 -33.40
C ALA N 29 7.36 -51.87 -32.52
N GLU N 30 8.10 -51.81 -31.42
CA GLU N 30 8.24 -52.95 -30.51
C GLU N 30 6.92 -53.37 -29.86
N THR N 31 6.12 -52.40 -29.47
CA THR N 31 4.95 -52.69 -28.64
C THR N 31 3.63 -52.83 -29.39
N PHE N 32 3.58 -52.30 -30.62
CA PHE N 32 2.31 -52.26 -31.34
C PHE N 32 2.35 -52.90 -32.73
N LEU N 33 3.56 -53.10 -33.26
CA LEU N 33 3.69 -53.67 -34.60
C LEU N 33 4.14 -55.13 -34.54
N GLU N 34 3.43 -56.00 -35.26
CA GLU N 34 3.82 -57.39 -35.38
C GLU N 34 4.91 -57.55 -36.42
N ASP N 35 5.95 -58.31 -36.07
CA ASP N 35 7.03 -58.60 -37.01
C ASP N 35 7.66 -57.32 -37.56
N ALA N 36 7.90 -56.35 -36.68
CA ALA N 36 8.47 -55.08 -37.11
C ALA N 36 9.95 -55.21 -37.45
N ARG N 37 10.36 -54.60 -38.56
CA ARG N 37 11.76 -54.60 -38.98
C ARG N 37 12.23 -53.19 -39.34
N GLU N 38 13.48 -52.88 -38.98
CA GLU N 38 14.04 -51.56 -39.20
C GLU N 38 14.33 -51.31 -40.69
N VAL N 39 13.80 -50.21 -41.20
CA VAL N 39 13.95 -49.87 -42.61
C VAL N 39 14.87 -48.66 -42.82
N ASN N 40 15.04 -47.85 -41.77
CA ASN N 40 15.94 -46.70 -41.84
C ASN N 40 16.58 -46.36 -40.50
N ASN N 41 17.87 -46.04 -40.53
CA ASN N 41 18.60 -45.66 -39.32
C ASN N 41 19.57 -44.50 -39.54
N VAL N 42 19.56 -43.94 -40.75
CA VAL N 42 20.41 -42.81 -41.09
C VAL N 42 20.21 -41.64 -40.13
N ARG N 43 21.32 -41.04 -39.68
CA ARG N 43 21.27 -39.93 -38.74
C ARG N 43 20.53 -40.29 -37.46
N GLY N 44 20.43 -41.59 -37.18
CA GLY N 44 19.77 -42.07 -35.98
C GLY N 44 18.26 -41.98 -36.03
N MET N 45 17.73 -41.50 -37.15
CA MET N 45 16.28 -41.38 -37.31
C MET N 45 15.65 -42.74 -37.62
N LEU N 46 15.41 -43.51 -36.57
CA LEU N 46 14.88 -44.86 -36.71
C LEU N 46 13.54 -44.92 -37.46
N GLY N 47 13.44 -45.85 -38.40
CA GLY N 47 12.19 -46.11 -39.09
C GLY N 47 11.93 -47.60 -39.15
N PHE N 48 10.68 -48.00 -38.91
CA PHE N 48 10.33 -49.42 -38.87
C PHE N 48 9.07 -49.73 -39.66
N THR N 49 9.01 -50.93 -40.23
CA THR N 49 7.82 -51.37 -40.95
C THR N 49 7.34 -52.72 -40.41
N GLY N 50 6.07 -52.79 -40.06
CA GLY N 50 5.50 -54.01 -39.51
C GLY N 50 4.03 -54.08 -39.81
N THR N 51 3.27 -54.77 -38.97
CA THR N 51 1.83 -54.89 -39.17
C THR N 51 1.04 -54.57 -37.90
N TYR N 52 -0.15 -53.99 -38.08
CA TYR N 52 -1.06 -53.76 -36.98
C TYR N 52 -2.43 -54.35 -37.33
N LYS N 53 -2.81 -55.40 -36.60
CA LYS N 53 -4.03 -56.13 -36.88
C LYS N 53 -4.09 -56.51 -38.37
N GLY N 54 -2.94 -56.94 -38.90
CA GLY N 54 -2.85 -57.38 -40.28
C GLY N 54 -2.55 -56.28 -41.27
N ARG N 55 -2.59 -55.04 -40.79
CA ARG N 55 -2.42 -53.88 -41.65
C ARG N 55 -0.95 -53.43 -41.70
N LYS N 56 -0.39 -53.35 -42.89
CA LYS N 56 0.98 -52.90 -43.05
C LYS N 56 1.12 -51.44 -42.61
N ILE N 57 1.85 -51.22 -41.52
CA ILE N 57 2.03 -49.88 -40.97
C ILE N 57 3.51 -49.55 -40.76
N SER N 58 3.89 -48.31 -41.06
CA SER N 58 5.24 -47.82 -40.80
C SER N 58 5.24 -46.77 -39.70
N VAL N 59 6.33 -46.70 -38.95
CA VAL N 59 6.50 -45.69 -37.91
C VAL N 59 7.93 -45.21 -37.87
N MET N 60 8.12 -43.90 -37.99
CA MET N 60 9.46 -43.34 -38.11
C MET N 60 9.50 -41.90 -37.59
N GLY N 61 10.53 -41.58 -36.81
CA GLY N 61 10.68 -40.24 -36.27
C GLY N 61 10.91 -39.22 -37.37
N HIS N 62 10.59 -37.96 -37.08
CA HIS N 62 10.76 -36.89 -38.06
C HIS N 62 11.69 -35.79 -37.55
N GLY N 63 12.09 -35.90 -36.29
CA GLY N 63 12.98 -34.92 -35.69
C GLY N 63 12.25 -33.69 -35.18
N MET N 64 12.98 -32.76 -34.59
CA MET N 64 12.37 -31.56 -34.03
C MET N 64 12.44 -30.40 -35.02
N GLY N 65 11.31 -29.71 -35.19
CA GLY N 65 11.27 -28.54 -36.04
C GLY N 65 10.68 -28.80 -37.41
N ILE N 66 10.03 -27.79 -37.96
CA ILE N 66 9.44 -27.89 -39.29
C ILE N 66 10.45 -28.29 -40.36
N PRO N 67 11.56 -27.54 -40.48
CA PRO N 67 12.54 -27.86 -41.51
C PRO N 67 12.94 -29.33 -41.49
N SER N 68 12.97 -29.93 -40.31
CA SER N 68 13.35 -31.33 -40.16
C SER N 68 12.30 -32.25 -40.74
N CYS N 69 11.08 -32.19 -40.18
CA CYS N 69 10.01 -33.06 -40.62
C CYS N 69 9.62 -32.78 -42.07
N SER N 70 9.87 -31.55 -42.52
CA SER N 70 9.60 -31.18 -43.90
C SER N 70 10.39 -32.08 -44.84
N ILE N 71 11.61 -32.42 -44.43
CA ILE N 71 12.50 -33.25 -45.24
C ILE N 71 12.02 -34.69 -45.32
N TYR N 72 11.75 -35.29 -44.16
CA TYR N 72 11.31 -36.67 -44.09
C TYR N 72 9.96 -36.89 -44.77
N THR N 73 8.99 -36.03 -44.46
CA THR N 73 7.66 -36.13 -45.06
C THR N 73 7.71 -35.96 -46.57
N LYS N 74 8.53 -35.02 -47.04
CA LYS N 74 8.67 -34.78 -48.47
C LYS N 74 9.14 -36.04 -49.17
N GLU N 75 10.21 -36.64 -48.63
CA GLU N 75 10.82 -37.81 -49.26
C GLU N 75 9.92 -39.05 -49.22
N LEU N 76 9.26 -39.28 -48.08
CA LEU N 76 8.35 -40.42 -47.97
C LEU N 76 7.27 -40.35 -49.04
N ILE N 77 6.77 -39.15 -49.28
CA ILE N 77 5.68 -38.93 -50.23
C ILE N 77 6.12 -39.08 -51.68
N THR N 78 7.27 -38.52 -52.01
CA THR N 78 7.74 -38.50 -53.39
C THR N 78 8.51 -39.75 -53.80
N ASP N 79 9.21 -40.36 -52.85
CA ASP N 79 10.11 -41.47 -53.17
C ASP N 79 9.68 -42.83 -52.60
N PHE N 80 8.64 -42.84 -51.78
CA PHE N 80 8.21 -44.08 -51.14
C PHE N 80 6.71 -44.29 -51.20
N GLY N 81 6.04 -43.49 -52.03
CA GLY N 81 4.63 -43.64 -52.32
C GLY N 81 3.70 -43.44 -51.13
N VAL N 82 4.23 -42.93 -50.03
CA VAL N 82 3.42 -42.70 -48.85
C VAL N 82 2.20 -41.84 -49.19
N LYS N 83 1.03 -42.28 -48.77
CA LYS N 83 -0.22 -41.58 -49.07
C LYS N 83 -0.71 -40.80 -47.85
N LYS N 84 -0.44 -41.34 -46.66
CA LYS N 84 -0.87 -40.73 -45.42
C LYS N 84 0.24 -40.68 -44.40
N ILE N 85 0.36 -39.55 -43.71
CA ILE N 85 1.31 -39.41 -42.62
C ILE N 85 0.60 -38.88 -41.38
N ILE N 86 0.73 -39.60 -40.27
CA ILE N 86 0.15 -39.18 -39.01
C ILE N 86 1.25 -38.87 -38.01
N ARG N 87 1.49 -37.58 -37.78
CA ARG N 87 2.44 -37.17 -36.74
C ARG N 87 1.83 -37.44 -35.37
N VAL N 88 2.58 -38.09 -34.51
CA VAL N 88 2.14 -38.33 -33.14
C VAL N 88 3.22 -37.87 -32.17
N GLY N 89 2.95 -36.76 -31.48
CA GLY N 89 3.96 -36.18 -30.61
C GLY N 89 3.42 -35.51 -29.37
N SER N 90 4.25 -34.67 -28.76
CA SER N 90 3.91 -33.97 -27.53
C SER N 90 3.66 -32.49 -27.82
N CYS N 91 2.98 -31.82 -26.89
CA CYS N 91 2.69 -30.40 -27.05
C CYS N 91 2.38 -29.74 -25.71
N GLY N 92 2.80 -28.49 -25.57
CA GLY N 92 2.49 -27.72 -24.38
C GLY N 92 1.11 -27.10 -24.50
N ALA N 93 0.48 -26.82 -23.36
CA ALA N 93 -0.86 -26.23 -23.38
C ALA N 93 -0.82 -24.76 -22.97
N VAL N 94 -1.78 -24.00 -23.46
CA VAL N 94 -1.89 -22.58 -23.11
C VAL N 94 -3.26 -22.27 -22.51
N LEU N 95 -4.26 -23.03 -22.91
CA LEU N 95 -5.63 -22.84 -22.42
C LEU N 95 -5.81 -23.40 -21.02
N PRO N 96 -6.38 -22.60 -20.11
CA PRO N 96 -6.57 -22.94 -18.70
C PRO N 96 -7.21 -24.31 -18.49
N HIS N 97 -8.15 -24.68 -19.34
CA HIS N 97 -8.90 -25.91 -19.15
C HIS N 97 -8.21 -27.14 -19.78
N VAL N 98 -7.20 -26.89 -20.61
CA VAL N 98 -6.49 -27.98 -21.26
C VAL N 98 -5.52 -28.67 -20.30
N LYS N 99 -5.89 -29.87 -19.88
CA LYS N 99 -5.15 -30.60 -18.86
C LYS N 99 -3.98 -31.37 -19.44
N LEU N 100 -3.20 -32.00 -18.56
CA LEU N 100 -2.07 -32.81 -18.98
C LEU N 100 -2.56 -34.18 -19.48
N ARG N 101 -1.75 -34.82 -20.30
CA ARG N 101 -2.07 -36.14 -20.85
C ARG N 101 -3.29 -36.09 -21.78
N ASP N 102 -3.85 -34.91 -21.95
CA ASP N 102 -4.98 -34.72 -22.88
C ASP N 102 -4.53 -34.91 -24.31
N VAL N 103 -5.39 -35.52 -25.12
CA VAL N 103 -5.09 -35.73 -26.53
C VAL N 103 -5.87 -34.74 -27.40
N VAL N 104 -5.15 -33.83 -28.07
CA VAL N 104 -5.78 -32.90 -28.99
C VAL N 104 -5.47 -33.26 -30.44
N ILE N 105 -6.40 -32.93 -31.34
CA ILE N 105 -6.28 -33.27 -32.75
C ILE N 105 -6.32 -32.02 -33.61
N GLY N 106 -5.16 -31.64 -34.14
CA GLY N 106 -5.07 -30.42 -34.93
C GLY N 106 -5.65 -30.54 -36.32
N MET N 107 -6.93 -30.18 -36.46
CA MET N 107 -7.52 -30.04 -37.79
C MET N 107 -6.86 -28.87 -38.50
N GLY N 108 -6.29 -27.96 -37.70
CA GLY N 108 -5.52 -26.86 -38.22
C GLY N 108 -4.25 -26.65 -37.40
N ALA N 109 -3.29 -25.92 -37.97
CA ALA N 109 -2.04 -25.65 -37.28
C ALA N 109 -1.47 -24.28 -37.64
N CYS N 110 -1.53 -23.34 -36.70
CA CYS N 110 -0.92 -22.04 -36.85
C CYS N 110 0.58 -22.16 -36.71
N THR N 111 1.32 -21.14 -37.15
CA THR N 111 2.77 -21.17 -37.04
C THR N 111 3.37 -19.78 -37.15
N ASP N 112 4.56 -19.60 -36.55
CA ASP N 112 5.35 -18.40 -36.76
C ASP N 112 6.48 -18.71 -37.73
N SER N 113 6.28 -19.75 -38.53
CA SER N 113 7.25 -20.12 -39.54
C SER N 113 7.00 -19.31 -40.81
N LYS N 114 7.84 -19.52 -41.81
CA LYS N 114 7.75 -18.75 -43.04
C LYS N 114 7.60 -19.68 -44.23
N VAL N 115 7.72 -20.98 -43.98
CA VAL N 115 7.66 -22.00 -45.04
C VAL N 115 6.43 -21.88 -45.93
N ASN N 116 5.26 -21.79 -45.32
CA ASN N 116 4.01 -21.73 -46.08
C ASN N 116 3.86 -20.40 -46.83
N ARG N 117 4.28 -19.32 -46.21
CA ARG N 117 4.25 -18.01 -46.86
C ARG N 117 5.15 -18.02 -48.10
N ILE N 118 6.23 -18.79 -48.03
CA ILE N 118 7.10 -18.97 -49.17
C ILE N 118 6.41 -19.77 -50.27
N ARG N 119 5.70 -20.83 -49.86
CA ARG N 119 4.98 -21.68 -50.79
C ARG N 119 3.82 -20.94 -51.42
N PHE N 120 3.24 -20.01 -50.67
CA PHE N 120 1.92 -19.47 -50.99
C PHE N 120 1.93 -17.98 -51.32
N LYS N 121 2.96 -17.53 -52.01
CA LYS N 121 3.09 -16.13 -52.40
C LYS N 121 2.88 -15.15 -51.25
N ASP N 122 3.38 -15.51 -50.07
CA ASP N 122 3.39 -14.61 -48.93
C ASP N 122 1.98 -14.28 -48.43
N HIS N 123 1.02 -15.13 -48.74
CA HIS N 123 -0.34 -14.97 -48.23
C HIS N 123 -0.61 -15.96 -47.11
N ASP N 124 -1.78 -15.88 -46.50
CA ASP N 124 -2.13 -16.80 -45.42
C ASP N 124 -2.65 -18.12 -45.97
N PHE N 125 -1.84 -19.16 -45.84
CA PHE N 125 -2.28 -20.51 -46.18
C PHE N 125 -2.74 -21.23 -44.92
N ALA N 126 -4.03 -21.54 -44.84
CA ALA N 126 -4.54 -22.29 -43.71
C ALA N 126 -4.05 -23.74 -43.78
N ALA N 127 -3.00 -24.03 -43.02
CA ALA N 127 -2.44 -25.37 -42.96
C ALA N 127 -3.38 -26.30 -42.20
N ILE N 128 -3.97 -27.25 -42.92
CA ILE N 128 -4.98 -28.11 -42.33
C ILE N 128 -4.70 -29.58 -42.60
N ALA N 129 -5.29 -30.44 -41.79
CA ALA N 129 -5.17 -31.87 -41.96
C ALA N 129 -6.22 -32.38 -42.93
N ASP N 130 -6.07 -33.62 -43.39
CA ASP N 130 -7.09 -34.25 -44.22
C ASP N 130 -8.31 -34.54 -43.37
N PHE N 131 -9.48 -34.11 -43.85
CA PHE N 131 -10.72 -34.26 -43.09
C PHE N 131 -11.02 -35.69 -42.70
N ASP N 132 -11.04 -36.57 -43.70
CA ASP N 132 -11.35 -37.97 -43.49
C ASP N 132 -10.42 -38.62 -42.47
N MET N 133 -9.19 -38.13 -42.38
CA MET N 133 -8.25 -38.60 -41.36
C MET N 133 -8.61 -38.03 -39.99
N VAL N 134 -8.97 -36.76 -39.96
CA VAL N 134 -9.39 -36.13 -38.71
C VAL N 134 -10.58 -36.89 -38.14
N ARG N 135 -11.59 -37.10 -38.96
CA ARG N 135 -12.79 -37.81 -38.55
C ARG N 135 -12.44 -39.23 -38.07
N ASN N 136 -11.57 -39.90 -38.81
CA ASN N 136 -11.10 -41.23 -38.44
C ASN N 136 -10.51 -41.24 -37.04
N ALA N 137 -9.73 -40.21 -36.73
CA ALA N 137 -9.11 -40.08 -35.41
C ALA N 137 -10.17 -39.88 -34.33
N VAL N 138 -11.19 -39.10 -34.64
CA VAL N 138 -12.29 -38.88 -33.69
C VAL N 138 -13.02 -40.19 -33.43
N ASP N 139 -13.52 -40.79 -34.51
CA ASP N 139 -14.21 -42.08 -34.43
C ASP N 139 -13.41 -43.06 -33.58
N ALA N 140 -12.12 -43.19 -33.87
CA ALA N 140 -11.25 -44.12 -33.17
C ALA N 140 -11.19 -43.79 -31.68
N ALA N 141 -11.21 -42.50 -31.35
CA ALA N 141 -11.13 -42.05 -29.97
C ALA N 141 -12.45 -42.26 -29.24
N LYS N 142 -13.57 -42.15 -29.96
CA LYS N 142 -14.88 -42.40 -29.37
C LYS N 142 -15.03 -43.89 -29.12
N ALA N 143 -14.57 -44.70 -30.08
CA ALA N 143 -14.64 -46.14 -29.97
C ALA N 143 -13.74 -46.65 -28.84
N LEU N 144 -12.71 -45.89 -28.52
CA LEU N 144 -11.80 -46.26 -27.44
C LEU N 144 -12.15 -45.52 -26.15
N GLY N 145 -13.12 -44.63 -26.25
CA GLY N 145 -13.57 -43.86 -25.10
C GLY N 145 -12.49 -42.93 -24.56
N ILE N 146 -11.93 -42.11 -25.46
CA ILE N 146 -10.89 -41.17 -25.08
C ILE N 146 -11.25 -39.76 -25.53
N ASP N 147 -11.39 -38.84 -24.57
CA ASP N 147 -11.69 -37.45 -24.89
C ASP N 147 -10.70 -36.94 -25.92
N ALA N 148 -11.20 -36.24 -26.94
CA ALA N 148 -10.34 -35.70 -27.98
C ALA N 148 -10.71 -34.27 -28.33
N ARG N 149 -9.83 -33.34 -27.98
CA ARG N 149 -9.98 -31.95 -28.36
C ARG N 149 -9.65 -31.81 -29.84
N VAL N 150 -10.51 -31.14 -30.59
CA VAL N 150 -10.26 -30.96 -32.02
C VAL N 150 -10.23 -29.48 -32.39
N GLY N 151 -9.06 -29.00 -32.76
CA GLY N 151 -8.91 -27.60 -33.13
C GLY N 151 -7.56 -27.25 -33.69
N ASN N 152 -7.10 -26.04 -33.37
CA ASN N 152 -5.83 -25.53 -33.85
C ASN N 152 -4.65 -25.89 -32.97
N LEU N 153 -3.56 -26.34 -33.61
CA LEU N 153 -2.28 -26.48 -32.95
C LEU N 153 -1.46 -25.25 -33.31
N PHE N 154 -0.30 -25.10 -32.68
CA PHE N 154 0.62 -24.03 -33.06
C PHE N 154 2.03 -24.56 -33.25
N SER N 155 2.55 -24.44 -34.47
CA SER N 155 3.88 -24.93 -34.78
C SER N 155 4.92 -23.83 -34.62
N ALA N 156 5.60 -23.85 -33.47
CA ALA N 156 6.59 -22.84 -33.15
C ALA N 156 7.95 -23.22 -33.74
N ASP N 157 8.68 -22.23 -34.22
CA ASP N 157 10.07 -22.42 -34.63
C ASP N 157 10.96 -22.46 -33.40
N LEU N 158 10.70 -21.56 -32.45
CA LEU N 158 11.54 -21.45 -31.26
C LEU N 158 10.89 -22.04 -30.02
N PHE N 159 11.38 -23.22 -29.63
CA PHE N 159 10.94 -23.87 -28.41
C PHE N 159 11.15 -22.92 -27.24
N TYR N 160 12.29 -22.23 -27.25
CA TYR N 160 12.59 -21.19 -26.28
C TYR N 160 12.44 -19.82 -26.94
N SER N 161 11.20 -19.36 -27.07
CA SER N 161 10.93 -18.10 -27.74
C SER N 161 11.15 -16.89 -26.83
N PRO N 162 11.63 -15.78 -27.41
CA PRO N 162 11.88 -14.54 -26.67
C PRO N 162 10.59 -13.74 -26.50
N ASP N 163 9.54 -14.15 -27.19
CA ASP N 163 8.27 -13.44 -27.17
C ASP N 163 7.25 -14.16 -26.28
N GLY N 164 7.35 -13.92 -24.98
CA GLY N 164 6.43 -14.53 -24.03
C GLY N 164 5.02 -14.02 -24.21
N GLU N 165 4.90 -12.84 -24.82
CA GLU N 165 3.60 -12.22 -25.07
C GLU N 165 2.75 -13.03 -26.04
N MET N 166 3.42 -13.79 -26.90
CA MET N 166 2.73 -14.52 -27.96
C MET N 166 1.91 -15.71 -27.45
N PHE N 167 2.11 -16.10 -26.20
CA PHE N 167 1.34 -17.19 -25.61
C PHE N 167 -0.07 -16.73 -25.23
N ASP N 168 -0.18 -15.50 -24.73
CA ASP N 168 -1.48 -14.92 -24.41
C ASP N 168 -2.33 -14.85 -25.68
N VAL N 169 -1.67 -14.58 -26.80
CA VAL N 169 -2.34 -14.50 -28.09
C VAL N 169 -2.88 -15.87 -28.50
N MET N 170 -2.03 -16.89 -28.42
CA MET N 170 -2.45 -18.26 -28.73
C MET N 170 -3.63 -18.64 -27.88
N GLU N 171 -3.57 -18.29 -26.60
CA GLU N 171 -4.64 -18.60 -25.66
C GLU N 171 -5.94 -17.93 -26.09
N LYS N 172 -5.84 -16.64 -26.41
CA LYS N 172 -7.01 -15.87 -26.82
C LYS N 172 -7.71 -16.53 -27.99
N TYR N 173 -6.94 -16.92 -28.99
CA TYR N 173 -7.52 -17.46 -30.22
C TYR N 173 -7.63 -18.98 -30.21
N GLY N 174 -7.66 -19.55 -29.01
CA GLY N 174 -8.08 -20.92 -28.81
C GLY N 174 -7.14 -22.05 -29.19
N ILE N 175 -5.87 -21.73 -29.41
CA ILE N 175 -4.89 -22.77 -29.72
C ILE N 175 -4.88 -23.82 -28.62
N LEU N 176 -5.13 -25.07 -29.00
CA LEU N 176 -5.22 -26.16 -28.04
C LEU N 176 -3.86 -26.53 -27.47
N GLY N 177 -2.96 -26.97 -28.34
CA GLY N 177 -1.61 -27.33 -27.93
C GLY N 177 -0.56 -26.61 -28.73
N VAL N 178 0.66 -26.57 -28.19
CA VAL N 178 1.77 -25.90 -28.84
C VAL N 178 2.89 -26.90 -29.13
N GLU N 179 3.20 -27.07 -30.40
CA GLU N 179 4.27 -27.99 -30.80
C GLU N 179 5.15 -27.32 -31.85
N MET N 180 5.80 -28.11 -32.69
CA MET N 180 6.81 -27.55 -33.60
C MET N 180 6.81 -28.08 -35.02
N GLU N 181 5.81 -28.88 -35.39
CA GLU N 181 5.89 -29.58 -36.68
C GLU N 181 4.62 -29.61 -37.52
N ALA N 182 3.46 -29.52 -36.88
CA ALA N 182 2.19 -29.70 -37.56
C ALA N 182 2.04 -28.89 -38.86
N ALA N 183 2.16 -27.57 -38.77
CA ALA N 183 1.98 -26.70 -39.92
C ALA N 183 2.86 -27.11 -41.09
N GLY N 184 4.15 -27.26 -40.83
CA GLY N 184 5.09 -27.64 -41.87
C GLY N 184 4.68 -28.91 -42.59
N ILE N 185 4.32 -29.94 -41.82
CA ILE N 185 3.91 -31.22 -42.39
C ILE N 185 2.68 -31.03 -43.26
N TYR N 186 1.75 -30.22 -42.78
CA TYR N 186 0.53 -29.93 -43.55
C TYR N 186 0.85 -29.19 -44.84
N GLY N 187 1.88 -28.34 -44.80
CA GLY N 187 2.31 -27.63 -45.99
C GLY N 187 2.87 -28.57 -47.04
N VAL N 188 3.75 -29.46 -46.59
CA VAL N 188 4.32 -30.48 -47.47
C VAL N 188 3.20 -31.33 -48.08
N ALA N 189 2.32 -31.83 -47.23
CA ALA N 189 1.19 -32.64 -47.66
C ALA N 189 0.45 -31.95 -48.81
N ALA N 190 0.24 -30.65 -48.68
CA ALA N 190 -0.45 -29.88 -49.70
C ALA N 190 0.40 -29.72 -50.96
N GLU N 191 1.70 -29.44 -50.76
CA GLU N 191 2.60 -29.20 -51.89
C GLU N 191 2.73 -30.43 -52.78
N PHE N 192 2.80 -31.60 -52.17
CA PHE N 192 3.00 -32.84 -52.91
C PHE N 192 1.77 -33.72 -52.92
N GLY N 193 0.61 -33.09 -52.84
CA GLY N 193 -0.68 -33.78 -52.94
C GLY N 193 -0.79 -35.06 -52.14
N ALA N 194 -0.60 -34.97 -50.83
CA ALA N 194 -0.78 -36.11 -49.95
C ALA N 194 -1.77 -35.77 -48.84
N LYS N 195 -1.91 -36.67 -47.87
CA LYS N 195 -2.80 -36.44 -46.73
C LYS N 195 -2.00 -36.49 -45.44
N ALA N 196 -2.29 -35.55 -44.53
CA ALA N 196 -1.56 -35.50 -43.27
C ALA N 196 -2.47 -35.24 -42.08
N LEU N 197 -1.98 -35.57 -40.89
CA LEU N 197 -2.73 -35.41 -39.65
C LEU N 197 -1.79 -35.39 -38.47
N THR N 198 -2.03 -34.48 -37.54
CA THR N 198 -1.20 -34.37 -36.35
C THR N 198 -2.01 -34.61 -35.08
N ILE N 199 -1.57 -35.57 -34.28
CA ILE N 199 -2.14 -35.81 -32.98
C ILE N 199 -1.07 -35.57 -31.94
N CYS N 200 -1.41 -34.87 -30.86
CA CYS N 200 -0.45 -34.58 -29.81
C CYS N 200 -1.00 -34.87 -28.43
N THR N 201 -0.10 -35.17 -27.50
CA THR N 201 -0.46 -35.37 -26.11
C THR N 201 0.09 -34.21 -25.30
N VAL N 202 -0.80 -33.53 -24.57
CA VAL N 202 -0.38 -32.43 -23.72
C VAL N 202 0.65 -32.91 -22.71
N SER N 203 1.92 -32.70 -23.02
CA SER N 203 3.00 -33.22 -22.19
C SER N 203 3.49 -32.19 -21.18
N ASP N 204 2.88 -31.01 -21.19
CA ASP N 204 3.18 -29.98 -20.20
C ASP N 204 2.29 -28.75 -20.36
N HIS N 205 2.29 -27.90 -19.34
CA HIS N 205 1.50 -26.68 -19.36
C HIS N 205 2.43 -25.48 -19.39
N ILE N 206 2.50 -24.80 -20.54
CA ILE N 206 3.39 -23.65 -20.69
C ILE N 206 3.14 -22.59 -19.62
N ARG N 207 1.90 -22.53 -19.14
CA ARG N 207 1.53 -21.58 -18.09
C ARG N 207 2.03 -22.03 -16.73
N THR N 208 1.38 -23.05 -16.16
CA THR N 208 1.63 -23.51 -14.81
C THR N 208 3.00 -24.14 -14.61
N HIS N 209 3.72 -24.36 -15.71
CA HIS N 209 5.07 -24.93 -15.65
C HIS N 209 5.12 -26.29 -14.95
N GLU N 210 4.29 -27.22 -15.39
CA GLU N 210 4.32 -28.58 -14.86
C GLU N 210 4.42 -29.58 -16.01
N GLN N 211 5.31 -30.55 -15.85
CA GLN N 211 5.62 -31.48 -16.94
C GLN N 211 5.21 -32.91 -16.59
N THR N 212 5.07 -33.75 -17.61
CA THR N 212 4.62 -35.12 -17.44
C THR N 212 5.57 -35.95 -16.57
N THR N 213 5.05 -36.44 -15.44
CA THR N 213 5.83 -37.29 -14.56
C THR N 213 6.11 -38.64 -15.22
N ALA N 214 7.13 -39.34 -14.72
CA ALA N 214 7.57 -40.61 -15.29
C ALA N 214 6.43 -41.60 -15.55
N ALA N 215 5.70 -41.95 -14.50
CA ALA N 215 4.62 -42.93 -14.61
C ALA N 215 3.52 -42.50 -15.57
N GLU N 216 3.52 -41.22 -15.93
CA GLU N 216 2.53 -40.68 -16.85
C GLU N 216 3.11 -40.53 -18.25
N ARG N 217 4.41 -40.33 -18.33
CA ARG N 217 5.13 -40.03 -19.57
C ARG N 217 4.65 -40.84 -20.78
N GLN N 218 5.30 -41.99 -20.99
CA GLN N 218 5.00 -42.82 -22.15
C GLN N 218 3.63 -43.50 -22.03
N THR N 219 3.06 -43.43 -20.85
CA THR N 219 1.74 -44.00 -20.61
C THR N 219 0.70 -43.37 -21.53
N THR N 220 0.57 -42.05 -21.45
CA THR N 220 -0.43 -41.34 -22.25
C THR N 220 0.04 -41.04 -23.66
N PHE N 221 1.18 -41.62 -24.04
CA PHE N 221 1.55 -41.67 -25.44
C PHE N 221 0.79 -42.84 -26.07
N ASN N 222 0.49 -43.83 -25.25
CA ASN N 222 -0.25 -45.01 -25.70
C ASN N 222 -1.61 -44.65 -26.29
N ASP N 223 -2.41 -43.91 -25.54
CA ASP N 223 -3.71 -43.46 -26.02
C ASP N 223 -3.57 -42.86 -27.42
N MET N 224 -2.56 -42.00 -27.58
CA MET N 224 -2.28 -41.35 -28.85
C MET N 224 -2.03 -42.37 -29.94
N ILE N 225 -1.14 -43.33 -29.67
CA ILE N 225 -0.81 -44.36 -30.64
C ILE N 225 -2.03 -45.20 -31.01
N LYS N 226 -2.73 -45.71 -30.01
CA LYS N 226 -3.92 -46.53 -30.23
C LYS N 226 -4.88 -45.81 -31.18
N ILE N 227 -5.17 -44.56 -30.85
CA ILE N 227 -6.04 -43.73 -31.67
C ILE N 227 -5.53 -43.65 -33.12
N ALA N 228 -4.22 -43.44 -33.26
CA ALA N 228 -3.61 -43.31 -34.58
C ALA N 228 -3.69 -44.61 -35.38
N LEU N 229 -3.45 -45.72 -34.71
CA LEU N 229 -3.46 -47.02 -35.39
C LEU N 229 -4.86 -47.41 -35.82
N GLU N 230 -5.85 -47.21 -34.94
CA GLU N 230 -7.22 -47.50 -35.28
C GLU N 230 -7.73 -46.52 -36.34
N SER N 231 -7.23 -45.29 -36.28
CA SER N 231 -7.56 -44.26 -37.27
C SER N 231 -7.29 -44.77 -38.69
N VAL N 232 -6.12 -45.39 -38.86
CA VAL N 232 -5.73 -45.96 -40.14
C VAL N 232 -6.71 -47.05 -40.56
N LEU N 233 -7.06 -47.94 -39.63
CA LEU N 233 -7.98 -49.04 -39.91
C LEU N 233 -9.35 -48.55 -40.35
N LEU N 234 -9.91 -47.60 -39.61
CA LEU N 234 -11.20 -47.01 -39.96
C LEU N 234 -11.18 -46.46 -41.39
N GLY N 235 -10.07 -45.81 -41.74
CA GLY N 235 -9.95 -45.13 -43.02
C GLY N 235 -9.79 -46.04 -44.22
N ASP N 236 -9.51 -47.32 -43.98
CA ASP N 236 -9.35 -48.29 -45.06
C ASP N 236 -10.70 -48.80 -45.55
N LYS N 237 -11.75 -48.56 -44.76
CA LYS N 237 -13.10 -49.04 -45.10
C LYS N 237 -14.06 -47.87 -45.25
N ALA O 1 31.97 11.15 -66.58
CA ALA O 1 31.49 11.44 -65.24
C ALA O 1 30.16 10.74 -64.97
N THR O 2 29.69 10.81 -63.73
CA THR O 2 28.41 10.23 -63.36
C THR O 2 27.49 11.34 -62.88
N PRO O 3 26.20 11.03 -62.65
CA PRO O 3 25.26 12.06 -62.24
C PRO O 3 25.59 12.67 -60.87
N HIS O 4 26.46 12.01 -60.11
CA HIS O 4 26.76 12.45 -58.75
C HIS O 4 28.25 12.66 -58.51
N ILE O 5 29.07 12.27 -59.49
CA ILE O 5 30.50 12.47 -59.40
C ILE O 5 31.06 13.07 -60.68
N ASN O 6 31.71 14.22 -60.55
CA ASN O 6 32.30 14.89 -61.71
C ASN O 6 33.75 14.46 -61.93
N ALA O 7 33.94 13.18 -62.21
CA ALA O 7 35.28 12.65 -62.46
C ALA O 7 35.27 11.58 -63.54
N GLU O 8 36.46 11.13 -63.94
CA GLU O 8 36.58 10.10 -64.97
C GLU O 8 37.37 8.90 -64.42
N MET O 9 37.33 7.78 -65.14
CA MET O 9 38.06 6.60 -64.72
C MET O 9 39.54 6.92 -64.54
N GLY O 10 40.10 6.48 -63.42
CA GLY O 10 41.49 6.76 -63.10
C GLY O 10 41.61 7.84 -62.04
N ASP O 11 40.60 8.70 -61.94
CA ASP O 11 40.61 9.79 -60.98
C ASP O 11 40.60 9.27 -59.54
N PHE O 12 39.91 8.15 -59.33
CA PHE O 12 39.87 7.52 -58.02
C PHE O 12 40.81 6.33 -57.95
N ALA O 13 41.50 6.19 -56.82
CA ALA O 13 42.36 5.04 -56.59
C ALA O 13 41.50 3.79 -56.40
N ASP O 14 42.12 2.62 -56.32
CA ASP O 14 41.37 1.38 -56.19
C ASP O 14 40.78 1.22 -54.80
N VAL O 15 41.17 2.11 -53.90
CA VAL O 15 40.65 2.11 -52.53
C VAL O 15 40.16 3.49 -52.17
N VAL O 16 38.97 3.58 -51.59
CA VAL O 16 38.38 4.85 -51.24
C VAL O 16 37.90 4.87 -49.79
N LEU O 17 38.51 5.73 -48.99
CA LEU O 17 38.04 5.97 -47.64
C LEU O 17 36.86 6.92 -47.72
N MET O 18 35.88 6.74 -46.84
CA MET O 18 34.68 7.58 -46.87
C MET O 18 34.11 7.87 -45.49
N PRO O 19 34.13 9.15 -45.09
CA PRO O 19 33.38 9.68 -43.96
C PRO O 19 32.03 10.18 -44.46
N GLY O 20 31.09 10.45 -43.57
CA GLY O 20 29.83 11.03 -43.98
C GLY O 20 30.02 12.49 -44.35
N ASP O 21 30.74 13.22 -43.50
CA ASP O 21 30.95 14.65 -43.68
C ASP O 21 31.96 14.92 -44.80
N PRO O 22 31.51 15.61 -45.86
CA PRO O 22 32.42 15.97 -46.96
C PRO O 22 33.61 16.75 -46.43
N LEU O 23 33.39 17.60 -45.43
CA LEU O 23 34.47 18.38 -44.84
C LEU O 23 35.48 17.48 -44.15
N ARG O 24 35.03 16.30 -43.72
CA ARG O 24 35.90 15.36 -43.03
C ARG O 24 36.89 14.75 -44.01
N ALA O 25 36.43 14.51 -45.23
CA ALA O 25 37.28 13.99 -46.29
C ALA O 25 38.37 15.01 -46.60
N LYS O 26 37.96 16.27 -46.72
CA LYS O 26 38.90 17.37 -46.94
C LYS O 26 39.97 17.37 -45.86
N TYR O 27 39.54 17.29 -44.60
CA TYR O 27 40.46 17.21 -43.48
C TYR O 27 41.41 16.02 -43.63
N ILE O 28 40.84 14.87 -43.94
CA ILE O 28 41.62 13.65 -44.12
C ILE O 28 42.68 13.83 -45.20
N ALA O 29 42.27 14.34 -46.36
CA ALA O 29 43.20 14.52 -47.47
C ALA O 29 44.37 15.39 -47.06
N GLU O 30 44.07 16.55 -46.49
CA GLU O 30 45.09 17.54 -46.16
C GLU O 30 46.06 17.08 -45.07
N THR O 31 45.62 16.13 -44.25
CA THR O 31 46.41 15.73 -43.10
C THR O 31 47.14 14.40 -43.29
N PHE O 32 46.49 13.44 -43.95
CA PHE O 32 47.08 12.10 -44.11
C PHE O 32 47.62 11.83 -45.51
N LEU O 33 47.00 12.43 -46.52
CA LEU O 33 47.42 12.22 -47.90
C LEU O 33 48.43 13.25 -48.38
N GLU O 34 49.44 12.80 -49.11
CA GLU O 34 50.44 13.69 -49.67
C GLU O 34 50.07 14.04 -51.11
N ASP O 35 50.49 15.21 -51.57
CA ASP O 35 50.19 15.68 -52.92
C ASP O 35 48.80 15.29 -53.39
N ALA O 36 47.79 15.66 -52.59
CA ALA O 36 46.40 15.32 -52.90
C ALA O 36 45.78 16.31 -53.86
N ARG O 37 44.67 15.92 -54.49
CA ARG O 37 43.99 16.79 -55.44
C ARG O 37 42.47 16.51 -55.46
N GLU O 38 41.68 17.58 -55.48
CA GLU O 38 40.23 17.44 -55.49
C GLU O 38 39.77 16.77 -56.79
N VAL O 39 38.98 15.71 -56.66
CA VAL O 39 38.49 14.98 -57.83
C VAL O 39 36.97 15.08 -58.00
N ASN O 40 36.28 15.38 -56.92
CA ASN O 40 34.83 15.58 -56.98
C ASN O 40 34.36 16.76 -56.14
N ASN O 41 33.34 17.46 -56.61
CA ASN O 41 32.80 18.61 -55.90
C ASN O 41 31.28 18.71 -56.01
N VAL O 42 30.71 17.92 -56.91
CA VAL O 42 29.27 17.92 -57.13
C VAL O 42 28.52 17.78 -55.80
N ARG O 43 27.50 18.61 -55.62
CA ARG O 43 26.68 18.58 -54.41
C ARG O 43 27.52 18.81 -53.16
N GLY O 44 28.73 19.31 -53.35
CA GLY O 44 29.61 19.64 -52.24
C GLY O 44 30.22 18.41 -51.60
N MET O 45 29.88 17.24 -52.13
CA MET O 45 30.43 15.99 -51.63
C MET O 45 31.87 15.82 -52.07
N LEU O 46 32.77 16.58 -51.43
CA LEU O 46 34.18 16.62 -51.77
C LEU O 46 34.85 15.25 -51.78
N GLY O 47 35.63 15.00 -52.82
CA GLY O 47 36.41 13.78 -52.93
C GLY O 47 37.82 14.11 -53.40
N PHE O 48 38.81 13.41 -52.86
CA PHE O 48 40.21 13.71 -53.16
C PHE O 48 41.00 12.44 -53.45
N THR O 49 42.15 12.62 -54.12
CA THR O 49 43.04 11.52 -54.41
C THR O 49 44.49 11.96 -54.24
N GLY O 50 45.17 11.40 -53.25
CA GLY O 50 46.59 11.63 -53.05
C GLY O 50 47.26 10.31 -52.77
N THR O 51 48.32 10.33 -51.99
CA THR O 51 49.00 9.09 -51.63
C THR O 51 49.32 9.02 -50.14
N TYR O 52 49.33 7.80 -49.61
CA TYR O 52 49.77 7.55 -48.25
C TYR O 52 50.95 6.60 -48.27
N LYS O 53 52.15 7.16 -48.06
CA LYS O 53 53.37 6.36 -48.09
C LYS O 53 53.52 5.66 -49.44
N GLY O 54 53.54 6.46 -50.51
CA GLY O 54 53.76 5.94 -51.85
C GLY O 54 52.60 5.10 -52.35
N ARG O 55 51.53 5.06 -51.58
CA ARG O 55 50.36 4.28 -51.94
C ARG O 55 49.24 5.22 -52.36
N LYS O 56 48.80 5.10 -53.62
CA LYS O 56 47.72 5.95 -54.12
C LYS O 56 46.41 5.64 -53.39
N ILE O 57 45.75 6.67 -52.89
CA ILE O 57 44.52 6.50 -52.11
C ILE O 57 43.57 7.67 -52.26
N SER O 58 42.27 7.38 -52.35
CA SER O 58 41.25 8.41 -52.48
C SER O 58 40.34 8.46 -51.25
N VAL O 59 39.82 9.65 -50.96
CA VAL O 59 38.87 9.83 -49.87
C VAL O 59 37.72 10.72 -50.34
N MET O 60 36.51 10.41 -49.89
CA MET O 60 35.34 11.14 -50.35
C MET O 60 34.14 10.88 -49.43
N GLY O 61 33.50 11.96 -48.99
CA GLY O 61 32.33 11.83 -48.15
C GLY O 61 31.25 11.01 -48.84
N HIS O 62 30.35 10.41 -48.05
CA HIS O 62 29.27 9.62 -48.62
C HIS O 62 27.88 10.09 -48.20
N GLY O 63 27.83 11.18 -47.44
CA GLY O 63 26.55 11.74 -46.99
C GLY O 63 25.89 10.92 -45.90
N MET O 64 24.72 11.36 -45.47
CA MET O 64 24.02 10.70 -44.37
C MET O 64 22.93 9.75 -44.86
N GLY O 65 22.94 8.52 -44.34
CA GLY O 65 21.91 7.56 -44.65
C GLY O 65 22.31 6.54 -45.69
N ILE O 66 21.68 5.37 -45.64
CA ILE O 66 21.95 4.30 -46.60
C ILE O 66 21.73 4.73 -48.05
N PRO O 67 20.60 5.39 -48.34
CA PRO O 67 20.32 5.87 -49.69
C PRO O 67 21.45 6.73 -50.25
N SER O 68 21.99 7.62 -49.42
CA SER O 68 23.03 8.54 -49.87
C SER O 68 24.27 7.78 -50.33
N CYS O 69 24.87 7.00 -49.43
CA CYS O 69 26.12 6.30 -49.73
C CYS O 69 25.94 5.15 -50.72
N SER O 70 24.73 4.59 -50.76
CA SER O 70 24.44 3.53 -51.71
C SER O 70 24.58 4.04 -53.13
N ILE O 71 24.29 5.32 -53.32
CA ILE O 71 24.49 5.95 -54.62
C ILE O 71 25.98 6.09 -54.92
N TYR O 72 26.74 6.58 -53.94
CA TYR O 72 28.15 6.87 -54.14
C TYR O 72 29.01 5.62 -54.29
N THR O 73 28.82 4.65 -53.40
CA THR O 73 29.66 3.45 -53.41
C THR O 73 29.44 2.63 -54.66
N LYS O 74 28.19 2.61 -55.15
CA LYS O 74 27.89 1.91 -56.40
C LYS O 74 28.62 2.56 -57.58
N GLU O 75 28.47 3.87 -57.72
CA GLU O 75 29.09 4.60 -58.82
C GLU O 75 30.61 4.45 -58.79
N LEU O 76 31.18 4.47 -57.59
CA LEU O 76 32.62 4.29 -57.44
C LEU O 76 33.03 2.93 -57.99
N ILE O 77 32.28 1.90 -57.65
CA ILE O 77 32.58 0.55 -58.09
C ILE O 77 32.42 0.39 -59.60
N THR O 78 31.21 0.57 -60.10
CA THR O 78 30.90 0.26 -61.49
C THR O 78 31.36 1.32 -62.49
N ASP O 79 31.70 2.51 -62.00
CA ASP O 79 32.08 3.61 -62.89
C ASP O 79 33.49 4.13 -62.66
N PHE O 80 34.12 3.71 -61.58
CA PHE O 80 35.49 4.14 -61.28
C PHE O 80 36.40 2.99 -60.89
N GLY O 81 35.91 1.76 -61.09
CA GLY O 81 36.70 0.57 -60.90
C GLY O 81 37.28 0.39 -59.50
N VAL O 82 36.55 0.83 -58.49
CA VAL O 82 37.02 0.76 -57.11
C VAL O 82 36.87 -0.65 -56.53
N LYS O 83 37.93 -1.14 -55.90
CA LYS O 83 37.95 -2.50 -55.37
C LYS O 83 37.52 -2.57 -53.91
N LYS O 84 38.10 -1.71 -53.08
CA LYS O 84 37.80 -1.71 -51.65
C LYS O 84 37.24 -0.37 -51.19
N ILE O 85 36.26 -0.43 -50.30
CA ILE O 85 35.71 0.77 -49.70
C ILE O 85 35.75 0.68 -48.18
N ILE O 86 36.38 1.66 -47.55
CA ILE O 86 36.51 1.70 -46.10
C ILE O 86 35.78 2.91 -45.53
N ARG O 87 34.55 2.72 -45.08
CA ARG O 87 33.81 3.79 -44.42
C ARG O 87 34.35 4.01 -43.01
N VAL O 88 34.59 5.27 -42.67
CA VAL O 88 35.04 5.64 -41.34
C VAL O 88 34.09 6.69 -40.74
N GLY O 89 33.43 6.34 -39.66
CA GLY O 89 32.47 7.25 -39.06
C GLY O 89 32.27 7.08 -37.57
N SER O 90 31.28 7.80 -37.04
CA SER O 90 30.99 7.77 -35.62
C SER O 90 29.78 6.88 -35.37
N CYS O 91 29.62 6.44 -34.13
CA CYS O 91 28.48 5.61 -33.77
C CYS O 91 28.14 5.76 -32.29
N GLY O 92 26.97 5.26 -31.91
CA GLY O 92 26.54 5.30 -30.53
C GLY O 92 26.66 3.94 -29.88
N ALA O 93 26.84 3.92 -28.57
CA ALA O 93 27.00 2.67 -27.83
C ALA O 93 25.77 2.38 -26.98
N VAL O 94 25.37 1.12 -26.94
CA VAL O 94 24.24 0.70 -26.12
C VAL O 94 24.67 -0.34 -25.09
N LEU O 95 25.87 -0.89 -25.26
CA LEU O 95 26.42 -1.84 -24.31
C LEU O 95 27.28 -1.10 -23.28
N PRO O 96 27.02 -1.36 -22.00
CA PRO O 96 27.71 -0.68 -20.89
C PRO O 96 29.21 -0.91 -20.92
N HIS O 97 29.62 -2.08 -21.41
CA HIS O 97 31.03 -2.46 -21.42
C HIS O 97 31.78 -1.87 -22.61
N VAL O 98 31.03 -1.28 -23.54
CA VAL O 98 31.67 -0.54 -24.63
C VAL O 98 31.90 0.89 -24.18
N LYS O 99 33.16 1.30 -24.16
CA LYS O 99 33.52 2.61 -23.62
C LYS O 99 33.55 3.68 -24.72
N LEU O 100 33.27 4.92 -24.32
CA LEU O 100 33.34 6.03 -25.26
C LEU O 100 34.72 6.08 -25.91
N ARG O 101 34.75 6.45 -27.18
CA ARG O 101 36.00 6.53 -27.95
C ARG O 101 36.53 5.17 -28.40
N ASP O 102 35.85 4.09 -28.03
CA ASP O 102 36.24 2.76 -28.48
C ASP O 102 36.14 2.66 -30.00
N VAL O 103 36.98 1.82 -30.59
CA VAL O 103 36.93 1.58 -32.02
C VAL O 103 36.19 0.26 -32.28
N VAL O 104 35.15 0.32 -33.10
CA VAL O 104 34.39 -0.87 -33.42
C VAL O 104 34.46 -1.19 -34.90
N ILE O 105 34.66 -2.46 -35.21
CA ILE O 105 34.79 -2.92 -36.59
C ILE O 105 33.65 -3.86 -36.93
N GLY O 106 32.72 -3.38 -37.76
CA GLY O 106 31.54 -4.15 -38.07
C GLY O 106 31.73 -5.20 -39.14
N MET O 107 32.01 -6.43 -38.73
CA MET O 107 32.03 -7.54 -39.68
C MET O 107 30.60 -7.76 -40.16
N GLY O 108 29.65 -7.37 -39.33
CA GLY O 108 28.24 -7.44 -39.68
C GLY O 108 27.54 -6.11 -39.43
N ALA O 109 26.38 -5.94 -40.05
CA ALA O 109 25.61 -4.71 -39.87
C ALA O 109 24.11 -4.98 -39.98
N CYS O 110 23.43 -4.94 -38.85
CA CYS O 110 21.98 -5.04 -38.83
C CYS O 110 21.40 -3.77 -39.43
N THR O 111 20.10 -3.76 -39.69
CA THR O 111 19.47 -2.57 -40.25
C THR O 111 17.95 -2.61 -40.17
N ASP O 112 17.33 -1.44 -40.12
CA ASP O 112 15.88 -1.33 -40.20
C ASP O 112 15.48 -0.76 -41.55
N SER O 113 16.46 -0.62 -42.42
CA SER O 113 16.20 -0.26 -43.81
C SER O 113 15.56 -1.45 -44.52
N LYS O 114 15.02 -1.24 -45.71
CA LYS O 114 14.39 -2.32 -46.44
C LYS O 114 15.14 -2.58 -47.74
N VAL O 115 16.27 -1.91 -47.91
CA VAL O 115 17.03 -2.01 -49.15
C VAL O 115 17.56 -3.42 -49.40
N ASN O 116 17.93 -4.11 -48.33
CA ASN O 116 18.47 -5.47 -48.45
C ASN O 116 17.39 -6.51 -48.69
N ARG O 117 16.22 -6.30 -48.10
CA ARG O 117 15.10 -7.21 -48.34
C ARG O 117 14.66 -7.08 -49.80
N ILE O 118 14.70 -5.85 -50.32
CA ILE O 118 14.40 -5.59 -51.71
C ILE O 118 15.34 -6.41 -52.61
N ARG O 119 16.60 -6.45 -52.23
CA ARG O 119 17.61 -7.18 -52.99
C ARG O 119 17.45 -8.69 -52.87
N PHE O 120 16.98 -9.13 -51.71
CA PHE O 120 17.09 -10.54 -51.31
C PHE O 120 15.74 -11.24 -51.16
N LYS O 121 14.80 -10.92 -52.03
CA LYS O 121 13.49 -11.56 -52.03
C LYS O 121 12.79 -11.51 -50.67
N ASP O 122 12.96 -10.40 -49.96
CA ASP O 122 12.34 -10.19 -48.66
C ASP O 122 12.79 -11.21 -47.61
N HIS O 123 14.01 -11.72 -47.77
CA HIS O 123 14.59 -12.61 -46.78
C HIS O 123 15.68 -11.88 -45.99
N ASP O 124 16.30 -12.58 -45.05
CA ASP O 124 17.39 -11.99 -44.27
C ASP O 124 18.71 -12.09 -45.03
N PHE O 125 19.29 -10.94 -45.35
CA PHE O 125 20.63 -10.91 -45.92
C PHE O 125 21.63 -10.41 -44.88
N ALA O 126 22.65 -11.21 -44.62
CA ALA O 126 23.69 -10.82 -43.67
C ALA O 126 24.61 -9.79 -44.30
N ALA O 127 24.31 -8.51 -44.08
CA ALA O 127 25.14 -7.43 -44.58
C ALA O 127 26.50 -7.44 -43.87
N ILE O 128 27.44 -8.19 -44.43
CA ILE O 128 28.76 -8.35 -43.82
C ILE O 128 29.84 -7.64 -44.62
N ALA O 129 31.00 -7.48 -43.99
CA ALA O 129 32.14 -6.90 -44.68
C ALA O 129 33.03 -7.96 -45.30
N ASP O 130 34.05 -7.53 -46.02
CA ASP O 130 35.07 -8.43 -46.54
C ASP O 130 35.96 -8.89 -45.39
N PHE O 131 36.02 -10.19 -45.16
CA PHE O 131 36.80 -10.73 -44.05
C PHE O 131 38.24 -10.23 -44.04
N ASP O 132 38.92 -10.36 -45.17
CA ASP O 132 40.31 -9.94 -45.26
C ASP O 132 40.49 -8.50 -44.81
N MET O 133 39.52 -7.65 -45.15
CA MET O 133 39.58 -6.23 -44.78
C MET O 133 39.43 -6.05 -43.27
N VAL O 134 38.57 -6.86 -42.65
CA VAL O 134 38.39 -6.84 -41.21
C VAL O 134 39.70 -7.15 -40.51
N ARG O 135 40.30 -8.27 -40.89
CA ARG O 135 41.57 -8.72 -40.30
C ARG O 135 42.68 -7.69 -40.51
N ASN O 136 42.74 -7.12 -41.71
CA ASN O 136 43.71 -6.07 -42.00
C ASN O 136 43.54 -4.89 -41.05
N ALA O 137 42.28 -4.56 -40.75
CA ALA O 137 41.99 -3.47 -39.84
C ALA O 137 42.36 -3.85 -38.40
N VAL O 138 41.94 -5.04 -38.00
CA VAL O 138 42.26 -5.57 -36.68
C VAL O 138 43.78 -5.58 -36.44
N ASP O 139 44.52 -6.10 -37.40
CA ASP O 139 45.97 -6.17 -37.29
C ASP O 139 46.60 -4.77 -37.27
N ALA O 140 46.14 -3.92 -38.19
CA ALA O 140 46.62 -2.54 -38.25
C ALA O 140 46.36 -1.81 -36.94
N ALA O 141 45.22 -2.08 -36.33
CA ALA O 141 44.88 -1.47 -35.05
C ALA O 141 45.82 -1.94 -33.94
N LYS O 142 46.08 -3.25 -33.91
CA LYS O 142 46.97 -3.82 -32.90
C LYS O 142 48.36 -3.20 -33.00
N ALA O 143 48.81 -2.95 -34.24
CA ALA O 143 50.12 -2.36 -34.48
C ALA O 143 50.24 -0.96 -33.88
N LEU O 144 49.12 -0.24 -33.87
CA LEU O 144 49.12 1.12 -33.34
C LEU O 144 48.63 1.15 -31.89
N GLY O 145 48.76 0.00 -31.21
CA GLY O 145 48.43 -0.09 -29.80
C GLY O 145 46.96 0.14 -29.48
N ILE O 146 46.14 0.25 -30.52
CA ILE O 146 44.72 0.52 -30.35
C ILE O 146 43.90 -0.77 -30.36
N ASP O 147 43.13 -0.99 -29.31
CA ASP O 147 42.24 -2.14 -29.25
C ASP O 147 40.97 -1.84 -30.04
N ALA O 148 40.41 -2.86 -30.67
CA ALA O 148 39.21 -2.69 -31.48
C ALA O 148 38.30 -3.91 -31.37
N ARG O 149 37.05 -3.68 -30.96
CA ARG O 149 36.08 -4.75 -30.86
C ARG O 149 35.38 -4.99 -32.19
N VAL O 150 35.38 -6.25 -32.62
CA VAL O 150 34.77 -6.64 -33.88
C VAL O 150 33.41 -7.29 -33.63
N GLY O 151 32.40 -6.85 -34.37
CA GLY O 151 31.07 -7.39 -34.19
C GLY O 151 30.03 -6.69 -35.05
N ASN O 152 28.78 -6.74 -34.61
CA ASN O 152 27.68 -6.14 -35.34
C ASN O 152 27.51 -4.65 -35.11
N LEU O 153 27.22 -3.93 -36.20
CA LEU O 153 26.81 -2.54 -36.10
C LEU O 153 25.32 -2.48 -36.34
N PHE O 154 24.73 -1.30 -36.15
CA PHE O 154 23.34 -1.10 -36.53
C PHE O 154 23.17 0.11 -37.42
N SER O 155 22.63 -0.11 -38.62
CA SER O 155 22.36 0.97 -39.54
C SER O 155 20.89 1.37 -39.48
N ALA O 156 20.62 2.62 -39.09
CA ALA O 156 19.26 3.11 -38.94
C ALA O 156 18.91 4.15 -40.00
N ASP O 157 17.67 4.08 -40.51
CA ASP O 157 17.17 5.08 -41.44
C ASP O 157 16.87 6.39 -40.72
N LEU O 158 16.42 6.29 -39.47
CA LEU O 158 16.03 7.46 -38.70
C LEU O 158 17.01 7.76 -37.56
N PHE O 159 17.68 8.91 -37.68
CA PHE O 159 18.52 9.40 -36.60
C PHE O 159 17.65 9.72 -35.38
N TYR O 160 16.47 10.25 -35.65
CA TYR O 160 15.47 10.50 -34.61
C TYR O 160 14.37 9.45 -34.68
N SER O 161 14.66 8.24 -34.19
CA SER O 161 13.70 7.15 -34.28
C SER O 161 12.69 7.15 -33.13
N PRO O 162 11.42 6.90 -33.45
CA PRO O 162 10.30 6.93 -32.50
C PRO O 162 10.30 5.73 -31.56
N ASP O 163 11.18 4.77 -31.83
CA ASP O 163 11.20 3.52 -31.07
C ASP O 163 12.32 3.48 -30.03
N GLY O 164 11.94 3.67 -28.77
CA GLY O 164 12.90 3.67 -27.68
C GLY O 164 13.29 2.26 -27.24
N GLU O 165 12.36 1.32 -27.39
CA GLU O 165 12.61 -0.06 -27.01
C GLU O 165 13.67 -0.72 -27.90
N MET O 166 13.88 -0.16 -29.08
CA MET O 166 14.80 -0.74 -30.05
C MET O 166 16.24 -0.73 -29.56
N PHE O 167 16.62 0.31 -28.82
CA PHE O 167 17.97 0.38 -28.26
C PHE O 167 18.22 -0.79 -27.33
N ASP O 168 17.19 -1.16 -26.56
CA ASP O 168 17.29 -2.31 -25.65
C ASP O 168 17.43 -3.61 -26.43
N VAL O 169 16.58 -3.80 -27.43
CA VAL O 169 16.71 -4.92 -28.35
C VAL O 169 18.12 -4.97 -28.89
N MET O 170 18.61 -3.83 -29.36
CA MET O 170 19.98 -3.72 -29.86
C MET O 170 21.00 -4.20 -28.82
N GLU O 171 20.83 -3.76 -27.58
CA GLU O 171 21.73 -4.16 -26.50
C GLU O 171 21.65 -5.66 -26.23
N LYS O 172 20.44 -6.20 -26.28
CA LYS O 172 20.23 -7.61 -26.01
C LYS O 172 21.00 -8.52 -26.96
N TYR O 173 21.21 -8.07 -28.19
CA TYR O 173 21.89 -8.89 -29.18
C TYR O 173 23.28 -8.40 -29.54
N GLY O 174 23.92 -7.72 -28.59
CA GLY O 174 25.33 -7.40 -28.68
C GLY O 174 25.75 -6.34 -29.66
N ILE O 175 24.80 -5.57 -30.18
CA ILE O 175 25.14 -4.49 -31.11
C ILE O 175 26.17 -3.56 -30.49
N LEU O 176 27.28 -3.37 -31.19
CA LEU O 176 28.39 -2.58 -30.67
C LEU O 176 28.19 -1.09 -30.87
N GLY O 177 27.92 -0.68 -32.11
CA GLY O 177 27.72 0.71 -32.43
C GLY O 177 26.48 0.93 -33.28
N VAL O 178 25.94 2.14 -33.21
CA VAL O 178 24.76 2.49 -34.00
C VAL O 178 25.09 3.64 -34.94
N GLU O 179 25.06 3.37 -36.25
CA GLU O 179 25.27 4.39 -37.26
C GLU O 179 24.15 4.37 -38.30
N MET O 180 24.43 4.76 -39.54
CA MET O 180 23.37 4.89 -40.53
C MET O 180 23.71 4.42 -41.94
N GLU O 181 24.85 3.75 -42.12
CA GLU O 181 25.31 3.43 -43.47
C GLU O 181 25.81 2.01 -43.68
N ALA O 182 26.50 1.46 -42.68
CA ALA O 182 27.14 0.15 -42.81
C ALA O 182 26.38 -0.85 -43.69
N ALA O 183 25.18 -1.21 -43.24
CA ALA O 183 24.36 -2.19 -43.93
C ALA O 183 24.17 -1.86 -45.41
N GLY O 184 23.91 -0.59 -45.71
CA GLY O 184 23.70 -0.15 -47.07
C GLY O 184 24.93 -0.35 -47.94
N ILE O 185 26.08 0.06 -47.43
CA ILE O 185 27.34 -0.08 -48.15
C ILE O 185 27.69 -1.54 -48.38
N TYR O 186 27.53 -2.37 -47.35
CA TYR O 186 27.79 -3.80 -47.48
C TYR O 186 26.91 -4.42 -48.55
N GLY O 187 25.64 -4.02 -48.57
CA GLY O 187 24.72 -4.49 -49.58
C GLY O 187 25.22 -4.19 -50.98
N VAL O 188 25.55 -2.92 -51.25
CA VAL O 188 26.07 -2.53 -52.54
C VAL O 188 27.31 -3.33 -52.91
N ALA O 189 28.23 -3.46 -51.95
CA ALA O 189 29.45 -4.21 -52.17
C ALA O 189 29.15 -5.63 -52.63
N ALA O 190 28.22 -6.28 -51.94
CA ALA O 190 27.83 -7.64 -52.28
C ALA O 190 27.19 -7.69 -53.67
N GLU O 191 26.44 -6.66 -54.00
CA GLU O 191 25.67 -6.62 -55.24
C GLU O 191 26.56 -6.45 -56.48
N PHE O 192 27.62 -5.68 -56.35
CA PHE O 192 28.45 -5.33 -57.49
C PHE O 192 29.83 -5.96 -57.41
N GLY O 193 29.93 -7.07 -56.68
CA GLY O 193 31.14 -7.87 -56.64
C GLY O 193 32.37 -7.18 -56.09
N ALA O 194 32.16 -6.14 -55.29
CA ALA O 194 33.27 -5.44 -54.64
C ALA O 194 33.33 -5.77 -53.16
N LYS O 195 34.30 -5.21 -52.47
CA LYS O 195 34.50 -5.48 -51.03
C LYS O 195 34.57 -4.19 -50.22
N ALA O 196 33.98 -4.20 -49.03
CA ALA O 196 33.94 -3.00 -48.20
C ALA O 196 34.00 -3.30 -46.70
N LEU O 197 34.20 -2.25 -45.91
CA LEU O 197 34.36 -2.36 -44.46
C LEU O 197 33.97 -1.07 -43.77
N THR O 198 33.44 -1.17 -42.55
CA THR O 198 33.07 0.02 -41.78
C THR O 198 33.76 0.06 -40.41
N ILE O 199 34.61 1.06 -40.21
CA ILE O 199 35.27 1.28 -38.92
C ILE O 199 34.63 2.46 -38.22
N CYS O 200 34.24 2.28 -36.97
CA CYS O 200 33.57 3.34 -36.22
C CYS O 200 34.20 3.63 -34.86
N THR O 201 33.92 4.82 -34.35
CA THR O 201 34.38 5.22 -33.02
C THR O 201 33.19 5.71 -32.20
N VAL O 202 33.03 5.16 -31.00
CA VAL O 202 31.92 5.52 -30.14
C VAL O 202 32.00 6.99 -29.77
N SER O 203 31.18 7.82 -30.42
CA SER O 203 31.21 9.26 -30.20
C SER O 203 30.24 9.67 -29.09
N ASP O 204 29.31 8.77 -28.76
CA ASP O 204 28.42 9.00 -27.63
C ASP O 204 27.82 7.69 -27.11
N HIS O 205 27.72 7.60 -25.79
CA HIS O 205 27.16 6.41 -25.16
C HIS O 205 25.76 6.71 -24.68
N ILE O 206 24.78 6.02 -25.27
CA ILE O 206 23.37 6.32 -25.03
C ILE O 206 22.95 6.03 -23.59
N ARG O 207 23.68 5.17 -22.90
CA ARG O 207 23.33 4.80 -21.54
C ARG O 207 23.93 5.78 -20.52
N THR O 208 25.12 6.28 -20.83
CA THR O 208 25.81 7.18 -19.92
C THR O 208 25.62 8.64 -20.33
N HIS O 209 25.20 8.85 -21.58
CA HIS O 209 24.96 10.18 -22.13
C HIS O 209 26.25 10.98 -22.37
N GLU O 210 27.38 10.28 -22.41
CA GLU O 210 28.65 10.92 -22.76
C GLU O 210 28.68 11.23 -24.24
N GLN O 211 29.39 12.30 -24.59
CA GLN O 211 29.57 12.66 -25.98
C GLN O 211 30.96 13.24 -26.18
N THR O 212 31.72 12.70 -27.12
CA THR O 212 33.06 13.17 -27.39
C THR O 212 33.09 14.69 -27.56
N THR O 213 34.11 15.32 -26.99
CA THR O 213 34.28 16.77 -27.07
C THR O 213 34.95 17.15 -28.39
N ALA O 214 35.27 18.43 -28.53
CA ALA O 214 35.94 18.92 -29.72
C ALA O 214 37.25 18.19 -29.96
N ALA O 215 38.10 18.18 -28.93
CA ALA O 215 39.40 17.53 -29.01
C ALA O 215 39.27 16.01 -29.15
N GLU O 216 38.49 15.40 -28.27
CA GLU O 216 38.29 13.95 -28.31
C GLU O 216 37.85 13.48 -29.68
N ARG O 217 37.01 14.27 -30.33
CA ARG O 217 36.47 13.93 -31.64
C ARG O 217 37.57 13.76 -32.67
N GLN O 218 38.55 14.65 -32.64
CA GLN O 218 39.59 14.67 -33.66
C GLN O 218 40.66 13.60 -33.45
N THR O 219 41.07 13.41 -32.19
CA THR O 219 42.09 12.42 -31.89
C THR O 219 41.60 11.01 -32.18
N THR O 220 40.29 10.81 -32.14
CA THR O 220 39.70 9.51 -32.43
C THR O 220 39.56 9.27 -33.93
N PHE O 221 39.20 10.31 -34.67
CA PHE O 221 39.18 10.23 -36.12
C PHE O 221 40.57 9.95 -36.68
N ASN O 222 41.57 10.55 -36.04
CA ASN O 222 42.95 10.34 -36.45
C ASN O 222 43.35 8.88 -36.30
N ASP O 223 42.98 8.28 -35.18
CA ASP O 223 43.26 6.87 -34.93
C ASP O 223 42.52 6.00 -35.95
N MET O 224 41.24 6.28 -36.12
CA MET O 224 40.41 5.56 -37.07
C MET O 224 41.05 5.60 -38.46
N ILE O 225 41.36 6.82 -38.92
CA ILE O 225 41.98 7.01 -40.23
C ILE O 225 43.30 6.27 -40.35
N LYS O 226 44.13 6.34 -39.31
CA LYS O 226 45.37 5.59 -39.27
C LYS O 226 45.10 4.11 -39.51
N ILE O 227 44.32 3.51 -38.63
CA ILE O 227 43.99 2.09 -38.74
C ILE O 227 43.52 1.75 -40.15
N ALA O 228 42.75 2.65 -40.74
CA ALA O 228 42.24 2.45 -42.09
C ALA O 228 43.37 2.42 -43.11
N LEU O 229 44.04 3.56 -43.27
CA LEU O 229 45.16 3.66 -44.20
C LEU O 229 46.14 2.51 -44.04
N GLU O 230 46.48 2.20 -42.79
CA GLU O 230 47.48 1.19 -42.50
C GLU O 230 47.00 -0.22 -42.87
N SER O 231 45.70 -0.46 -42.68
CA SER O 231 45.12 -1.77 -42.98
C SER O 231 45.19 -2.06 -44.47
N VAL O 232 45.15 -1.00 -45.28
CA VAL O 232 45.28 -1.15 -46.72
C VAL O 232 46.66 -1.64 -47.10
N LEU O 233 47.69 -0.98 -46.57
CA LEU O 233 49.06 -1.35 -46.85
C LEU O 233 49.31 -2.82 -46.52
N LEU O 234 48.65 -3.30 -45.47
CA LEU O 234 48.73 -4.71 -45.11
C LEU O 234 48.09 -5.57 -46.20
N GLY O 235 46.95 -5.10 -46.70
CA GLY O 235 46.22 -5.83 -47.71
C GLY O 235 46.95 -5.98 -49.02
N ASP O 236 47.80 -5.00 -49.34
CA ASP O 236 48.54 -5.04 -50.60
C ASP O 236 49.65 -6.10 -50.59
N LYS O 237 49.59 -7.01 -49.62
CA LYS O 237 50.63 -8.02 -49.45
C LYS O 237 50.09 -9.43 -49.24
N ALA P 1 -29.36 -2.62 -29.87
CA ALA P 1 -29.10 -2.61 -31.31
C ALA P 1 -27.73 -2.03 -31.61
N THR P 2 -27.38 -2.01 -32.90
CA THR P 2 -26.10 -1.50 -33.34
C THR P 2 -26.28 -0.61 -34.57
N PRO P 3 -25.23 0.13 -34.96
CA PRO P 3 -25.31 0.97 -36.15
C PRO P 3 -25.49 0.16 -37.44
N HIS P 4 -25.33 -1.16 -37.35
CA HIS P 4 -25.45 -2.01 -38.53
C HIS P 4 -26.59 -3.02 -38.38
N ILE P 5 -27.12 -3.15 -37.18
CA ILE P 5 -28.23 -4.07 -36.91
C ILE P 5 -29.25 -3.48 -35.94
N ASN P 6 -30.45 -3.20 -36.44
CA ASN P 6 -31.52 -2.65 -35.63
C ASN P 6 -32.40 -3.74 -35.03
N ALA P 7 -31.86 -4.41 -34.01
CA ALA P 7 -32.60 -5.47 -33.31
C ALA P 7 -32.15 -5.52 -31.86
N GLU P 8 -32.81 -6.36 -31.07
CA GLU P 8 -32.49 -6.49 -29.66
C GLU P 8 -32.20 -7.94 -29.30
N MET P 9 -31.49 -8.16 -28.21
CA MET P 9 -31.16 -9.51 -27.77
C MET P 9 -32.41 -10.37 -27.70
N GLY P 10 -32.35 -11.54 -28.32
CA GLY P 10 -33.48 -12.44 -28.36
C GLY P 10 -34.07 -12.50 -29.76
N ASP P 11 -33.85 -11.44 -30.53
CA ASP P 11 -34.36 -11.36 -31.90
C ASP P 11 -33.73 -12.45 -32.78
N PHE P 12 -32.44 -12.72 -32.57
CA PHE P 12 -31.72 -13.71 -33.36
C PHE P 12 -31.59 -15.03 -32.63
N ALA P 13 -31.61 -16.12 -33.39
CA ALA P 13 -31.41 -17.46 -32.85
C ALA P 13 -29.92 -17.71 -32.60
N ASP P 14 -29.61 -18.69 -31.76
CA ASP P 14 -28.22 -18.99 -31.44
C ASP P 14 -27.47 -19.57 -32.65
N VAL P 15 -28.18 -19.71 -33.76
CA VAL P 15 -27.59 -20.17 -35.01
C VAL P 15 -28.08 -19.27 -36.14
N VAL P 16 -27.16 -18.83 -36.99
CA VAL P 16 -27.50 -17.90 -38.06
C VAL P 16 -26.87 -18.31 -39.38
N LEU P 17 -27.72 -18.58 -40.37
CA LEU P 17 -27.23 -18.79 -41.73
C LEU P 17 -27.01 -17.43 -42.37
N MET P 18 -25.92 -17.29 -43.13
CA MET P 18 -25.60 -16.01 -43.73
C MET P 18 -25.09 -16.13 -45.16
N PRO P 19 -25.91 -15.70 -46.12
CA PRO P 19 -25.50 -15.57 -47.53
C PRO P 19 -24.87 -14.20 -47.72
N GLY P 20 -24.19 -13.99 -48.84
CA GLY P 20 -23.63 -12.69 -49.14
C GLY P 20 -24.71 -11.74 -49.59
N ASP P 21 -25.71 -12.27 -50.29
CA ASP P 21 -26.81 -11.47 -50.81
C ASP P 21 -28.01 -11.48 -49.86
N PRO P 22 -28.32 -10.32 -49.26
CA PRO P 22 -29.48 -10.18 -48.38
C PRO P 22 -30.75 -10.64 -49.06
N LEU P 23 -30.88 -10.41 -50.36
CA LEU P 23 -32.02 -10.89 -51.12
C LEU P 23 -32.11 -12.41 -51.01
N ARG P 24 -30.97 -13.06 -51.08
CA ARG P 24 -30.92 -14.52 -50.97
C ARG P 24 -31.34 -14.95 -49.56
N ALA P 25 -31.05 -14.10 -48.58
CA ALA P 25 -31.49 -14.34 -47.21
C ALA P 25 -33.00 -14.28 -47.12
N LYS P 26 -33.58 -13.24 -47.70
CA LYS P 26 -35.03 -13.10 -47.77
C LYS P 26 -35.64 -14.34 -48.42
N TYR P 27 -35.11 -14.72 -49.58
CA TYR P 27 -35.58 -15.91 -50.27
C TYR P 27 -35.59 -17.13 -49.34
N ILE P 28 -34.51 -17.30 -48.59
CA ILE P 28 -34.40 -18.41 -47.64
C ILE P 28 -35.50 -18.37 -46.58
N ALA P 29 -35.58 -17.24 -45.87
CA ALA P 29 -36.58 -17.11 -44.82
C ALA P 29 -37.98 -17.39 -45.37
N GLU P 30 -38.18 -17.08 -46.65
CA GLU P 30 -39.48 -17.27 -47.28
C GLU P 30 -39.76 -18.73 -47.59
N THR P 31 -38.78 -19.40 -48.19
CA THR P 31 -38.98 -20.76 -48.66
C THR P 31 -38.77 -21.82 -47.58
N PHE P 32 -37.67 -21.72 -46.84
CA PHE P 32 -37.29 -22.76 -45.90
C PHE P 32 -37.73 -22.51 -44.45
N LEU P 33 -37.98 -21.25 -44.11
CA LEU P 33 -38.31 -20.91 -42.73
C LEU P 33 -39.81 -20.67 -42.51
N GLU P 34 -40.32 -21.21 -41.40
CA GLU P 34 -41.72 -21.00 -41.03
C GLU P 34 -41.82 -19.88 -39.98
N ASP P 35 -42.89 -19.09 -40.08
CA ASP P 35 -43.10 -17.98 -39.16
C ASP P 35 -41.98 -16.96 -39.29
N ALA P 36 -41.35 -16.93 -40.47
CA ALA P 36 -40.25 -16.01 -40.71
C ALA P 36 -40.70 -14.57 -40.51
N ARG P 37 -39.82 -13.76 -39.91
CA ARG P 37 -40.10 -12.34 -39.75
C ARG P 37 -38.81 -11.51 -39.76
N GLU P 38 -38.88 -10.33 -40.36
CA GLU P 38 -37.73 -9.46 -40.52
C GLU P 38 -37.26 -8.90 -39.18
N VAL P 39 -35.98 -9.11 -38.86
CA VAL P 39 -35.40 -8.61 -37.61
C VAL P 39 -34.43 -7.45 -37.85
N ASN P 40 -33.73 -7.48 -38.98
CA ASN P 40 -32.87 -6.37 -39.37
C ASN P 40 -33.08 -5.93 -40.80
N ASN P 41 -33.06 -4.62 -41.03
CA ASN P 41 -33.19 -4.08 -42.37
C ASN P 41 -32.25 -2.88 -42.62
N VAL P 42 -31.38 -2.62 -41.65
CA VAL P 42 -30.43 -1.52 -41.75
C VAL P 42 -29.44 -1.74 -42.89
N ARG P 43 -29.18 -0.69 -43.66
CA ARG P 43 -28.28 -0.74 -44.80
C ARG P 43 -28.70 -1.82 -45.79
N GLY P 44 -29.97 -2.22 -45.70
CA GLY P 44 -30.53 -3.15 -46.65
C GLY P 44 -30.07 -4.58 -46.42
N MET P 45 -29.34 -4.80 -45.33
CA MET P 45 -28.87 -6.15 -45.00
C MET P 45 -29.97 -6.91 -44.25
N LEU P 46 -30.93 -7.44 -45.02
CA LEU P 46 -32.09 -8.10 -44.45
C LEU P 46 -31.73 -9.28 -43.56
N GLY P 47 -32.26 -9.27 -42.34
CA GLY P 47 -32.12 -10.39 -41.43
C GLY P 47 -33.48 -10.91 -41.02
N PHE P 48 -33.60 -12.23 -40.88
CA PHE P 48 -34.88 -12.83 -40.51
C PHE P 48 -34.74 -13.87 -39.41
N THR P 49 -35.81 -14.07 -38.66
CA THR P 49 -35.87 -15.13 -37.66
C THR P 49 -37.16 -15.93 -37.82
N GLY P 50 -37.02 -17.26 -37.82
CA GLY P 50 -38.16 -18.14 -37.94
C GLY P 50 -37.85 -19.50 -37.34
N THR P 51 -38.48 -20.54 -37.88
CA THR P 51 -38.20 -21.90 -37.42
C THR P 51 -38.11 -22.87 -38.58
N TYR P 52 -37.25 -23.88 -38.42
CA TYR P 52 -37.15 -24.97 -39.37
C TYR P 52 -37.41 -26.27 -38.64
N LYS P 53 -38.54 -26.90 -38.97
CA LYS P 53 -38.94 -28.14 -38.31
C LYS P 53 -38.88 -28.00 -36.79
N GLY P 54 -39.39 -26.87 -36.29
CA GLY P 54 -39.50 -26.66 -34.86
C GLY P 54 -38.28 -26.03 -34.22
N ARG P 55 -37.23 -25.84 -35.02
CA ARG P 55 -35.98 -25.28 -34.52
C ARG P 55 -35.86 -23.80 -34.86
N LYS P 56 -35.72 -22.96 -33.84
CA LYS P 56 -35.55 -21.53 -34.05
C LYS P 56 -34.27 -21.24 -34.82
N ILE P 57 -34.39 -20.56 -35.96
CA ILE P 57 -33.25 -20.32 -36.83
C ILE P 57 -33.28 -18.93 -37.45
N SER P 58 -32.11 -18.31 -37.58
CA SER P 58 -32.00 -17.00 -38.20
C SER P 58 -31.23 -17.05 -39.53
N VAL P 59 -31.62 -16.20 -40.46
CA VAL P 59 -30.88 -16.06 -41.71
C VAL P 59 -30.71 -14.58 -42.03
N MET P 60 -29.50 -14.19 -42.43
CA MET P 60 -29.21 -12.78 -42.69
C MET P 60 -27.93 -12.60 -43.48
N GLY P 61 -28.00 -11.81 -44.55
CA GLY P 61 -26.85 -11.54 -45.37
C GLY P 61 -25.70 -10.95 -44.58
N HIS P 62 -24.48 -11.17 -45.06
CA HIS P 62 -23.30 -10.63 -44.40
C HIS P 62 -22.52 -9.67 -45.29
N GLY P 63 -23.07 -9.37 -46.46
CA GLY P 63 -22.43 -8.45 -47.40
C GLY P 63 -21.20 -9.06 -48.04
N MET P 64 -20.66 -8.37 -49.05
CA MET P 64 -19.49 -8.86 -49.77
C MET P 64 -18.18 -8.38 -49.13
N GLY P 65 -17.30 -9.32 -48.83
CA GLY P 65 -15.99 -8.99 -48.32
C GLY P 65 -15.78 -9.36 -46.87
N ILE P 66 -14.52 -9.53 -46.48
CA ILE P 66 -14.18 -9.88 -45.11
C ILE P 66 -14.52 -8.76 -44.12
N PRO P 67 -14.21 -7.50 -44.47
CA PRO P 67 -14.57 -6.40 -43.56
C PRO P 67 -16.08 -6.31 -43.32
N SER P 68 -16.86 -6.61 -44.35
CA SER P 68 -18.32 -6.55 -44.24
C SER P 68 -18.87 -7.63 -43.31
N CYS P 69 -18.57 -8.89 -43.61
CA CYS P 69 -19.07 -9.99 -42.80
C CYS P 69 -18.48 -9.99 -41.39
N SER P 70 -17.31 -9.40 -41.24
CA SER P 70 -16.67 -9.30 -39.94
C SER P 70 -17.54 -8.49 -38.99
N ILE P 71 -18.01 -7.35 -39.47
CA ILE P 71 -18.85 -6.48 -38.66
C ILE P 71 -20.10 -7.22 -38.17
N TYR P 72 -20.81 -7.84 -39.10
CA TYR P 72 -22.06 -8.51 -38.77
C TYR P 72 -21.87 -9.71 -37.85
N THR P 73 -20.91 -10.57 -38.20
CA THR P 73 -20.65 -11.76 -37.40
C THR P 73 -20.22 -11.39 -35.99
N LYS P 74 -19.38 -10.36 -35.89
CA LYS P 74 -18.87 -9.91 -34.59
C LYS P 74 -20.01 -9.42 -33.69
N GLU P 75 -20.88 -8.58 -34.24
CA GLU P 75 -22.01 -8.04 -33.48
C GLU P 75 -23.02 -9.12 -33.14
N LEU P 76 -23.23 -10.06 -34.06
CA LEU P 76 -24.13 -11.18 -33.81
C LEU P 76 -23.68 -11.96 -32.57
N ILE P 77 -22.37 -12.17 -32.46
CA ILE P 77 -21.80 -12.92 -31.35
C ILE P 77 -21.86 -12.16 -30.02
N THR P 78 -21.26 -10.97 -29.99
CA THR P 78 -21.16 -10.22 -28.74
C THR P 78 -22.48 -9.55 -28.35
N ASP P 79 -23.18 -9.02 -29.34
CA ASP P 79 -24.41 -8.24 -29.10
C ASP P 79 -25.70 -9.06 -29.21
N PHE P 80 -25.61 -10.26 -29.78
CA PHE P 80 -26.82 -11.06 -29.97
C PHE P 80 -26.67 -12.51 -29.49
N GLY P 81 -25.53 -12.79 -28.85
CA GLY P 81 -25.30 -14.09 -28.24
C GLY P 81 -25.39 -15.27 -29.18
N VAL P 82 -25.09 -15.04 -30.45
CA VAL P 82 -25.12 -16.13 -31.43
C VAL P 82 -24.06 -17.18 -31.09
N LYS P 83 -24.45 -18.45 -31.13
CA LYS P 83 -23.52 -19.53 -30.83
C LYS P 83 -22.89 -20.12 -32.08
N LYS P 84 -23.65 -20.20 -33.15
CA LYS P 84 -23.16 -20.77 -34.41
C LYS P 84 -23.46 -19.88 -35.60
N ILE P 85 -22.50 -19.76 -36.51
CA ILE P 85 -22.69 -19.00 -37.74
C ILE P 85 -22.39 -19.88 -38.95
N ILE P 86 -23.35 -19.99 -39.85
CA ILE P 86 -23.17 -20.82 -41.03
C ILE P 86 -23.29 -20.03 -42.33
N ARG P 87 -22.15 -19.72 -42.94
CA ARG P 87 -22.15 -18.97 -44.18
C ARG P 87 -22.48 -19.85 -45.39
N VAL P 88 -23.46 -19.41 -46.16
CA VAL P 88 -23.87 -20.13 -47.37
C VAL P 88 -23.69 -19.25 -48.60
N GLY P 89 -22.62 -19.49 -49.34
CA GLY P 89 -22.30 -18.67 -50.50
C GLY P 89 -21.87 -19.47 -51.72
N SER P 90 -21.30 -18.77 -52.69
CA SER P 90 -20.84 -19.38 -53.92
C SER P 90 -19.35 -19.16 -54.07
N CYS P 91 -18.70 -20.04 -54.85
CA CYS P 91 -17.26 -19.96 -55.03
C CYS P 91 -16.85 -20.30 -56.46
N GLY P 92 -15.57 -20.11 -56.76
CA GLY P 92 -15.03 -20.46 -58.05
C GLY P 92 -14.07 -21.63 -57.92
N ALA P 93 -14.16 -22.57 -58.85
CA ALA P 93 -13.31 -23.75 -58.81
C ALA P 93 -12.10 -23.58 -59.72
N VAL P 94 -10.94 -23.96 -59.20
CA VAL P 94 -9.70 -23.95 -59.97
C VAL P 94 -9.19 -25.37 -60.17
N LEU P 95 -9.74 -26.31 -59.40
CA LEU P 95 -9.38 -27.71 -59.56
C LEU P 95 -10.17 -28.36 -60.69
N PRO P 96 -9.45 -28.96 -61.65
CA PRO P 96 -10.05 -29.60 -62.83
C PRO P 96 -11.11 -30.64 -62.46
N HIS P 97 -10.86 -31.43 -61.43
CA HIS P 97 -11.78 -32.49 -61.05
C HIS P 97 -12.86 -32.02 -60.07
N VAL P 98 -12.82 -30.73 -59.75
CA VAL P 98 -13.91 -30.12 -58.97
C VAL P 98 -14.92 -29.50 -59.93
N LYS P 99 -16.08 -30.13 -60.03
CA LYS P 99 -17.07 -29.77 -61.04
C LYS P 99 -17.97 -28.62 -60.59
N LEU P 100 -18.59 -27.96 -61.56
CA LEU P 100 -19.54 -26.88 -61.30
C LEU P 100 -20.72 -27.43 -60.51
N ARG P 101 -21.33 -26.57 -59.69
CA ARG P 101 -22.52 -26.93 -58.92
C ARG P 101 -22.22 -27.85 -57.73
N ASP P 102 -20.97 -28.28 -57.61
CA ASP P 102 -20.56 -29.10 -56.46
C ASP P 102 -20.65 -28.28 -55.17
N VAL P 103 -20.83 -28.97 -54.05
CA VAL P 103 -20.87 -28.33 -52.75
C VAL P 103 -19.58 -28.59 -51.98
N VAL P 104 -18.84 -27.53 -51.68
CA VAL P 104 -17.57 -27.64 -50.97
C VAL P 104 -17.66 -27.02 -49.57
N ILE P 105 -16.99 -27.66 -48.62
CA ILE P 105 -16.98 -27.18 -47.24
C ILE P 105 -15.57 -26.85 -46.79
N GLY P 106 -15.38 -25.64 -46.28
CA GLY P 106 -14.06 -25.19 -45.87
C GLY P 106 -13.80 -25.41 -44.39
N MET P 107 -13.13 -26.51 -44.06
CA MET P 107 -12.72 -26.74 -42.68
C MET P 107 -11.61 -25.76 -42.34
N GLY P 108 -11.11 -25.08 -43.36
CA GLY P 108 -10.10 -24.04 -43.22
C GLY P 108 -10.17 -23.08 -44.39
N ALA P 109 -9.68 -21.86 -44.18
CA ALA P 109 -9.73 -20.84 -45.23
C ALA P 109 -8.44 -20.04 -45.34
N CYS P 110 -7.84 -20.08 -46.52
CA CYS P 110 -6.67 -19.27 -46.83
C CYS P 110 -7.14 -17.87 -47.22
N THR P 111 -6.23 -16.91 -47.20
CA THR P 111 -6.59 -15.55 -47.58
C THR P 111 -5.39 -14.67 -47.87
N ASP P 112 -5.60 -13.65 -48.69
CA ASP P 112 -4.56 -12.65 -48.94
C ASP P 112 -4.85 -11.39 -48.13
N SER P 113 -5.89 -11.47 -47.32
CA SER P 113 -6.25 -10.38 -46.41
C SER P 113 -5.28 -10.33 -45.22
N LYS P 114 -5.23 -9.19 -44.55
CA LYS P 114 -4.25 -8.98 -43.49
C LYS P 114 -4.90 -8.95 -42.10
N VAL P 115 -6.21 -9.19 -42.04
CA VAL P 115 -6.94 -9.05 -40.79
C VAL P 115 -6.48 -10.03 -39.73
N ASN P 116 -6.13 -11.25 -40.13
CA ASN P 116 -5.72 -12.27 -39.18
C ASN P 116 -4.30 -12.08 -38.67
N ARG P 117 -3.42 -11.58 -39.53
CA ARG P 117 -2.07 -11.26 -39.10
C ARG P 117 -2.13 -10.17 -38.03
N ILE P 118 -3.03 -9.22 -38.21
CA ILE P 118 -3.24 -8.18 -37.21
C ILE P 118 -3.57 -8.82 -35.87
N ARG P 119 -4.55 -9.74 -35.88
CA ARG P 119 -4.93 -10.48 -34.69
C ARG P 119 -3.79 -11.32 -34.14
N PHE P 120 -3.02 -11.94 -35.04
CA PHE P 120 -2.08 -12.98 -34.66
C PHE P 120 -0.62 -12.54 -34.73
N LYS P 121 -0.35 -11.32 -34.29
CA LYS P 121 1.01 -10.76 -34.26
C LYS P 121 1.81 -11.07 -35.53
N ASP P 122 1.16 -10.88 -36.67
CA ASP P 122 1.79 -11.02 -37.98
C ASP P 122 2.35 -12.42 -38.24
N HIS P 123 1.70 -13.42 -37.65
CA HIS P 123 2.05 -14.81 -37.92
C HIS P 123 0.93 -15.48 -38.71
N ASP P 124 1.06 -16.79 -38.93
CA ASP P 124 0.06 -17.53 -39.68
C ASP P 124 -0.96 -18.18 -38.78
N PHE P 125 -2.18 -17.66 -38.79
CA PHE P 125 -3.28 -18.26 -38.05
C PHE P 125 -4.12 -19.11 -39.00
N ALA P 126 -4.19 -20.41 -38.72
CA ALA P 126 -5.04 -21.29 -39.50
C ALA P 126 -6.51 -21.01 -39.21
N ALA P 127 -7.17 -20.28 -40.11
CA ALA P 127 -8.58 -19.97 -39.95
C ALA P 127 -9.43 -21.21 -40.24
N ILE P 128 -9.81 -21.91 -39.16
CA ILE P 128 -10.52 -23.18 -39.29
C ILE P 128 -11.96 -23.12 -38.77
N ALA P 129 -12.82 -23.96 -39.32
CA ALA P 129 -14.20 -24.03 -38.87
C ALA P 129 -14.30 -24.92 -37.64
N ASP P 130 -15.45 -24.89 -36.98
CA ASP P 130 -15.71 -25.81 -35.89
C ASP P 130 -15.94 -27.20 -36.49
N PHE P 131 -15.15 -28.16 -36.04
CA PHE P 131 -15.19 -29.50 -36.62
C PHE P 131 -16.58 -30.15 -36.58
N ASP P 132 -17.23 -30.08 -35.42
CA ASP P 132 -18.56 -30.66 -35.27
C ASP P 132 -19.50 -30.13 -36.34
N MET P 133 -19.49 -28.81 -36.52
CA MET P 133 -20.31 -28.19 -37.56
C MET P 133 -19.95 -28.74 -38.93
N VAL P 134 -18.66 -29.00 -39.14
CA VAL P 134 -18.17 -29.57 -40.38
C VAL P 134 -18.77 -30.97 -40.58
N ARG P 135 -18.69 -31.79 -39.54
CA ARG P 135 -19.17 -33.16 -39.62
C ARG P 135 -20.70 -33.23 -39.73
N ASN P 136 -21.38 -32.29 -39.07
CA ASN P 136 -22.83 -32.19 -39.22
C ASN P 136 -23.18 -32.00 -40.68
N ALA P 137 -22.56 -31.01 -41.31
CA ALA P 137 -22.78 -30.74 -42.72
C ALA P 137 -22.51 -31.97 -43.58
N VAL P 138 -21.32 -32.57 -43.40
CA VAL P 138 -20.94 -33.77 -44.13
C VAL P 138 -21.99 -34.88 -43.99
N ASP P 139 -22.29 -35.24 -42.74
CA ASP P 139 -23.29 -36.27 -42.47
C ASP P 139 -24.65 -35.91 -43.06
N ALA P 140 -25.04 -34.66 -42.93
CA ALA P 140 -26.33 -34.18 -43.43
C ALA P 140 -26.38 -34.25 -44.96
N ALA P 141 -25.24 -34.03 -45.60
CA ALA P 141 -25.17 -34.06 -47.06
C ALA P 141 -25.38 -35.47 -47.59
N LYS P 142 -24.71 -36.43 -46.96
CA LYS P 142 -24.85 -37.83 -47.35
C LYS P 142 -26.31 -38.25 -47.20
N ALA P 143 -26.98 -37.69 -46.21
CA ALA P 143 -28.39 -37.97 -45.98
C ALA P 143 -29.25 -37.50 -47.15
N LEU P 144 -28.90 -36.35 -47.70
CA LEU P 144 -29.64 -35.79 -48.83
C LEU P 144 -29.13 -36.30 -50.16
N GLY P 145 -28.13 -37.18 -50.11
CA GLY P 145 -27.58 -37.78 -51.32
C GLY P 145 -26.56 -36.89 -52.01
N ILE P 146 -26.12 -35.85 -51.31
CA ILE P 146 -25.11 -34.94 -51.85
C ILE P 146 -23.72 -35.32 -51.37
N ASP P 147 -22.77 -35.41 -52.30
CA ASP P 147 -21.37 -35.56 -51.94
C ASP P 147 -20.73 -34.19 -51.78
N ALA P 148 -20.14 -33.95 -50.61
CA ALA P 148 -19.51 -32.68 -50.33
C ALA P 148 -18.02 -32.86 -50.08
N ARG P 149 -17.21 -32.04 -50.75
CA ARG P 149 -15.77 -32.05 -50.52
C ARG P 149 -15.44 -31.19 -49.31
N VAL P 150 -14.46 -31.63 -48.53
CA VAL P 150 -14.04 -30.90 -47.35
C VAL P 150 -12.55 -30.58 -47.43
N GLY P 151 -12.24 -29.30 -47.58
CA GLY P 151 -10.87 -28.86 -47.66
C GLY P 151 -10.75 -27.36 -47.46
N ASN P 152 -9.84 -26.75 -48.21
CA ASN P 152 -9.56 -25.33 -48.07
C ASN P 152 -10.34 -24.46 -49.03
N LEU P 153 -10.72 -23.27 -48.56
CA LEU P 153 -11.22 -22.24 -49.43
C LEU P 153 -10.17 -21.14 -49.49
N PHE P 154 -10.28 -20.26 -50.48
CA PHE P 154 -9.45 -19.06 -50.51
C PHE P 154 -10.31 -17.82 -50.43
N SER P 155 -10.19 -17.09 -49.33
CA SER P 155 -10.89 -15.83 -49.16
C SER P 155 -10.07 -14.70 -49.74
N ALA P 156 -10.42 -14.27 -50.95
CA ALA P 156 -9.72 -13.20 -51.62
C ALA P 156 -10.29 -11.83 -51.26
N ASP P 157 -9.41 -10.84 -51.13
CA ASP P 157 -9.85 -9.47 -50.90
C ASP P 157 -10.29 -8.81 -52.20
N LEU P 158 -9.74 -9.26 -53.32
CA LEU P 158 -10.07 -8.67 -54.61
C LEU P 158 -10.72 -9.67 -55.56
N PHE P 159 -12.00 -9.45 -55.83
CA PHE P 159 -12.71 -10.21 -56.84
C PHE P 159 -11.96 -10.08 -58.16
N TYR P 160 -11.46 -8.87 -58.42
CA TYR P 160 -10.63 -8.61 -59.59
C TYR P 160 -9.19 -8.37 -59.15
N SER P 161 -8.45 -9.46 -58.93
CA SER P 161 -7.08 -9.36 -58.46
C SER P 161 -6.08 -9.29 -59.61
N PRO P 162 -5.02 -8.48 -59.45
CA PRO P 162 -3.99 -8.30 -60.46
C PRO P 162 -3.11 -9.54 -60.61
N ASP P 163 -2.99 -10.31 -59.53
CA ASP P 163 -2.13 -11.50 -59.54
C ASP P 163 -2.75 -12.66 -60.30
N GLY P 164 -2.52 -12.69 -61.61
CA GLY P 164 -3.11 -13.71 -62.45
C GLY P 164 -2.58 -15.10 -62.13
N GLU P 165 -1.36 -15.16 -61.61
CA GLU P 165 -0.69 -16.43 -61.34
C GLU P 165 -0.98 -16.95 -59.94
N MET P 166 -1.88 -16.29 -59.23
CA MET P 166 -2.24 -16.71 -57.87
C MET P 166 -3.20 -17.90 -57.90
N PHE P 167 -3.95 -18.03 -58.99
CA PHE P 167 -4.88 -19.16 -59.11
C PHE P 167 -4.13 -20.47 -59.25
N ASP P 168 -3.11 -20.49 -60.09
CA ASP P 168 -2.31 -21.69 -60.28
C ASP P 168 -1.72 -22.11 -58.96
N VAL P 169 -1.25 -21.13 -58.18
CA VAL P 169 -0.78 -21.39 -56.83
C VAL P 169 -1.86 -22.07 -56.01
N MET P 170 -3.08 -21.56 -56.09
CA MET P 170 -4.20 -22.12 -55.33
C MET P 170 -4.44 -23.57 -55.74
N GLU P 171 -4.54 -23.81 -57.04
CA GLU P 171 -4.76 -25.16 -57.55
C GLU P 171 -3.66 -26.10 -57.07
N LYS P 172 -2.42 -25.61 -57.10
CA LYS P 172 -1.28 -26.40 -56.67
C LYS P 172 -1.48 -26.93 -55.25
N TYR P 173 -1.95 -26.08 -54.36
CA TYR P 173 -2.13 -26.45 -52.96
C TYR P 173 -3.56 -26.86 -52.64
N GLY P 174 -4.32 -27.16 -53.69
CA GLY P 174 -5.59 -27.86 -53.54
C GLY P 174 -6.81 -27.08 -53.08
N ILE P 175 -6.76 -25.76 -53.18
CA ILE P 175 -7.94 -24.95 -52.84
C ILE P 175 -9.16 -25.48 -53.58
N LEU P 176 -10.23 -25.75 -52.83
CA LEU P 176 -11.46 -26.26 -53.42
C LEU P 176 -12.32 -25.16 -54.02
N GLY P 177 -12.46 -24.05 -53.29
CA GLY P 177 -13.30 -22.96 -53.74
C GLY P 177 -12.76 -21.58 -53.44
N VAL P 178 -13.02 -20.65 -54.35
CA VAL P 178 -12.55 -19.27 -54.20
C VAL P 178 -13.72 -18.34 -53.86
N GLU P 179 -13.69 -17.77 -52.67
CA GLU P 179 -14.72 -16.82 -52.24
C GLU P 179 -14.08 -15.60 -51.56
N MET P 180 -14.81 -14.95 -50.65
CA MET P 180 -14.31 -13.69 -50.08
C MET P 180 -14.60 -13.48 -48.60
N GLU P 181 -15.02 -14.52 -47.89
CA GLU P 181 -15.48 -14.32 -46.51
C GLU P 181 -14.90 -15.31 -45.49
N ALA P 182 -14.89 -16.59 -45.84
CA ALA P 182 -14.49 -17.64 -44.91
C ALA P 182 -13.43 -17.22 -43.90
N ALA P 183 -12.24 -16.88 -44.39
CA ALA P 183 -11.11 -16.51 -43.52
C ALA P 183 -11.48 -15.41 -42.52
N GLY P 184 -12.36 -14.51 -42.92
CA GLY P 184 -12.80 -13.43 -42.05
C GLY P 184 -13.67 -13.95 -40.92
N ILE P 185 -14.74 -14.65 -41.29
CA ILE P 185 -15.68 -15.20 -40.31
C ILE P 185 -14.99 -16.13 -39.32
N TYR P 186 -14.11 -16.97 -39.84
CA TYR P 186 -13.37 -17.93 -39.01
C TYR P 186 -12.50 -17.22 -37.97
N GLY P 187 -11.96 -16.07 -38.35
CA GLY P 187 -11.14 -15.29 -37.45
C GLY P 187 -11.98 -14.58 -36.41
N VAL P 188 -13.19 -14.18 -36.81
CA VAL P 188 -14.11 -13.52 -35.89
C VAL P 188 -14.61 -14.51 -34.85
N ALA P 189 -14.93 -15.71 -35.30
CA ALA P 189 -15.39 -16.77 -34.40
C ALA P 189 -14.30 -17.15 -33.41
N ALA P 190 -13.07 -17.26 -33.89
CA ALA P 190 -11.94 -17.61 -33.04
C ALA P 190 -11.64 -16.52 -32.02
N GLU P 191 -11.91 -15.27 -32.41
CA GLU P 191 -11.63 -14.13 -31.54
C GLU P 191 -12.60 -14.06 -30.36
N PHE P 192 -13.89 -14.17 -30.66
CA PHE P 192 -14.91 -13.99 -29.64
C PHE P 192 -15.47 -15.32 -29.13
N GLY P 193 -14.69 -16.39 -29.30
CA GLY P 193 -15.05 -17.70 -28.79
C GLY P 193 -16.38 -18.21 -29.29
N ALA P 194 -16.52 -18.29 -30.61
CA ALA P 194 -17.74 -18.83 -31.20
C ALA P 194 -17.40 -19.92 -32.21
N LYS P 195 -18.44 -20.50 -32.81
CA LYS P 195 -18.27 -21.58 -33.78
C LYS P 195 -18.91 -21.22 -35.11
N ALA P 196 -18.12 -21.29 -36.19
CA ALA P 196 -18.63 -20.96 -37.51
C ALA P 196 -18.32 -22.04 -38.53
N LEU P 197 -18.88 -21.89 -39.72
CA LEU P 197 -18.67 -22.84 -40.81
C LEU P 197 -19.04 -22.20 -42.14
N THR P 198 -18.31 -22.54 -43.19
CA THR P 198 -18.58 -22.01 -44.51
C THR P 198 -18.84 -23.13 -45.52
N ILE P 199 -20.08 -23.21 -46.00
CA ILE P 199 -20.42 -24.13 -47.07
C ILE P 199 -20.57 -23.35 -48.37
N CYS P 200 -19.93 -23.84 -49.43
CA CYS P 200 -19.98 -23.13 -50.71
C CYS P 200 -20.47 -24.01 -51.86
N THR P 201 -21.18 -23.38 -52.78
CA THR P 201 -21.56 -24.02 -54.03
C THR P 201 -20.73 -23.44 -55.16
N VAL P 202 -20.15 -24.31 -55.98
CA VAL P 202 -19.33 -23.86 -57.11
C VAL P 202 -20.20 -23.15 -58.14
N SER P 203 -20.05 -21.83 -58.22
CA SER P 203 -20.84 -21.01 -59.12
C SER P 203 -20.22 -20.97 -60.51
N ASP P 204 -18.89 -21.12 -60.56
CA ASP P 204 -18.19 -21.13 -61.84
C ASP P 204 -16.82 -21.75 -61.72
N HIS P 205 -16.19 -21.98 -62.87
CA HIS P 205 -14.89 -22.63 -62.93
C HIS P 205 -13.91 -21.73 -63.68
N ILE P 206 -12.92 -21.23 -62.97
CA ILE P 206 -11.97 -20.27 -63.54
C ILE P 206 -11.23 -20.81 -64.76
N ARG P 207 -11.12 -22.13 -64.85
CA ARG P 207 -10.35 -22.75 -65.94
C ARG P 207 -11.16 -23.46 -67.03
N THR P 208 -12.46 -23.64 -66.81
CA THR P 208 -13.33 -24.12 -67.88
C THR P 208 -14.28 -23.02 -68.33
N HIS P 209 -14.40 -21.99 -67.49
CA HIS P 209 -15.23 -20.83 -67.77
C HIS P 209 -16.72 -21.14 -67.79
N GLU P 210 -17.10 -22.23 -67.13
CA GLU P 210 -18.51 -22.57 -66.96
C GLU P 210 -19.13 -21.62 -65.95
N GLN P 211 -20.43 -21.38 -66.09
CA GLN P 211 -21.14 -20.54 -65.14
C GLN P 211 -22.55 -21.07 -64.90
N THR P 212 -23.14 -20.69 -63.78
CA THR P 212 -24.48 -21.15 -63.41
C THR P 212 -25.55 -20.52 -64.27
N THR P 213 -26.43 -21.35 -64.82
CA THR P 213 -27.58 -20.88 -65.56
C THR P 213 -28.72 -20.58 -64.57
N ALA P 214 -29.75 -19.92 -65.05
CA ALA P 214 -30.90 -19.59 -64.19
C ALA P 214 -31.50 -20.85 -63.56
N ALA P 215 -31.57 -21.92 -64.34
CA ALA P 215 -32.16 -23.17 -63.88
C ALA P 215 -31.26 -23.90 -62.87
N GLU P 216 -29.95 -23.83 -63.10
CA GLU P 216 -28.98 -24.44 -62.19
C GLU P 216 -28.87 -23.65 -60.89
N ARG P 217 -28.95 -22.33 -61.02
CA ARG P 217 -28.85 -21.41 -59.89
C ARG P 217 -29.85 -21.75 -58.79
N GLN P 218 -31.07 -22.10 -59.19
CA GLN P 218 -32.13 -22.38 -58.24
C GLN P 218 -31.81 -23.55 -57.31
N THR P 219 -31.55 -24.72 -57.89
CA THR P 219 -31.38 -25.94 -57.11
C THR P 219 -30.11 -25.95 -56.27
N THR P 220 -28.99 -25.58 -56.87
CA THR P 220 -27.70 -25.63 -56.18
C THR P 220 -27.72 -24.88 -54.85
N PHE P 221 -28.43 -23.76 -54.82
CA PHE P 221 -28.54 -22.96 -53.60
C PHE P 221 -29.52 -23.59 -52.62
N ASN P 222 -30.45 -24.38 -53.14
CA ASN P 222 -31.39 -25.11 -52.30
C ASN P 222 -30.71 -26.29 -51.61
N ASP P 223 -29.95 -27.05 -52.37
CA ASP P 223 -29.21 -28.19 -51.83
C ASP P 223 -28.23 -27.73 -50.77
N MET P 224 -27.66 -26.55 -50.96
CA MET P 224 -26.73 -25.99 -49.99
C MET P 224 -27.46 -25.59 -48.71
N ILE P 225 -28.62 -24.95 -48.86
CA ILE P 225 -29.40 -24.49 -47.72
C ILE P 225 -29.98 -25.65 -46.93
N LYS P 226 -30.46 -26.68 -47.63
CA LYS P 226 -30.97 -27.87 -46.97
C LYS P 226 -29.89 -28.51 -46.11
N ILE P 227 -28.67 -28.55 -46.63
CA ILE P 227 -27.54 -29.08 -45.88
C ILE P 227 -27.27 -28.28 -44.62
N ALA P 228 -27.19 -26.95 -44.78
CA ALA P 228 -26.94 -26.06 -43.66
C ALA P 228 -27.99 -26.25 -42.57
N LEU P 229 -29.26 -26.18 -42.97
CA LEU P 229 -30.37 -26.30 -42.03
C LEU P 229 -30.38 -27.66 -41.33
N GLU P 230 -30.22 -28.72 -42.12
CA GLU P 230 -30.22 -30.08 -41.58
C GLU P 230 -29.08 -30.31 -40.61
N SER P 231 -27.89 -29.80 -40.95
CA SER P 231 -26.72 -29.95 -40.10
C SER P 231 -26.97 -29.36 -38.71
N VAL P 232 -27.69 -28.25 -38.67
CA VAL P 232 -28.02 -27.60 -37.40
C VAL P 232 -28.77 -28.56 -36.48
N LEU P 233 -29.74 -29.27 -37.05
CA LEU P 233 -30.52 -30.24 -36.29
C LEU P 233 -29.64 -31.34 -35.73
N LEU P 234 -28.67 -31.80 -36.52
CA LEU P 234 -27.75 -32.83 -36.08
C LEU P 234 -26.92 -32.36 -34.88
N GLY P 235 -26.52 -31.10 -34.92
CA GLY P 235 -25.70 -30.53 -33.86
C GLY P 235 -26.43 -30.40 -32.54
N ASP P 236 -27.76 -30.45 -32.59
CA ASP P 236 -28.59 -30.32 -31.40
C ASP P 236 -28.66 -31.61 -30.61
N LYS P 237 -28.09 -32.68 -31.17
CA LYS P 237 -28.09 -33.98 -30.51
C LYS P 237 -26.71 -34.34 -29.97
N ALA Q 1 19.56 -31.55 -16.04
CA ALA Q 1 19.14 -32.05 -17.35
C ALA Q 1 18.11 -31.11 -17.98
N THR Q 2 17.85 -31.33 -19.27
CA THR Q 2 16.85 -30.57 -19.98
C THR Q 2 15.92 -31.56 -20.67
N PRO Q 3 14.80 -31.08 -21.22
CA PRO Q 3 13.89 -32.00 -21.92
C PRO Q 3 14.53 -32.63 -23.14
N HIS Q 4 15.73 -32.18 -23.51
CA HIS Q 4 16.38 -32.65 -24.73
C HIS Q 4 17.83 -33.09 -24.50
N ILE Q 5 18.30 -32.96 -23.27
CA ILE Q 5 19.65 -33.38 -22.92
C ILE Q 5 19.69 -33.96 -21.51
N ASN Q 6 19.87 -35.27 -21.42
CA ASN Q 6 19.97 -35.92 -20.12
C ASN Q 6 21.40 -35.88 -19.59
N ALA Q 7 21.79 -34.72 -19.06
CA ALA Q 7 23.12 -34.53 -18.53
C ALA Q 7 23.08 -33.44 -17.46
N GLU Q 8 24.23 -33.19 -16.84
CA GLU Q 8 24.32 -32.18 -15.80
C GLU Q 8 25.54 -31.30 -16.00
N MET Q 9 25.59 -30.17 -15.31
CA MET Q 9 26.71 -29.24 -15.43
C MET Q 9 28.04 -29.96 -15.23
N GLY Q 10 28.92 -29.83 -16.22
CA GLY Q 10 30.21 -30.48 -16.16
C GLY Q 10 30.36 -31.59 -17.18
N ASP Q 11 29.24 -32.22 -17.53
CA ASP Q 11 29.26 -33.32 -18.48
C ASP Q 11 29.82 -32.89 -19.84
N PHE Q 12 29.56 -31.63 -20.20
CA PHE Q 12 30.11 -31.07 -21.45
C PHE Q 12 31.27 -30.16 -21.13
N ALA Q 13 32.10 -29.90 -22.15
CA ALA Q 13 33.17 -28.92 -22.03
C ALA Q 13 32.62 -27.53 -22.28
N ASP Q 14 33.48 -26.51 -22.25
CA ASP Q 14 33.04 -25.16 -22.55
C ASP Q 14 33.05 -24.90 -24.06
N VAL Q 15 33.41 -25.93 -24.82
CA VAL Q 15 33.37 -25.86 -26.27
C VAL Q 15 32.76 -27.14 -26.82
N VAL Q 16 31.83 -27.00 -27.75
CA VAL Q 16 31.18 -28.16 -28.33
C VAL Q 16 31.14 -28.08 -29.85
N LEU Q 17 31.67 -29.10 -30.52
CA LEU Q 17 31.55 -29.23 -31.96
C LEU Q 17 30.25 -29.96 -32.28
N MET Q 18 29.47 -29.38 -33.20
CA MET Q 18 28.16 -29.95 -33.50
C MET Q 18 27.93 -30.16 -34.99
N PRO Q 19 27.77 -31.43 -35.38
CA PRO Q 19 27.33 -31.82 -36.73
C PRO Q 19 25.82 -32.01 -36.74
N GLY Q 20 25.21 -31.96 -37.92
CA GLY Q 20 23.79 -32.26 -38.01
C GLY Q 20 23.55 -33.70 -37.61
N ASP Q 21 24.37 -34.60 -38.15
CA ASP Q 21 24.23 -36.02 -37.93
C ASP Q 21 24.78 -36.43 -36.56
N PRO Q 22 23.93 -37.03 -35.72
CA PRO Q 22 24.33 -37.52 -34.39
C PRO Q 22 25.33 -38.66 -34.50
N LEU Q 23 25.22 -39.45 -35.57
CA LEU Q 23 26.15 -40.55 -35.81
C LEU Q 23 27.53 -40.01 -36.18
N ARG Q 24 27.55 -38.85 -36.81
CA ARG Q 24 28.80 -38.20 -37.15
C ARG Q 24 29.43 -37.64 -35.88
N ALA Q 25 28.58 -37.33 -34.90
CA ALA Q 25 29.05 -36.91 -33.58
C ALA Q 25 29.76 -38.08 -32.92
N LYS Q 26 29.16 -39.26 -33.05
CA LYS Q 26 29.74 -40.48 -32.49
C LYS Q 26 31.05 -40.83 -33.18
N TYR Q 27 31.15 -40.51 -34.46
CA TYR Q 27 32.35 -40.84 -35.23
C TYR Q 27 33.53 -39.97 -34.81
N ILE Q 28 33.31 -38.66 -34.78
CA ILE Q 28 34.33 -37.72 -34.34
C ILE Q 28 34.83 -38.08 -32.96
N ALA Q 29 33.90 -38.32 -32.05
CA ALA Q 29 34.25 -38.73 -30.69
C ALA Q 29 35.25 -39.88 -30.71
N GLU Q 30 34.87 -40.97 -31.36
CA GLU Q 30 35.71 -42.15 -31.45
C GLU Q 30 37.09 -41.89 -32.06
N THR Q 31 37.11 -41.16 -33.18
CA THR Q 31 38.32 -41.03 -33.97
C THR Q 31 39.06 -39.70 -33.80
N PHE Q 32 38.83 -39.01 -32.69
CA PHE Q 32 39.52 -37.74 -32.44
C PHE Q 32 39.59 -37.35 -30.97
N LEU Q 33 38.73 -37.95 -30.14
CA LEU Q 33 38.70 -37.59 -28.73
C LEU Q 33 39.15 -38.73 -27.83
N GLU Q 34 40.18 -38.47 -27.02
CA GLU Q 34 40.66 -39.47 -26.07
C GLU Q 34 39.71 -39.58 -24.90
N ASP Q 35 39.36 -40.82 -24.54
CA ASP Q 35 38.49 -41.08 -23.40
C ASP Q 35 37.08 -40.57 -23.64
N ALA Q 36 36.61 -40.70 -24.87
CA ALA Q 36 35.27 -40.24 -25.22
C ALA Q 36 34.22 -40.95 -24.38
N ARG Q 37 33.38 -40.17 -23.71
CA ARG Q 37 32.30 -40.71 -22.89
C ARG Q 37 30.95 -40.14 -23.31
N GLU Q 38 30.01 -41.02 -23.65
CA GLU Q 38 28.67 -40.61 -24.03
C GLU Q 38 27.96 -39.90 -22.88
N VAL Q 39 27.52 -38.67 -23.13
CA VAL Q 39 26.90 -37.85 -22.10
C VAL Q 39 25.41 -37.59 -22.37
N ASN Q 40 24.96 -37.94 -23.58
CA ASN Q 40 23.56 -37.77 -23.94
C ASN Q 40 23.13 -38.64 -25.13
N ASN Q 41 21.99 -39.31 -24.98
CA ASN Q 41 21.43 -40.13 -26.05
C ASN Q 41 19.93 -39.94 -26.21
N VAL Q 42 19.40 -38.87 -25.62
CA VAL Q 42 17.98 -38.56 -25.72
C VAL Q 42 17.60 -38.24 -27.15
N ARG Q 43 16.53 -38.87 -27.63
CA ARG Q 43 16.06 -38.67 -29.00
C ARG Q 43 17.12 -39.07 -30.02
N GLY Q 44 18.08 -39.87 -29.57
CA GLY Q 44 19.15 -40.32 -30.43
C GLY Q 44 20.22 -39.28 -30.66
N MET Q 45 19.95 -38.05 -30.21
CA MET Q 45 20.90 -36.96 -30.40
C MET Q 45 22.15 -37.16 -29.55
N LEU Q 46 23.08 -37.96 -30.08
CA LEU Q 46 24.26 -38.37 -29.33
C LEU Q 46 25.20 -37.20 -29.02
N GLY Q 47 25.69 -37.16 -27.79
CA GLY Q 47 26.71 -36.23 -27.39
C GLY Q 47 27.83 -36.97 -26.67
N PHE Q 48 29.04 -36.41 -26.73
CA PHE Q 48 30.20 -37.03 -26.09
C PHE Q 48 31.15 -35.96 -25.56
N THR Q 49 31.95 -36.35 -24.57
CA THR Q 49 33.00 -35.47 -24.06
C THR Q 49 34.32 -36.23 -23.95
N GLY Q 50 35.41 -35.57 -24.33
CA GLY Q 50 36.72 -36.17 -24.24
C GLY Q 50 37.80 -35.11 -24.25
N THR Q 51 38.99 -35.47 -24.71
CA THR Q 51 40.08 -34.51 -24.80
C THR Q 51 40.75 -34.57 -26.17
N TYR Q 52 41.20 -33.41 -26.65
CA TYR Q 52 41.96 -33.35 -27.89
C TYR Q 52 43.27 -32.62 -27.67
N LYS Q 53 44.35 -33.39 -27.55
CA LYS Q 53 45.66 -32.85 -27.22
C LYS Q 53 45.61 -32.09 -25.89
N GLY Q 54 45.07 -32.76 -24.88
CA GLY Q 54 44.98 -32.19 -23.54
C GLY Q 54 43.77 -31.29 -23.34
N ARG Q 55 43.12 -30.94 -24.44
CA ARG Q 55 42.03 -29.96 -24.40
C ARG Q 55 40.67 -30.65 -24.28
N LYS Q 56 40.00 -30.44 -23.15
CA LYS Q 56 38.67 -31.00 -22.95
C LYS Q 56 37.72 -30.47 -24.01
N ILE Q 57 37.07 -31.37 -24.75
CA ILE Q 57 36.18 -30.98 -25.82
C ILE Q 57 35.02 -31.96 -25.99
N SER Q 58 33.86 -31.43 -26.34
CA SER Q 58 32.67 -32.24 -26.53
C SER Q 58 32.17 -32.18 -27.98
N VAL Q 59 31.50 -33.23 -28.41
CA VAL Q 59 30.88 -33.26 -29.72
C VAL Q 59 29.48 -33.86 -29.61
N MET Q 60 28.52 -33.22 -30.26
CA MET Q 60 27.14 -33.64 -30.19
C MET Q 60 26.37 -33.15 -31.41
N GLY Q 61 25.52 -34.00 -31.96
CA GLY Q 61 24.69 -33.62 -33.09
C GLY Q 61 23.67 -32.57 -32.70
N HIS Q 62 23.27 -31.73 -33.66
CA HIS Q 62 22.29 -30.68 -33.39
C HIS Q 62 21.00 -30.87 -34.19
N GLY Q 63 20.97 -31.88 -35.05
CA GLY Q 63 19.79 -32.16 -35.85
C GLY Q 63 19.64 -31.23 -37.03
N MET Q 64 18.73 -31.55 -37.94
CA MET Q 64 18.52 -30.73 -39.13
C MET Q 64 17.55 -29.59 -38.88
N GLY Q 65 17.90 -28.40 -39.37
CA GLY Q 65 17.02 -27.26 -39.32
C GLY Q 65 17.30 -26.30 -38.19
N ILE Q 66 17.04 -25.02 -38.43
CA ILE Q 66 17.25 -23.98 -37.41
C ILE Q 66 16.55 -24.31 -36.09
N PRO Q 67 15.24 -24.58 -36.14
CA PRO Q 67 14.50 -24.86 -34.91
C PRO Q 67 15.15 -25.99 -34.08
N SER Q 68 15.70 -26.98 -34.76
CA SER Q 68 16.35 -28.10 -34.09
C SER Q 68 17.58 -27.68 -33.31
N CYS Q 69 18.59 -27.15 -34.01
CA CYS Q 69 19.84 -26.76 -33.38
C CYS Q 69 19.65 -25.61 -32.40
N SER Q 70 18.59 -24.83 -32.57
CA SER Q 70 18.29 -23.74 -31.66
C SER Q 70 18.03 -24.30 -30.26
N ILE Q 71 17.32 -25.43 -30.21
CA ILE Q 71 16.99 -26.08 -28.94
C ILE Q 71 18.25 -26.56 -28.22
N TYR Q 72 19.10 -27.28 -28.92
CA TYR Q 72 20.31 -27.82 -28.30
C TYR Q 72 21.31 -26.73 -27.94
N THR Q 73 21.55 -25.79 -28.86
CA THR Q 73 22.50 -24.71 -28.62
C THR Q 73 22.05 -23.79 -27.49
N LYS Q 74 20.75 -23.54 -27.40
CA LYS Q 74 20.22 -22.74 -26.31
C LYS Q 74 20.47 -23.46 -24.98
N GLU Q 75 20.06 -24.72 -24.91
CA GLU Q 75 20.21 -25.50 -23.68
C GLU Q 75 21.67 -25.65 -23.27
N LEU Q 76 22.54 -25.91 -24.24
CA LEU Q 76 23.97 -26.05 -23.96
C LEU Q 76 24.55 -24.78 -23.33
N ILE Q 77 24.08 -23.62 -23.80
CA ILE Q 77 24.61 -22.34 -23.35
C ILE Q 77 24.13 -21.98 -21.94
N THR Q 78 22.86 -22.26 -21.67
CA THR Q 78 22.24 -21.84 -20.42
C THR Q 78 22.40 -22.84 -19.27
N ASP Q 79 22.40 -24.13 -19.59
CA ASP Q 79 22.38 -25.15 -18.55
C ASP Q 79 23.71 -25.88 -18.35
N PHE Q 80 24.61 -25.80 -19.32
CA PHE Q 80 25.87 -26.52 -19.23
C PHE Q 80 27.10 -25.62 -19.37
N GLY Q 81 26.88 -24.32 -19.32
CA GLY Q 81 27.95 -23.34 -19.30
C GLY Q 81 28.84 -23.32 -20.53
N VAL Q 82 28.28 -23.61 -21.69
CA VAL Q 82 29.03 -23.62 -22.93
C VAL Q 82 29.38 -22.21 -23.42
N LYS Q 83 30.67 -21.93 -23.57
CA LYS Q 83 31.14 -20.62 -24.01
C LYS Q 83 30.94 -20.42 -25.50
N LYS Q 84 31.49 -21.34 -26.30
CA LYS Q 84 31.33 -21.26 -27.75
C LYS Q 84 30.92 -22.57 -28.41
N ILE Q 85 30.42 -22.47 -29.63
CA ILE Q 85 29.92 -23.62 -30.37
C ILE Q 85 30.40 -23.60 -31.82
N ILE Q 86 31.04 -24.68 -32.25
CA ILE Q 86 31.52 -24.78 -33.63
C ILE Q 86 30.72 -25.81 -34.41
N ARG Q 87 29.77 -25.33 -35.20
CA ARG Q 87 29.00 -26.22 -36.06
C ARG Q 87 29.81 -26.67 -37.27
N VAL Q 88 29.63 -27.93 -37.64
CA VAL Q 88 30.31 -28.48 -38.80
C VAL Q 88 29.35 -29.33 -39.61
N GLY Q 89 29.27 -29.07 -40.91
CA GLY Q 89 28.37 -29.80 -41.78
C GLY Q 89 28.65 -29.55 -43.24
N SER Q 90 27.74 -30.02 -44.09
CA SER Q 90 27.88 -29.87 -45.53
C SER Q 90 26.90 -28.84 -46.08
N CYS Q 91 27.16 -28.38 -47.30
CA CYS Q 91 26.36 -27.32 -47.90
C CYS Q 91 26.48 -27.31 -49.42
N GLY Q 92 25.39 -26.97 -50.10
CA GLY Q 92 25.41 -26.86 -51.55
C GLY Q 92 25.92 -25.50 -51.98
N ALA Q 93 26.64 -25.46 -53.10
CA ALA Q 93 27.19 -24.22 -53.61
C ALA Q 93 26.40 -23.72 -54.81
N VAL Q 94 26.29 -22.40 -54.94
CA VAL Q 94 25.52 -21.82 -56.03
C VAL Q 94 26.40 -20.93 -56.92
N LEU Q 95 27.67 -20.79 -56.53
CA LEU Q 95 28.62 -19.99 -57.31
C LEU Q 95 29.47 -20.88 -58.20
N PRO Q 96 29.64 -20.46 -59.47
CA PRO Q 96 30.44 -21.20 -60.45
C PRO Q 96 31.85 -21.49 -59.96
N HIS Q 97 32.52 -20.49 -59.39
CA HIS Q 97 33.90 -20.63 -58.97
C HIS Q 97 34.07 -21.39 -57.65
N VAL Q 98 32.96 -21.79 -57.04
CA VAL Q 98 33.01 -22.57 -55.81
C VAL Q 98 32.90 -24.07 -56.11
N LYS Q 99 34.00 -24.79 -55.88
CA LYS Q 99 34.09 -26.20 -56.26
C LYS Q 99 33.66 -27.12 -55.12
N LEU Q 100 33.41 -28.38 -55.46
CA LEU Q 100 33.07 -29.37 -54.45
C LEU Q 100 34.25 -29.62 -53.53
N ARG Q 101 33.97 -30.10 -52.32
CA ARG Q 101 35.00 -30.36 -51.32
C ARG Q 101 35.70 -29.10 -50.82
N ASP Q 102 35.21 -27.93 -51.24
CA ASP Q 102 35.73 -26.66 -50.75
C ASP Q 102 35.16 -26.36 -49.36
N VAL Q 103 36.01 -25.89 -48.47
CA VAL Q 103 35.57 -25.51 -47.14
C VAL Q 103 35.16 -24.05 -47.10
N VAL Q 104 33.92 -23.79 -46.69
CA VAL Q 104 33.43 -22.42 -46.53
C VAL Q 104 33.19 -22.13 -45.06
N ILE Q 105 33.75 -21.01 -44.60
CA ILE Q 105 33.58 -20.57 -43.23
C ILE Q 105 32.64 -19.37 -43.19
N GLY Q 106 31.46 -19.58 -42.61
CA GLY Q 106 30.44 -18.55 -42.60
C GLY Q 106 30.62 -17.50 -41.52
N MET Q 107 31.27 -16.40 -41.87
CA MET Q 107 31.39 -15.27 -40.96
C MET Q 107 30.01 -14.65 -40.80
N GLY Q 108 29.21 -14.76 -41.85
CA GLY Q 108 27.82 -14.31 -41.82
C GLY Q 108 26.90 -15.39 -42.34
N ALA Q 109 25.64 -15.34 -41.95
CA ALA Q 109 24.65 -16.32 -42.42
C ALA Q 109 23.32 -15.66 -42.75
N CYS Q 110 22.96 -15.71 -44.03
CA CYS Q 110 21.64 -15.28 -44.47
C CYS Q 110 20.64 -16.37 -44.13
N THR Q 111 19.35 -16.06 -44.28
CA THR Q 111 18.31 -17.05 -44.02
C THR Q 111 16.93 -16.56 -44.50
N ASP Q 112 16.02 -17.51 -44.69
CA ASP Q 112 14.64 -17.19 -44.98
C ASP Q 112 13.74 -17.65 -43.83
N SER Q 113 14.31 -17.71 -42.64
CA SER Q 113 13.58 -18.02 -41.42
C SER Q 113 13.16 -16.73 -40.75
N LYS Q 114 12.16 -16.80 -39.86
CA LYS Q 114 11.70 -15.62 -39.15
C LYS Q 114 12.28 -15.50 -37.74
N VAL Q 115 12.98 -16.54 -37.29
CA VAL Q 115 13.46 -16.56 -35.91
C VAL Q 115 14.15 -15.27 -35.51
N ASN Q 116 14.98 -14.75 -36.40
CA ASN Q 116 15.75 -13.55 -36.12
C ASN Q 116 14.93 -12.27 -36.21
N ARG Q 117 13.92 -12.27 -37.06
CA ARG Q 117 13.02 -11.13 -37.14
C ARG Q 117 12.10 -11.13 -35.92
N ILE Q 118 11.81 -12.32 -35.41
CA ILE Q 118 11.02 -12.45 -34.19
C ILE Q 118 11.80 -11.88 -33.01
N ARG Q 119 13.10 -12.14 -33.00
CA ARG Q 119 13.98 -11.60 -31.97
C ARG Q 119 14.16 -10.08 -32.12
N PHE Q 120 14.29 -9.64 -33.37
CA PHE Q 120 14.83 -8.32 -33.65
C PHE Q 120 13.80 -7.32 -34.19
N LYS Q 121 12.69 -7.16 -33.48
CA LYS Q 121 11.68 -6.17 -33.85
C LYS Q 121 11.43 -6.16 -35.36
N ASP Q 122 11.42 -7.35 -35.97
CA ASP Q 122 11.21 -7.50 -37.40
C ASP Q 122 12.12 -6.64 -38.26
N HIS Q 123 13.38 -6.52 -37.86
CA HIS Q 123 14.38 -5.83 -38.68
C HIS Q 123 15.48 -6.81 -39.10
N ASP Q 124 16.40 -6.35 -39.94
CA ASP Q 124 17.49 -7.21 -40.38
C ASP Q 124 18.55 -7.36 -39.30
N PHE Q 125 18.56 -8.52 -38.64
CA PHE Q 125 19.64 -8.84 -37.73
C PHE Q 125 20.71 -9.59 -38.50
N ALA Q 126 21.95 -9.11 -38.44
CA ALA Q 126 23.04 -9.76 -39.14
C ALA Q 126 23.54 -10.98 -38.36
N ALA Q 127 23.03 -12.14 -38.72
CA ALA Q 127 23.44 -13.40 -38.10
C ALA Q 127 24.92 -13.67 -38.40
N ILE Q 128 25.79 -13.19 -37.52
CA ILE Q 128 27.22 -13.31 -37.73
C ILE Q 128 27.85 -14.23 -36.70
N ALA Q 129 29.13 -14.57 -36.92
CA ALA Q 129 29.86 -15.44 -36.02
C ALA Q 129 30.85 -14.64 -35.17
N ASP Q 130 31.44 -15.30 -34.18
CA ASP Q 130 32.47 -14.68 -33.36
C ASP Q 130 33.71 -14.50 -34.21
N PHE Q 131 34.19 -13.27 -34.33
CA PHE Q 131 35.32 -12.98 -35.23
C PHE Q 131 36.56 -13.81 -34.89
N ASP Q 132 36.97 -13.78 -33.63
CA ASP Q 132 38.13 -14.53 -33.21
C ASP Q 132 37.98 -16.00 -33.60
N MET Q 133 36.82 -16.57 -33.30
CA MET Q 133 36.54 -17.97 -33.62
C MET Q 133 36.72 -18.24 -35.11
N VAL Q 134 36.54 -17.20 -35.92
CA VAL Q 134 36.69 -17.32 -37.36
C VAL Q 134 38.15 -17.30 -37.77
N ARG Q 135 38.90 -16.31 -37.27
CA ARG Q 135 40.29 -16.17 -37.66
C ARG Q 135 41.09 -17.38 -37.17
N ASN Q 136 40.68 -17.93 -36.02
CA ASN Q 136 41.26 -19.18 -35.54
C ASN Q 136 41.08 -20.26 -36.58
N ALA Q 137 39.83 -20.46 -37.00
CA ALA Q 137 39.50 -21.47 -38.00
C ALA Q 137 40.24 -21.21 -39.32
N VAL Q 138 40.39 -19.94 -39.66
CA VAL Q 138 41.09 -19.57 -40.89
C VAL Q 138 42.57 -19.95 -40.79
N ASP Q 139 43.21 -19.56 -39.70
CA ASP Q 139 44.61 -19.88 -39.47
C ASP Q 139 44.82 -21.38 -39.34
N ALA Q 140 43.99 -22.02 -38.52
CA ALA Q 140 44.06 -23.46 -38.30
C ALA Q 140 44.04 -24.22 -39.62
N ALA Q 141 43.15 -23.83 -40.52
CA ALA Q 141 43.03 -24.48 -41.81
C ALA Q 141 44.28 -24.27 -42.67
N LYS Q 142 44.85 -23.07 -42.59
CA LYS Q 142 46.04 -22.74 -43.39
C LYS Q 142 47.20 -23.66 -43.03
N ALA Q 143 47.26 -24.07 -41.77
CA ALA Q 143 48.29 -25.01 -41.32
C ALA Q 143 48.05 -26.39 -41.93
N LEU Q 144 46.78 -26.78 -42.01
CA LEU Q 144 46.43 -28.08 -42.58
C LEU Q 144 46.53 -28.04 -44.10
N GLY Q 145 46.76 -26.85 -44.64
CA GLY Q 145 46.94 -26.68 -46.07
C GLY Q 145 45.68 -26.32 -46.83
N ILE Q 146 44.56 -26.25 -46.12
CA ILE Q 146 43.28 -25.90 -46.74
C ILE Q 146 43.11 -24.40 -46.89
N ASP Q 147 42.75 -23.95 -48.09
CA ASP Q 147 42.53 -22.53 -48.35
C ASP Q 147 41.05 -22.18 -48.23
N ALA Q 148 40.55 -22.18 -47.00
CA ALA Q 148 39.13 -21.99 -46.73
C ALA Q 148 38.62 -20.61 -47.13
N ARG Q 149 37.36 -20.57 -47.59
CA ARG Q 149 36.72 -19.32 -47.99
C ARG Q 149 35.91 -18.75 -46.84
N VAL Q 150 35.98 -17.43 -46.65
CA VAL Q 150 35.20 -16.78 -45.60
C VAL Q 150 34.17 -15.82 -46.21
N GLY Q 151 32.90 -16.04 -45.90
CA GLY Q 151 31.85 -15.21 -46.41
C GLY Q 151 30.49 -15.56 -45.85
N ASN Q 152 29.46 -15.37 -46.66
CA ASN Q 152 28.10 -15.68 -46.25
C ASN Q 152 27.70 -17.12 -46.52
N LEU Q 153 27.01 -17.71 -45.55
CA LEU Q 153 26.29 -18.95 -45.75
C LEU Q 153 24.83 -18.58 -45.94
N PHE Q 154 24.01 -19.54 -46.36
CA PHE Q 154 22.57 -19.33 -46.36
C PHE Q 154 21.87 -20.45 -45.60
N SER Q 155 21.17 -20.10 -44.53
CA SER Q 155 20.41 -21.08 -43.77
C SER Q 155 18.99 -21.18 -44.32
N ALA Q 156 18.66 -22.31 -44.92
CA ALA Q 156 17.34 -22.52 -45.51
C ALA Q 156 16.44 -23.32 -44.58
N ASP Q 157 15.14 -23.05 -44.65
CA ASP Q 157 14.15 -23.80 -43.89
C ASP Q 157 13.66 -25.00 -44.68
N LEU Q 158 13.78 -24.93 -46.00
CA LEU Q 158 13.32 -26.01 -46.85
C LEU Q 158 14.44 -26.60 -47.69
N PHE Q 159 14.79 -27.84 -47.39
CA PHE Q 159 15.73 -28.59 -48.21
C PHE Q 159 15.23 -28.61 -49.65
N TYR Q 160 13.95 -28.97 -49.80
CA TYR Q 160 13.31 -28.97 -51.11
C TYR Q 160 12.44 -27.73 -51.24
N SER Q 161 13.07 -26.61 -51.59
CA SER Q 161 12.36 -25.34 -51.70
C SER Q 161 11.75 -25.18 -53.07
N PRO Q 162 10.49 -24.71 -53.12
CA PRO Q 162 9.74 -24.55 -54.36
C PRO Q 162 10.26 -23.34 -55.14
N ASP Q 163 11.00 -22.49 -54.46
CA ASP Q 163 11.50 -21.26 -55.06
C ASP Q 163 12.87 -21.47 -55.69
N GLY Q 164 12.90 -22.10 -56.86
CA GLY Q 164 14.14 -22.37 -57.56
C GLY Q 164 14.88 -21.11 -57.96
N GLU Q 165 14.15 -20.00 -58.02
CA GLU Q 165 14.73 -18.72 -58.43
C GLU Q 165 15.64 -18.15 -57.34
N MET Q 166 15.27 -18.36 -56.08
CA MET Q 166 16.00 -17.79 -54.96
C MET Q 166 17.48 -18.13 -55.03
N PHE Q 167 17.79 -19.30 -55.58
CA PHE Q 167 19.18 -19.71 -55.73
C PHE Q 167 19.96 -18.74 -56.60
N ASP Q 168 19.31 -18.20 -57.62
CA ASP Q 168 19.93 -17.17 -58.44
C ASP Q 168 20.27 -15.95 -57.59
N VAL Q 169 19.33 -15.57 -56.73
CA VAL Q 169 19.51 -14.42 -55.84
C VAL Q 169 20.70 -14.62 -54.91
N MET Q 170 20.85 -15.84 -54.39
CA MET Q 170 21.99 -16.16 -53.53
C MET Q 170 23.29 -15.97 -54.28
N GLU Q 171 23.35 -16.53 -55.49
CA GLU Q 171 24.54 -16.42 -56.32
C GLU Q 171 24.87 -14.95 -56.55
N LYS Q 172 23.85 -14.15 -56.84
CA LYS Q 172 24.07 -12.74 -57.17
C LYS Q 172 24.76 -12.01 -56.03
N TYR Q 173 24.53 -12.46 -54.80
CA TYR Q 173 25.08 -11.76 -53.63
C TYR Q 173 26.14 -12.56 -52.88
N GLY Q 174 26.82 -13.43 -53.62
CA GLY Q 174 28.04 -14.05 -53.14
C GLY Q 174 27.94 -15.19 -52.16
N ILE Q 175 26.73 -15.58 -51.79
CA ILE Q 175 26.55 -16.70 -50.86
C ILE Q 175 27.48 -17.86 -51.25
N LEU Q 176 28.34 -18.25 -50.33
CA LEU Q 176 29.34 -19.28 -50.62
C LEU Q 176 28.79 -20.69 -50.44
N GLY Q 177 27.94 -20.87 -49.44
CA GLY Q 177 27.38 -22.18 -49.16
C GLY Q 177 25.92 -22.11 -48.75
N VAL Q 178 25.17 -23.18 -49.03
CA VAL Q 178 23.76 -23.23 -48.65
C VAL Q 178 23.47 -24.41 -47.73
N GLU Q 179 23.16 -24.10 -46.47
CA GLU Q 179 22.86 -25.14 -45.50
C GLU Q 179 21.53 -24.87 -44.82
N MET Q 180 21.41 -25.21 -43.53
CA MET Q 180 20.12 -25.09 -42.85
C MET Q 180 20.22 -24.70 -41.38
N GLU Q 181 21.38 -24.26 -40.91
CA GLU Q 181 21.55 -24.04 -39.47
C GLU Q 181 22.17 -22.71 -39.07
N ALA Q 182 23.37 -22.44 -39.57
CA ALA Q 182 24.16 -21.26 -39.17
C ALA Q 182 23.38 -20.09 -38.57
N ALA Q 183 22.55 -19.44 -39.40
CA ALA Q 183 21.83 -18.25 -38.98
C ALA Q 183 21.12 -18.41 -37.63
N GLY Q 184 20.55 -19.58 -37.41
CA GLY Q 184 19.85 -19.85 -36.17
C GLY Q 184 20.81 -19.97 -35.00
N ILE Q 185 21.88 -20.71 -35.20
CA ILE Q 185 22.89 -20.89 -34.17
C ILE Q 185 23.58 -19.57 -33.84
N TYR Q 186 23.72 -18.70 -34.84
CA TYR Q 186 24.28 -17.37 -34.61
C TYR Q 186 23.32 -16.49 -33.81
N GLY Q 187 22.03 -16.62 -34.11
CA GLY Q 187 21.01 -15.91 -33.36
C GLY Q 187 20.99 -16.34 -31.91
N VAL Q 188 21.07 -17.64 -31.67
CA VAL Q 188 21.08 -18.17 -30.30
C VAL Q 188 22.29 -17.65 -29.53
N ALA Q 189 23.44 -17.65 -30.18
CA ALA Q 189 24.66 -17.14 -29.57
C ALA Q 189 24.48 -15.68 -29.15
N ALA Q 190 23.74 -14.92 -29.95
CA ALA Q 190 23.51 -13.51 -29.66
C ALA Q 190 22.52 -13.32 -28.52
N GLU Q 191 21.46 -14.13 -28.52
CA GLU Q 191 20.40 -14.01 -27.52
C GLU Q 191 20.91 -14.34 -26.12
N PHE Q 192 21.84 -15.29 -26.03
CA PHE Q 192 22.28 -15.79 -24.74
C PHE Q 192 23.76 -15.50 -24.44
N GLY Q 193 24.33 -14.59 -25.20
CA GLY Q 193 25.69 -14.13 -24.95
C GLY Q 193 26.74 -15.24 -25.00
N ALA Q 194 26.80 -15.92 -26.14
CA ALA Q 194 27.83 -16.93 -26.36
C ALA Q 194 28.45 -16.70 -27.73
N LYS Q 195 29.43 -17.53 -28.06
CA LYS Q 195 30.11 -17.42 -29.35
C LYS Q 195 29.86 -18.66 -30.19
N ALA Q 196 29.70 -18.47 -31.50
CA ALA Q 196 29.44 -19.59 -32.38
C ALA Q 196 30.14 -19.44 -33.73
N LEU Q 197 30.30 -20.56 -34.42
CA LEU Q 197 30.95 -20.58 -35.73
C LEU Q 197 30.45 -21.78 -36.53
N THR Q 198 30.40 -21.62 -37.85
CA THR Q 198 29.93 -22.69 -38.72
C THR Q 198 30.87 -22.92 -39.90
N ILE Q 199 31.54 -24.07 -39.89
CA ILE Q 199 32.44 -24.46 -40.96
C ILE Q 199 31.74 -25.53 -41.82
N CYS Q 200 31.78 -25.33 -43.12
CA CYS Q 200 31.09 -26.25 -44.04
C CYS Q 200 31.99 -26.68 -45.19
N THR Q 201 31.65 -27.81 -45.79
CA THR Q 201 32.32 -28.28 -47.00
C THR Q 201 31.28 -28.44 -48.10
N VAL Q 202 31.57 -27.88 -49.27
CA VAL Q 202 30.68 -28.02 -50.42
C VAL Q 202 30.54 -29.49 -50.80
N SER Q 203 29.46 -30.11 -50.33
CA SER Q 203 29.24 -31.53 -50.58
C SER Q 203 28.52 -31.77 -51.89
N ASP Q 204 27.87 -30.73 -52.41
CA ASP Q 204 27.17 -30.85 -53.67
C ASP Q 204 26.98 -29.49 -54.34
N HIS Q 205 26.84 -29.51 -55.66
CA HIS Q 205 26.67 -28.28 -56.43
C HIS Q 205 25.25 -28.22 -56.95
N ILE Q 206 24.52 -27.18 -56.58
CA ILE Q 206 23.10 -27.08 -56.91
C ILE Q 206 22.87 -26.76 -58.39
N ARG Q 207 23.87 -26.18 -59.04
CA ARG Q 207 23.76 -25.86 -60.46
C ARG Q 207 23.67 -27.13 -61.30
N THR Q 208 24.41 -28.15 -60.91
CA THR Q 208 24.57 -29.35 -61.72
C THR Q 208 24.27 -30.63 -60.94
N HIS Q 209 23.84 -30.48 -59.69
CA HIS Q 209 23.56 -31.62 -58.82
C HIS Q 209 24.77 -32.54 -58.65
N GLU Q 210 25.95 -32.04 -59.00
CA GLU Q 210 27.19 -32.80 -58.78
C GLU Q 210 27.43 -32.99 -57.30
N GLN Q 211 27.30 -34.22 -56.82
CA GLN Q 211 27.52 -34.51 -55.41
C GLN Q 211 28.89 -35.13 -55.17
N THR Q 212 29.28 -35.23 -53.90
CA THR Q 212 30.54 -35.86 -53.53
C THR Q 212 30.33 -37.35 -53.27
N THR Q 213 31.22 -38.18 -53.83
CA THR Q 213 31.09 -39.63 -53.72
C THR Q 213 31.01 -40.10 -52.27
N ALA Q 214 30.72 -41.38 -52.09
CA ALA Q 214 30.60 -41.97 -50.75
C ALA Q 214 31.89 -41.85 -49.95
N ALA Q 215 33.02 -41.82 -50.65
CA ALA Q 215 34.33 -41.75 -50.01
C ALA Q 215 34.74 -40.32 -49.70
N GLU Q 216 34.51 -39.43 -50.66
CA GLU Q 216 34.90 -38.03 -50.50
C GLU Q 216 34.20 -37.37 -49.31
N ARG Q 217 32.92 -37.68 -49.14
CA ARG Q 217 32.13 -37.09 -48.06
C ARG Q 217 32.66 -37.44 -46.67
N GLN Q 218 33.56 -38.41 -46.62
CA GLN Q 218 34.18 -38.82 -45.37
C GLN Q 218 35.41 -37.97 -45.05
N THR Q 219 36.21 -37.71 -46.08
CA THR Q 219 37.43 -36.91 -45.93
C THR Q 219 37.10 -35.43 -45.78
N THR Q 220 36.06 -34.99 -46.49
CA THR Q 220 35.62 -33.60 -46.42
C THR Q 220 35.26 -33.22 -45.00
N PHE Q 221 34.67 -34.15 -44.27
CA PHE Q 221 34.35 -33.91 -42.86
C PHE Q 221 35.59 -33.91 -42.00
N ASN Q 222 36.51 -34.84 -42.27
CA ASN Q 222 37.76 -34.91 -41.51
C ASN Q 222 38.55 -33.61 -41.55
N ASP Q 223 38.64 -33.01 -42.73
CA ASP Q 223 39.30 -31.72 -42.87
C ASP Q 223 38.60 -30.68 -41.99
N MET Q 224 37.27 -30.71 -42.01
CA MET Q 224 36.48 -29.83 -41.16
C MET Q 224 36.77 -30.07 -39.68
N ILE Q 225 36.57 -31.30 -39.22
CA ILE Q 225 36.78 -31.65 -37.82
C ILE Q 225 38.14 -31.17 -37.32
N LYS Q 226 39.18 -31.44 -38.10
CA LYS Q 226 40.52 -31.01 -37.76
C LYS Q 226 40.56 -29.49 -37.64
N ILE Q 227 40.09 -28.80 -38.68
CA ILE Q 227 40.07 -27.34 -38.68
C ILE Q 227 39.38 -26.81 -37.44
N ALA Q 228 38.31 -27.49 -37.02
CA ALA Q 228 37.55 -27.07 -35.86
C ALA Q 228 38.36 -27.27 -34.57
N LEU Q 229 38.74 -28.51 -34.31
CA LEU Q 229 39.51 -28.84 -33.12
C LEU Q 229 40.75 -27.97 -32.98
N GLU Q 230 41.53 -27.89 -34.06
CA GLU Q 230 42.76 -27.11 -34.05
C GLU Q 230 42.52 -25.63 -33.78
N SER Q 231 41.44 -25.08 -34.34
CA SER Q 231 41.12 -23.67 -34.12
C SER Q 231 40.78 -23.40 -32.65
N VAL Q 232 40.29 -24.42 -31.96
CA VAL Q 232 39.99 -24.31 -30.54
C VAL Q 232 41.28 -24.16 -29.72
N LEU Q 233 42.31 -24.90 -30.13
CA LEU Q 233 43.61 -24.81 -29.49
C LEU Q 233 44.20 -23.42 -29.68
N LEU Q 234 44.08 -22.87 -30.89
CA LEU Q 234 44.57 -21.54 -31.18
C LEU Q 234 43.90 -20.49 -30.29
N GLY Q 235 42.57 -20.54 -30.24
CA GLY Q 235 41.81 -19.60 -29.45
C GLY Q 235 42.17 -19.64 -27.97
N ASP Q 236 42.61 -20.81 -27.51
CA ASP Q 236 43.04 -20.96 -26.12
C ASP Q 236 44.26 -20.10 -25.84
N LYS Q 237 45.03 -19.79 -26.88
CA LYS Q 237 46.21 -18.94 -26.74
C LYS Q 237 45.97 -17.53 -27.27
N ALA R 1 22.19 25.64 -31.34
CA ALA R 1 22.23 24.91 -32.61
C ALA R 1 21.76 23.47 -32.45
N THR R 2 21.82 22.71 -33.55
CA THR R 2 21.43 21.31 -33.55
C THR R 2 22.58 20.45 -34.06
N PRO R 3 22.54 19.14 -33.74
CA PRO R 3 23.60 18.20 -34.12
C PRO R 3 23.98 18.26 -35.59
N HIS R 4 23.09 18.77 -36.44
CA HIS R 4 23.36 18.82 -37.87
C HIS R 4 23.18 20.22 -38.49
N ILE R 5 22.86 21.19 -37.64
CA ILE R 5 22.71 22.57 -38.10
C ILE R 5 23.27 23.56 -37.08
N ASN R 6 24.43 24.12 -37.38
CA ASN R 6 25.06 25.10 -36.50
C ASN R 6 24.49 26.50 -36.73
N ALA R 7 23.28 26.73 -36.23
CA ALA R 7 22.64 28.03 -36.32
C ALA R 7 21.76 28.24 -35.11
N GLU R 8 21.29 29.48 -34.92
CA GLU R 8 20.45 29.80 -33.78
C GLU R 8 19.03 30.14 -34.22
N MET R 9 18.08 30.01 -33.29
CA MET R 9 16.69 30.31 -33.59
C MET R 9 16.55 31.74 -34.10
N GLY R 10 15.91 31.88 -35.26
CA GLY R 10 15.73 33.19 -35.88
C GLY R 10 16.62 33.36 -37.10
N ASP R 11 17.49 32.38 -37.33
CA ASP R 11 18.34 32.39 -38.51
C ASP R 11 17.57 31.92 -39.74
N PHE R 12 16.57 31.07 -39.51
CA PHE R 12 15.71 30.58 -40.58
C PHE R 12 14.33 31.20 -40.51
N ALA R 13 13.74 31.47 -41.67
CA ALA R 13 12.36 31.94 -41.74
C ALA R 13 11.44 30.75 -41.50
N ASP R 14 10.19 31.02 -41.19
CA ASP R 14 9.22 29.96 -40.90
C ASP R 14 8.98 29.06 -42.13
N VAL R 15 9.57 29.44 -43.25
CA VAL R 15 9.45 28.66 -44.49
C VAL R 15 10.83 28.43 -45.10
N VAL R 16 11.14 27.16 -45.37
CA VAL R 16 12.44 26.79 -45.93
C VAL R 16 12.31 25.99 -47.21
N LEU R 17 12.89 26.50 -48.29
CA LEU R 17 12.98 25.75 -49.54
C LEU R 17 14.23 24.87 -49.50
N MET R 18 14.07 23.60 -49.85
CA MET R 18 15.18 22.66 -49.74
C MET R 18 15.35 21.77 -50.96
N PRO R 19 16.35 22.08 -51.78
CA PRO R 19 16.83 21.12 -52.77
C PRO R 19 17.65 20.06 -52.03
N GLY R 20 17.99 18.96 -52.69
CA GLY R 20 18.87 17.99 -52.08
C GLY R 20 20.31 18.48 -52.18
N ASP R 21 20.55 19.36 -53.14
CA ASP R 21 21.90 19.85 -53.42
C ASP R 21 22.14 21.24 -52.86
N PRO R 22 23.05 21.34 -51.87
CA PRO R 22 23.40 22.62 -51.26
C PRO R 22 23.90 23.61 -52.29
N LEU R 23 24.63 23.13 -53.29
CA LEU R 23 25.13 23.99 -54.36
C LEU R 23 23.99 24.68 -55.11
N ARG R 24 22.84 24.02 -55.19
CA ARG R 24 21.67 24.62 -55.81
C ARG R 24 20.99 25.59 -54.83
N ALA R 25 21.04 25.26 -53.54
CA ALA R 25 20.53 26.15 -52.52
C ALA R 25 21.30 27.47 -52.59
N LYS R 26 22.61 27.36 -52.77
CA LYS R 26 23.46 28.52 -52.96
C LYS R 26 22.98 29.31 -54.17
N TYR R 27 22.75 28.61 -55.27
CA TYR R 27 22.30 29.24 -56.50
C TYR R 27 20.94 29.92 -56.34
N ILE R 28 20.00 29.22 -55.71
CA ILE R 28 18.69 29.79 -55.43
C ILE R 28 18.81 31.04 -54.57
N ALA R 29 19.59 30.93 -53.49
CA ALA R 29 19.78 32.04 -52.57
C ALA R 29 20.42 33.24 -53.26
N GLU R 30 21.26 32.97 -54.26
CA GLU R 30 22.06 34.03 -54.88
C GLU R 30 21.42 34.67 -56.11
N THR R 31 20.32 34.10 -56.60
CA THR R 31 19.68 34.64 -57.80
C THR R 31 18.19 34.90 -57.63
N PHE R 32 17.66 34.60 -56.44
CA PHE R 32 16.24 34.82 -56.17
C PHE R 32 16.02 35.63 -54.91
N LEU R 33 16.95 35.52 -53.96
CA LEU R 33 16.83 36.23 -52.69
C LEU R 33 17.70 37.48 -52.67
N GLU R 34 17.21 38.51 -51.98
CA GLU R 34 17.99 39.72 -51.78
C GLU R 34 18.54 39.75 -50.36
N ASP R 35 19.80 40.17 -50.22
CA ASP R 35 20.45 40.18 -48.92
C ASP R 35 20.53 38.77 -48.33
N ALA R 36 21.00 37.83 -49.15
CA ALA R 36 21.11 36.44 -48.73
C ALA R 36 22.38 36.19 -47.92
N ARG R 37 22.22 35.60 -46.75
CA ARG R 37 23.36 35.30 -45.88
C ARG R 37 23.40 33.83 -45.47
N GLU R 38 24.59 33.24 -45.52
CA GLU R 38 24.77 31.86 -45.12
C GLU R 38 24.44 31.69 -43.64
N VAL R 39 23.72 30.63 -43.30
CA VAL R 39 23.31 30.40 -41.92
C VAL R 39 23.73 29.02 -41.43
N ASN R 40 24.02 28.13 -42.37
CA ASN R 40 24.52 26.80 -42.05
C ASN R 40 25.53 26.31 -43.08
N ASN R 41 26.58 25.66 -42.62
CA ASN R 41 27.59 25.11 -43.50
C ASN R 41 28.15 23.77 -42.99
N VAL R 42 27.50 23.23 -41.97
CA VAL R 42 27.92 21.96 -41.39
C VAL R 42 27.77 20.82 -42.39
N ARG R 43 28.83 20.03 -42.55
CA ARG R 43 28.84 18.94 -43.52
C ARG R 43 28.68 19.48 -44.93
N GLY R 44 28.92 20.78 -45.09
CA GLY R 44 28.80 21.42 -46.39
C GLY R 44 27.36 21.49 -46.85
N MET R 45 26.44 21.17 -45.94
CA MET R 45 25.02 21.24 -46.26
C MET R 45 24.53 22.67 -46.10
N LEU R 46 24.87 23.49 -47.09
CA LEU R 46 24.61 24.92 -47.04
C LEU R 46 23.14 25.28 -46.81
N GLY R 47 22.93 26.33 -46.03
CA GLY R 47 21.62 26.92 -45.84
C GLY R 47 21.77 28.43 -45.89
N PHE R 48 20.73 29.11 -46.34
CA PHE R 48 20.78 30.56 -46.49
C PHE R 48 19.46 31.22 -46.12
N THR R 49 19.52 32.51 -45.81
CA THR R 49 18.32 33.28 -45.52
C THR R 49 18.41 34.67 -46.15
N GLY R 50 17.35 35.06 -46.83
CA GLY R 50 17.24 36.37 -47.45
C GLY R 50 15.78 36.74 -47.56
N THR R 51 15.47 37.72 -48.40
CA THR R 51 14.07 38.08 -48.63
C THR R 51 13.66 37.82 -50.08
N TYR R 52 12.38 37.59 -50.28
CA TYR R 52 11.81 37.49 -51.62
C TYR R 52 10.60 38.40 -51.70
N LYS R 53 10.78 39.56 -52.32
CA LYS R 53 9.74 40.57 -52.39
C LYS R 53 9.33 40.97 -50.97
N GLY R 54 10.33 41.22 -50.12
CA GLY R 54 10.10 41.65 -48.76
C GLY R 54 9.62 40.53 -47.86
N ARG R 55 9.66 39.30 -48.38
CA ARG R 55 9.24 38.13 -47.61
C ARG R 55 10.46 37.35 -47.16
N LYS R 56 10.73 37.37 -45.86
CA LYS R 56 11.84 36.61 -45.30
C LYS R 56 11.69 35.14 -45.66
N ILE R 57 12.72 34.56 -46.26
CA ILE R 57 12.64 33.18 -46.73
C ILE R 57 14.01 32.51 -46.72
N SER R 58 14.02 31.20 -46.48
CA SER R 58 15.26 30.44 -46.35
C SER R 58 15.36 29.33 -47.38
N VAL R 59 16.59 29.01 -47.77
CA VAL R 59 16.84 27.91 -48.68
C VAL R 59 18.02 27.09 -48.15
N MET R 60 17.90 25.76 -48.21
CA MET R 60 18.92 24.89 -47.63
C MET R 60 18.81 23.46 -48.16
N GLY R 61 19.93 22.92 -48.62
CA GLY R 61 19.97 21.56 -49.13
C GLY R 61 19.71 20.54 -48.04
N HIS R 62 19.12 19.40 -48.41
CA HIS R 62 18.81 18.36 -47.43
C HIS R 62 19.51 17.03 -47.71
N GLY R 63 20.32 17.00 -48.77
CA GLY R 63 21.07 15.81 -49.12
C GLY R 63 20.18 14.74 -49.75
N MET R 64 20.79 13.69 -50.28
CA MET R 64 20.05 12.65 -50.98
C MET R 64 19.58 11.53 -50.04
N GLY R 65 18.29 11.19 -50.13
CA GLY R 65 17.75 10.07 -49.38
C GLY R 65 16.83 10.46 -48.25
N ILE R 66 15.93 9.56 -47.90
CA ILE R 66 14.98 9.79 -46.81
C ILE R 66 15.69 10.02 -45.48
N PRO R 67 16.60 9.12 -45.10
CA PRO R 67 17.34 9.29 -43.84
C PRO R 67 17.99 10.67 -43.72
N SER R 68 18.51 11.19 -44.84
CA SER R 68 19.19 12.47 -44.82
C SER R 68 18.26 13.63 -44.48
N CYS R 69 17.26 13.84 -45.33
CA CYS R 69 16.33 14.95 -45.13
C CYS R 69 15.48 14.77 -43.86
N SER R 70 15.23 13.52 -43.49
CA SER R 70 14.49 13.22 -42.26
C SER R 70 15.16 13.85 -41.06
N ILE R 71 16.48 14.03 -41.15
CA ILE R 71 17.26 14.67 -40.10
C ILE R 71 17.09 16.18 -40.14
N TYR R 72 17.33 16.74 -41.32
CA TYR R 72 17.30 18.20 -41.48
C TYR R 72 15.91 18.78 -41.24
N THR R 73 14.90 18.23 -41.90
CA THR R 73 13.55 18.74 -41.77
C THR R 73 13.08 18.68 -40.31
N LYS R 74 13.41 17.58 -39.63
CA LYS R 74 13.05 17.40 -38.24
C LYS R 74 13.66 18.51 -37.38
N GLU R 75 14.98 18.62 -37.40
CA GLU R 75 15.69 19.61 -36.61
C GLU R 75 15.18 21.03 -36.89
N LEU R 76 14.82 21.28 -38.15
CA LEU R 76 14.27 22.57 -38.54
C LEU R 76 12.92 22.80 -37.87
N ILE R 77 12.06 21.79 -37.92
CA ILE R 77 10.71 21.90 -37.37
C ILE R 77 10.71 22.07 -35.85
N THR R 78 11.63 21.40 -35.17
CA THR R 78 11.58 21.34 -33.71
C THR R 78 12.50 22.33 -33.00
N ASP R 79 13.58 22.75 -33.67
CA ASP R 79 14.57 23.61 -33.03
C ASP R 79 14.83 24.92 -33.75
N PHE R 80 14.04 25.20 -34.78
CA PHE R 80 14.18 26.46 -35.53
C PHE R 80 12.83 27.04 -35.89
N GLY R 81 11.78 26.49 -35.27
CA GLY R 81 10.43 27.00 -35.42
C GLY R 81 9.91 27.10 -36.84
N VAL R 82 10.36 26.18 -37.69
CA VAL R 82 9.91 26.17 -39.08
C VAL R 82 8.50 25.58 -39.19
N LYS R 83 7.66 26.22 -39.98
CA LYS R 83 6.27 25.78 -40.13
C LYS R 83 6.08 25.05 -41.45
N LYS R 84 6.72 25.55 -42.49
CA LYS R 84 6.56 25.00 -43.83
C LYS R 84 7.89 24.55 -44.41
N ILE R 85 7.85 23.47 -45.18
CA ILE R 85 9.03 22.98 -45.87
C ILE R 85 8.68 22.62 -47.30
N ILE R 86 9.22 23.38 -48.25
CA ILE R 86 8.99 23.11 -49.66
C ILE R 86 10.24 22.51 -50.30
N ARG R 87 10.22 21.21 -50.52
CA ARG R 87 11.30 20.56 -51.25
C ARG R 87 11.22 20.93 -52.71
N VAL R 88 12.36 21.31 -53.28
CA VAL R 88 12.41 21.63 -54.70
C VAL R 88 13.50 20.80 -55.37
N GLY R 89 13.17 19.56 -55.71
CA GLY R 89 14.17 18.62 -56.22
C GLY R 89 13.97 18.19 -57.66
N SER R 90 14.74 17.19 -58.08
CA SER R 90 14.61 16.63 -59.41
C SER R 90 14.07 15.21 -59.34
N CYS R 91 13.48 14.74 -60.43
CA CYS R 91 12.91 13.40 -60.46
C CYS R 91 13.05 12.77 -61.84
N GLY R 92 12.86 11.45 -61.91
CA GLY R 92 12.95 10.72 -63.16
C GLY R 92 11.58 10.23 -63.60
N ALA R 93 11.17 10.64 -64.80
CA ALA R 93 9.84 10.31 -65.30
C ALA R 93 9.78 8.87 -65.84
N VAL R 94 8.62 8.24 -65.66
CA VAL R 94 8.37 6.90 -66.19
C VAL R 94 7.27 6.95 -67.23
N LEU R 95 6.47 8.02 -67.20
CA LEU R 95 5.38 8.20 -68.14
C LEU R 95 5.84 8.92 -69.40
N PRO R 96 5.41 8.44 -70.58
CA PRO R 96 5.71 9.08 -71.85
C PRO R 96 5.23 10.54 -71.86
N HIS R 97 4.00 10.77 -71.41
CA HIS R 97 3.43 12.11 -71.36
C HIS R 97 4.33 13.12 -70.63
N VAL R 98 5.05 12.66 -69.62
CA VAL R 98 5.91 13.54 -68.84
C VAL R 98 7.24 13.79 -69.54
N LYS R 99 7.43 15.01 -70.04
CA LYS R 99 8.62 15.34 -70.79
C LYS R 99 9.70 15.93 -69.89
N LEU R 100 10.91 16.04 -70.42
CA LEU R 100 12.03 16.56 -69.65
C LEU R 100 11.77 18.01 -69.26
N ARG R 101 12.16 18.36 -68.04
CA ARG R 101 12.04 19.73 -67.53
C ARG R 101 10.61 20.08 -67.10
N ASP R 102 9.70 19.13 -67.21
CA ASP R 102 8.34 19.33 -66.70
C ASP R 102 8.36 19.48 -65.18
N VAL R 103 7.43 20.26 -64.66
CA VAL R 103 7.35 20.46 -63.22
C VAL R 103 6.19 19.67 -62.64
N VAL R 104 6.48 18.85 -61.63
CA VAL R 104 5.46 18.02 -61.01
C VAL R 104 5.33 18.31 -59.52
N ILE R 105 4.08 18.40 -59.06
CA ILE R 105 3.81 18.62 -57.64
C ILE R 105 3.19 17.36 -57.04
N GLY R 106 3.86 16.80 -56.03
CA GLY R 106 3.37 15.59 -55.41
C GLY R 106 2.47 15.88 -54.22
N MET R 107 1.17 15.73 -54.42
CA MET R 107 0.24 15.80 -53.29
C MET R 107 0.45 14.58 -52.43
N GLY R 108 0.81 13.46 -53.08
CA GLY R 108 1.15 12.24 -52.37
C GLY R 108 2.46 11.71 -52.89
N ALA R 109 3.13 10.92 -52.05
CA ALA R 109 4.41 10.33 -52.45
C ALA R 109 4.55 8.90 -51.93
N CYS R 110 4.56 7.94 -52.85
CA CYS R 110 4.78 6.55 -52.51
C CYS R 110 6.21 6.37 -52.04
N THR R 111 6.55 5.18 -51.58
CA THR R 111 7.91 4.89 -51.17
C THR R 111 8.16 3.39 -51.02
N ASP R 112 9.43 3.00 -51.14
CA ASP R 112 9.84 1.63 -50.83
C ASP R 112 10.70 1.63 -49.58
N SER R 113 10.70 2.77 -48.88
CA SER R 113 11.35 2.91 -47.59
C SER R 113 10.49 2.26 -46.51
N LYS R 114 11.06 2.08 -45.33
CA LYS R 114 10.35 1.44 -44.24
C LYS R 114 10.06 2.40 -43.09
N VAL R 115 10.56 3.63 -43.19
CA VAL R 115 10.39 4.62 -42.12
C VAL R 115 8.93 4.80 -41.72
N ASN R 116 8.06 4.92 -42.71
CA ASN R 116 6.65 5.21 -42.45
C ASN R 116 5.91 4.06 -41.77
N ARG R 117 6.13 2.84 -42.26
CA ARG R 117 5.54 1.67 -41.62
C ARG R 117 5.99 1.58 -40.17
N ILE R 118 7.26 1.90 -39.94
CA ILE R 118 7.81 1.93 -38.59
C ILE R 118 7.06 2.94 -37.73
N ARG R 119 6.76 4.10 -38.34
CA ARG R 119 6.00 5.16 -37.68
C ARG R 119 4.56 4.74 -37.45
N PHE R 120 4.06 3.86 -38.32
CA PHE R 120 2.62 3.65 -38.47
C PHE R 120 2.20 2.21 -38.19
N LYS R 121 2.81 1.59 -37.18
CA LYS R 121 2.46 0.23 -36.81
C LYS R 121 2.41 -0.73 -38.00
N ASP R 122 3.33 -0.55 -38.94
CA ASP R 122 3.49 -1.44 -40.07
C ASP R 122 2.26 -1.49 -40.98
N HIS R 123 1.54 -0.39 -41.05
CA HIS R 123 0.41 -0.29 -41.96
C HIS R 123 0.72 0.73 -43.06
N ASP R 124 -0.25 0.99 -43.93
CA ASP R 124 -0.05 1.94 -45.02
C ASP R 124 -0.39 3.36 -44.62
N PHE R 125 0.64 4.17 -44.44
CA PHE R 125 0.45 5.59 -44.19
C PHE R 125 0.56 6.37 -45.51
N ALA R 126 -0.49 7.11 -45.83
CA ALA R 126 -0.50 7.94 -47.03
C ALA R 126 0.40 9.15 -46.82
N ALA R 127 1.62 9.09 -47.36
CA ALA R 127 2.53 10.23 -47.27
C ALA R 127 2.02 11.34 -48.17
N ILE R 128 1.35 12.32 -47.56
CA ILE R 128 0.71 13.40 -48.32
C ILE R 128 1.20 14.77 -47.90
N ALA R 129 1.02 15.73 -48.80
CA ALA R 129 1.41 17.11 -48.56
C ALA R 129 0.24 17.88 -47.96
N ASP R 130 0.53 19.04 -47.40
CA ASP R 130 -0.51 19.94 -46.92
C ASP R 130 -1.29 20.46 -48.12
N PHE R 131 -2.59 20.21 -48.12
CA PHE R 131 -3.46 20.61 -49.22
C PHE R 131 -3.28 22.08 -49.58
N ASP R 132 -3.31 22.96 -48.59
CA ASP R 132 -3.17 24.39 -48.82
C ASP R 132 -1.90 24.70 -49.62
N MET R 133 -0.79 24.11 -49.19
CA MET R 133 0.47 24.30 -49.89
C MET R 133 0.37 23.76 -51.32
N VAL R 134 -0.30 22.63 -51.48
CA VAL R 134 -0.52 22.07 -52.81
C VAL R 134 -1.31 23.05 -53.67
N ARG R 135 -2.41 23.56 -53.12
CA ARG R 135 -3.26 24.50 -53.85
C ARG R 135 -2.51 25.79 -54.20
N ASN R 136 -1.76 26.31 -53.23
CA ASN R 136 -0.91 27.47 -53.45
C ASN R 136 0.00 27.30 -54.66
N ALA R 137 0.72 26.19 -54.71
CA ALA R 137 1.65 25.95 -55.82
C ALA R 137 0.90 25.84 -57.15
N VAL R 138 -0.22 25.12 -57.14
CA VAL R 138 -1.06 25.03 -58.32
C VAL R 138 -1.46 26.42 -58.80
N ASP R 139 -1.99 27.22 -57.89
CA ASP R 139 -2.39 28.59 -58.20
C ASP R 139 -1.21 29.41 -58.69
N ALA R 140 -0.08 29.26 -58.02
CA ALA R 140 1.13 30.04 -58.32
C ALA R 140 1.62 29.79 -59.74
N ALA R 141 1.57 28.53 -60.16
CA ALA R 141 2.02 28.15 -61.50
C ALA R 141 1.10 28.74 -62.55
N LYS R 142 -0.20 28.69 -62.28
CA LYS R 142 -1.20 29.22 -63.20
C LYS R 142 -0.94 30.70 -63.48
N ALA R 143 -0.60 31.44 -62.43
CA ALA R 143 -0.34 32.87 -62.55
C ALA R 143 0.99 33.16 -63.23
N LEU R 144 1.94 32.25 -63.06
CA LEU R 144 3.25 32.37 -63.70
C LEU R 144 3.21 31.84 -65.13
N GLY R 145 2.14 31.16 -65.49
CA GLY R 145 2.00 30.60 -66.81
C GLY R 145 2.86 29.37 -67.03
N ILE R 146 3.01 28.57 -65.99
CA ILE R 146 3.80 27.35 -66.05
C ILE R 146 2.94 26.12 -65.80
N ASP R 147 2.93 25.20 -66.76
CA ASP R 147 2.22 23.94 -66.59
C ASP R 147 2.85 23.15 -65.45
N ALA R 148 2.04 22.33 -64.78
CA ALA R 148 2.52 21.56 -63.64
C ALA R 148 1.52 20.47 -63.26
N ARG R 149 1.92 19.21 -63.39
CA ARG R 149 1.05 18.11 -63.03
C ARG R 149 1.04 17.88 -61.53
N VAL R 150 -0.06 17.32 -61.04
CA VAL R 150 -0.21 17.06 -59.62
C VAL R 150 -0.62 15.61 -59.39
N GLY R 151 0.03 14.95 -58.43
CA GLY R 151 -0.28 13.57 -58.12
C GLY R 151 0.76 12.91 -57.23
N ASN R 152 1.07 11.66 -57.55
CA ASN R 152 2.00 10.87 -56.74
C ASN R 152 3.43 10.90 -57.25
N LEU R 153 4.35 11.12 -56.32
CA LEU R 153 5.77 10.90 -56.60
C LEU R 153 6.15 9.57 -55.97
N PHE R 154 7.31 9.05 -56.32
CA PHE R 154 7.82 7.84 -55.69
C PHE R 154 9.16 8.11 -55.04
N SER R 155 9.25 7.84 -53.74
CA SER R 155 10.49 8.03 -53.00
C SER R 155 11.22 6.69 -52.88
N ALA R 156 12.31 6.54 -53.62
CA ALA R 156 13.06 5.29 -53.62
C ALA R 156 14.28 5.38 -52.71
N ASP R 157 14.63 4.25 -52.09
CA ASP R 157 15.82 4.20 -51.26
C ASP R 157 17.07 3.93 -52.11
N LEU R 158 16.86 3.34 -53.28
CA LEU R 158 17.96 3.00 -54.16
C LEU R 158 17.85 3.66 -55.53
N PHE R 159 18.69 4.67 -55.77
CA PHE R 159 18.80 5.30 -57.08
C PHE R 159 19.06 4.21 -58.12
N TYR R 160 19.91 3.26 -57.76
CA TYR R 160 20.19 2.11 -58.61
C TYR R 160 19.47 0.86 -58.08
N SER R 161 18.23 0.67 -58.51
CA SER R 161 17.41 -0.42 -58.01
C SER R 161 17.57 -1.70 -58.83
N PRO R 162 17.86 -2.83 -58.15
CA PRO R 162 17.96 -4.15 -58.78
C PRO R 162 16.63 -4.58 -59.39
N ASP R 163 15.52 -4.18 -58.78
CA ASP R 163 14.20 -4.54 -59.27
C ASP R 163 13.74 -3.59 -60.37
N GLY R 164 14.19 -3.85 -61.60
CA GLY R 164 13.86 -3.00 -62.73
C GLY R 164 12.39 -3.07 -63.11
N GLU R 165 11.73 -4.14 -62.72
CA GLU R 165 10.31 -4.32 -63.03
C GLU R 165 9.45 -3.21 -62.43
N MET R 166 9.90 -2.69 -61.30
CA MET R 166 9.11 -1.72 -60.51
C MET R 166 8.63 -0.51 -61.31
N PHE R 167 9.46 -0.02 -62.24
CA PHE R 167 9.10 1.17 -63.02
C PHE R 167 7.78 1.00 -63.76
N ASP R 168 7.53 -0.22 -64.23
CA ASP R 168 6.29 -0.51 -64.96
C ASP R 168 5.09 -0.41 -64.02
N VAL R 169 5.29 -0.76 -62.77
CA VAL R 169 4.22 -0.66 -61.77
C VAL R 169 3.93 0.81 -61.48
N MET R 170 4.98 1.58 -61.22
CA MET R 170 4.86 3.02 -60.99
C MET R 170 4.07 3.67 -62.11
N GLU R 171 4.42 3.33 -63.35
CA GLU R 171 3.76 3.91 -64.51
C GLU R 171 2.30 3.51 -64.55
N LYS R 172 2.00 2.27 -64.19
CA LYS R 172 0.62 1.79 -64.17
C LYS R 172 -0.23 2.63 -63.23
N TYR R 173 0.35 3.04 -62.12
CA TYR R 173 -0.38 3.82 -61.12
C TYR R 173 -0.07 5.31 -61.21
N GLY R 174 0.41 5.72 -62.39
CA GLY R 174 0.54 7.11 -62.75
C GLY R 174 1.49 7.95 -61.91
N ILE R 175 2.61 7.36 -61.51
CA ILE R 175 3.62 8.13 -60.80
C ILE R 175 4.19 9.19 -61.73
N LEU R 176 4.19 10.44 -61.29
CA LEU R 176 4.59 11.55 -62.14
C LEU R 176 6.10 11.75 -62.17
N GLY R 177 6.77 11.32 -61.11
CA GLY R 177 8.21 11.46 -61.03
C GLY R 177 8.80 10.60 -59.94
N VAL R 178 9.99 10.06 -60.19
CA VAL R 178 10.68 9.22 -59.21
C VAL R 178 11.84 9.97 -58.58
N GLU R 179 11.77 10.15 -57.26
CA GLU R 179 12.84 10.78 -56.49
C GLU R 179 13.12 9.96 -55.24
N MET R 180 13.66 10.60 -54.19
CA MET R 180 14.12 9.84 -53.03
C MET R 180 13.78 10.46 -51.67
N GLU R 181 12.98 11.51 -51.64
CA GLU R 181 12.85 12.29 -50.42
C GLU R 181 11.43 12.63 -49.94
N ALA R 182 10.52 12.89 -50.88
CA ALA R 182 9.18 13.36 -50.53
C ALA R 182 8.52 12.56 -49.39
N ALA R 183 8.50 11.24 -49.53
CA ALA R 183 7.81 10.38 -48.57
C ALA R 183 8.34 10.54 -47.14
N GLY R 184 9.65 10.70 -47.01
CA GLY R 184 10.26 10.85 -45.70
C GLY R 184 9.92 12.18 -45.08
N ILE R 185 9.94 13.24 -45.90
CA ILE R 185 9.63 14.58 -45.44
C ILE R 185 8.18 14.71 -45.00
N TYR R 186 7.27 14.14 -45.78
CA TYR R 186 5.86 14.15 -45.41
C TYR R 186 5.65 13.40 -44.10
N GLY R 187 6.47 12.38 -43.88
CA GLY R 187 6.40 11.59 -42.66
C GLY R 187 6.79 12.44 -41.47
N VAL R 188 7.95 13.10 -41.58
CA VAL R 188 8.41 14.01 -40.54
C VAL R 188 7.38 15.11 -40.29
N ALA R 189 6.92 15.74 -41.37
CA ALA R 189 5.94 16.81 -41.26
C ALA R 189 4.73 16.38 -40.42
N ALA R 190 4.21 15.21 -40.73
CA ALA R 190 3.09 14.65 -39.96
C ALA R 190 3.47 14.38 -38.51
N GLU R 191 4.68 13.85 -38.31
CA GLU R 191 5.11 13.42 -36.99
C GLU R 191 5.31 14.57 -36.02
N PHE R 192 5.63 15.75 -36.55
CA PHE R 192 5.97 16.88 -35.70
C PHE R 192 5.05 18.08 -35.90
N GLY R 193 3.86 17.82 -36.42
CA GLY R 193 2.84 18.85 -36.60
C GLY R 193 3.32 20.02 -37.45
N ALA R 194 3.80 19.70 -38.65
CA ALA R 194 4.24 20.73 -39.59
C ALA R 194 3.56 20.56 -40.94
N LYS R 195 3.95 21.39 -41.90
CA LYS R 195 3.33 21.35 -43.22
C LYS R 195 4.43 21.30 -44.27
N ALA R 196 4.28 20.43 -45.26
CA ALA R 196 5.33 20.26 -46.26
C ALA R 196 4.79 20.04 -47.66
N LEU R 197 5.62 20.34 -48.65
CA LEU R 197 5.26 20.14 -50.05
C LEU R 197 6.51 19.86 -50.86
N THR R 198 6.40 18.95 -51.82
CA THR R 198 7.51 18.62 -52.70
C THR R 198 7.19 19.00 -54.13
N ILE R 199 8.06 19.81 -54.73
CA ILE R 199 7.94 20.19 -56.13
C ILE R 199 9.20 19.75 -56.85
N CYS R 200 9.03 18.98 -57.90
CA CYS R 200 10.19 18.44 -58.62
C CYS R 200 10.26 18.88 -60.07
N THR R 201 11.48 19.02 -60.57
CA THR R 201 11.71 19.24 -61.98
C THR R 201 12.23 17.95 -62.60
N VAL R 202 11.55 17.47 -63.63
CA VAL R 202 11.97 16.24 -64.29
C VAL R 202 13.35 16.41 -64.91
N SER R 203 14.33 15.71 -64.34
CA SER R 203 15.72 15.87 -64.76
C SER R 203 16.14 14.84 -65.79
N ASP R 204 15.43 13.72 -65.83
CA ASP R 204 15.72 12.65 -66.79
C ASP R 204 14.51 11.77 -67.02
N HIS R 205 14.50 11.06 -68.14
CA HIS R 205 13.42 10.14 -68.44
C HIS R 205 13.92 8.70 -68.42
N ILE R 206 13.37 7.92 -67.49
CA ILE R 206 13.84 6.56 -67.24
C ILE R 206 13.72 5.65 -68.46
N ARG R 207 12.78 5.96 -69.34
CA ARG R 207 12.48 5.06 -70.45
C ARG R 207 13.14 5.48 -71.77
N THR R 208 13.23 6.78 -72.01
CA THR R 208 13.85 7.29 -73.24
C THR R 208 15.32 7.56 -73.04
N HIS R 209 15.74 7.63 -71.78
CA HIS R 209 17.15 7.90 -71.43
C HIS R 209 17.56 9.34 -71.66
N GLU R 210 16.59 10.20 -71.99
CA GLU R 210 16.85 11.63 -72.03
C GLU R 210 17.37 12.05 -70.67
N GLN R 211 18.14 13.13 -70.62
CA GLN R 211 18.77 13.55 -69.36
C GLN R 211 19.38 14.94 -69.44
N THR R 212 19.58 15.55 -68.27
CA THR R 212 20.19 16.87 -68.19
C THR R 212 21.58 16.76 -67.58
N THR R 213 22.43 17.74 -67.87
CA THR R 213 23.76 17.77 -67.29
C THR R 213 23.66 18.11 -65.81
N ALA R 214 24.75 17.93 -65.07
CA ALA R 214 24.75 18.28 -63.65
C ALA R 214 24.69 19.79 -63.49
N ALA R 215 25.05 20.51 -64.55
CA ALA R 215 25.00 21.97 -64.56
C ALA R 215 23.56 22.45 -64.71
N GLU R 216 22.82 21.84 -65.62
CA GLU R 216 21.42 22.18 -65.80
C GLU R 216 20.64 21.93 -64.51
N ARG R 217 20.93 20.81 -63.86
CA ARG R 217 20.23 20.45 -62.63
C ARG R 217 20.46 21.49 -61.54
N GLN R 218 21.61 22.14 -61.59
CA GLN R 218 21.99 23.09 -60.55
C GLN R 218 21.48 24.51 -60.78
N THR R 219 21.41 24.92 -62.05
CA THR R 219 21.13 26.33 -62.36
C THR R 219 20.21 26.57 -63.56
N THR R 220 19.26 25.67 -63.83
CA THR R 220 18.30 25.91 -64.91
C THR R 220 16.87 25.50 -64.54
N PHE R 221 16.73 24.73 -63.47
CA PHE R 221 15.40 24.36 -62.98
C PHE R 221 14.84 25.48 -62.13
N ASN R 222 14.37 26.54 -62.78
CA ASN R 222 13.96 27.74 -62.07
C ASN R 222 12.45 27.98 -62.02
N ASP R 223 11.72 27.43 -62.99
CA ASP R 223 10.26 27.46 -62.93
C ASP R 223 9.84 26.95 -61.57
N MET R 224 10.26 25.72 -61.28
CA MET R 224 10.07 25.08 -59.99
C MET R 224 10.28 26.06 -58.82
N ILE R 225 11.33 26.85 -58.89
CA ILE R 225 11.67 27.80 -57.84
C ILE R 225 10.65 28.94 -57.73
N LYS R 226 10.37 29.59 -58.86
CA LYS R 226 9.42 30.70 -58.88
C LYS R 226 8.09 30.27 -58.28
N ILE R 227 7.66 29.05 -58.58
CA ILE R 227 6.41 28.52 -58.06
C ILE R 227 6.42 28.38 -56.54
N ALA R 228 7.52 27.87 -56.00
CA ALA R 228 7.64 27.70 -54.56
C ALA R 228 7.53 29.05 -53.86
N LEU R 229 8.36 30.00 -54.27
CA LEU R 229 8.37 31.33 -53.67
C LEU R 229 6.98 31.99 -53.75
N GLU R 230 6.45 32.10 -54.95
CA GLU R 230 5.13 32.71 -55.16
C GLU R 230 4.04 32.02 -54.35
N SER R 231 4.12 30.69 -54.23
CA SER R 231 3.14 29.93 -53.49
C SER R 231 3.20 30.27 -52.00
N VAL R 232 4.40 30.56 -51.51
CA VAL R 232 4.55 31.02 -50.13
C VAL R 232 3.82 32.34 -49.96
N LEU R 233 3.95 33.22 -50.95
CA LEU R 233 3.27 34.51 -50.92
C LEU R 233 1.76 34.31 -50.91
N LEU R 234 1.28 33.37 -51.72
CA LEU R 234 -0.14 33.07 -51.79
C LEU R 234 -0.63 32.50 -50.46
N GLY R 235 0.20 31.67 -49.85
CA GLY R 235 -0.12 31.12 -48.53
C GLY R 235 -0.19 32.19 -47.48
N ASP R 236 0.67 33.21 -47.61
CA ASP R 236 0.73 34.31 -46.65
C ASP R 236 -0.60 35.05 -46.50
N LYS R 237 -1.34 35.16 -47.61
CA LYS R 237 -2.66 35.79 -47.57
C LYS R 237 -3.65 34.94 -46.78
P PO4 S . 18.39 29.26 50.10
O1 PO4 S . 17.42 29.71 49.03
O2 PO4 S . 17.86 28.03 50.78
O3 PO4 S . 19.73 28.96 49.48
O4 PO4 S . 18.56 30.36 51.11
P PO4 T . 9.04 17.74 69.32
O1 PO4 T . 8.90 18.88 70.29
O2 PO4 T . 7.87 17.73 68.36
O3 PO4 T . 10.34 17.89 68.56
O4 PO4 T . 9.07 16.43 70.08
P PO4 U . -31.16 23.31 43.26
O1 PO4 U . -31.74 23.63 41.91
O2 PO4 U . -30.75 21.84 43.28
O3 PO4 U . -29.93 24.17 43.51
O4 PO4 U . -32.18 23.55 44.34
P PO4 V . -3.09 -16.59 55.64
O1 PO4 V . -3.84 -15.28 55.59
O2 PO4 V . -3.81 -17.63 54.82
O3 PO4 V . -1.70 -16.39 55.07
O4 PO4 V . -2.99 -17.08 57.07
P PO4 W . 7.18 36.88 34.02
O1 PO4 W . 8.09 37.18 32.85
O2 PO4 W . 6.05 35.96 33.60
O3 PO4 W . 7.96 36.23 35.14
O4 PO4 W . 6.58 38.18 34.53
P PO4 X . -31.19 3.89 32.64
O1 PO4 X . -30.79 5.29 32.22
O2 PO4 X . -31.94 3.24 31.50
O3 PO4 X . -29.95 3.09 32.97
O4 PO4 X . -32.07 3.96 33.87
P PO4 Y . 14.76 -12.05 46.04
O1 PO4 Y . 14.55 -10.68 45.46
O2 PO4 Y . 15.38 -12.94 44.99
O3 PO4 Y . 15.69 -11.97 47.23
O4 PO4 Y . 13.43 -12.62 46.46
P PO4 Z . -28.86 -9.98 -9.84
O1 PO4 Z . -28.60 -8.55 -9.45
O2 PO4 Z . -29.56 -10.03 -11.18
O3 PO4 Z . -27.55 -10.72 -9.94
O4 PO4 Z . -29.72 -10.64 -8.79
P PO4 AA . 9.42 22.13 -11.29
O1 PO4 AA . 10.25 22.03 -12.55
O2 PO4 AA . 8.11 21.39 -11.50
O3 PO4 AA . 10.17 21.50 -10.13
O4 PO4 AA . 9.14 23.58 -10.98
P PO4 BA . -6.84 12.02 -26.49
O1 PO4 BA . -7.66 12.61 -27.62
O2 PO4 BA . -6.54 10.57 -26.80
O3 PO4 BA . -5.54 12.77 -26.36
O4 PO4 BA . -7.61 12.11 -25.20
P PO4 CA . 17.52 -25.21 4.92
O1 PO4 CA . 17.55 -23.97 4.04
O2 PO4 CA . 17.79 -26.44 4.07
O3 PO4 CA . 18.58 -25.09 5.99
O4 PO4 CA . 16.17 -25.32 5.58
P PO4 DA . -29.76 10.47 -2.18
O1 PO4 DA . -30.36 11.84 -1.88
O2 PO4 DA . -30.53 9.85 -3.32
O3 PO4 DA . -28.31 10.62 -2.56
O4 PO4 DA . -29.89 9.61 -0.95
P PO4 EA . 20.05 16.79 7.58
O1 PO4 EA . 20.04 17.64 6.33
O2 PO4 EA . 20.43 15.37 7.22
O3 PO4 EA . 21.05 17.37 8.56
O4 PO4 EA . 18.68 16.80 8.21
P PO4 FA . 16.27 0.52 25.24
O1 PO4 FA . 16.42 1.38 24.00
O2 PO4 FA . 15.56 -0.77 24.87
O3 PO4 FA . 17.63 0.21 25.81
O4 PO4 FA . 15.44 1.26 26.27
P PO4 GA . -0.89 -28.61 14.48
O1 PO4 GA . -1.88 -27.48 14.45
O2 PO4 GA . -1.30 -29.68 13.49
O3 PO4 GA . 0.49 -28.11 14.12
O4 PO4 GA . -0.84 -29.22 15.86
P PO4 HA . -14.41 -12.21 25.58
O1 PO4 HA . -13.78 -11.48 24.42
O2 PO4 HA . -14.71 -13.64 25.18
O3 PO4 HA . -13.47 -12.20 26.75
O4 PO4 HA . -15.71 -11.51 25.95
P PO4 IA . -20.73 4.65 -44.90
O1 PO4 IA . -21.28 5.30 -46.15
O2 PO4 IA . -20.83 3.15 -45.03
O3 PO4 IA . -19.28 5.06 -44.73
O4 PO4 IA . -21.51 5.11 -43.69
P PO4 JA . 7.56 -34.86 -30.50
O1 PO4 JA . 6.49 -33.81 -30.67
O2 PO4 JA . 7.22 -36.07 -31.33
O3 PO4 JA . 8.89 -34.30 -30.97
O4 PO4 JA . 7.67 -35.26 -29.05
P PO4 KA . 29.60 10.32 -39.68
O1 PO4 KA . 28.57 10.96 -40.58
O2 PO4 KA . 29.16 8.90 -39.36
O3 PO4 KA . 30.94 10.29 -40.38
O4 PO4 KA . 29.71 11.12 -38.40
P PO4 LA . -21.93 -15.22 -51.74
O1 PO4 LA . -21.75 -13.76 -51.40
O2 PO4 LA . -22.33 -15.34 -53.19
O3 PO4 LA . -20.64 -15.96 -51.49
O4 PO4 LA . -23.03 -15.79 -50.87
P PO4 MA . 24.75 -31.45 -41.74
O1 PO4 MA . 24.66 -29.99 -42.16
O2 PO4 MA . 25.12 -32.30 -42.94
O3 PO4 MA . 25.81 -31.59 -40.67
O4 PO4 MA . 23.43 -31.90 -41.18
P PO4 NA . 17.65 16.70 -55.76
O1 PO4 NA . 18.35 16.77 -57.09
O2 PO4 NA . 16.39 15.87 -55.88
O3 PO4 NA . 18.57 16.07 -54.73
O4 PO4 NA . 17.30 18.11 -55.32
P PO4 OA . 5.60 2.92 -72.24
O1 PO4 OA . 6.19 2.94 -73.63
O2 PO4 OA . 4.22 2.30 -72.29
O3 PO4 OA . 6.48 2.13 -71.31
O4 PO4 OA . 5.48 4.35 -71.72
#